data_7QO7
#
_entry.id   7QO7
#
_cell.length_a   1.00
_cell.length_b   1.00
_cell.length_c   1.00
_cell.angle_alpha   90.00
_cell.angle_beta   90.00
_cell.angle_gamma   90.00
#
_symmetry.space_group_name_H-M   'P 1'
#
loop_
_entity.id
_entity.type
_entity.pdbx_description
1 polymer 'Surface glycoprotein,Fibritin,SARS-CoV-2 S Omicron Spike B.1.1.529'
2 branched alpha-D-mannopyranose-(1-3)-beta-D-mannopyranose-(1-4)-2-acetamido-2-deoxy-beta-D-glucopyranose-(1-4)-2-acetamido-2-deoxy-beta-D-glucopyranose
3 branched 2-acetamido-2-deoxy-beta-D-glucopyranose-(1-4)-2-acetamido-2-deoxy-beta-D-glucopyranose
4 branched beta-D-mannopyranose-(1-4)-2-acetamido-2-deoxy-beta-D-glucopyranose-(1-4)-2-acetamido-2-deoxy-beta-D-glucopyranose
5 branched 2-acetamido-2-deoxy-beta-D-glucopyranose-(1-4)-[alpha-L-fucopyranose-(1-6)]2-acetamido-2-deoxy-beta-D-glucopyranose
6 non-polymer 2-acetamido-2-deoxy-beta-D-glucopyranose
#
_entity_poly.entity_id   1
_entity_poly.type   'polypeptide(L)'
_entity_poly.pdbx_seq_one_letter_code
;MFVFLVLLPLVSSQCVNLTTRTQLPPAYTNSFTRGVYYPDKVFRSSVLHSTQDLFLPFFSNVTWFHVISGTNGTKRFDNP
VLPFNDGVYFASIEKSNIIRGWIFGTTLDSKTQSLLIVNNATNVVIKVCEFQFCNDPFLDHKNNKSWMESEFRVYSSANN
CTFEYVSQPFLMDLEGKQGNFKNLREFVFKNIDGYFKIYSKHTPIIVREPEDLPQGFSALEPLVDLPIGINITRFQTLLA
LHRSYLTPGDSSSGWTAGAAAYYVGYLQPRTFLLKYNENGTITDAVDCALDPLSETKCTLKSFTVEKGIYQTSNFRVQPT
ESIVRFPNITNLCPFDEVFNATRFASVYAWNRKRISNCVADYSVLYNLAPFFTFKCYGVSPTKLNDLCFTNVYADSFVIR
GDEVRQIAPGQTGNIADYNYKLPDDFTGCVIAWNSNKLDSKVSGNYNYLYRLFRKSNLKPFERDISTEIYQAGNKPCNGV
AGFNCYFPLRSYSFRPTYGVGHQPYRVVVLSFELLHAPATVCGPKKSTNLVKNKCVNFNFNGLKGTGVLTESNKKFLPFQ
QFGRDIADTTDAVRDPQTLEILDITPCSFGGVSVITPGTNTSNQVAVLYQGVNCTEVPVAIHADQLTPTWRVYSTGSNVF
QTRAGCLIGAEYVNNSYECDIPIGAGICASYQTQTKSHGSASSVASQSIIAYTMSLGAENSVAYSNNSIAIPTNFTISVT
TEILPVSMTKTSVDCTMYICGDSTECSNLLLQYGSFCTQLKRALTGIAVEQDKNTQEVFAQVKQIYKTPPIKYFGGFNFS
QILPDPSKPSKRSFIEDLLFNKVTLADAGFIKQYGDCLGDIAARDLICAQKFKGLTVLPPLLTDEMIAQYTSALLAGTIT
SGWTFGAGAALQIPFAMQMAYRFNGIGVTQNVLYENQKLIANQFNSAIGKIQDSLSSTASALGKLQDVVNHNAQALNTLV
KQLSSKFGAISSVLNDIFSRLDPPEAEVQIDRLITGRLQSLQTYVTQQLIRAAEIRASANLAATKMSECVLGQSKRVDFC
GKGYHLMSFPQSAPHGVVFLHVTYVPAQEKNFTTAPAICHDGKAHFPREGVFVSNGTHWFVTQRNFYEPQIITTDNTFVS
GNCDVVIGIVNNTVYDPLQPELDSFKEELDKYFKNHTSPDVDLGDISGINASVVNIQKEIDRLNEVAKNLNESLIDLQEL
GKYEQGSGYIPEAPRDGQAYVRKDGEWVLLSTFLGRSLEVLFQGPGHHHHHHHHSAWSHPQFEKGGGSGGGGSGGSAWSH
PQFEK
;
_entity_poly.pdbx_strand_id   A,B,C
#
loop_
_chem_comp.id
_chem_comp.type
_chem_comp.name
_chem_comp.formula
BMA D-saccharide, beta linking beta-D-mannopyranose 'C6 H12 O6'
FUC L-saccharide, alpha linking alpha-L-fucopyranose 'C6 H12 O5'
MAN D-saccharide, alpha linking alpha-D-mannopyranose 'C6 H12 O6'
NAG D-saccharide, beta linking 2-acetamido-2-deoxy-beta-D-glucopyranose 'C8 H15 N O6'
#
# COMPACT_ATOMS: atom_id res chain seq x y z
N THR A 19 1.11 27.26 -70.49
CA THR A 19 0.80 28.46 -71.25
C THR A 19 0.80 29.70 -70.35
N THR A 20 0.31 30.81 -70.89
CA THR A 20 0.23 32.06 -70.14
C THR A 20 -1.12 32.22 -69.44
N ARG A 21 -1.49 31.20 -68.66
CA ARG A 21 -2.76 31.22 -67.96
C ARG A 21 -2.73 32.21 -66.80
N THR A 22 -3.92 32.63 -66.38
CA THR A 22 -4.05 33.55 -65.27
C THR A 22 -4.29 32.79 -63.97
N GLN A 23 -4.07 33.48 -62.85
CA GLN A 23 -4.25 32.87 -61.54
C GLN A 23 -5.73 32.68 -61.23
N LEU A 24 -6.02 31.73 -60.35
CA LEU A 24 -7.39 31.43 -59.93
C LEU A 24 -7.44 31.44 -58.41
N PRO A 25 -8.26 32.28 -57.79
CA PRO A 25 -8.36 32.29 -56.33
C PRO A 25 -8.94 30.99 -55.81
N PRO A 26 -8.26 30.32 -54.90
CA PRO A 26 -8.77 29.05 -54.35
C PRO A 26 -10.03 29.27 -53.52
N ALA A 27 -10.89 28.26 -53.53
CA ALA A 27 -12.12 28.27 -52.75
C ALA A 27 -11.92 27.49 -51.45
N TYR A 28 -13.00 27.37 -50.68
CA TYR A 28 -12.95 26.65 -49.42
C TYR A 28 -14.21 25.82 -49.24
N THR A 29 -14.09 24.73 -48.48
CA THR A 29 -15.18 23.81 -48.25
C THR A 29 -15.01 23.20 -46.87
N ASN A 30 -16.13 22.79 -46.27
CA ASN A 30 -16.11 22.12 -44.98
C ASN A 30 -15.89 20.63 -45.18
N SER A 31 -14.90 20.07 -44.47
CA SER A 31 -14.55 18.67 -44.65
C SER A 31 -15.58 17.73 -44.04
N PHE A 32 -16.37 18.20 -43.09
CA PHE A 32 -17.40 17.39 -42.42
C PHE A 32 -16.72 16.22 -41.73
N THR A 33 -17.45 15.12 -41.53
CA THR A 33 -16.94 13.96 -40.79
C THR A 33 -16.42 12.88 -41.75
N ARG A 34 -15.37 13.24 -42.49
CA ARG A 34 -14.76 12.34 -43.45
C ARG A 34 -13.26 12.26 -43.20
N GLY A 35 -12.67 11.16 -43.63
CA GLY A 35 -11.23 10.97 -43.53
C GLY A 35 -10.79 10.13 -42.34
N VAL A 36 -11.41 8.97 -42.15
CA VAL A 36 -11.04 8.04 -41.10
C VAL A 36 -10.66 6.71 -41.74
N TYR A 37 -9.57 6.12 -41.25
CA TYR A 37 -9.03 4.89 -41.81
C TYR A 37 -8.77 3.89 -40.69
N TYR A 38 -8.48 2.66 -41.09
CA TYR A 38 -8.15 1.61 -40.13
C TYR A 38 -6.73 1.83 -39.62
N PRO A 39 -6.53 2.03 -38.31
CA PRO A 39 -5.18 2.33 -37.83
C PRO A 39 -4.25 1.12 -37.82
N ASP A 40 -4.73 -0.04 -37.39
CA ASP A 40 -3.89 -1.21 -37.22
C ASP A 40 -4.49 -2.40 -37.97
N LYS A 41 -3.69 -3.46 -38.06
CA LYS A 41 -4.12 -4.70 -38.71
C LYS A 41 -4.97 -5.59 -37.80
N VAL A 42 -5.04 -5.28 -36.51
CA VAL A 42 -5.73 -6.15 -35.56
C VAL A 42 -7.23 -6.07 -35.78
N PHE A 43 -7.89 -7.22 -35.82
CA PHE A 43 -9.33 -7.30 -35.97
C PHE A 43 -9.99 -7.21 -34.59
N ARG A 44 -10.92 -6.27 -34.45
CA ARG A 44 -11.66 -6.08 -33.21
C ARG A 44 -13.14 -5.92 -33.53
N SER A 45 -13.99 -6.44 -32.64
CA SER A 45 -15.43 -6.39 -32.87
C SER A 45 -16.15 -5.99 -31.58
N SER A 46 -17.17 -5.15 -31.74
CA SER A 46 -18.06 -4.75 -30.65
C SER A 46 -17.33 -4.05 -29.50
N VAL A 47 -16.18 -3.45 -29.79
CA VAL A 47 -15.40 -2.75 -28.77
C VAL A 47 -15.23 -1.30 -29.20
N LEU A 48 -15.20 -0.40 -28.22
CA LEU A 48 -15.02 1.03 -28.44
C LEU A 48 -13.57 1.37 -28.12
N HIS A 49 -12.70 1.22 -29.11
CA HIS A 49 -11.28 1.47 -28.93
C HIS A 49 -10.96 2.94 -29.19
N SER A 50 -9.99 3.46 -28.43
CA SER A 50 -9.51 4.82 -28.58
C SER A 50 -8.03 4.77 -28.90
N THR A 51 -7.63 5.49 -29.95
CA THR A 51 -6.25 5.48 -30.42
C THR A 51 -5.78 6.91 -30.67
N GLN A 52 -4.46 7.10 -30.60
CA GLN A 52 -3.82 8.38 -30.85
C GLN A 52 -3.00 8.26 -32.12
N ASP A 53 -3.44 8.94 -33.18
CA ASP A 53 -2.76 8.88 -34.46
C ASP A 53 -3.16 10.10 -35.28
N LEU A 54 -2.48 10.29 -36.41
CA LEU A 54 -2.80 11.39 -37.29
C LEU A 54 -4.16 11.17 -37.94
N PHE A 55 -5.02 12.19 -37.89
CA PHE A 55 -6.36 12.08 -38.43
C PHE A 55 -6.78 13.44 -38.97
N LEU A 56 -7.78 13.42 -39.85
CA LEU A 56 -8.34 14.66 -40.38
C LEU A 56 -9.33 15.23 -39.38
N PRO A 57 -9.11 16.43 -38.85
CA PRO A 57 -10.06 17.01 -37.89
C PRO A 57 -11.43 17.20 -38.51
N PHE A 58 -12.46 16.98 -37.71
CA PHE A 58 -13.83 17.14 -38.20
C PHE A 58 -14.13 18.62 -38.44
N PHE A 59 -14.84 18.88 -39.54
CA PHE A 59 -15.24 20.24 -39.93
C PHE A 59 -14.03 21.15 -40.07
N SER A 60 -13.18 20.81 -41.03
CA SER A 60 -11.95 21.55 -41.29
C SER A 60 -11.95 22.09 -42.72
N ASN A 61 -11.19 23.16 -42.92
CA ASN A 61 -11.07 23.76 -44.24
C ASN A 61 -10.34 22.82 -45.19
N VAL A 62 -10.86 22.71 -46.42
CA VAL A 62 -10.22 21.92 -47.47
C VAL A 62 -10.24 22.74 -48.76
N THR A 63 -9.12 22.74 -49.47
CA THR A 63 -9.02 23.49 -50.71
C THR A 63 -9.92 22.86 -51.78
N TRP A 64 -10.38 23.69 -52.70
CA TRP A 64 -11.37 23.31 -53.71
C TRP A 64 -10.84 23.59 -55.11
N PHE A 65 -9.63 23.10 -55.40
CA PHE A 65 -9.09 23.22 -56.75
C PHE A 65 -10.03 22.57 -57.75
N HIS A 66 -10.33 23.28 -58.83
CA HIS A 66 -11.26 22.82 -59.85
C HIS A 66 -10.55 22.86 -61.20
N VAL A 67 -10.46 21.71 -61.86
CA VAL A 67 -9.83 21.60 -63.17
C VAL A 67 -10.94 21.36 -64.20
N ILE A 68 -11.14 22.35 -65.07
CA ILE A 68 -12.16 22.30 -66.11
C ILE A 68 -11.56 22.88 -67.38
N SER A 69 -12.31 22.77 -68.49
CA SER A 69 -11.92 23.43 -69.71
C SER A 69 -11.91 24.93 -69.47
N GLY A 70 -10.71 25.52 -69.44
CA GLY A 70 -10.58 26.92 -69.04
C GLY A 70 -10.79 27.85 -70.21
N THR A 71 -11.61 28.88 -70.00
CA THR A 71 -11.86 29.92 -70.99
C THR A 71 -12.28 29.32 -72.33
N ASN A 72 -13.05 28.23 -72.24
CA ASN A 72 -13.58 27.54 -73.42
C ASN A 72 -12.47 27.14 -74.38
N GLY A 73 -11.36 26.63 -73.84
CA GLY A 73 -10.30 26.13 -74.68
C GLY A 73 -8.90 26.58 -74.34
N THR A 74 -8.73 27.21 -73.17
CA THR A 74 -7.42 27.67 -72.71
C THR A 74 -6.97 26.77 -71.57
N LYS A 75 -5.76 26.24 -71.67
CA LYS A 75 -5.24 25.35 -70.64
C LYS A 75 -5.07 26.09 -69.32
N ARG A 76 -5.50 25.48 -68.23
CA ARG A 76 -5.36 26.04 -66.89
C ARG A 76 -4.33 25.21 -66.13
N PHE A 77 -3.26 25.86 -65.68
CA PHE A 77 -2.21 25.19 -64.91
C PHE A 77 -2.52 25.35 -63.42
N ASP A 78 -3.59 24.67 -62.99
CA ASP A 78 -3.99 24.68 -61.59
C ASP A 78 -3.37 23.50 -60.83
N ASN A 79 -2.05 23.36 -60.96
CA ASN A 79 -1.30 22.29 -60.31
C ASN A 79 -0.12 22.90 -59.56
N PRO A 80 -0.39 23.60 -58.45
CA PRO A 80 0.72 24.21 -57.69
C PRO A 80 1.54 23.15 -56.98
N VAL A 81 2.72 23.56 -56.54
CA VAL A 81 3.60 22.68 -55.75
C VAL A 81 3.20 22.87 -54.29
N LEU A 82 2.16 22.15 -53.90
CA LEU A 82 1.62 22.25 -52.55
C LEU A 82 2.55 21.53 -51.56
N PRO A 83 2.78 22.12 -50.38
CA PRO A 83 3.65 21.46 -49.40
C PRO A 83 3.01 20.19 -48.87
N PHE A 84 3.81 19.13 -48.80
CA PHE A 84 3.30 17.85 -48.30
C PHE A 84 3.13 17.86 -46.79
N ASN A 85 4.09 18.44 -46.07
CA ASN A 85 4.07 18.51 -44.61
C ASN A 85 3.97 17.12 -43.99
N ASP A 86 2.80 16.79 -43.43
CA ASP A 86 2.62 15.55 -42.70
C ASP A 86 1.62 14.60 -43.34
N GLY A 87 1.01 14.98 -44.44
CA GLY A 87 0.05 14.13 -45.11
C GLY A 87 -1.01 14.96 -45.82
N VAL A 88 -1.74 14.29 -46.73
CA VAL A 88 -2.78 14.94 -47.52
C VAL A 88 -4.01 14.05 -47.56
N TYR A 89 -5.13 14.65 -47.92
CA TYR A 89 -6.41 13.95 -48.05
C TYR A 89 -6.93 14.09 -49.48
N PHE A 90 -6.06 13.80 -50.46
CA PHE A 90 -6.47 13.93 -51.86
C PHE A 90 -7.71 13.09 -52.14
N ALA A 91 -8.68 13.71 -52.80
CA ALA A 91 -9.93 13.05 -53.15
C ALA A 91 -10.41 13.62 -54.48
N SER A 92 -11.54 13.11 -54.97
CA SER A 92 -12.11 13.60 -56.21
C SER A 92 -13.57 13.18 -56.30
N ILE A 93 -14.30 13.88 -57.17
CA ILE A 93 -15.68 13.53 -57.50
C ILE A 93 -15.66 13.17 -58.98
N GLU A 94 -14.56 12.54 -59.41
CA GLU A 94 -14.30 12.30 -60.81
C GLU A 94 -15.39 11.45 -61.45
N LYS A 95 -15.73 11.79 -62.70
CA LYS A 95 -16.73 11.05 -63.47
C LYS A 95 -16.08 10.00 -64.36
N SER A 96 -15.19 10.41 -65.26
CA SER A 96 -14.47 9.52 -66.15
C SER A 96 -12.99 9.56 -65.79
N ASN A 97 -12.22 8.63 -66.37
CA ASN A 97 -10.82 8.49 -65.99
C ASN A 97 -10.00 9.65 -66.51
N ILE A 98 -9.86 10.70 -65.70
CA ILE A 98 -9.06 11.87 -66.07
C ILE A 98 -8.00 12.23 -65.04
N ILE A 99 -8.14 11.84 -63.78
CA ILE A 99 -7.21 12.22 -62.73
C ILE A 99 -6.23 11.07 -62.51
N ARG A 100 -4.93 11.38 -62.62
CA ARG A 100 -3.87 10.41 -62.46
C ARG A 100 -2.62 11.12 -61.95
N GLY A 101 -1.71 10.35 -61.37
CA GLY A 101 -0.42 10.89 -61.00
C GLY A 101 -0.37 11.57 -59.65
N TRP A 102 0.57 11.17 -58.81
CA TRP A 102 0.76 11.77 -57.50
C TRP A 102 2.25 11.97 -57.23
N ILE A 103 2.95 12.57 -58.21
CA ILE A 103 4.40 12.71 -58.11
C ILE A 103 4.78 13.55 -56.91
N PHE A 104 5.91 13.21 -56.30
CA PHE A 104 6.40 13.87 -55.10
C PHE A 104 7.86 14.27 -55.30
N GLY A 105 8.29 15.29 -54.58
CA GLY A 105 9.66 15.75 -54.68
C GLY A 105 10.07 16.77 -53.63
N THR A 106 11.29 16.61 -53.10
CA THR A 106 11.79 17.57 -52.12
C THR A 106 12.06 18.92 -52.77
N THR A 107 12.78 18.92 -53.90
CA THR A 107 13.08 20.14 -54.64
C THR A 107 12.57 20.12 -56.06
N LEU A 108 12.09 18.97 -56.54
CA LEU A 108 11.51 18.84 -57.89
C LEU A 108 12.52 19.23 -58.96
N ASP A 109 13.61 18.47 -59.02
CA ASP A 109 14.65 18.66 -60.03
C ASP A 109 15.36 17.32 -60.23
N SER A 110 16.44 17.34 -61.02
CA SER A 110 17.19 16.12 -61.29
C SER A 110 18.09 15.69 -60.14
N LYS A 111 18.26 16.55 -59.13
CA LYS A 111 19.14 16.26 -58.01
C LYS A 111 18.42 15.68 -56.81
N THR A 112 17.12 15.38 -56.93
CA THR A 112 16.31 14.93 -55.81
C THR A 112 15.61 13.63 -56.16
N GLN A 113 15.72 12.64 -55.27
CA GLN A 113 14.97 11.40 -55.43
C GLN A 113 13.48 11.68 -55.36
N SER A 114 12.72 11.09 -56.28
CA SER A 114 11.31 11.42 -56.43
C SER A 114 10.50 10.16 -56.70
N LEU A 115 9.21 10.25 -56.43
CA LEU A 115 8.24 9.21 -56.76
C LEU A 115 7.50 9.57 -58.03
N LEU A 116 6.87 8.55 -58.63
CA LEU A 116 6.07 8.77 -59.84
C LEU A 116 5.06 7.62 -59.91
N ILE A 117 3.80 7.94 -59.64
CA ILE A 117 2.73 6.94 -59.65
C ILE A 117 1.89 7.19 -60.89
N VAL A 118 2.23 6.50 -61.97
CA VAL A 118 1.44 6.55 -63.21
C VAL A 118 0.30 5.55 -63.12
N ASN A 119 -0.65 5.64 -64.04
CA ASN A 119 -1.75 4.69 -64.17
C ASN A 119 -1.81 4.13 -65.58
N ASN A 120 -0.65 3.68 -66.08
CA ASN A 120 -0.55 3.17 -67.43
C ASN A 120 -1.34 1.88 -67.60
N ALA A 121 -2.45 1.95 -68.34
CA ALA A 121 -3.31 0.80 -68.60
C ALA A 121 -3.74 0.11 -67.31
N THR A 122 -3.18 -1.06 -67.04
CA THR A 122 -3.52 -1.83 -65.85
C THR A 122 -2.30 -2.08 -64.97
N ASN A 123 -1.36 -1.13 -64.95
CA ASN A 123 -0.16 -1.25 -64.15
C ASN A 123 0.13 0.09 -63.47
N VAL A 124 0.36 0.05 -62.16
CA VAL A 124 0.70 1.27 -61.43
C VAL A 124 2.10 1.76 -61.81
N VAL A 125 3.04 0.84 -61.98
CA VAL A 125 4.41 1.14 -62.36
C VAL A 125 4.97 2.17 -61.39
N ILE A 126 5.10 1.79 -60.12
CA ILE A 126 5.69 2.69 -59.13
C ILE A 126 7.20 2.69 -59.30
N LYS A 127 7.77 3.89 -59.46
CA LYS A 127 9.19 4.03 -59.71
C LYS A 127 9.80 5.01 -58.70
N VAL A 128 11.02 4.72 -58.28
CA VAL A 128 11.80 5.60 -57.42
C VAL A 128 13.12 5.85 -58.15
N CYS A 129 13.16 6.91 -58.96
CA CYS A 129 14.34 7.25 -59.74
C CYS A 129 14.40 8.76 -59.90
N GLU A 130 15.61 9.28 -60.14
CA GLU A 130 15.77 10.70 -60.38
C GLU A 130 15.30 11.06 -61.78
N PHE A 131 14.45 12.08 -61.86
CA PHE A 131 13.91 12.55 -63.14
C PHE A 131 14.06 14.06 -63.22
N GLN A 132 13.92 14.58 -64.44
CA GLN A 132 13.76 16.01 -64.66
C GLN A 132 12.29 16.24 -64.98
N PHE A 133 11.69 17.22 -64.31
CA PHE A 133 10.25 17.42 -64.39
C PHE A 133 9.91 18.61 -65.28
N CYS A 134 8.96 18.42 -66.17
CA CYS A 134 8.47 19.49 -67.03
C CYS A 134 7.75 20.55 -66.19
N ASN A 135 7.63 21.75 -66.78
CA ASN A 135 6.93 22.82 -66.09
C ASN A 135 5.46 22.48 -65.87
N ASP A 136 4.81 21.89 -66.87
CA ASP A 136 3.42 21.46 -66.76
C ASP A 136 3.33 20.02 -67.27
N PRO A 137 3.80 19.05 -66.48
CA PRO A 137 3.68 17.65 -66.90
C PRO A 137 2.22 17.21 -66.93
N PHE A 138 1.93 16.28 -67.84
CA PHE A 138 0.57 15.81 -68.02
C PHE A 138 0.61 14.41 -68.63
N LEU A 139 -0.57 13.83 -68.80
CA LEU A 139 -0.72 12.50 -69.38
C LEU A 139 -1.81 12.54 -70.44
N ASP A 140 -1.78 11.56 -71.34
CA ASP A 140 -2.75 11.44 -72.42
C ASP A 140 -3.72 10.32 -72.07
N HIS A 141 -4.99 10.67 -71.87
CA HIS A 141 -6.00 9.65 -71.56
C HIS A 141 -6.26 8.77 -72.77
N LYS A 142 -6.28 9.34 -73.97
CA LYS A 142 -6.42 8.56 -75.18
C LYS A 142 -5.09 7.97 -75.61
N ASN A 143 -5.11 6.70 -76.00
CA ASN A 143 -3.90 6.04 -76.45
C ASN A 143 -3.43 6.62 -77.77
N ASN A 144 -2.11 6.80 -77.89
CA ASN A 144 -1.54 7.34 -79.13
C ASN A 144 -1.72 6.35 -80.26
N LYS A 145 -2.02 6.88 -81.45
CA LYS A 145 -2.23 6.04 -82.62
C LYS A 145 -0.91 5.43 -83.09
N SER A 146 -1.03 4.33 -83.82
CA SER A 146 0.11 3.60 -84.37
C SER A 146 1.09 3.19 -83.27
N MET A 148 5.53 3.18 -77.18
CA MET A 148 4.81 3.56 -78.39
C MET A 148 3.86 4.73 -78.13
N GLU A 149 3.82 5.18 -76.88
CA GLU A 149 2.98 6.28 -76.46
C GLU A 149 3.83 7.48 -76.06
N SER A 150 3.35 8.67 -76.37
CA SER A 150 3.99 9.91 -75.98
C SER A 150 3.63 10.35 -74.56
N GLU A 151 3.08 9.44 -73.76
CA GLU A 151 2.71 9.74 -72.39
C GLU A 151 3.92 9.94 -71.49
N PHE A 152 5.12 9.61 -71.96
CA PHE A 152 6.35 9.80 -71.20
C PHE A 152 6.86 11.23 -71.24
N ARG A 153 6.02 12.18 -71.65
CA ARG A 153 6.42 13.58 -71.72
C ARG A 153 6.64 14.21 -70.36
N VAL A 154 6.26 13.52 -69.28
CA VAL A 154 6.43 14.08 -67.93
C VAL A 154 7.90 14.30 -67.62
N TYR A 155 8.76 13.37 -68.04
CA TYR A 155 10.19 13.47 -67.80
C TYR A 155 10.94 13.02 -69.05
N SER A 156 12.21 13.41 -69.12
CA SER A 156 13.06 13.04 -70.25
C SER A 156 14.38 12.40 -69.86
N SER A 157 14.85 12.56 -68.62
CA SER A 157 16.09 11.95 -68.16
C SER A 157 15.82 11.14 -66.91
N ALA A 158 16.39 9.95 -66.84
CA ALA A 158 16.25 9.05 -65.68
C ALA A 158 17.63 8.53 -65.31
N ASN A 159 18.19 9.06 -64.23
CA ASN A 159 19.50 8.68 -63.74
C ASN A 159 19.34 7.93 -62.42
N ASN A 160 19.87 6.70 -62.37
CA ASN A 160 19.80 5.82 -61.20
C ASN A 160 18.36 5.39 -60.90
N CYS A 161 18.20 4.24 -60.27
CA CYS A 161 16.88 3.74 -59.90
C CYS A 161 17.01 2.88 -58.65
N THR A 162 16.15 3.14 -57.66
CA THR A 162 16.22 2.44 -56.38
C THR A 162 15.11 1.43 -56.21
N PHE A 163 13.84 1.83 -56.35
CA PHE A 163 12.70 0.96 -56.10
C PHE A 163 11.78 0.97 -57.31
N GLU A 164 11.27 -0.21 -57.66
CA GLU A 164 10.27 -0.38 -58.71
C GLU A 164 9.17 -1.28 -58.21
N TYR A 165 7.93 -0.98 -58.59
CA TYR A 165 6.77 -1.74 -58.14
C TYR A 165 5.71 -1.67 -59.23
N VAL A 166 5.39 -2.82 -59.83
CA VAL A 166 4.35 -2.94 -60.83
C VAL A 166 3.32 -3.93 -60.33
N SER A 167 2.05 -3.55 -60.41
CA SER A 167 0.96 -4.41 -59.94
C SER A 167 -0.33 -3.95 -60.60
N GLN A 168 -1.46 -4.43 -60.08
CA GLN A 168 -2.76 -4.03 -60.58
C GLN A 168 -2.99 -2.54 -60.31
N PRO A 169 -3.82 -1.88 -61.12
CA PRO A 169 -4.03 -0.43 -60.93
C PRO A 169 -4.61 -0.13 -59.56
N PHE A 170 -4.19 1.02 -59.01
CA PHE A 170 -4.63 1.41 -57.67
C PHE A 170 -6.13 1.70 -57.61
N LEU A 171 -6.77 1.94 -58.74
CA LEU A 171 -8.21 2.13 -58.81
C LEU A 171 -8.85 0.92 -59.48
N MET A 172 -9.91 0.39 -58.86
CA MET A 172 -10.68 -0.70 -59.43
C MET A 172 -12.11 -0.26 -59.77
N ASP A 173 -12.34 1.05 -59.80
CA ASP A 173 -13.69 1.56 -60.06
C ASP A 173 -14.10 1.29 -61.49
N LEU A 174 -15.37 0.92 -61.66
CA LEU A 174 -15.92 0.71 -62.99
C LEU A 174 -16.03 2.03 -63.74
N GLU A 175 -15.90 1.97 -65.06
CA GLU A 175 -16.03 3.15 -65.89
C GLU A 175 -17.45 3.69 -65.81
N GLY A 176 -17.60 4.98 -66.12
CA GLY A 176 -18.87 5.67 -65.95
C GLY A 176 -20.02 5.04 -66.71
N LYS A 177 -19.73 4.30 -67.78
CA LYS A 177 -20.75 3.58 -68.57
C LYS A 177 -21.70 4.61 -69.15
N GLN A 178 -23.02 4.43 -69.01
CA GLN A 178 -23.97 5.37 -69.60
C GLN A 178 -23.85 6.75 -68.96
N GLY A 179 -23.68 6.80 -67.63
CA GLY A 179 -23.55 8.04 -66.91
C GLY A 179 -24.47 8.04 -65.70
N ASN A 180 -24.74 9.25 -65.21
CA ASN A 180 -25.60 9.56 -64.06
C ASN A 180 -24.96 9.19 -62.73
N PHE A 181 -23.79 8.55 -62.74
CA PHE A 181 -23.07 8.24 -61.50
C PHE A 181 -21.59 8.45 -61.74
N LYS A 182 -20.90 8.98 -60.73
CA LYS A 182 -19.49 9.29 -60.82
C LYS A 182 -18.73 8.58 -59.70
N ASN A 183 -17.40 8.65 -59.78
CA ASN A 183 -16.54 8.06 -58.77
C ASN A 183 -16.24 9.07 -57.67
N LEU A 184 -15.85 8.55 -56.50
CA LEU A 184 -15.52 9.36 -55.34
C LEU A 184 -14.23 8.84 -54.70
N ARG A 185 -13.20 8.69 -55.53
CA ARG A 185 -11.92 8.16 -55.05
C ARG A 185 -11.38 9.00 -53.90
N GLU A 186 -10.94 8.32 -52.85
CA GLU A 186 -10.37 8.97 -51.67
C GLU A 186 -9.03 8.31 -51.37
N PHE A 187 -8.04 9.13 -51.00
CA PHE A 187 -6.71 8.62 -50.76
C PHE A 187 -6.07 9.39 -49.61
N VAL A 188 -5.30 8.67 -48.80
CA VAL A 188 -4.55 9.26 -47.70
C VAL A 188 -3.09 8.87 -47.87
N PHE A 189 -2.21 9.87 -47.93
CA PHE A 189 -0.79 9.66 -48.13
C PHE A 189 -0.08 10.01 -46.83
N LYS A 190 0.49 9.01 -46.16
CA LYS A 190 1.19 9.19 -44.90
C LYS A 190 2.58 8.59 -45.02
N ASN A 191 3.60 9.36 -44.62
CA ASN A 191 4.98 8.92 -44.63
C ASN A 191 5.56 9.09 -43.23
N ILE A 192 6.08 7.99 -42.68
CA ILE A 192 6.63 8.02 -41.32
C ILE A 192 7.65 6.88 -41.21
N ASP A 193 8.69 7.12 -40.42
CA ASP A 193 9.76 6.17 -40.10
C ASP A 193 10.16 5.33 -41.33
N GLY A 194 10.37 6.03 -42.44
CA GLY A 194 10.77 5.37 -43.67
C GLY A 194 9.75 4.43 -44.25
N TYR A 195 8.46 4.75 -44.14
CA TYR A 195 7.39 3.94 -44.68
C TYR A 195 6.41 4.83 -45.42
N PHE A 196 5.70 4.24 -46.38
CA PHE A 196 4.70 4.96 -47.17
C PHE A 196 3.46 4.07 -47.30
N LYS A 197 2.36 4.50 -46.70
CA LYS A 197 1.12 3.73 -46.69
C LYS A 197 0.05 4.45 -47.49
N ILE A 198 -0.76 3.69 -48.20
CA ILE A 198 -1.84 4.21 -49.04
C ILE A 198 -3.15 3.59 -48.58
N TYR A 199 -4.15 4.42 -48.31
CA TYR A 199 -5.49 3.99 -47.96
C TYR A 199 -6.46 4.49 -49.01
N SER A 200 -7.43 3.65 -49.37
CA SER A 200 -8.36 4.00 -50.43
C SER A 200 -9.74 3.43 -50.14
N LYS A 201 -10.75 4.08 -50.71
CA LYS A 201 -12.14 3.66 -50.63
C LYS A 201 -12.93 4.42 -51.67
N HIS A 202 -13.85 3.72 -52.35
CA HIS A 202 -14.61 4.30 -53.44
C HIS A 202 -16.09 4.02 -53.24
N THR A 203 -16.93 4.95 -53.71
CA THR A 203 -18.37 4.85 -53.56
C THR A 203 -19.03 5.78 -54.57
N PRO A 204 -20.23 5.47 -55.04
CA PRO A 204 -20.94 6.36 -55.96
C PRO A 204 -21.55 7.54 -55.21
N ILE A 205 -22.05 8.49 -55.99
CA ILE A 205 -22.68 9.71 -55.48
C ILE A 205 -24.09 9.80 -56.06
N ILE A 206 -25.00 10.37 -55.28
CA ILE A 206 -26.40 10.48 -55.71
C ILE A 206 -26.67 11.80 -56.42
N VAL A 207 -26.29 12.92 -55.81
CA VAL A 207 -26.56 14.24 -56.35
C VAL A 207 -25.26 15.03 -56.41
N ARG A 208 -25.13 15.88 -57.42
CA ARG A 208 -23.94 16.71 -57.62
C ARG A 208 -24.30 18.19 -57.75
N GLU A 209 -25.49 18.59 -57.27
CA GLU A 209 -25.89 19.99 -57.38
C GLU A 209 -24.96 20.95 -56.66
N PRO A 210 -24.58 20.73 -55.40
CA PRO A 210 -23.69 21.67 -54.73
C PRO A 210 -22.20 21.39 -54.92
N GLU A 211 -21.84 20.25 -55.49
CA GLU A 211 -20.45 19.86 -55.69
C GLU A 211 -19.67 19.90 -54.37
N ASP A 212 -20.27 19.29 -53.35
CA ASP A 212 -19.67 19.24 -52.02
C ASP A 212 -19.62 17.81 -51.51
N LEU A 213 -18.73 17.58 -50.56
CA LEU A 213 -18.55 16.25 -50.00
C LEU A 213 -19.80 15.83 -49.23
N PRO A 214 -20.41 14.69 -49.54
CA PRO A 214 -21.59 14.26 -48.78
C PRO A 214 -21.23 13.92 -47.34
N GLN A 215 -22.19 14.12 -46.45
CA GLN A 215 -22.00 13.85 -45.02
C GLN A 215 -22.27 12.37 -44.78
N GLY A 216 -21.19 11.59 -44.77
CA GLY A 216 -21.31 10.16 -44.53
C GLY A 216 -20.01 9.53 -44.03
N PHE A 217 -20.14 8.55 -43.15
CA PHE A 217 -18.96 7.86 -42.62
C PHE A 217 -18.44 6.87 -43.66
N SER A 218 -17.12 6.88 -43.86
CA SER A 218 -16.47 5.96 -44.78
C SER A 218 -15.17 5.50 -44.16
N ALA A 219 -14.91 4.20 -44.26
CA ALA A 219 -13.69 3.60 -43.71
C ALA A 219 -12.70 3.35 -44.84
N LEU A 220 -11.46 3.77 -44.64
CA LEU A 220 -10.41 3.65 -45.65
C LEU A 220 -9.52 2.47 -45.30
N GLU A 221 -9.65 1.38 -46.06
CA GLU A 221 -8.82 0.21 -45.84
C GLU A 221 -7.43 0.43 -46.44
N PRO A 222 -6.39 -0.11 -45.82
CA PRO A 222 -5.04 -0.01 -46.39
C PRO A 222 -4.98 -0.72 -47.74
N LEU A 223 -4.23 -0.12 -48.66
CA LEU A 223 -4.09 -0.66 -50.01
C LEU A 223 -2.65 -1.03 -50.33
N VAL A 224 -1.71 -0.10 -50.20
CA VAL A 224 -0.31 -0.33 -50.56
C VAL A 224 0.58 0.22 -49.45
N ASP A 225 1.62 -0.54 -49.10
CA ASP A 225 2.62 -0.10 -48.15
C ASP A 225 3.99 -0.15 -48.80
N LEU A 226 4.76 0.92 -48.63
CA LEU A 226 6.07 1.02 -49.25
C LEU A 226 7.15 1.23 -48.18
N PRO A 227 8.30 0.57 -48.32
CA PRO A 227 9.39 0.74 -47.34
C PRO A 227 10.43 1.80 -47.71
N ILE A 228 10.16 2.65 -48.70
CA ILE A 228 11.16 3.63 -49.13
C ILE A 228 11.30 4.71 -48.07
N GLY A 229 12.42 5.43 -48.15
CA GLY A 229 12.73 6.47 -47.18
C GLY A 229 12.97 7.84 -47.79
N ILE A 230 12.15 8.21 -48.79
CA ILE A 230 12.32 9.48 -49.47
C ILE A 230 11.85 10.62 -48.58
N ASN A 231 12.65 11.68 -48.51
CA ASN A 231 12.27 12.91 -47.80
C ASN A 231 11.37 13.72 -48.72
N ILE A 232 10.10 13.87 -48.34
CA ILE A 232 9.09 14.51 -49.17
C ILE A 232 8.70 15.83 -48.52
N THR A 233 8.62 16.89 -49.33
CA THR A 233 8.21 18.20 -48.84
C THR A 233 7.12 18.87 -49.67
N ARG A 234 6.93 18.48 -50.92
CA ARG A 234 5.97 19.14 -51.80
C ARG A 234 5.14 18.10 -52.55
N PHE A 235 3.98 18.55 -53.03
CA PHE A 235 2.97 17.68 -53.63
C PHE A 235 2.55 18.25 -54.97
N GLN A 236 2.50 17.39 -55.99
CA GLN A 236 2.11 17.79 -57.34
C GLN A 236 1.14 16.76 -57.89
N THR A 237 0.21 17.23 -58.73
CA THR A 237 -0.83 16.40 -59.32
C THR A 237 -0.75 16.48 -60.83
N LEU A 238 -1.07 15.36 -61.49
CA LEU A 238 -1.06 15.25 -62.93
C LEU A 238 -2.48 15.15 -63.47
N LEU A 239 -2.61 15.40 -64.78
CA LEU A 239 -3.89 15.30 -65.48
C LEU A 239 -3.73 14.43 -66.71
N ALA A 240 -4.83 13.77 -67.10
CA ALA A 240 -4.85 12.87 -68.25
C ALA A 240 -5.70 13.53 -69.35
N LEU A 241 -5.04 14.30 -70.21
CA LEU A 241 -5.69 14.92 -71.36
C LEU A 241 -4.86 14.66 -72.60
N HIS A 242 -5.52 14.20 -73.66
CA HIS A 242 -4.79 13.83 -74.87
C HIS A 242 -4.49 15.04 -75.74
N ARG A 243 -5.52 15.71 -76.23
CA ARG A 243 -5.40 16.87 -77.12
C ARG A 243 -6.78 17.49 -77.27
N SER A 244 -6.88 18.51 -78.13
CA SER A 244 -8.17 19.12 -78.41
C SER A 244 -9.08 18.13 -79.11
N TYR A 245 -10.35 18.13 -78.73
CA TYR A 245 -11.32 17.21 -79.31
C TYR A 245 -12.62 17.92 -79.66
N SER A 253 -8.87 23.64 -79.79
CA SER A 253 -7.51 24.17 -79.95
C SER A 253 -6.65 23.88 -78.73
N GLY A 254 -5.39 23.54 -78.97
CA GLY A 254 -4.49 23.27 -77.86
C GLY A 254 -4.80 21.93 -77.19
N TRP A 255 -4.63 21.90 -75.88
CA TRP A 255 -4.86 20.72 -75.07
C TRP A 255 -6.07 20.99 -74.17
N THR A 256 -7.15 20.23 -74.39
CA THR A 256 -8.38 20.41 -73.64
C THR A 256 -8.91 19.06 -73.17
N ALA A 257 -9.72 19.10 -72.12
CA ALA A 257 -10.30 17.90 -71.54
C ALA A 257 -11.67 18.25 -70.97
N GLY A 258 -12.22 17.36 -70.15
CA GLY A 258 -13.54 17.55 -69.57
C GLY A 258 -13.50 18.27 -68.23
N ALA A 259 -14.54 18.04 -67.44
CA ALA A 259 -14.70 18.69 -66.14
C ALA A 259 -14.31 17.72 -65.03
N ALA A 260 -13.64 18.26 -64.01
CA ALA A 260 -13.19 17.46 -62.88
C ALA A 260 -12.96 18.38 -61.69
N ALA A 261 -12.82 17.77 -60.52
CA ALA A 261 -12.57 18.53 -59.29
C ALA A 261 -11.87 17.63 -58.28
N TYR A 262 -10.92 18.20 -57.54
CA TYR A 262 -10.20 17.47 -56.51
C TYR A 262 -9.97 18.38 -55.32
N TYR A 263 -9.81 17.77 -54.15
CA TYR A 263 -9.64 18.48 -52.89
C TYR A 263 -8.34 18.06 -52.21
N VAL A 264 -7.80 18.97 -51.39
CA VAL A 264 -6.60 18.72 -50.61
C VAL A 264 -6.91 19.00 -49.15
N GLY A 265 -6.65 18.01 -48.30
CA GLY A 265 -6.86 18.17 -46.87
C GLY A 265 -5.64 17.84 -46.07
N TYR A 266 -5.11 18.82 -45.34
CA TYR A 266 -3.89 18.61 -44.59
C TYR A 266 -4.14 17.77 -43.35
N LEU A 267 -3.10 17.08 -42.89
CA LEU A 267 -3.20 16.10 -41.83
C LEU A 267 -2.45 16.59 -40.60
N GLN A 268 -3.10 16.50 -39.44
CA GLN A 268 -2.50 16.94 -38.18
C GLN A 268 -2.78 15.90 -37.10
N PRO A 269 -1.93 15.83 -36.08
CA PRO A 269 -2.16 14.84 -35.01
C PRO A 269 -3.46 15.13 -34.24
N ARG A 270 -4.12 14.06 -33.84
CA ARG A 270 -5.37 14.15 -33.09
C ARG A 270 -5.54 12.87 -32.28
N THR A 271 -6.57 12.86 -31.44
CA THR A 271 -6.96 11.68 -30.67
C THR A 271 -8.43 11.37 -30.96
N PHE A 272 -8.71 10.13 -31.36
CA PHE A 272 -10.03 9.74 -31.81
C PHE A 272 -10.51 8.54 -31.00
N LEU A 273 -11.83 8.42 -30.89
CA LEU A 273 -12.48 7.26 -30.31
C LEU A 273 -13.26 6.55 -31.41
N LEU A 274 -12.94 5.28 -31.63
CA LEU A 274 -13.48 4.52 -32.76
C LEU A 274 -14.40 3.42 -32.25
N LYS A 275 -15.55 3.29 -32.91
CA LYS A 275 -16.56 2.30 -32.55
C LYS A 275 -16.66 1.27 -33.65
N TYR A 276 -16.40 0.00 -33.31
CA TYR A 276 -16.55 -1.10 -34.25
C TYR A 276 -17.94 -1.72 -34.14
N ASN A 277 -18.34 -2.42 -35.19
CA ASN A 277 -19.62 -3.11 -35.21
C ASN A 277 -19.40 -4.60 -34.97
N GLU A 278 -20.46 -5.38 -35.14
CA GLU A 278 -20.36 -6.83 -34.94
C GLU A 278 -19.40 -7.46 -35.94
N ASN A 279 -19.46 -7.01 -37.20
CA ASN A 279 -18.63 -7.60 -38.25
C ASN A 279 -17.21 -7.07 -38.26
N GLY A 280 -16.88 -6.10 -37.42
CA GLY A 280 -15.54 -5.58 -37.34
C GLY A 280 -15.25 -4.38 -38.21
N THR A 281 -16.27 -3.72 -38.74
CA THR A 281 -16.10 -2.56 -39.60
C THR A 281 -16.43 -1.29 -38.83
N ILE A 282 -15.58 -0.28 -38.97
CA ILE A 282 -15.80 0.99 -38.27
C ILE A 282 -17.02 1.68 -38.87
N THR A 283 -17.99 2.00 -38.01
CA THR A 283 -19.23 2.64 -38.44
C THR A 283 -19.24 4.13 -38.17
N ASP A 284 -18.75 4.57 -37.02
CA ASP A 284 -18.71 5.99 -36.69
C ASP A 284 -17.62 6.23 -35.66
N ALA A 285 -17.23 7.50 -35.53
CA ALA A 285 -16.18 7.88 -34.61
C ALA A 285 -16.44 9.30 -34.13
N VAL A 286 -15.84 9.64 -32.98
CA VAL A 286 -16.01 10.94 -32.36
C VAL A 286 -14.65 11.50 -32.01
N ASP A 287 -14.44 12.78 -32.31
CA ASP A 287 -13.20 13.45 -31.95
C ASP A 287 -13.17 13.71 -30.44
N CYS A 288 -11.98 14.03 -29.94
CA CYS A 288 -11.80 14.28 -28.51
C CYS A 288 -11.41 15.72 -28.21
N ALA A 289 -11.41 16.60 -29.21
CA ALA A 289 -11.08 18.00 -28.98
C ALA A 289 -11.96 18.98 -29.76
N LEU A 290 -13.00 18.51 -30.44
CA LEU A 290 -13.81 19.40 -31.27
C LEU A 290 -14.68 20.32 -30.42
N ASP A 291 -15.36 19.78 -29.42
CA ASP A 291 -16.35 20.53 -28.66
C ASP A 291 -16.49 19.90 -27.29
N PRO A 292 -17.10 20.60 -26.33
CA PRO A 292 -17.20 20.02 -24.97
C PRO A 292 -17.89 18.67 -24.93
N LEU A 293 -18.94 18.48 -25.73
CA LEU A 293 -19.62 17.20 -25.76
C LEU A 293 -18.70 16.10 -26.26
N SER A 294 -17.83 16.42 -27.22
CA SER A 294 -16.89 15.44 -27.73
C SER A 294 -15.94 14.97 -26.63
N GLU A 295 -15.38 15.91 -25.85
CA GLU A 295 -14.45 15.50 -24.81
C GLU A 295 -15.17 14.75 -23.70
N THR A 296 -16.41 15.15 -23.39
CA THR A 296 -17.19 14.41 -22.40
C THR A 296 -17.43 12.97 -22.85
N LYS A 297 -17.81 12.79 -24.12
CA LYS A 297 -18.02 11.44 -24.63
C LYS A 297 -16.73 10.64 -24.63
N CYS A 298 -15.61 11.28 -24.96
CA CYS A 298 -14.32 10.59 -24.94
C CYS A 298 -13.96 10.13 -23.53
N THR A 299 -14.15 11.00 -22.54
CA THR A 299 -13.70 10.67 -21.19
C THR A 299 -14.66 9.71 -20.49
N LEU A 300 -15.93 9.68 -20.87
CA LEU A 300 -16.81 8.63 -20.36
C LEU A 300 -16.81 7.37 -21.24
N LYS A 301 -16.08 7.38 -22.36
CA LYS A 301 -15.95 6.22 -23.24
C LYS A 301 -17.30 5.68 -23.68
N SER A 302 -18.20 6.58 -24.06
CA SER A 302 -19.52 6.20 -24.52
C SER A 302 -20.03 7.26 -25.49
N PHE A 303 -21.01 6.86 -26.30
CA PHE A 303 -21.63 7.76 -27.27
C PHE A 303 -22.88 8.43 -26.73
N THR A 304 -23.28 8.14 -25.49
CA THR A 304 -24.45 8.74 -24.88
C THR A 304 -24.08 9.26 -23.51
N VAL A 305 -24.44 10.50 -23.22
CA VAL A 305 -24.16 11.15 -21.94
C VAL A 305 -25.48 11.56 -21.31
N GLU A 306 -25.69 11.16 -20.06
CA GLU A 306 -26.90 11.51 -19.34
C GLU A 306 -26.74 12.85 -18.63
N LYS A 307 -27.85 13.35 -18.08
CA LYS A 307 -27.85 14.66 -17.43
C LYS A 307 -26.97 14.63 -16.20
N GLY A 308 -26.13 15.65 -16.06
CA GLY A 308 -25.26 15.75 -14.90
C GLY A 308 -24.11 16.71 -15.19
N ILE A 309 -23.16 16.72 -14.25
CA ILE A 309 -21.95 17.53 -14.35
C ILE A 309 -20.75 16.61 -14.23
N TYR A 310 -19.79 16.78 -15.14
CA TYR A 310 -18.62 15.91 -15.21
C TYR A 310 -17.35 16.74 -15.26
N GLN A 311 -16.27 16.17 -14.75
CA GLN A 311 -14.95 16.78 -14.81
C GLN A 311 -14.16 16.12 -15.93
N THR A 312 -13.64 16.94 -16.85
CA THR A 312 -13.01 16.44 -18.07
C THR A 312 -11.50 16.65 -18.08
N SER A 313 -11.05 17.88 -17.91
CA SER A 313 -9.61 18.18 -18.03
C SER A 313 -9.30 19.42 -17.21
N ASN A 314 -8.10 19.97 -17.45
CA ASN A 314 -7.63 21.15 -16.72
C ASN A 314 -7.03 22.14 -17.71
N PHE A 315 -6.98 23.40 -17.30
CA PHE A 315 -6.44 24.47 -18.12
C PHE A 315 -5.24 25.09 -17.44
N ARG A 316 -4.32 25.62 -18.26
CA ARG A 316 -3.11 26.25 -17.76
C ARG A 316 -2.62 27.24 -18.81
N VAL A 317 -1.71 28.12 -18.39
CA VAL A 317 -1.12 29.10 -19.30
C VAL A 317 0.35 28.77 -19.48
N GLN A 318 0.79 28.66 -20.73
CA GLN A 318 2.18 28.38 -21.02
C GLN A 318 3.02 29.65 -20.89
N PRO A 319 4.32 29.50 -20.64
CA PRO A 319 5.21 30.67 -20.65
C PRO A 319 5.29 31.29 -22.04
N THR A 320 5.48 32.61 -22.07
CA THR A 320 5.53 33.36 -23.32
C THR A 320 6.92 33.86 -23.68
N GLU A 321 7.76 34.15 -22.69
CA GLU A 321 9.10 34.67 -22.93
C GLU A 321 10.11 33.92 -22.07
N SER A 322 11.37 33.97 -22.51
CA SER A 322 12.48 33.37 -21.79
C SER A 322 13.41 34.48 -21.30
N ILE A 323 13.65 34.51 -20.00
CA ILE A 323 14.46 35.56 -19.38
C ILE A 323 15.64 34.89 -18.68
N VAL A 324 16.85 35.39 -18.96
CA VAL A 324 18.07 34.91 -18.33
C VAL A 324 18.75 36.11 -17.68
N ARG A 325 19.14 35.96 -16.41
CA ARG A 325 19.82 37.02 -15.67
C ARG A 325 21.03 36.42 -14.99
N PHE A 326 22.22 36.76 -15.48
CA PHE A 326 23.48 36.26 -14.95
C PHE A 326 24.39 37.43 -14.57
N PRO A 327 25.29 37.23 -13.62
CA PRO A 327 26.25 38.30 -13.28
C PRO A 327 27.11 38.66 -14.49
N ASN A 328 27.39 39.95 -14.62
CA ASN A 328 28.16 40.46 -15.75
C ASN A 328 29.67 40.50 -15.48
N ILE A 329 30.12 40.03 -14.32
CA ILE A 329 31.53 40.02 -13.97
C ILE A 329 32.05 38.59 -14.09
N THR A 330 33.14 38.42 -14.83
CA THR A 330 33.77 37.12 -15.03
C THR A 330 35.13 37.35 -15.66
N ASN A 331 35.91 36.28 -15.75
CA ASN A 331 37.24 36.31 -16.35
C ASN A 331 37.38 35.21 -17.39
N LEU A 332 38.34 35.38 -18.28
CA LEU A 332 38.61 34.36 -19.30
C LEU A 332 39.13 33.09 -18.64
N CYS A 333 38.72 31.94 -19.18
CA CYS A 333 39.06 30.65 -18.60
C CYS A 333 39.94 29.85 -19.56
N PRO A 334 41.24 29.73 -19.27
CA PRO A 334 42.11 28.85 -20.07
C PRO A 334 42.02 27.42 -19.55
N PHE A 335 41.52 26.52 -20.40
CA PHE A 335 41.24 25.15 -19.94
C PHE A 335 42.53 24.35 -19.79
N ASP A 336 43.47 24.48 -20.72
CA ASP A 336 44.68 23.68 -20.72
C ASP A 336 45.94 24.51 -20.50
N GLU A 337 45.80 25.73 -19.96
CA GLU A 337 46.94 26.56 -19.63
C GLU A 337 47.26 26.54 -18.14
N VAL A 338 46.65 25.62 -17.38
CA VAL A 338 46.95 25.51 -15.95
C VAL A 338 48.40 25.09 -15.74
N PHE A 339 48.92 24.26 -16.63
CA PHE A 339 50.30 23.79 -16.56
C PHE A 339 51.17 24.55 -17.57
N ASN A 340 52.35 24.99 -17.13
CA ASN A 340 53.27 25.70 -18.00
C ASN A 340 54.69 25.44 -17.47
N ALA A 341 55.37 24.48 -18.08
CA ALA A 341 56.74 24.15 -17.69
C ALA A 341 57.43 23.47 -18.85
N THR A 342 58.77 23.53 -18.85
CA THR A 342 59.55 22.84 -19.87
C THR A 342 59.37 21.33 -19.78
N ARG A 343 59.34 20.79 -18.56
CA ARG A 343 59.12 19.37 -18.34
C ARG A 343 58.12 19.18 -17.20
N PHE A 344 57.22 18.22 -17.39
CA PHE A 344 56.20 17.96 -16.39
C PHE A 344 56.77 17.10 -15.26
N ALA A 345 56.00 17.01 -14.17
CA ALA A 345 56.41 16.27 -12.98
C ALA A 345 55.51 15.05 -12.80
N SER A 346 55.74 14.32 -11.71
CA SER A 346 55.00 13.10 -11.42
C SER A 346 53.79 13.43 -10.54
N VAL A 347 53.15 12.39 -10.00
CA VAL A 347 51.98 12.58 -9.16
C VAL A 347 52.35 13.29 -7.86
N TYR A 348 53.60 13.11 -7.40
CA TYR A 348 54.00 13.66 -6.10
C TYR A 348 54.01 15.19 -6.11
N ALA A 349 54.00 15.81 -7.29
CA ALA A 349 54.07 17.26 -7.38
C ALA A 349 52.87 17.91 -6.71
N TRP A 350 51.67 17.67 -7.25
CA TRP A 350 50.41 18.18 -6.72
C TRP A 350 50.41 19.70 -6.60
N ASN A 351 51.21 20.39 -7.40
CA ASN A 351 51.30 21.84 -7.38
C ASN A 351 50.84 22.38 -8.73
N ARG A 352 49.89 23.32 -8.69
CA ARG A 352 49.33 23.88 -9.92
C ARG A 352 48.76 25.25 -9.63
N LYS A 353 48.56 26.03 -10.70
CA LYS A 353 47.87 27.30 -10.57
C LYS A 353 46.37 27.07 -10.43
N ARG A 354 45.70 28.02 -9.79
CA ARG A 354 44.28 27.90 -9.50
C ARG A 354 43.45 28.51 -10.61
N ILE A 355 42.40 27.80 -11.02
CA ILE A 355 41.45 28.26 -12.03
C ILE A 355 40.07 28.35 -11.37
N SER A 356 39.46 29.52 -11.46
CA SER A 356 38.15 29.76 -10.86
C SER A 356 37.57 31.03 -11.47
N ASN A 357 36.31 31.31 -11.10
CA ASN A 357 35.55 32.49 -11.57
C ASN A 357 35.81 32.80 -13.04
N CYS A 358 35.67 31.77 -13.87
CA CYS A 358 35.98 31.86 -15.29
C CYS A 358 34.83 31.30 -16.11
N VAL A 359 34.77 31.72 -17.38
CA VAL A 359 33.72 31.28 -18.30
C VAL A 359 34.15 29.93 -18.88
N ALA A 360 33.56 28.85 -18.35
CA ALA A 360 33.90 27.50 -18.77
C ALA A 360 33.08 27.14 -20.01
N ASP A 361 33.49 27.69 -21.15
CA ASP A 361 32.86 27.38 -22.43
C ASP A 361 33.46 26.10 -22.98
N TYR A 362 32.65 25.04 -23.06
CA TYR A 362 33.14 23.74 -23.49
C TYR A 362 33.52 23.71 -24.97
N SER A 363 33.14 24.72 -25.75
CA SER A 363 33.61 24.80 -27.13
C SER A 363 35.11 25.04 -27.19
N VAL A 364 35.67 25.68 -26.15
CA VAL A 364 37.10 25.88 -26.09
C VAL A 364 37.82 24.54 -25.98
N LEU A 365 37.21 23.57 -25.29
CA LEU A 365 37.80 22.25 -25.19
C LEU A 365 37.94 21.60 -26.56
N TYR A 366 36.89 21.70 -27.40
CA TYR A 366 36.98 21.18 -28.76
C TYR A 366 37.89 22.03 -29.64
N ASN A 367 38.07 23.31 -29.31
CA ASN A 367 38.93 24.17 -30.11
C ASN A 367 40.38 23.66 -30.14
N LEU A 368 40.88 23.15 -29.02
CA LEU A 368 42.23 22.60 -28.99
C LEU A 368 42.31 21.33 -29.83
N ALA A 369 43.39 21.22 -30.60
CA ALA A 369 43.56 20.07 -31.48
C ALA A 369 43.67 18.74 -30.73
N PRO A 370 44.52 18.57 -29.72
CA PRO A 370 44.70 17.24 -29.12
C PRO A 370 43.71 16.87 -28.03
N PHE A 371 42.70 17.69 -27.77
CA PHE A 371 41.70 17.37 -26.76
C PHE A 371 40.72 16.34 -27.32
N PHE A 372 40.55 15.23 -26.59
CA PHE A 372 39.69 14.14 -27.03
C PHE A 372 38.56 13.85 -26.06
N THR A 373 38.84 13.73 -24.76
CA THR A 373 37.88 13.25 -23.79
C THR A 373 37.28 14.43 -23.02
N PHE A 374 35.96 14.58 -23.13
CA PHE A 374 35.22 15.57 -22.35
C PHE A 374 33.90 15.01 -21.84
N LYS A 375 33.62 13.73 -22.07
CA LYS A 375 32.35 13.13 -21.69
C LYS A 375 32.38 12.69 -20.23
N CYS A 376 31.28 12.94 -19.53
CA CYS A 376 31.10 12.49 -18.16
C CYS A 376 30.34 11.17 -18.13
N TYR A 377 30.80 10.26 -17.28
CA TYR A 377 30.21 8.93 -17.24
C TYR A 377 28.75 8.97 -16.79
N GLY A 378 28.44 9.78 -15.79
CA GLY A 378 27.11 9.81 -15.23
C GLY A 378 26.21 10.90 -15.74
N VAL A 379 26.77 11.91 -16.41
CA VAL A 379 26.03 13.07 -16.88
C VAL A 379 26.29 13.25 -18.37
N SER A 380 25.23 13.46 -19.14
CA SER A 380 25.37 13.62 -20.58
C SER A 380 26.05 14.95 -20.90
N PRO A 381 27.04 14.96 -21.81
CA PRO A 381 27.69 16.23 -22.15
C PRO A 381 26.77 17.25 -22.81
N THR A 382 25.68 16.81 -23.44
CA THR A 382 24.76 17.75 -24.09
C THR A 382 24.16 18.70 -23.07
N LYS A 383 23.76 18.20 -21.91
CA LYS A 383 23.30 19.06 -20.84
C LYS A 383 24.46 19.79 -20.17
N LEU A 384 25.64 19.16 -20.12
CA LEU A 384 26.82 19.77 -19.53
C LEU A 384 27.32 20.97 -20.32
N ASN A 385 26.88 21.14 -21.57
CA ASN A 385 27.36 22.25 -22.39
C ASN A 385 27.11 23.59 -21.73
N ASP A 386 26.05 23.71 -20.93
CA ASP A 386 25.71 24.97 -20.27
C ASP A 386 25.47 24.82 -18.78
N LEU A 387 25.92 23.71 -18.18
CA LEU A 387 25.78 23.51 -16.75
C LEU A 387 26.82 24.33 -16.00
N CYS A 388 26.45 24.82 -14.81
CA CYS A 388 27.31 25.67 -14.02
C CYS A 388 27.83 24.92 -12.80
N PHE A 389 29.10 25.14 -12.47
CA PHE A 389 29.74 24.52 -11.32
C PHE A 389 30.52 25.58 -10.55
N THR A 390 30.93 25.23 -9.33
CA THR A 390 31.67 26.12 -8.47
C THR A 390 32.95 25.45 -8.00
N ASN A 391 34.07 26.19 -8.07
CA ASN A 391 35.37 25.74 -7.56
C ASN A 391 35.80 24.42 -8.22
N VAL A 392 36.01 24.49 -9.53
CA VAL A 392 36.44 23.33 -10.32
C VAL A 392 37.84 23.61 -10.84
N TYR A 393 38.78 22.73 -10.52
CA TYR A 393 40.16 22.87 -10.95
C TYR A 393 40.66 21.53 -11.47
N ALA A 394 41.58 21.59 -12.43
CA ALA A 394 42.14 20.37 -13.02
C ALA A 394 43.35 19.93 -12.21
N ASP A 395 43.25 18.76 -11.60
CA ASP A 395 44.33 18.24 -10.77
C ASP A 395 45.55 17.92 -11.63
N SER A 396 46.74 18.13 -11.06
CA SER A 396 48.00 17.88 -11.75
C SER A 396 48.61 16.60 -11.19
N PHE A 397 48.41 15.49 -11.89
CA PHE A 397 49.00 14.22 -11.52
C PHE A 397 49.05 13.33 -12.76
N VAL A 398 50.16 12.61 -12.92
CA VAL A 398 50.42 11.81 -14.11
C VAL A 398 50.49 10.35 -13.69
N ILE A 399 49.65 9.51 -14.29
CA ILE A 399 49.56 8.09 -13.97
C ILE A 399 49.72 7.31 -15.27
N ARG A 400 50.06 6.03 -15.13
CA ARG A 400 50.24 5.17 -16.31
C ARG A 400 49.01 5.18 -17.20
N GLY A 401 47.82 5.14 -16.59
CA GLY A 401 46.60 5.20 -17.38
C GLY A 401 46.24 3.91 -18.08
N ASP A 402 46.83 2.78 -17.68
CA ASP A 402 46.53 1.49 -18.28
C ASP A 402 45.27 0.86 -17.71
N GLU A 403 44.64 1.47 -16.71
CA GLU A 403 43.43 0.97 -16.09
C GLU A 403 42.34 2.03 -16.27
N VAL A 404 41.65 1.99 -17.42
CA VAL A 404 40.60 2.97 -17.69
C VAL A 404 39.39 2.74 -16.79
N ARG A 405 39.03 1.48 -16.58
CA ARG A 405 37.85 1.18 -15.76
C ARG A 405 38.09 1.48 -14.29
N GLN A 406 39.35 1.44 -13.84
CA GLN A 406 39.64 1.72 -12.44
C GLN A 406 39.57 3.21 -12.12
N ILE A 407 39.91 4.07 -13.09
CA ILE A 407 39.84 5.51 -12.86
C ILE A 407 38.40 5.94 -12.61
N ALA A 408 37.46 5.40 -13.39
CA ALA A 408 36.06 5.69 -13.18
C ALA A 408 35.59 5.09 -11.86
N PRO A 409 34.63 5.75 -11.19
CA PRO A 409 34.16 5.22 -9.91
C PRO A 409 33.49 3.86 -10.06
N GLY A 410 33.62 3.05 -9.02
CA GLY A 410 33.03 1.72 -8.99
C GLY A 410 34.03 0.59 -8.92
N GLN A 411 35.32 0.88 -9.03
CA GLN A 411 36.35 -0.15 -8.98
C GLN A 411 37.56 0.36 -8.21
N THR A 412 38.12 -0.51 -7.37
CA THR A 412 39.35 -0.22 -6.64
C THR A 412 40.33 -1.35 -6.85
N GLY A 413 41.61 -1.02 -6.98
CA GLY A 413 42.63 -2.01 -7.23
C GLY A 413 43.88 -1.83 -6.39
N ASN A 414 44.95 -2.55 -6.75
CA ASN A 414 46.20 -2.43 -6.02
C ASN A 414 46.77 -1.02 -6.11
N ILE A 415 46.70 -0.42 -7.30
CA ILE A 415 47.14 0.96 -7.46
C ILE A 415 46.26 1.89 -6.61
N ALA A 416 44.96 1.61 -6.55
CA ALA A 416 44.09 2.36 -5.65
C ALA A 416 44.38 2.01 -4.19
N ASP A 417 44.80 0.77 -3.92
CA ASP A 417 45.10 0.38 -2.55
C ASP A 417 46.31 1.12 -2.00
N TYR A 418 47.33 1.35 -2.82
CA TYR A 418 48.59 1.89 -2.34
C TYR A 418 48.88 3.30 -2.85
N ASN A 419 48.87 3.51 -4.17
CA ASN A 419 49.29 4.79 -4.72
C ASN A 419 48.31 5.91 -4.39
N TYR A 420 47.07 5.77 -4.85
CA TYR A 420 46.05 6.79 -4.59
C TYR A 420 44.68 6.13 -4.66
N LYS A 421 43.91 6.25 -3.59
CA LYS A 421 42.62 5.59 -3.51
C LYS A 421 41.63 6.20 -4.50
N LEU A 422 40.87 5.33 -5.17
CA LEU A 422 39.80 5.74 -6.08
C LEU A 422 38.49 5.16 -5.57
N PRO A 423 37.72 5.91 -4.79
CA PRO A 423 36.50 5.36 -4.19
C PRO A 423 35.43 5.07 -5.24
N ASP A 424 34.52 4.17 -4.89
CA ASP A 424 33.45 3.77 -5.79
C ASP A 424 32.45 4.89 -6.06
N ASP A 425 32.47 5.98 -5.29
CA ASP A 425 31.56 7.11 -5.47
C ASP A 425 32.40 8.38 -5.54
N PHE A 426 32.85 8.73 -6.75
CA PHE A 426 33.63 9.93 -6.98
C PHE A 426 32.84 10.88 -7.86
N THR A 427 32.69 12.13 -7.41
CA THR A 427 31.94 13.11 -8.18
C THR A 427 32.71 13.62 -9.38
N GLY A 428 34.04 13.49 -9.38
CA GLY A 428 34.83 13.98 -10.50
C GLY A 428 34.64 13.14 -11.74
N CYS A 429 34.84 13.78 -12.88
CA CYS A 429 34.73 13.14 -14.18
C CYS A 429 36.11 12.81 -14.75
N VAL A 430 36.12 12.07 -15.86
CA VAL A 430 37.35 11.67 -16.52
C VAL A 430 37.59 12.59 -17.70
N ILE A 431 38.73 13.27 -17.69
CA ILE A 431 39.13 14.19 -18.75
C ILE A 431 40.51 13.79 -19.23
N ALA A 432 40.67 13.65 -20.55
CA ALA A 432 41.93 13.23 -21.13
C ALA A 432 42.13 13.92 -22.47
N TRP A 433 43.40 14.01 -22.88
CA TRP A 433 43.75 14.61 -24.16
C TRP A 433 45.04 13.98 -24.66
N ASN A 434 45.28 14.12 -25.96
CA ASN A 434 46.43 13.50 -26.62
C ASN A 434 47.69 14.30 -26.27
N SER A 435 48.33 13.90 -25.17
CA SER A 435 49.58 14.52 -24.74
C SER A 435 50.59 13.49 -24.25
N ASN A 436 50.41 12.22 -24.61
CA ASN A 436 51.32 11.18 -24.16
C ASN A 436 52.71 11.35 -24.75
N LYS A 437 52.78 11.74 -26.03
CA LYS A 437 54.08 11.85 -26.69
C LYS A 437 54.95 12.92 -26.03
N LEU A 438 54.36 14.06 -25.67
CA LEU A 438 55.14 15.13 -25.05
C LEU A 438 55.63 14.74 -23.67
N ASP A 439 54.76 14.14 -22.85
CA ASP A 439 55.14 13.81 -21.48
C ASP A 439 56.08 12.63 -21.42
N SER A 440 55.81 11.58 -22.21
CA SER A 440 56.63 10.38 -22.16
C SER A 440 57.98 10.61 -22.83
N LYS A 441 58.98 9.86 -22.37
CA LYS A 441 60.32 9.96 -22.93
C LYS A 441 60.82 8.59 -23.38
N GLY A 444 65.46 2.06 -16.46
CA GLY A 444 66.24 3.15 -17.02
C GLY A 444 65.83 4.51 -16.52
N ASN A 445 64.93 5.16 -17.26
CA ASN A 445 64.44 6.48 -16.90
C ASN A 445 63.32 6.32 -15.88
N TYR A 446 63.65 6.54 -14.60
CA TYR A 446 62.72 6.38 -13.49
C TYR A 446 62.42 7.69 -12.79
N ASN A 447 62.45 8.81 -13.54
CA ASN A 447 62.19 10.11 -12.94
C ASN A 447 60.77 10.21 -12.40
N TYR A 448 59.83 9.49 -12.99
CA TYR A 448 58.43 9.51 -12.55
C TYR A 448 58.24 8.40 -11.50
N LEU A 449 58.66 8.71 -10.28
CA LEU A 449 58.56 7.74 -9.19
C LEU A 449 57.10 7.50 -8.83
N TYR A 450 56.78 6.24 -8.49
CA TYR A 450 55.45 5.86 -8.06
C TYR A 450 55.55 4.93 -6.86
N ARG A 451 54.64 5.10 -5.90
CA ARG A 451 54.64 4.33 -4.65
C ARG A 451 53.78 3.09 -4.83
N LEU A 452 54.43 1.98 -5.19
CA LEU A 452 53.69 0.73 -5.35
C LEU A 452 53.31 0.13 -4.00
N PHE A 453 54.16 0.30 -2.99
CA PHE A 453 53.93 -0.29 -1.68
C PHE A 453 53.78 0.81 -0.63
N ARG A 454 52.87 0.58 0.32
CA ARG A 454 52.58 1.51 1.39
C ARG A 454 52.26 0.71 2.64
N LYS A 455 51.97 1.42 3.74
CA LYS A 455 51.65 0.75 4.99
C LYS A 455 50.38 -0.09 4.87
N SER A 456 49.32 0.51 4.32
CA SER A 456 48.03 -0.14 4.15
C SER A 456 47.21 0.71 3.19
N ASN A 457 45.92 0.38 3.07
CA ASN A 457 45.02 1.18 2.25
C ASN A 457 44.87 2.58 2.84
N LEU A 458 44.67 3.56 1.97
CA LEU A 458 44.57 4.95 2.36
C LEU A 458 43.21 5.51 1.99
N LYS A 459 42.69 6.39 2.85
CA LYS A 459 41.43 7.06 2.57
C LYS A 459 41.63 8.11 1.48
N PRO A 460 40.56 8.51 0.80
CA PRO A 460 40.69 9.54 -0.23
C PRO A 460 41.26 10.83 0.33
N PHE A 461 42.05 11.51 -0.50
CA PHE A 461 42.79 12.75 -0.23
C PHE A 461 44.02 12.49 0.64
N GLU A 462 44.25 11.26 1.10
CA GLU A 462 45.47 10.92 1.84
C GLU A 462 46.56 10.48 0.86
N ARG A 463 46.99 11.43 0.03
CA ARG A 463 47.96 11.15 -0.99
C ARG A 463 49.34 10.90 -0.38
N ASP A 464 50.18 10.19 -1.13
CA ASP A 464 51.53 9.84 -0.68
C ASP A 464 52.47 10.97 -1.05
N ILE A 465 52.92 11.73 -0.05
CA ILE A 465 53.87 12.81 -0.23
C ILE A 465 55.21 12.49 0.44
N SER A 466 55.16 12.13 1.72
CA SER A 466 56.36 11.73 2.45
C SER A 466 56.54 10.22 2.32
N THR A 467 57.66 9.80 1.75
CA THR A 467 57.91 8.38 1.51
C THR A 467 58.22 7.68 2.82
N GLU A 468 57.35 6.77 3.23
CA GLU A 468 57.54 5.95 4.43
C GLU A 468 57.48 4.49 3.98
N ILE A 469 58.66 3.86 3.89
CA ILE A 469 58.74 2.50 3.38
C ILE A 469 58.15 1.52 4.39
N TYR A 470 57.77 0.34 3.88
CA TYR A 470 57.11 -0.66 4.69
C TYR A 470 58.06 -1.24 5.73
N GLN A 471 57.55 -1.43 6.95
CA GLN A 471 58.29 -2.01 8.05
C GLN A 471 57.64 -3.33 8.44
N ALA A 472 58.42 -4.41 8.41
CA ALA A 472 57.92 -5.74 8.72
C ALA A 472 58.91 -6.49 9.59
N GLY A 473 59.46 -5.82 10.60
CA GLY A 473 60.42 -6.46 11.49
C GLY A 473 60.57 -5.69 12.77
N ASN A 474 61.37 -6.26 13.68
CA ASN A 474 61.63 -5.60 14.96
C ASN A 474 62.37 -4.29 14.74
N LYS A 475 63.33 -4.26 13.84
CA LYS A 475 64.06 -3.03 13.57
C LYS A 475 63.48 -2.32 12.34
N PRO A 476 63.35 -1.00 12.40
CA PRO A 476 62.90 -0.25 11.22
C PRO A 476 63.93 -0.29 10.11
N CYS A 477 63.45 -0.21 8.87
CA CYS A 477 64.34 -0.16 7.71
C CYS A 477 65.21 1.09 7.78
N ASN A 478 66.52 0.91 7.93
CA ASN A 478 67.46 2.00 8.14
C ASN A 478 68.52 1.97 7.05
N GLY A 479 68.22 2.61 5.92
CA GLY A 479 69.20 2.82 4.87
C GLY A 479 69.51 1.62 4.01
N VAL A 480 68.84 0.50 4.20
CA VAL A 480 69.09 -0.71 3.44
C VAL A 480 67.80 -1.18 2.79
N ALA A 481 67.87 -1.56 1.52
CA ALA A 481 66.72 -2.12 0.80
C ALA A 481 66.78 -3.64 0.86
N GLY A 482 66.67 -4.15 2.08
CA GLY A 482 66.79 -5.57 2.33
C GLY A 482 65.51 -6.33 1.99
N PHE A 483 65.52 -7.61 2.36
CA PHE A 483 64.38 -8.46 2.10
C PHE A 483 63.16 -8.00 2.87
N ASN A 484 61.99 -8.11 2.24
CA ASN A 484 60.68 -7.67 2.73
C ASN A 484 60.60 -6.16 2.90
N CYS A 485 61.61 -5.42 2.46
CA CYS A 485 61.61 -3.95 2.55
C CYS A 485 61.84 -3.41 1.14
N TYR A 486 60.89 -2.63 0.65
CA TYR A 486 60.90 -2.18 -0.74
C TYR A 486 61.02 -0.66 -0.81
N PHE A 487 61.67 -0.19 -1.87
CA PHE A 487 61.85 1.22 -2.15
C PHE A 487 61.10 1.61 -3.42
N PRO A 488 60.58 2.84 -3.50
CA PRO A 488 59.87 3.27 -4.71
C PRO A 488 60.78 3.51 -5.91
N LEU A 489 62.10 3.38 -5.74
CA LEU A 489 63.05 3.67 -6.81
C LEU A 489 63.10 2.48 -7.77
N ARG A 490 62.30 2.58 -8.83
CA ARG A 490 62.30 1.59 -9.90
C ARG A 490 61.86 2.27 -11.19
N SER A 491 62.26 1.68 -12.32
CA SER A 491 61.91 2.21 -13.62
C SER A 491 60.40 2.22 -13.81
N TYR A 492 59.89 3.25 -14.48
CA TYR A 492 58.47 3.41 -14.73
C TYR A 492 58.05 2.87 -16.09
N SER A 493 58.83 1.93 -16.63
CA SER A 493 58.54 1.27 -17.91
C SER A 493 58.46 2.29 -19.04
N PHE A 494 59.58 2.98 -19.28
CA PHE A 494 59.69 3.93 -20.38
C PHE A 494 60.23 3.28 -21.65
N ARG A 495 60.57 1.99 -21.61
CA ARG A 495 61.15 1.33 -22.76
C ARG A 495 60.12 1.22 -23.89
N PRO A 496 60.58 1.28 -25.14
CA PRO A 496 59.66 1.16 -26.28
C PRO A 496 59.23 -0.26 -26.61
N THR A 497 59.48 -1.23 -25.72
CA THR A 497 59.05 -2.60 -25.96
C THR A 497 57.54 -2.75 -25.98
N TYR A 498 56.81 -1.75 -25.46
CA TYR A 498 55.35 -1.74 -25.42
C TYR A 498 54.83 -0.47 -26.07
N GLY A 499 55.32 -0.18 -27.28
CA GLY A 499 55.07 1.06 -27.97
C GLY A 499 53.62 1.36 -28.26
N VAL A 500 52.73 0.35 -28.22
CA VAL A 500 51.31 0.61 -28.38
C VAL A 500 50.83 1.57 -27.29
N GLY A 501 50.91 1.12 -26.02
CA GLY A 501 50.91 2.05 -24.92
C GLY A 501 51.19 1.42 -23.58
N HIS A 502 52.22 1.92 -22.90
CA HIS A 502 52.45 1.67 -21.49
C HIS A 502 52.94 2.89 -20.73
N GLN A 503 53.37 3.93 -21.44
CA GLN A 503 53.95 5.11 -20.82
C GLN A 503 52.87 5.91 -20.09
N PRO A 504 53.26 6.73 -19.11
CA PRO A 504 52.26 7.50 -18.34
C PRO A 504 51.45 8.42 -19.23
N TYR A 505 50.12 8.27 -19.14
CA TYR A 505 49.18 9.08 -19.88
C TYR A 505 48.46 10.00 -18.90
N ARG A 506 48.43 11.29 -19.20
CA ARG A 506 47.90 12.29 -18.27
C ARG A 506 46.40 12.13 -18.15
N VAL A 507 45.95 11.57 -17.02
CA VAL A 507 44.53 11.46 -16.69
C VAL A 507 44.27 12.43 -15.55
N VAL A 508 43.32 13.34 -15.77
CA VAL A 508 43.03 14.42 -14.83
C VAL A 508 41.57 14.32 -14.41
N VAL A 509 41.34 14.35 -13.09
CA VAL A 509 39.99 14.36 -12.53
C VAL A 509 39.75 15.72 -11.91
N LEU A 510 38.55 16.27 -12.13
CA LEU A 510 38.19 17.61 -11.69
C LEU A 510 37.10 17.53 -10.63
N SER A 511 37.34 18.17 -9.49
CA SER A 511 36.35 18.21 -8.43
C SER A 511 35.11 18.98 -8.88
N PHE A 512 33.94 18.52 -8.44
CA PHE A 512 32.67 19.09 -8.87
C PHE A 512 31.81 19.43 -7.67
N GLU A 513 31.13 20.57 -7.75
CA GLU A 513 30.15 21.00 -6.77
C GLU A 513 28.84 21.31 -7.49
N LEU A 514 27.72 20.88 -6.90
CA LEU A 514 26.42 20.95 -7.54
C LEU A 514 25.56 21.98 -6.81
N LEU A 515 25.70 23.24 -7.23
CA LEU A 515 24.83 24.34 -6.81
C LEU A 515 24.80 24.52 -5.30
N HIS A 516 25.88 24.16 -4.61
CA HIS A 516 25.96 24.43 -3.18
C HIS A 516 26.20 25.91 -2.92
N ALA A 517 26.78 26.61 -3.89
CA ALA A 517 27.08 28.03 -3.82
C ALA A 517 26.66 28.67 -5.13
N PRO A 518 26.55 30.00 -5.16
CA PRO A 518 26.26 30.67 -6.44
C PRO A 518 27.31 30.31 -7.49
N ALA A 519 26.84 30.18 -8.73
CA ALA A 519 27.67 29.63 -9.81
C ALA A 519 28.96 30.44 -9.97
N THR A 520 30.08 29.73 -10.08
CA THR A 520 31.39 30.33 -10.19
C THR A 520 32.00 30.17 -11.57
N VAL A 521 32.07 28.95 -12.09
CA VAL A 521 32.69 28.67 -13.38
C VAL A 521 31.67 28.00 -14.29
N CYS A 522 31.36 28.68 -15.41
CA CYS A 522 30.54 28.16 -16.50
C CYS A 522 30.48 29.23 -17.58
N GLY A 523 30.13 28.80 -18.80
CA GLY A 523 30.09 29.68 -19.94
C GLY A 523 28.99 30.72 -19.82
N PRO A 524 29.19 31.86 -20.48
CA PRO A 524 28.20 32.94 -20.40
C PRO A 524 27.01 32.70 -21.32
N LYS A 525 25.88 33.26 -20.93
CA LYS A 525 24.65 33.20 -21.72
C LYS A 525 24.09 34.60 -21.88
N LYS A 526 23.28 34.78 -22.92
CA LYS A 526 22.73 36.08 -23.27
C LYS A 526 21.78 36.56 -22.19
N SER A 527 22.21 37.53 -21.39
CA SER A 527 21.36 38.11 -20.37
C SER A 527 20.23 38.92 -21.01
N THR A 528 19.04 38.83 -20.43
CA THR A 528 17.87 39.52 -20.95
C THR A 528 17.16 40.22 -19.80
N ASN A 529 16.58 41.39 -20.11
CA ASN A 529 15.88 42.17 -19.10
C ASN A 529 14.68 41.40 -18.56
N LEU A 530 14.45 41.51 -17.26
CA LEU A 530 13.34 40.83 -16.62
C LEU A 530 12.01 41.53 -16.95
N VAL A 531 10.94 40.74 -16.94
CA VAL A 531 9.61 41.23 -17.24
C VAL A 531 8.72 41.06 -16.01
N LYS A 532 7.58 41.75 -16.02
CA LYS A 532 6.66 41.74 -14.90
C LYS A 532 5.27 41.35 -15.35
N ASN A 533 4.53 40.68 -14.46
CA ASN A 533 3.13 40.33 -14.65
C ASN A 533 2.92 39.44 -15.88
N LYS A 534 3.91 38.63 -16.23
CA LYS A 534 3.81 37.73 -17.37
C LYS A 534 4.32 36.35 -17.00
N CYS A 535 3.54 35.33 -17.33
CA CYS A 535 3.98 33.94 -17.16
C CYS A 535 5.11 33.66 -18.13
N VAL A 536 6.34 33.61 -17.61
CA VAL A 536 7.54 33.50 -18.45
C VAL A 536 8.48 32.46 -17.82
N ASN A 537 9.46 32.04 -18.61
CA ASN A 537 10.51 31.14 -18.13
C ASN A 537 11.64 31.99 -17.57
N PHE A 538 11.72 32.05 -16.24
CA PHE A 538 12.80 32.78 -15.58
C PHE A 538 13.97 31.85 -15.31
N ASN A 539 15.17 32.36 -15.53
CA ASN A 539 16.41 31.59 -15.34
C ASN A 539 17.33 32.31 -14.36
N PHE A 540 16.77 32.77 -13.24
CA PHE A 540 17.55 33.49 -12.25
C PHE A 540 18.60 32.56 -11.62
N ASN A 541 19.84 33.03 -11.56
CA ASN A 541 20.95 32.30 -10.95
C ASN A 541 21.17 30.92 -11.56
N GLY A 542 20.72 30.72 -12.81
CA GLY A 542 20.88 29.43 -13.45
C GLY A 542 19.88 28.38 -13.03
N LEU A 543 18.85 28.74 -12.29
CA LEU A 543 17.83 27.80 -11.82
C LEU A 543 16.63 27.86 -12.75
N LYS A 544 16.20 26.70 -13.26
CA LYS A 544 15.04 26.63 -14.13
C LYS A 544 13.77 26.93 -13.36
N GLY A 545 12.81 27.55 -14.04
CA GLY A 545 11.52 27.85 -13.43
C GLY A 545 10.59 28.48 -14.43
N THR A 546 9.32 28.55 -14.05
CA THR A 546 8.28 29.15 -14.87
C THR A 546 7.24 29.77 -13.96
N GLY A 547 6.99 31.06 -14.12
CA GLY A 547 6.02 31.73 -13.27
C GLY A 547 5.90 33.19 -13.62
N VAL A 548 5.19 33.91 -12.77
CA VAL A 548 4.94 35.34 -12.94
C VAL A 548 5.82 36.09 -11.95
N LEU A 549 6.62 37.03 -12.46
CA LEU A 549 7.51 37.83 -11.64
C LEU A 549 6.86 39.17 -11.33
N THR A 550 6.83 39.54 -10.05
CA THR A 550 6.24 40.79 -9.60
C THR A 550 7.11 41.38 -8.49
N GLU A 551 6.84 42.64 -8.17
CA GLU A 551 7.55 43.29 -7.09
C GLU A 551 7.15 42.69 -5.75
N SER A 552 8.11 42.66 -4.82
CA SER A 552 7.89 42.08 -3.50
C SER A 552 8.54 42.96 -2.44
N ASN A 553 8.11 42.76 -1.19
CA ASN A 553 8.64 43.49 -0.06
C ASN A 553 9.28 42.54 0.96
N LYS A 554 9.78 41.40 0.49
CA LYS A 554 10.44 40.42 1.36
C LYS A 554 11.80 40.97 1.77
N LYS A 555 11.91 41.44 3.01
CA LYS A 555 13.13 42.09 3.47
C LYS A 555 14.24 41.08 3.68
N PHE A 556 14.97 40.76 2.62
CA PHE A 556 16.09 39.83 2.74
C PHE A 556 17.22 40.47 3.55
N LEU A 557 17.97 39.62 4.25
CA LEU A 557 19.17 40.07 4.90
C LEU A 557 20.25 40.35 3.86
N PRO A 558 21.28 41.13 4.22
CA PRO A 558 22.33 41.45 3.24
C PRO A 558 22.93 40.25 2.56
N PHE A 559 23.10 39.13 3.27
CA PHE A 559 23.65 37.93 2.67
C PHE A 559 22.58 37.00 2.10
N GLN A 560 21.35 37.09 2.60
CA GLN A 560 20.30 36.19 2.14
C GLN A 560 19.97 36.42 0.67
N GLN A 561 19.74 35.32 -0.05
CA GLN A 561 19.44 35.36 -1.47
C GLN A 561 18.07 34.81 -1.82
N PHE A 562 17.76 33.60 -1.37
CA PHE A 562 16.56 32.90 -1.81
C PHE A 562 15.40 33.21 -0.86
N GLY A 563 14.31 32.46 -1.02
CA GLY A 563 13.15 32.60 -0.14
C GLY A 563 12.29 31.36 -0.23
N ARG A 564 11.61 31.05 0.87
CA ARG A 564 10.80 29.85 0.95
C ARG A 564 9.62 30.10 1.88
N ASP A 565 8.65 29.19 1.81
CA ASP A 565 7.46 29.25 2.66
C ASP A 565 7.27 27.94 3.41
N ILE A 566 6.11 27.78 4.04
CA ILE A 566 5.81 26.57 4.80
C ILE A 566 5.78 25.33 3.91
N ALA A 567 5.53 25.50 2.61
CA ALA A 567 5.45 24.39 1.67
C ALA A 567 6.81 23.98 1.12
N ASP A 568 7.90 24.33 1.81
CA ASP A 568 9.27 24.04 1.40
C ASP A 568 9.52 24.22 -0.09
N THR A 569 8.99 25.31 -0.65
CA THR A 569 9.18 25.64 -2.05
C THR A 569 9.55 27.12 -2.16
N THR A 570 10.18 27.46 -3.28
CA THR A 570 10.64 28.83 -3.49
C THR A 570 9.47 29.80 -3.56
N ASP A 571 9.65 30.98 -2.99
CA ASP A 571 8.62 32.02 -2.97
C ASP A 571 9.12 33.40 -3.38
N ALA A 572 10.41 33.67 -3.29
CA ALA A 572 10.95 34.97 -3.65
C ALA A 572 12.38 34.80 -4.14
N VAL A 573 12.86 35.80 -4.88
CA VAL A 573 14.22 35.77 -5.41
C VAL A 573 14.70 37.21 -5.56
N ARG A 574 16.00 37.41 -5.42
CA ARG A 574 16.63 38.71 -5.55
C ARG A 574 17.32 38.82 -6.90
N ASP A 575 17.26 40.02 -7.48
CA ASP A 575 17.83 40.23 -8.81
C ASP A 575 19.35 40.05 -8.76
N PRO A 576 19.92 39.23 -9.64
CA PRO A 576 21.38 39.04 -9.62
C PRO A 576 22.17 40.29 -9.95
N GLN A 577 21.57 41.27 -10.63
CA GLN A 577 22.27 42.47 -11.06
C GLN A 577 21.97 43.67 -10.18
N THR A 578 20.71 44.02 -10.02
CA THR A 578 20.30 45.14 -9.18
C THR A 578 19.81 44.62 -7.83
N LEU A 579 19.76 45.54 -6.87
CA LEU A 579 19.34 45.19 -5.51
C LEU A 579 17.81 45.34 -5.39
N GLU A 580 17.12 44.45 -6.11
CA GLU A 580 15.67 44.41 -6.12
C GLU A 580 15.20 43.02 -5.72
N ILE A 581 14.05 42.98 -5.04
CA ILE A 581 13.48 41.76 -4.51
C ILE A 581 12.15 41.48 -5.22
N LEU A 582 12.00 40.26 -5.73
CA LEU A 582 10.80 39.85 -6.44
C LEU A 582 10.32 38.51 -5.89
N ASP A 583 9.00 38.32 -5.93
CA ASP A 583 8.39 37.08 -5.45
C ASP A 583 7.95 36.24 -6.64
N ILE A 584 8.32 34.97 -6.64
CA ILE A 584 8.02 34.05 -7.73
C ILE A 584 6.69 33.37 -7.45
N THR A 585 5.78 33.41 -8.41
CA THR A 585 4.51 32.71 -8.32
C THR A 585 4.11 32.21 -9.71
N PRO A 586 3.62 30.98 -9.81
CA PRO A 586 3.19 30.47 -11.11
C PRO A 586 1.88 31.11 -11.56
N CYS A 587 1.73 31.18 -12.88
CA CYS A 587 0.53 31.74 -13.47
C CYS A 587 -0.66 30.79 -13.32
N SER A 588 -1.85 31.32 -13.60
CA SER A 588 -3.09 30.71 -13.14
C SER A 588 -3.35 29.36 -13.80
N PHE A 589 -4.14 28.54 -13.10
CA PHE A 589 -4.56 27.23 -13.57
C PHE A 589 -5.84 26.86 -12.84
N GLY A 590 -6.41 25.71 -13.18
CA GLY A 590 -7.62 25.25 -12.52
C GLY A 590 -8.21 24.04 -13.21
N GLY A 591 -9.47 23.76 -12.90
CA GLY A 591 -10.17 22.63 -13.47
C GLY A 591 -11.37 23.03 -14.28
N VAL A 592 -11.85 22.13 -15.15
CA VAL A 592 -12.95 22.40 -16.06
C VAL A 592 -14.04 21.36 -15.82
N SER A 593 -15.28 21.82 -15.66
CA SER A 593 -16.43 20.95 -15.50
C SER A 593 -17.45 21.27 -16.59
N VAL A 594 -18.04 20.24 -17.17
CA VAL A 594 -19.00 20.38 -18.27
C VAL A 594 -20.38 20.03 -17.76
N ILE A 595 -21.33 20.93 -17.98
CA ILE A 595 -22.72 20.73 -17.58
C ILE A 595 -23.55 20.52 -18.83
N THR A 596 -24.23 19.37 -18.91
CA THR A 596 -25.05 19.05 -20.07
C THR A 596 -26.38 18.48 -19.62
N PRO A 597 -27.47 18.79 -20.34
CA PRO A 597 -28.77 18.19 -20.01
C PRO A 597 -28.93 16.76 -20.48
N GLY A 598 -27.99 16.24 -21.26
CA GLY A 598 -28.09 14.89 -21.79
C GLY A 598 -28.18 14.88 -23.30
N THR A 599 -27.46 13.95 -23.93
CA THR A 599 -27.46 13.88 -25.39
C THR A 599 -28.82 13.48 -25.95
N ASN A 600 -29.68 12.86 -25.14
CA ASN A 600 -31.01 12.48 -25.60
C ASN A 600 -31.94 13.68 -25.76
N THR A 601 -31.55 14.86 -25.25
CA THR A 601 -32.38 16.05 -25.33
C THR A 601 -31.77 17.11 -26.22
N SER A 602 -30.54 17.53 -25.96
CA SER A 602 -29.90 18.57 -26.76
C SER A 602 -28.38 18.44 -26.61
N ASN A 603 -27.67 19.08 -27.54
CA ASN A 603 -26.22 19.10 -27.52
C ASN A 603 -25.65 20.38 -26.90
N GLN A 604 -26.50 21.27 -26.40
CA GLN A 604 -26.02 22.48 -25.75
C GLN A 604 -25.35 22.13 -24.43
N VAL A 605 -24.27 22.84 -24.10
CA VAL A 605 -23.50 22.60 -22.89
C VAL A 605 -23.14 23.93 -22.25
N ALA A 606 -22.78 23.87 -20.97
CA ALA A 606 -22.25 24.99 -20.22
C ALA A 606 -20.96 24.56 -19.54
N VAL A 607 -20.00 25.48 -19.50
CA VAL A 607 -18.66 25.20 -19.00
C VAL A 607 -18.44 25.97 -17.71
N LEU A 608 -17.98 25.28 -16.68
CA LEU A 608 -17.69 25.88 -15.39
C LEU A 608 -16.19 25.85 -15.14
N TYR A 609 -15.62 27.02 -14.87
CA TYR A 609 -14.21 27.15 -14.51
C TYR A 609 -14.10 27.32 -13.01
N GLN A 610 -13.32 26.47 -12.36
CA GLN A 610 -13.29 26.38 -10.91
C GLN A 610 -12.14 27.21 -10.34
N GLY A 611 -12.47 28.08 -9.38
CA GLY A 611 -11.46 28.78 -8.63
C GLY A 611 -10.71 29.87 -9.38
N VAL A 612 -11.26 30.37 -10.48
CA VAL A 612 -10.63 31.42 -11.26
C VAL A 612 -11.65 32.52 -11.54
N ASN A 613 -11.22 33.77 -11.43
CA ASN A 613 -12.08 34.89 -11.76
C ASN A 613 -12.34 34.94 -13.26
N CYS A 614 -13.46 35.56 -13.63
CA CYS A 614 -13.86 35.61 -15.04
C CYS A 614 -12.90 36.44 -15.88
N THR A 615 -12.27 37.45 -15.28
CA THR A 615 -11.38 38.32 -16.05
C THR A 615 -10.14 37.59 -16.53
N GLU A 616 -9.57 36.72 -15.70
CA GLU A 616 -8.30 36.08 -16.05
C GLU A 616 -8.46 35.17 -17.26
N VAL A 617 -9.54 34.40 -17.33
CA VAL A 617 -9.72 33.45 -18.42
C VAL A 617 -11.07 33.71 -19.09
N PRO A 618 -11.15 34.66 -20.01
CA PRO A 618 -12.37 34.86 -20.80
C PRO A 618 -12.44 33.82 -21.93
N VAL A 619 -13.47 33.97 -22.76
CA VAL A 619 -13.68 33.07 -23.90
C VAL A 619 -13.07 33.63 -25.17
N ALA A 620 -12.39 34.77 -25.10
CA ALA A 620 -11.78 35.38 -26.27
C ALA A 620 -10.26 35.24 -26.29
N ILE A 621 -9.67 34.61 -25.29
CA ILE A 621 -8.22 34.44 -25.22
C ILE A 621 -7.85 33.16 -25.96
N HIS A 622 -7.04 33.30 -27.02
CA HIS A 622 -6.55 32.16 -27.79
C HIS A 622 -5.10 32.34 -28.20
N ALA A 623 -4.36 33.24 -27.53
CA ALA A 623 -2.99 33.52 -27.93
C ALA A 623 -2.04 32.40 -27.50
N ASP A 624 -1.95 32.15 -26.19
CA ASP A 624 -1.06 31.10 -25.69
C ASP A 624 -1.72 30.50 -24.44
N GLN A 625 -2.48 29.42 -24.66
CA GLN A 625 -3.13 28.68 -23.58
C GLN A 625 -3.25 27.23 -24.03
N LEU A 626 -3.66 26.39 -23.09
CA LEU A 626 -4.10 25.04 -23.43
C LEU A 626 -5.48 25.15 -24.10
N THR A 627 -6.07 24.00 -24.41
CA THR A 627 -7.44 23.91 -24.92
C THR A 627 -7.60 24.72 -26.21
N PRO A 628 -7.05 24.24 -27.33
CA PRO A 628 -7.03 25.05 -28.55
C PRO A 628 -8.41 25.34 -29.14
N THR A 629 -9.16 24.31 -29.49
CA THR A 629 -10.46 24.48 -30.13
C THR A 629 -11.52 25.00 -29.16
N TRP A 630 -11.19 25.03 -27.86
CA TRP A 630 -12.08 25.50 -26.80
C TRP A 630 -12.24 27.02 -26.88
N ARG A 631 -13.15 27.45 -27.75
CA ARG A 631 -13.49 28.86 -27.87
C ARG A 631 -14.66 29.25 -26.97
N VAL A 632 -15.60 28.32 -26.75
CA VAL A 632 -16.80 28.55 -25.94
C VAL A 632 -17.53 29.76 -26.50
N TYR A 633 -17.43 29.96 -27.82
CA TYR A 633 -18.08 31.05 -28.55
C TYR A 633 -17.61 32.38 -27.93
N SER A 634 -18.51 33.26 -27.52
CA SER A 634 -18.12 34.58 -27.03
C SER A 634 -19.13 35.00 -25.96
N THR A 635 -19.16 36.30 -25.66
CA THR A 635 -20.02 36.87 -24.64
C THR A 635 -21.49 36.95 -25.05
N GLY A 636 -21.90 36.31 -26.14
CA GLY A 636 -23.32 36.31 -26.50
C GLY A 636 -24.18 35.75 -25.39
N SER A 637 -23.72 34.69 -24.73
CA SER A 637 -24.32 34.18 -23.51
C SER A 637 -23.57 34.79 -22.34
N ASN A 638 -24.31 35.48 -21.45
CA ASN A 638 -23.67 36.23 -20.38
C ASN A 638 -22.88 35.32 -19.45
N VAL A 639 -21.77 35.84 -18.95
CA VAL A 639 -20.93 35.12 -18.00
C VAL A 639 -21.37 35.49 -16.60
N PHE A 640 -21.56 34.48 -15.76
CA PHE A 640 -22.03 34.65 -14.39
C PHE A 640 -20.94 34.22 -13.42
N GLN A 641 -20.65 35.07 -12.44
CA GLN A 641 -19.60 34.82 -11.47
C GLN A 641 -20.22 34.20 -10.22
N THR A 642 -19.76 33.01 -9.86
CA THR A 642 -20.23 32.29 -8.69
C THR A 642 -19.11 32.15 -7.68
N ARG A 643 -19.45 31.63 -6.51
CA ARG A 643 -18.45 31.38 -5.48
C ARG A 643 -17.50 30.27 -5.92
N ALA A 644 -18.01 29.25 -6.60
CA ALA A 644 -17.16 28.18 -7.10
C ALA A 644 -16.18 28.69 -8.16
N GLY A 645 -16.66 29.56 -9.05
CA GLY A 645 -15.81 30.11 -10.09
C GLY A 645 -16.56 30.91 -11.12
N CYS A 646 -16.21 30.73 -12.40
CA CYS A 646 -16.85 31.44 -13.51
C CYS A 646 -17.65 30.44 -14.33
N LEU A 647 -18.93 30.72 -14.52
CA LEU A 647 -19.82 29.87 -15.30
C LEU A 647 -20.12 30.56 -16.63
N ILE A 648 -19.81 29.89 -17.73
CA ILE A 648 -19.98 30.44 -19.07
C ILE A 648 -20.88 29.52 -19.88
N GLY A 649 -21.89 30.10 -20.51
CA GLY A 649 -22.82 29.35 -21.35
C GLY A 649 -24.25 29.31 -20.84
N ALA A 650 -24.52 29.83 -19.65
CA ALA A 650 -25.87 29.79 -19.09
C ALA A 650 -26.28 31.20 -18.67
N GLU A 651 -27.60 31.42 -18.65
CA GLU A 651 -28.18 32.71 -18.29
C GLU A 651 -28.68 32.66 -16.86
N TYR A 652 -28.36 33.70 -16.08
CA TYR A 652 -28.73 33.77 -14.67
C TYR A 652 -30.08 34.47 -14.55
N VAL A 653 -31.12 33.68 -14.29
CA VAL A 653 -32.46 34.23 -14.06
C VAL A 653 -32.56 34.68 -12.62
N ASN A 654 -33.61 35.43 -12.29
CA ASN A 654 -33.84 35.92 -10.93
C ASN A 654 -35.00 35.19 -10.25
N ASN A 655 -35.34 34.00 -10.73
CA ASN A 655 -36.38 33.19 -10.13
C ASN A 655 -35.76 32.12 -9.24
N SER A 656 -36.59 31.23 -8.71
CA SER A 656 -36.12 30.14 -7.87
C SER A 656 -36.94 28.88 -8.15
N TYR A 657 -36.25 27.75 -8.24
CA TYR A 657 -36.88 26.46 -8.46
C TYR A 657 -36.14 25.41 -7.65
N GLU A 658 -36.63 24.18 -7.69
CA GLU A 658 -35.94 23.07 -7.05
C GLU A 658 -34.65 22.77 -7.80
N CYS A 659 -33.61 22.37 -7.06
CA CYS A 659 -32.31 22.13 -7.66
C CYS A 659 -32.36 20.91 -8.57
N ASP A 660 -31.74 21.04 -9.74
CA ASP A 660 -31.66 19.95 -10.72
C ASP A 660 -30.22 19.47 -10.91
N ILE A 661 -29.31 20.36 -11.26
CA ILE A 661 -27.89 20.02 -11.39
C ILE A 661 -27.10 20.86 -10.39
N PRO A 662 -26.57 20.26 -9.33
CA PRO A 662 -25.88 21.03 -8.28
C PRO A 662 -24.54 21.55 -8.75
N ILE A 663 -24.45 22.87 -8.94
CA ILE A 663 -23.17 23.49 -9.28
C ILE A 663 -22.35 23.77 -8.03
N GLY A 664 -22.97 24.34 -7.01
CA GLY A 664 -22.28 24.62 -5.77
C GLY A 664 -22.60 25.99 -5.19
N ALA A 665 -22.45 26.11 -3.87
CA ALA A 665 -22.69 27.36 -3.16
C ALA A 665 -24.10 27.90 -3.38
N GLY A 666 -25.09 27.00 -3.44
CA GLY A 666 -26.47 27.40 -3.59
C GLY A 666 -26.93 27.70 -5.00
N ILE A 667 -26.09 27.46 -6.01
CA ILE A 667 -26.42 27.71 -7.39
C ILE A 667 -26.69 26.39 -8.08
N CYS A 668 -27.80 26.31 -8.82
CA CYS A 668 -28.16 25.11 -9.57
C CYS A 668 -28.56 25.51 -10.99
N ALA A 669 -28.46 24.55 -11.89
CA ALA A 669 -28.75 24.78 -13.30
C ALA A 669 -29.70 23.70 -13.82
N SER A 670 -30.47 24.05 -14.84
CA SER A 670 -31.40 23.12 -15.45
C SER A 670 -31.72 23.58 -16.86
N TYR A 671 -32.30 22.69 -17.64
CA TYR A 671 -32.71 22.95 -19.02
C TYR A 671 -34.20 23.28 -19.02
N GLN A 672 -34.52 24.57 -19.08
CA GLN A 672 -35.90 25.03 -19.00
C GLN A 672 -36.14 26.07 -20.07
N THR A 673 -37.42 26.37 -20.29
CA THR A 673 -37.83 27.39 -21.26
C THR A 673 -37.54 28.79 -20.73
N SER A 686 -35.84 30.01 -27.15
CA SER A 686 -36.92 29.16 -26.67
C SER A 686 -36.44 28.29 -25.51
N GLN A 687 -35.56 27.34 -25.81
CA GLN A 687 -35.00 26.43 -24.82
C GLN A 687 -33.52 26.71 -24.65
N SER A 688 -33.10 26.88 -23.39
CA SER A 688 -31.70 27.17 -23.09
C SER A 688 -31.40 26.72 -21.68
N ILE A 689 -30.13 26.79 -21.31
CA ILE A 689 -29.67 26.40 -19.98
C ILE A 689 -29.66 27.64 -19.10
N ILE A 690 -30.32 27.55 -17.94
CA ILE A 690 -30.46 28.68 -17.04
C ILE A 690 -29.81 28.34 -15.70
N ALA A 691 -29.36 29.37 -15.00
CA ALA A 691 -28.80 29.24 -13.67
C ALA A 691 -29.59 30.12 -12.70
N TYR A 692 -29.82 29.60 -11.50
CA TYR A 692 -30.65 30.28 -10.52
C TYR A 692 -30.18 29.91 -9.12
N THR A 693 -30.95 30.31 -8.12
CA THR A 693 -30.70 29.98 -6.73
C THR A 693 -31.80 29.05 -6.24
N MET A 694 -31.41 27.92 -5.65
CA MET A 694 -32.39 26.92 -5.24
C MET A 694 -33.30 27.45 -4.13
N SER A 695 -34.52 26.94 -4.11
CA SER A 695 -35.52 27.34 -3.13
C SER A 695 -35.65 26.24 -2.09
N LEU A 696 -35.61 26.63 -0.81
CA LEU A 696 -35.69 25.66 0.27
C LEU A 696 -37.09 25.07 0.44
N GLY A 697 -38.12 25.79 0.04
CA GLY A 697 -39.48 25.31 0.15
C GLY A 697 -40.46 26.46 0.10
N ALA A 698 -41.72 26.13 0.36
CA ALA A 698 -42.80 27.12 0.34
C ALA A 698 -42.94 27.79 1.70
N GLU A 699 -43.12 29.10 1.67
CA GLU A 699 -43.27 29.88 2.90
C GLU A 699 -44.62 29.57 3.55
N ASN A 700 -44.62 29.53 4.88
CA ASN A 700 -45.83 29.20 5.62
C ASN A 700 -45.82 29.94 6.96
N SER A 701 -47.00 30.08 7.54
CA SER A 701 -47.15 30.73 8.84
C SER A 701 -48.26 30.05 9.61
N VAL A 702 -48.03 29.81 10.90
CA VAL A 702 -49.00 29.13 11.76
C VAL A 702 -49.72 30.17 12.59
N ALA A 703 -51.05 30.07 12.65
CA ALA A 703 -51.89 31.04 13.35
C ALA A 703 -51.95 30.67 14.83
N TYR A 704 -50.85 30.94 15.53
CA TYR A 704 -50.80 30.71 16.97
C TYR A 704 -51.63 31.75 17.70
N SER A 705 -52.24 31.33 18.81
CA SER A 705 -53.11 32.20 19.59
C SER A 705 -53.16 31.72 21.02
N ASN A 706 -53.72 32.56 21.89
CA ASN A 706 -53.86 32.20 23.31
C ASN A 706 -54.73 30.97 23.48
N ASN A 707 -55.89 30.94 22.82
CA ASN A 707 -56.85 29.85 22.94
C ASN A 707 -57.36 29.51 21.54
N SER A 708 -56.66 28.59 20.88
CA SER A 708 -57.07 28.12 19.56
C SER A 708 -56.42 26.76 19.31
N ILE A 709 -57.14 25.89 18.62
CA ILE A 709 -56.66 24.54 18.35
C ILE A 709 -57.30 24.06 17.06
N ALA A 710 -56.60 23.15 16.38
CA ALA A 710 -57.08 22.54 15.13
C ALA A 710 -57.24 21.04 15.33
N ILE A 711 -58.41 20.52 15.01
CA ILE A 711 -58.74 19.12 15.18
C ILE A 711 -59.12 18.56 13.81
N PRO A 712 -58.44 17.51 13.32
CA PRO A 712 -58.82 16.92 12.04
C PRO A 712 -60.17 16.23 12.12
N THR A 713 -60.86 16.18 10.98
CA THR A 713 -62.17 15.54 10.88
C THR A 713 -62.20 14.41 9.87
N ASN A 714 -61.07 14.05 9.29
CA ASN A 714 -61.01 12.99 8.29
C ASN A 714 -59.57 12.48 8.23
N PHE A 715 -59.40 11.33 7.58
CA PHE A 715 -58.09 10.69 7.52
C PHE A 715 -57.85 10.14 6.12
N THR A 716 -56.58 9.82 5.86
CA THR A 716 -56.16 9.23 4.60
C THR A 716 -55.20 8.09 4.88
N ILE A 717 -55.31 7.00 4.11
CA ILE A 717 -54.43 5.85 4.24
C ILE A 717 -53.40 5.93 3.13
N SER A 718 -52.11 5.92 3.51
CA SER A 718 -51.02 6.09 2.57
C SER A 718 -50.10 4.89 2.62
N VAL A 719 -49.64 4.46 1.44
CA VAL A 719 -48.71 3.34 1.30
C VAL A 719 -47.47 3.84 0.58
N THR A 720 -46.31 3.64 1.17
CA THR A 720 -45.03 4.07 0.61
C THR A 720 -44.06 2.90 0.62
N THR A 721 -43.06 2.99 -0.27
CA THR A 721 -42.07 1.94 -0.44
C THR A 721 -40.72 2.39 0.12
N GLU A 722 -39.83 1.41 0.30
CA GLU A 722 -38.49 1.67 0.79
C GLU A 722 -37.59 0.51 0.37
N ILE A 723 -36.43 0.83 -0.21
CA ILE A 723 -35.52 -0.15 -0.78
C ILE A 723 -34.21 -0.10 -0.01
N LEU A 724 -33.72 -1.28 0.40
CA LEU A 724 -32.49 -1.39 1.15
C LEU A 724 -31.62 -2.52 0.58
N PRO A 725 -30.36 -2.27 0.27
CA PRO A 725 -29.47 -3.36 -0.13
C PRO A 725 -29.20 -4.30 1.01
N VAL A 726 -28.93 -5.56 0.67
CA VAL A 726 -28.71 -6.62 1.65
C VAL A 726 -27.36 -7.29 1.45
N SER A 727 -27.09 -7.79 0.24
CA SER A 727 -25.85 -8.51 -0.03
C SER A 727 -25.33 -8.07 -1.40
N MET A 728 -24.15 -8.58 -1.76
CA MET A 728 -23.51 -8.25 -3.03
C MET A 728 -22.98 -9.55 -3.64
N THR A 729 -22.21 -9.40 -4.72
CA THR A 729 -21.72 -10.55 -5.45
C THR A 729 -20.48 -11.15 -4.78
N LYS A 730 -20.43 -12.48 -4.74
CA LYS A 730 -19.29 -13.19 -4.20
C LYS A 730 -18.30 -13.47 -5.32
N THR A 731 -17.03 -13.13 -5.09
CA THR A 731 -16.00 -13.24 -6.11
C THR A 731 -14.81 -14.04 -5.58
N SER A 732 -14.10 -14.68 -6.51
CA SER A 732 -12.90 -15.44 -6.21
C SER A 732 -11.83 -15.11 -7.24
N VAL A 733 -10.59 -15.01 -6.78
CA VAL A 733 -9.47 -14.63 -7.62
C VAL A 733 -8.39 -15.70 -7.53
N ASP A 734 -7.90 -16.15 -8.68
CA ASP A 734 -6.80 -17.11 -8.75
C ASP A 734 -5.50 -16.37 -9.04
N CYS A 735 -4.57 -16.43 -8.09
CA CYS A 735 -3.32 -15.68 -8.23
C CYS A 735 -2.48 -16.22 -9.37
N THR A 736 -2.34 -17.54 -9.47
CA THR A 736 -1.39 -18.14 -10.39
C THR A 736 -1.72 -17.79 -11.84
N MET A 737 -2.99 -17.89 -12.22
CA MET A 737 -3.35 -17.60 -13.60
C MET A 737 -3.39 -16.10 -13.89
N TYR A 738 -3.83 -15.30 -12.92
CA TYR A 738 -3.91 -13.86 -13.15
C TYR A 738 -2.54 -13.23 -13.27
N ILE A 739 -1.63 -13.56 -12.34
CA ILE A 739 -0.33 -12.91 -12.31
C ILE A 739 0.59 -13.48 -13.38
N CYS A 740 0.75 -14.81 -13.40
CA CYS A 740 1.62 -15.49 -14.34
C CYS A 740 0.78 -16.45 -15.18
N GLY A 741 0.19 -15.94 -16.25
CA GLY A 741 -0.63 -16.76 -17.11
C GLY A 741 0.18 -17.67 -18.01
N ASP A 742 0.16 -18.98 -17.71
CA ASP A 742 0.85 -19.99 -18.51
C ASP A 742 2.35 -19.69 -18.59
N SER A 743 3.00 -19.70 -17.43
CA SER A 743 4.45 -19.48 -17.36
C SER A 743 4.96 -20.13 -16.08
N THR A 744 5.58 -21.30 -16.22
CA THR A 744 6.11 -22.00 -15.06
C THR A 744 7.24 -21.23 -14.40
N GLU A 745 8.11 -20.61 -15.20
CA GLU A 745 9.20 -19.81 -14.64
C GLU A 745 8.66 -18.62 -13.87
N CYS A 746 7.61 -17.98 -14.38
CA CYS A 746 6.99 -16.88 -13.65
C CYS A 746 6.45 -17.34 -12.31
N SER A 747 5.83 -18.53 -12.27
CA SER A 747 5.37 -19.09 -11.00
C SER A 747 6.53 -19.35 -10.06
N ASN A 748 7.63 -19.87 -10.59
CA ASN A 748 8.79 -20.14 -9.74
C ASN A 748 9.35 -18.86 -9.14
N LEU A 749 9.44 -17.79 -9.93
CA LEU A 749 9.88 -16.50 -9.40
C LEU A 749 8.87 -15.94 -8.39
N LEU A 750 7.57 -16.10 -8.66
CA LEU A 750 6.56 -15.64 -7.71
C LEU A 750 6.65 -16.38 -6.39
N LEU A 751 7.09 -17.64 -6.42
CA LEU A 751 7.24 -18.42 -5.20
C LEU A 751 8.23 -17.80 -4.22
N GLN A 752 9.16 -16.96 -4.71
CA GLN A 752 10.15 -16.33 -3.85
C GLN A 752 9.59 -15.21 -3.01
N TYR A 753 8.35 -14.79 -3.25
CA TYR A 753 7.73 -13.71 -2.49
C TYR A 753 7.08 -14.19 -1.20
N GLY A 754 7.12 -15.48 -0.91
CA GLY A 754 6.51 -16.01 0.29
C GLY A 754 5.06 -16.36 0.05
N SER A 755 4.17 -15.86 0.92
CA SER A 755 2.73 -16.10 0.81
C SER A 755 2.03 -14.74 0.77
N PHE A 756 1.92 -14.18 -0.44
CA PHE A 756 1.20 -12.93 -0.65
C PHE A 756 -0.23 -13.16 -1.10
N CYS A 757 -0.66 -14.41 -1.25
CA CYS A 757 -1.98 -14.72 -1.79
C CYS A 757 -2.87 -15.51 -0.85
N THR A 758 -2.33 -16.14 0.19
CA THR A 758 -3.18 -16.79 1.18
C THR A 758 -4.06 -15.77 1.89
N GLN A 759 -3.51 -14.59 2.18
CA GLN A 759 -4.30 -13.54 2.82
C GLN A 759 -5.45 -13.10 1.93
N LEU A 760 -5.21 -12.96 0.62
CA LEU A 760 -6.26 -12.55 -0.30
C LEU A 760 -7.38 -13.58 -0.34
N LYS A 761 -7.01 -14.87 -0.44
CA LYS A 761 -8.02 -15.91 -0.47
C LYS A 761 -8.82 -15.96 0.83
N ARG A 762 -8.14 -15.81 1.97
CA ARG A 762 -8.84 -15.81 3.25
C ARG A 762 -9.80 -14.63 3.34
N ALA A 763 -9.36 -13.45 2.90
CA ALA A 763 -10.23 -12.28 2.96
C ALA A 763 -11.46 -12.45 2.06
N LEU A 764 -11.26 -12.98 0.85
CA LEU A 764 -12.39 -13.16 -0.04
C LEU A 764 -13.37 -14.21 0.48
N THR A 765 -12.84 -15.29 1.08
CA THR A 765 -13.71 -16.29 1.67
C THR A 765 -14.49 -15.70 2.84
N GLY A 766 -13.84 -14.88 3.67
CA GLY A 766 -14.55 -14.22 4.75
C GLY A 766 -15.64 -13.31 4.25
N ILE A 767 -15.38 -12.59 3.16
CA ILE A 767 -16.40 -11.71 2.59
C ILE A 767 -17.59 -12.53 2.10
N ALA A 768 -17.33 -13.65 1.43
CA ALA A 768 -18.43 -14.50 0.95
C ALA A 768 -19.26 -15.04 2.11
N VAL A 769 -18.59 -15.52 3.16
CA VAL A 769 -19.31 -16.03 4.32
C VAL A 769 -20.13 -14.92 4.97
N GLU A 770 -19.58 -13.71 5.01
CA GLU A 770 -20.30 -12.58 5.57
C GLU A 770 -21.55 -12.26 4.76
N GLN A 771 -21.45 -12.34 3.43
CA GLN A 771 -22.63 -12.09 2.59
C GLN A 771 -23.72 -13.12 2.86
N ASP A 772 -23.33 -14.40 2.94
CA ASP A 772 -24.31 -15.45 3.23
C ASP A 772 -24.95 -15.24 4.60
N LYS A 773 -24.15 -14.87 5.60
CA LYS A 773 -24.67 -14.63 6.94
C LYS A 773 -25.63 -13.44 6.94
N ASN A 774 -25.31 -12.39 6.17
CA ASN A 774 -26.20 -11.23 6.08
C ASN A 774 -27.55 -11.63 5.52
N THR A 775 -27.55 -12.40 4.42
CA THR A 775 -28.81 -12.83 3.84
C THR A 775 -29.62 -13.67 4.83
N GLN A 776 -28.95 -14.63 5.50
CA GLN A 776 -29.65 -15.47 6.45
C GLN A 776 -30.23 -14.66 7.61
N GLU A 777 -29.46 -13.71 8.12
CA GLU A 777 -29.93 -12.90 9.25
C GLU A 777 -31.11 -12.04 8.84
N VAL A 778 -31.08 -11.46 7.65
CA VAL A 778 -32.17 -10.57 7.24
C VAL A 778 -33.45 -11.37 7.00
N PHE A 779 -33.35 -12.50 6.29
CA PHE A 779 -34.56 -13.16 5.81
C PHE A 779 -35.05 -14.29 6.71
N ALA A 780 -34.15 -15.08 7.30
CA ALA A 780 -34.56 -16.25 8.09
C ALA A 780 -34.87 -15.81 9.51
N GLN A 781 -36.12 -15.44 9.75
CA GLN A 781 -36.57 -15.05 11.09
C GLN A 781 -37.78 -15.84 11.59
N VAL A 782 -38.33 -16.74 10.80
CA VAL A 782 -39.48 -17.55 11.19
C VAL A 782 -39.09 -19.02 11.14
N LYS A 783 -39.46 -19.76 12.18
CA LYS A 783 -39.15 -21.17 12.27
C LYS A 783 -40.22 -22.06 11.64
N GLN A 784 -41.31 -21.48 11.16
CA GLN A 784 -42.39 -22.22 10.53
C GLN A 784 -42.73 -21.60 9.20
N ILE A 785 -43.25 -22.41 8.28
CA ILE A 785 -43.66 -21.96 6.96
C ILE A 785 -45.18 -21.92 6.97
N TYR A 786 -45.74 -20.75 7.29
CA TYR A 786 -47.17 -20.59 7.36
C TYR A 786 -47.77 -20.52 5.95
N LYS A 787 -49.04 -20.89 5.85
CA LYS A 787 -49.78 -20.87 4.59
C LYS A 787 -51.08 -20.13 4.78
N THR A 788 -51.54 -19.50 3.70
CA THR A 788 -52.81 -18.80 3.74
C THR A 788 -53.97 -19.76 3.45
N PRO A 789 -55.13 -19.51 4.04
CA PRO A 789 -56.30 -20.35 3.74
C PRO A 789 -56.76 -20.17 2.31
N PRO A 790 -57.44 -21.17 1.74
CA PRO A 790 -57.92 -21.03 0.35
C PRO A 790 -58.84 -19.84 0.14
N ILE A 791 -59.69 -19.52 1.13
CA ILE A 791 -60.55 -18.36 1.02
C ILE A 791 -59.72 -17.10 1.20
N LYS A 792 -59.88 -16.14 0.29
CA LYS A 792 -59.06 -14.93 0.26
C LYS A 792 -59.89 -13.69 0.58
N TYR A 793 -60.79 -13.79 1.56
CA TYR A 793 -61.56 -12.66 2.04
C TYR A 793 -61.02 -12.21 3.40
N PHE A 794 -60.47 -11.00 3.45
CA PHE A 794 -59.89 -10.43 4.67
C PHE A 794 -60.53 -9.06 4.92
N GLY A 795 -61.70 -9.08 5.55
CA GLY A 795 -62.36 -7.84 5.94
C GLY A 795 -62.64 -6.87 4.81
N GLY A 796 -62.69 -7.36 3.57
CA GLY A 796 -62.86 -6.49 2.42
C GLY A 796 -61.57 -6.00 1.79
N PHE A 797 -60.43 -6.22 2.44
CA PHE A 797 -59.14 -5.84 1.88
C PHE A 797 -58.73 -6.80 0.76
N ASN A 798 -57.90 -6.30 -0.14
CA ASN A 798 -57.48 -7.05 -1.32
C ASN A 798 -55.96 -7.17 -1.30
N PHE A 799 -55.46 -8.39 -1.09
CA PHE A 799 -54.02 -8.68 -1.07
C PHE A 799 -53.59 -9.50 -2.28
N SER A 800 -54.37 -9.48 -3.36
CA SER A 800 -54.07 -10.33 -4.51
C SER A 800 -52.79 -9.92 -5.23
N GLN A 801 -52.33 -8.69 -5.05
CA GLN A 801 -51.15 -8.20 -5.74
C GLN A 801 -49.85 -8.42 -4.97
N ILE A 802 -49.92 -8.99 -3.77
CA ILE A 802 -48.72 -9.28 -3.00
C ILE A 802 -48.63 -10.75 -2.57
N LEU A 803 -49.73 -11.49 -2.57
CA LEU A 803 -49.67 -12.90 -2.24
C LEU A 803 -49.17 -13.71 -3.43
N PRO A 804 -48.46 -14.81 -3.18
CA PRO A 804 -47.96 -15.63 -4.29
C PRO A 804 -49.09 -16.33 -5.02
N ASP A 805 -48.85 -16.61 -6.30
CA ASP A 805 -49.80 -17.34 -7.12
C ASP A 805 -49.18 -18.62 -7.67
N PRO A 806 -49.89 -19.74 -7.62
CA PRO A 806 -49.35 -21.00 -8.12
C PRO A 806 -49.44 -21.18 -9.63
N SER A 807 -49.76 -20.12 -10.38
CA SER A 807 -49.92 -20.21 -11.82
C SER A 807 -48.63 -19.91 -12.57
N LYS A 808 -47.48 -19.93 -11.89
CA LYS A 808 -46.20 -19.66 -12.50
C LYS A 808 -45.17 -20.66 -11.99
N PRO A 809 -44.17 -20.98 -12.79
CA PRO A 809 -43.08 -21.84 -12.29
C PRO A 809 -42.36 -21.25 -11.10
N SER A 810 -42.22 -19.92 -11.05
CA SER A 810 -41.67 -19.23 -9.89
C SER A 810 -42.84 -18.67 -9.08
N LYS A 811 -42.94 -19.10 -7.81
CA LYS A 811 -44.06 -18.72 -6.95
C LYS A 811 -43.80 -17.31 -6.41
N ARG A 812 -44.04 -16.33 -7.26
CA ARG A 812 -43.72 -14.94 -6.97
C ARG A 812 -44.94 -14.06 -7.16
N SER A 813 -45.02 -12.99 -6.38
CA SER A 813 -46.13 -12.05 -6.51
C SER A 813 -45.94 -11.18 -7.74
N PHE A 814 -47.00 -10.45 -8.09
CA PHE A 814 -46.95 -9.56 -9.26
C PHE A 814 -45.93 -8.44 -9.07
N ILE A 815 -45.92 -7.84 -7.87
CA ILE A 815 -44.98 -6.74 -7.61
C ILE A 815 -43.55 -7.27 -7.60
N GLU A 816 -43.33 -8.47 -7.07
CA GLU A 816 -42.00 -9.07 -7.11
C GLU A 816 -41.54 -9.30 -8.54
N ASP A 817 -42.45 -9.77 -9.41
CA ASP A 817 -42.11 -9.94 -10.81
C ASP A 817 -41.76 -8.61 -11.47
N LEU A 818 -42.52 -7.55 -11.15
CA LEU A 818 -42.18 -6.23 -11.70
C LEU A 818 -40.81 -5.78 -11.24
N LEU A 819 -40.49 -5.99 -9.96
CA LEU A 819 -39.19 -5.58 -9.44
C LEU A 819 -38.06 -6.35 -10.10
N PHE A 820 -38.22 -7.67 -10.24
CA PHE A 820 -37.17 -8.46 -10.89
C PHE A 820 -37.00 -8.07 -12.35
N ASN A 821 -38.10 -7.82 -13.07
CA ASN A 821 -37.99 -7.39 -14.45
C ASN A 821 -37.31 -6.03 -14.56
N LYS A 822 -37.58 -5.12 -13.62
CA LYS A 822 -36.94 -3.81 -13.67
C LYS A 822 -35.45 -3.92 -13.36
N VAL A 823 -35.06 -4.79 -12.42
CA VAL A 823 -33.66 -4.86 -12.05
C VAL A 823 -32.86 -5.68 -13.07
N THR A 824 -33.48 -6.63 -13.75
CA THR A 824 -32.74 -7.50 -14.67
C THR A 824 -32.27 -6.78 -15.93
N LEU A 825 -32.38 -5.45 -16.01
CA LEU A 825 -31.78 -4.73 -17.14
C LEU A 825 -30.30 -5.06 -17.27
N ALA A 826 -29.57 -5.08 -16.15
CA ALA A 826 -28.25 -5.71 -16.09
C ALA A 826 -28.23 -6.63 -14.87
N ASP A 827 -28.82 -7.81 -15.04
CA ASP A 827 -28.63 -8.93 -14.11
C ASP A 827 -28.45 -10.27 -14.81
N ALA A 828 -28.93 -10.42 -16.04
CA ALA A 828 -28.82 -11.64 -16.85
C ALA A 828 -29.54 -12.83 -16.23
N GLY A 829 -29.84 -13.83 -17.06
CA GLY A 829 -30.44 -15.06 -16.62
C GLY A 829 -29.58 -16.24 -16.99
N PHE A 830 -28.26 -16.04 -16.85
CA PHE A 830 -27.27 -17.00 -17.30
C PHE A 830 -27.36 -18.31 -16.52
N ILE A 831 -26.66 -19.33 -17.03
CA ILE A 831 -26.72 -20.69 -16.52
C ILE A 831 -25.51 -20.94 -15.64
N LYS A 832 -24.97 -19.86 -15.08
CA LYS A 832 -23.80 -19.78 -14.19
C LYS A 832 -22.51 -19.82 -15.00
N GLN A 833 -22.61 -19.73 -16.33
CA GLN A 833 -21.44 -19.58 -17.21
C GLN A 833 -20.44 -20.72 -16.99
N TYR A 834 -20.89 -21.91 -17.35
CA TYR A 834 -20.08 -23.10 -17.21
C TYR A 834 -18.93 -23.09 -18.23
N GLY A 835 -18.17 -24.19 -18.25
CA GLY A 835 -17.08 -24.34 -19.19
C GLY A 835 -17.50 -24.49 -20.63
N ASP A 836 -18.80 -24.58 -20.89
CA ASP A 836 -19.31 -24.69 -22.26
C ASP A 836 -19.19 -23.39 -23.04
N CYS A 837 -18.71 -22.31 -22.42
CA CYS A 837 -18.54 -21.05 -23.11
C CYS A 837 -17.33 -21.11 -24.05
N LEU A 838 -17.45 -21.90 -25.12
CA LEU A 838 -16.39 -22.05 -26.10
C LEU A 838 -16.91 -21.89 -27.52
N GLY A 839 -18.02 -21.15 -27.68
CA GLY A 839 -18.61 -20.92 -28.99
C GLY A 839 -17.74 -20.00 -29.83
N ALA A 843 -17.07 -11.60 -30.08
CA ALA A 843 -18.02 -11.35 -29.00
C ALA A 843 -17.48 -11.88 -27.68
N ARG A 844 -17.76 -13.16 -27.41
CA ARG A 844 -17.30 -13.86 -26.22
C ARG A 844 -17.83 -13.24 -24.94
N ASP A 845 -18.81 -12.35 -25.06
CA ASP A 845 -19.48 -11.72 -23.92
C ASP A 845 -18.51 -10.97 -23.02
N LEU A 846 -19.00 -10.45 -21.89
CA LEU A 846 -18.15 -9.77 -20.91
C LEU A 846 -17.85 -10.62 -19.69
N ILE A 847 -18.81 -11.43 -19.24
CA ILE A 847 -18.59 -12.30 -18.09
C ILE A 847 -17.83 -13.57 -18.43
N CYS A 848 -17.72 -13.91 -19.71
CA CYS A 848 -16.96 -15.08 -20.12
C CYS A 848 -15.50 -14.77 -20.37
N ALA A 849 -15.19 -13.56 -20.85
CA ALA A 849 -13.80 -13.16 -20.99
C ALA A 849 -13.15 -12.94 -19.63
N GLN A 850 -13.93 -12.55 -18.62
CA GLN A 850 -13.42 -12.41 -17.27
C GLN A 850 -13.30 -13.73 -16.53
N LYS A 851 -13.93 -14.80 -17.03
CA LYS A 851 -13.73 -16.11 -16.44
C LYS A 851 -12.27 -16.54 -16.56
N PHE A 852 -11.66 -16.28 -17.71
CA PHE A 852 -10.22 -16.45 -17.84
C PHE A 852 -9.50 -15.40 -16.98
N LYS A 853 -8.21 -15.61 -16.78
CA LYS A 853 -7.35 -14.81 -15.91
C LYS A 853 -7.74 -14.93 -14.45
N GLY A 854 -8.57 -15.92 -14.09
CA GLY A 854 -8.87 -16.19 -12.70
C GLY A 854 -9.74 -15.16 -12.00
N LEU A 855 -10.95 -14.92 -12.53
CA LEU A 855 -11.92 -14.02 -11.90
C LEU A 855 -13.29 -14.69 -12.05
N THR A 856 -13.69 -15.43 -11.02
CA THR A 856 -14.92 -16.20 -11.05
C THR A 856 -15.91 -15.67 -10.01
N VAL A 857 -17.15 -16.15 -10.11
CA VAL A 857 -18.23 -15.74 -9.21
C VAL A 857 -18.85 -17.00 -8.60
N LEU A 858 -18.97 -17.01 -7.27
CA LEU A 858 -19.56 -18.14 -6.57
C LEU A 858 -21.07 -17.96 -6.41
N PRO A 859 -21.83 -19.04 -6.47
CA PRO A 859 -23.29 -18.92 -6.39
C PRO A 859 -23.75 -18.69 -4.96
N PRO A 860 -24.86 -17.99 -4.77
CA PRO A 860 -25.38 -17.78 -3.41
C PRO A 860 -25.87 -19.07 -2.79
N LEU A 861 -25.82 -19.12 -1.46
CA LEU A 861 -26.28 -20.30 -0.74
C LEU A 861 -27.79 -20.48 -0.88
N LEU A 862 -28.55 -19.40 -0.81
CA LEU A 862 -30.01 -19.44 -0.91
C LEU A 862 -30.45 -19.02 -2.30
N THR A 863 -31.22 -19.87 -2.97
CA THR A 863 -31.72 -19.55 -4.29
C THR A 863 -32.86 -18.54 -4.20
N ASP A 864 -33.32 -18.08 -5.36
CA ASP A 864 -34.39 -17.09 -5.41
C ASP A 864 -35.75 -17.67 -5.10
N GLU A 865 -35.88 -19.00 -5.06
CA GLU A 865 -37.16 -19.63 -4.75
C GLU A 865 -37.35 -19.89 -3.26
N MET A 866 -36.31 -19.68 -2.45
CA MET A 866 -36.44 -19.81 -1.00
C MET A 866 -36.71 -18.47 -0.32
N ILE A 867 -36.13 -17.40 -0.85
CA ILE A 867 -36.43 -16.06 -0.35
C ILE A 867 -37.90 -15.73 -0.58
N ALA A 868 -38.44 -16.14 -1.73
CA ALA A 868 -39.86 -15.95 -2.00
C ALA A 868 -40.71 -16.72 -1.00
N GLN A 869 -40.30 -17.94 -0.66
CA GLN A 869 -41.04 -18.71 0.33
C GLN A 869 -41.00 -18.04 1.70
N TYR A 870 -39.84 -17.52 2.09
CA TYR A 870 -39.74 -16.79 3.36
C TYR A 870 -40.65 -15.58 3.38
N THR A 871 -40.65 -14.80 2.30
CA THR A 871 -41.51 -13.61 2.26
C THR A 871 -42.99 -13.99 2.28
N SER A 872 -43.36 -15.05 1.57
CA SER A 872 -44.75 -15.49 1.58
C SER A 872 -45.16 -15.97 2.96
N ALA A 873 -44.28 -16.69 3.66
CA ALA A 873 -44.59 -17.13 5.02
C ALA A 873 -44.75 -15.94 5.95
N LEU A 874 -43.88 -14.93 5.83
CA LEU A 874 -44.01 -13.74 6.66
C LEU A 874 -45.32 -13.00 6.38
N LEU A 875 -45.68 -12.88 5.11
CA LEU A 875 -46.94 -12.22 4.75
C LEU A 875 -48.14 -12.98 5.30
N ALA A 876 -48.13 -14.31 5.18
CA ALA A 876 -49.23 -15.11 5.69
C ALA A 876 -49.35 -14.97 7.21
N GLY A 877 -48.22 -15.02 7.91
CA GLY A 877 -48.26 -14.84 9.35
C GLY A 877 -48.78 -13.49 9.76
N THR A 878 -48.32 -12.43 9.10
CA THR A 878 -48.78 -11.09 9.44
C THR A 878 -50.27 -10.93 9.16
N ILE A 879 -50.75 -11.49 8.05
CA ILE A 879 -52.16 -11.33 7.69
C ILE A 879 -53.05 -12.11 8.64
N THR A 880 -52.66 -13.35 8.99
CA THR A 880 -53.54 -14.20 9.78
C THR A 880 -53.41 -13.91 11.27
N SER A 881 -52.20 -14.06 11.83
CA SER A 881 -52.00 -13.96 13.26
C SER A 881 -51.79 -12.54 13.77
N GLY A 882 -51.25 -11.67 12.95
CA GLY A 882 -50.95 -10.30 13.38
C GLY A 882 -49.53 -10.20 13.93
N TRP A 883 -49.40 -9.68 15.14
CA TRP A 883 -48.11 -9.57 15.80
C TRP A 883 -47.85 -10.69 16.80
N THR A 884 -48.77 -11.66 16.91
CA THR A 884 -48.62 -12.72 17.89
C THR A 884 -47.57 -13.75 17.48
N PHE A 885 -47.43 -14.01 16.18
CA PHE A 885 -46.50 -15.03 15.72
C PHE A 885 -45.04 -14.62 15.90
N GLY A 886 -44.76 -13.35 16.15
CA GLY A 886 -43.41 -12.88 16.35
C GLY A 886 -42.89 -13.02 17.76
N ALA A 887 -43.70 -13.56 18.68
CA ALA A 887 -43.27 -13.70 20.07
C ALA A 887 -43.67 -15.06 20.66
N GLY A 888 -43.95 -16.05 19.82
CA GLY A 888 -44.34 -17.36 20.30
C GLY A 888 -45.13 -18.16 19.29
N ALA A 889 -46.27 -18.71 19.71
CA ALA A 889 -47.13 -19.50 18.84
C ALA A 889 -48.12 -18.59 18.14
N ALA A 890 -48.38 -18.90 16.87
CA ALA A 890 -49.31 -18.10 16.07
C ALA A 890 -50.73 -18.26 16.59
N LEU A 891 -51.42 -17.14 16.76
CA LEU A 891 -52.79 -17.12 17.27
C LEU A 891 -53.67 -16.39 16.25
N GLN A 892 -54.69 -17.08 15.75
CA GLN A 892 -55.53 -16.51 14.72
C GLN A 892 -56.44 -15.42 15.29
N ILE A 893 -56.85 -14.50 14.42
CA ILE A 893 -57.70 -13.37 14.79
C ILE A 893 -58.28 -12.76 13.53
N PRO A 894 -59.55 -12.34 13.53
CA PRO A 894 -60.10 -11.68 12.33
C PRO A 894 -59.34 -10.40 11.99
N PHE A 895 -59.27 -10.12 10.69
CA PHE A 895 -58.45 -9.00 10.22
C PHE A 895 -59.02 -7.65 10.66
N ALA A 896 -60.35 -7.51 10.63
CA ALA A 896 -60.96 -6.24 11.02
C ALA A 896 -60.67 -5.94 12.48
N MET A 897 -60.72 -6.97 13.35
CA MET A 897 -60.40 -6.78 14.76
C MET A 897 -58.95 -6.34 14.94
N GLN A 898 -58.05 -6.94 14.16
CA GLN A 898 -56.64 -6.56 14.21
C GLN A 898 -56.45 -5.10 13.77
N MET A 899 -57.17 -4.69 12.72
CA MET A 899 -57.09 -3.30 12.28
C MET A 899 -57.61 -2.35 13.35
N ALA A 900 -58.71 -2.73 14.02
CA ALA A 900 -59.24 -1.89 15.09
C ALA A 900 -58.25 -1.75 16.22
N TYR A 901 -57.58 -2.85 16.58
CA TYR A 901 -56.59 -2.81 17.65
C TYR A 901 -55.36 -2.00 17.25
N ARG A 902 -54.96 -2.07 15.98
CA ARG A 902 -53.85 -1.24 15.51
C ARG A 902 -54.22 0.24 15.55
N PHE A 903 -55.46 0.59 15.20
CA PHE A 903 -55.90 1.98 15.41
C PHE A 903 -55.89 2.35 16.88
N ASN A 904 -56.35 1.45 17.75
CA ASN A 904 -56.34 1.73 19.19
C ASN A 904 -54.92 1.94 19.70
N GLY A 905 -53.94 1.35 19.02
CA GLY A 905 -52.56 1.52 19.43
C GLY A 905 -51.97 2.88 19.15
N ILE A 906 -52.64 3.73 18.37
CA ILE A 906 -52.13 5.06 18.03
C ILE A 906 -53.03 6.16 18.59
N GLY A 907 -53.97 5.83 19.46
CA GLY A 907 -54.79 6.82 20.12
C GLY A 907 -56.14 7.08 19.49
N VAL A 908 -56.59 6.25 18.56
CA VAL A 908 -57.89 6.40 17.93
C VAL A 908 -58.76 5.21 18.33
N THR A 909 -59.97 5.50 18.80
CA THR A 909 -60.86 4.45 19.26
C THR A 909 -61.29 3.57 18.09
N GLN A 910 -61.61 2.30 18.41
CA GLN A 910 -61.91 1.31 17.40
C GLN A 910 -63.26 1.50 16.71
N ASN A 911 -64.18 2.25 17.32
CA ASN A 911 -65.44 2.51 16.66
C ASN A 911 -65.27 3.29 15.37
N VAL A 912 -64.18 4.06 15.25
CA VAL A 912 -63.90 4.76 13.99
C VAL A 912 -63.72 3.75 12.86
N LEU A 913 -62.91 2.72 13.07
CA LEU A 913 -62.76 1.68 12.06
C LEU A 913 -64.07 0.92 11.87
N TYR A 914 -64.74 0.55 12.96
CA TYR A 914 -65.95 -0.22 12.83
C TYR A 914 -67.05 0.54 12.10
N GLU A 915 -66.93 1.86 12.00
CA GLU A 915 -67.90 2.66 11.25
C GLU A 915 -67.41 3.06 9.86
N ASN A 916 -66.10 3.08 9.61
CA ASN A 916 -65.57 3.49 8.31
C ASN A 916 -64.76 2.38 7.65
N GLN A 917 -65.09 1.13 7.95
CA GLN A 917 -64.35 -0.01 7.39
C GLN A 917 -64.38 -0.02 5.87
N LYS A 918 -65.54 0.23 5.26
CA LYS A 918 -65.63 0.18 3.81
C LYS A 918 -64.77 1.26 3.17
N LEU A 919 -64.81 2.49 3.70
CA LEU A 919 -64.01 3.57 3.16
C LEU A 919 -62.52 3.28 3.33
N ILE A 920 -62.13 2.73 4.49
CA ILE A 920 -60.72 2.43 4.72
C ILE A 920 -60.24 1.34 3.77
N ALA A 921 -61.07 0.31 3.55
CA ALA A 921 -60.71 -0.74 2.61
C ALA A 921 -60.56 -0.21 1.20
N ASN A 922 -61.48 0.67 0.77
CA ASN A 922 -61.37 1.26 -0.56
C ASN A 922 -60.10 2.09 -0.70
N GLN A 923 -59.77 2.88 0.32
CA GLN A 923 -58.56 3.69 0.28
C GLN A 923 -57.32 2.81 0.21
N PHE A 924 -57.28 1.74 1.00
CA PHE A 924 -56.13 0.83 0.96
C PHE A 924 -56.01 0.16 -0.39
N ASN A 925 -57.12 -0.26 -0.98
CA ASN A 925 -57.07 -0.90 -2.29
C ASN A 925 -56.55 0.06 -3.35
N SER A 926 -57.02 1.31 -3.34
CA SER A 926 -56.53 2.28 -4.30
C SER A 926 -55.05 2.57 -4.11
N ALA A 927 -54.60 2.69 -2.84
CA ALA A 927 -53.20 2.95 -2.57
C ALA A 927 -52.32 1.80 -3.05
N ILE A 928 -52.76 0.57 -2.83
CA ILE A 928 -52.01 -0.58 -3.32
C ILE A 928 -51.98 -0.59 -4.84
N GLY A 929 -53.11 -0.29 -5.48
CA GLY A 929 -53.15 -0.28 -6.94
C GLY A 929 -52.23 0.75 -7.55
N LYS A 930 -52.08 1.91 -6.91
CA LYS A 930 -51.20 2.94 -7.46
C LYS A 930 -49.74 2.53 -7.45
N ILE A 931 -49.35 1.58 -6.60
CA ILE A 931 -47.95 1.16 -6.53
C ILE A 931 -47.54 0.47 -7.83
N GLN A 932 -48.44 -0.34 -8.39
CA GLN A 932 -48.14 -1.01 -9.66
C GLN A 932 -47.92 0.00 -10.78
N ASP A 933 -48.76 1.04 -10.84
CA ASP A 933 -48.59 2.08 -11.85
C ASP A 933 -47.30 2.84 -11.64
N SER A 934 -46.94 3.12 -10.38
CA SER A 934 -45.70 3.82 -10.10
C SER A 934 -44.49 3.00 -10.52
N LEU A 935 -44.50 1.69 -10.24
CA LEU A 935 -43.34 0.87 -10.56
C LEU A 935 -43.24 0.57 -12.05
N SER A 936 -44.37 0.30 -12.70
CA SER A 936 -44.36 -0.09 -14.10
C SER A 936 -43.90 1.04 -15.02
N SER A 937 -44.00 2.28 -14.57
CA SER A 937 -43.54 3.40 -15.39
C SER A 937 -42.02 3.42 -15.46
N THR A 938 -41.50 4.24 -16.38
CA THR A 938 -40.06 4.34 -16.58
C THR A 938 -39.33 4.98 -15.40
N ALA A 939 -40.06 5.57 -14.45
CA ALA A 939 -39.45 6.21 -13.28
C ALA A 939 -38.98 5.10 -12.33
N SER A 940 -37.80 4.56 -12.64
CA SER A 940 -37.23 3.47 -11.85
C SER A 940 -36.56 4.05 -10.60
N ALA A 941 -37.10 3.73 -9.43
CA ALA A 941 -36.55 4.20 -8.17
C ALA A 941 -35.54 3.22 -7.57
N LEU A 942 -35.25 2.12 -8.25
CA LEU A 942 -34.32 1.12 -7.74
C LEU A 942 -32.88 1.46 -8.10
N GLY A 943 -32.46 2.69 -7.79
CA GLY A 943 -31.09 3.07 -8.03
C GLY A 943 -30.11 2.56 -7.00
N LYS A 944 -30.58 2.37 -5.76
CA LYS A 944 -29.69 1.91 -4.70
C LYS A 944 -29.17 0.51 -4.98
N LEU A 945 -30.04 -0.38 -5.48
CA LEU A 945 -29.60 -1.72 -5.83
C LEU A 945 -28.71 -1.72 -7.07
N GLN A 946 -28.97 -0.81 -8.01
CA GLN A 946 -28.17 -0.77 -9.24
C GLN A 946 -26.78 -0.22 -8.98
N ASP A 947 -26.64 0.68 -7.99
CA ASP A 947 -25.34 1.28 -7.72
C ASP A 947 -24.32 0.23 -7.30
N VAL A 948 -24.73 -0.73 -6.46
CA VAL A 948 -23.81 -1.77 -6.00
C VAL A 948 -23.32 -2.61 -7.18
N VAL A 949 -24.24 -3.00 -8.06
CA VAL A 949 -23.89 -3.81 -9.23
C VAL A 949 -22.93 -3.04 -10.13
N ASN A 950 -23.23 -1.76 -10.37
CA ASN A 950 -22.38 -0.95 -11.23
C ASN A 950 -20.99 -0.79 -10.63
N HIS A 951 -20.90 -0.56 -9.32
CA HIS A 951 -19.60 -0.40 -8.69
C HIS A 951 -18.78 -1.70 -8.76
N ASN A 952 -19.42 -2.83 -8.49
CA ASN A 952 -18.70 -4.10 -8.58
C ASN A 952 -18.22 -4.37 -9.99
N ALA A 953 -19.09 -4.14 -10.98
CA ALA A 953 -18.71 -4.39 -12.37
C ALA A 953 -17.56 -3.48 -12.80
N GLN A 954 -17.62 -2.20 -12.44
CA GLN A 954 -16.57 -1.28 -12.86
C GLN A 954 -15.25 -1.59 -12.16
N ALA A 955 -15.30 -2.00 -10.89
CA ALA A 955 -14.07 -2.39 -10.20
C ALA A 955 -13.44 -3.61 -10.85
N LEU A 956 -14.25 -4.62 -11.16
CA LEU A 956 -13.72 -5.82 -11.81
C LEU A 956 -13.19 -5.51 -13.20
N ASN A 957 -13.86 -4.63 -13.94
CA ASN A 957 -13.39 -4.25 -15.26
C ASN A 957 -12.07 -3.51 -15.18
N THR A 958 -11.91 -2.61 -14.19
CA THR A 958 -10.64 -1.94 -14.00
C THR A 958 -9.53 -2.94 -13.67
N LEU A 959 -9.84 -3.90 -12.80
CA LEU A 959 -8.83 -4.89 -12.44
C LEU A 959 -8.39 -5.72 -13.64
N VAL A 960 -9.35 -6.13 -14.49
CA VAL A 960 -8.97 -6.94 -15.64
C VAL A 960 -8.26 -6.09 -16.69
N LYS A 961 -8.59 -4.79 -16.79
CA LYS A 961 -7.93 -3.91 -17.74
C LYS A 961 -6.53 -3.52 -17.29
N GLN A 962 -6.23 -3.64 -15.99
CA GLN A 962 -4.91 -3.27 -15.49
C GLN A 962 -3.81 -4.20 -15.99
N LEU A 963 -4.14 -5.33 -16.60
CA LEU A 963 -3.14 -6.27 -17.06
C LEU A 963 -2.33 -5.77 -18.26
N SER A 964 -2.78 -4.70 -18.92
CA SER A 964 -2.09 -4.17 -20.09
C SER A 964 -0.99 -3.18 -19.73
N SER A 965 -0.83 -2.84 -18.45
CA SER A 965 0.19 -1.88 -18.05
C SER A 965 1.58 -2.45 -18.26
N LYS A 966 2.49 -1.60 -18.76
CA LYS A 966 3.87 -2.02 -18.95
C LYS A 966 4.65 -2.07 -17.64
N PHE A 967 4.33 -1.18 -16.70
CA PHE A 967 5.00 -1.11 -15.41
C PHE A 967 6.51 -0.90 -15.56
N GLY A 968 6.91 -0.15 -16.59
CA GLY A 968 8.31 0.13 -16.83
C GLY A 968 9.04 -0.91 -17.64
N ALA A 969 8.40 -2.05 -17.92
CA ALA A 969 9.04 -3.10 -18.71
C ALA A 969 8.95 -2.78 -20.19
N ILE A 970 9.75 -3.51 -20.99
CA ILE A 970 9.74 -3.30 -22.43
C ILE A 970 8.43 -3.78 -23.04
N SER A 971 7.85 -4.84 -22.50
CA SER A 971 6.60 -5.40 -23.02
C SER A 971 5.76 -5.93 -21.88
N SER A 972 4.46 -6.04 -22.14
CA SER A 972 3.50 -6.52 -21.16
C SER A 972 3.21 -8.01 -21.28
N VAL A 973 3.91 -8.72 -22.17
CA VAL A 973 3.70 -10.14 -22.40
C VAL A 973 4.92 -10.89 -21.87
N LEU A 974 4.68 -11.88 -21.01
CA LEU A 974 5.79 -12.65 -20.44
C LEU A 974 6.49 -13.49 -21.50
N ASN A 975 5.72 -14.09 -22.40
CA ASN A 975 6.31 -14.98 -23.41
C ASN A 975 7.28 -14.23 -24.32
N ASP A 976 6.91 -13.02 -24.73
CA ASP A 976 7.81 -12.23 -25.57
C ASP A 976 9.10 -11.89 -24.84
N ILE A 977 9.00 -11.50 -23.57
CA ILE A 977 10.20 -11.19 -22.79
C ILE A 977 11.08 -12.41 -22.66
N PHE A 978 10.49 -13.57 -22.39
CA PHE A 978 11.28 -14.78 -22.24
C PHE A 978 11.93 -15.20 -23.56
N SER A 979 11.23 -15.01 -24.68
CA SER A 979 11.77 -15.43 -25.96
C SER A 979 12.87 -14.51 -26.45
N ARG A 980 12.69 -13.19 -26.28
CA ARG A 980 13.64 -12.23 -26.83
C ARG A 980 14.78 -11.89 -25.89
N LEU A 981 14.72 -12.29 -24.62
CA LEU A 981 15.75 -11.94 -23.65
C LEU A 981 16.20 -13.16 -22.87
N ASP A 982 17.46 -13.13 -22.46
CA ASP A 982 18.02 -14.16 -21.60
C ASP A 982 17.57 -13.96 -20.16
N PRO A 983 17.65 -15.01 -19.34
CA PRO A 983 17.17 -14.92 -17.94
C PRO A 983 17.78 -13.78 -17.14
N PRO A 984 19.10 -13.51 -17.24
CA PRO A 984 19.72 -12.58 -16.28
C PRO A 984 19.01 -11.24 -16.09
N GLU A 985 18.48 -10.63 -17.15
CA GLU A 985 17.64 -9.44 -16.98
C GLU A 985 16.16 -9.74 -17.06
N ALA A 986 15.77 -10.89 -17.64
CA ALA A 986 14.36 -11.27 -17.65
C ALA A 986 13.83 -11.43 -16.23
N GLU A 987 14.69 -11.78 -15.28
CA GLU A 987 14.24 -11.91 -13.90
C GLU A 987 13.68 -10.59 -13.37
N VAL A 988 14.44 -9.50 -13.50
CA VAL A 988 13.93 -8.22 -13.02
C VAL A 988 12.82 -7.70 -13.93
N GLN A 989 12.89 -8.02 -15.24
CA GLN A 989 11.85 -7.58 -16.15
C GLN A 989 10.49 -8.14 -15.75
N ILE A 990 10.44 -9.41 -15.37
CA ILE A 990 9.18 -9.98 -14.90
C ILE A 990 8.92 -9.59 -13.45
N ASP A 991 9.96 -9.29 -12.67
CA ASP A 991 9.78 -8.90 -11.28
C ASP A 991 8.99 -7.61 -11.17
N ARG A 992 9.28 -6.65 -12.05
CA ARG A 992 8.51 -5.40 -12.03
C ARG A 992 7.03 -5.66 -12.30
N LEU A 993 6.73 -6.53 -13.27
CA LEU A 993 5.34 -6.87 -13.55
C LEU A 993 4.69 -7.56 -12.36
N ILE A 994 5.42 -8.45 -11.69
CA ILE A 994 4.88 -9.13 -10.52
C ILE A 994 4.52 -8.12 -9.44
N THR A 995 5.42 -7.17 -9.19
CA THR A 995 5.14 -6.16 -8.17
C THR A 995 3.92 -5.32 -8.54
N GLY A 996 3.82 -4.91 -9.80
CA GLY A 996 2.68 -4.11 -10.21
C GLY A 996 1.37 -4.85 -10.06
N ARG A 997 1.33 -6.11 -10.50
CA ARG A 997 0.10 -6.88 -10.43
C ARG A 997 -0.28 -7.20 -8.98
N LEU A 998 0.71 -7.46 -8.13
CA LEU A 998 0.43 -7.67 -6.71
C LEU A 998 -0.16 -6.42 -6.08
N GLN A 999 0.39 -5.25 -6.43
CA GLN A 999 -0.18 -4.00 -5.92
C GLN A 999 -1.62 -3.82 -6.37
N SER A 1000 -1.90 -4.13 -7.64
CA SER A 1000 -3.27 -4.02 -8.13
C SER A 1000 -4.21 -4.95 -7.38
N LEU A 1001 -3.78 -6.19 -7.15
CA LEU A 1001 -4.62 -7.13 -6.41
C LEU A 1001 -4.87 -6.66 -4.99
N GLN A 1002 -3.83 -6.14 -4.33
CA GLN A 1002 -4.00 -5.65 -2.96
C GLN A 1002 -4.98 -4.48 -2.93
N THR A 1003 -4.89 -3.56 -3.89
CA THR A 1003 -5.82 -2.44 -3.94
C THR A 1003 -7.26 -2.93 -4.13
N TYR A 1004 -7.46 -3.91 -5.02
CA TYR A 1004 -8.80 -4.43 -5.23
C TYR A 1004 -9.34 -5.08 -3.96
N VAL A 1005 -8.50 -5.85 -3.26
CA VAL A 1005 -8.95 -6.50 -2.03
C VAL A 1005 -9.33 -5.48 -0.98
N THR A 1006 -8.52 -4.41 -0.85
CA THR A 1006 -8.84 -3.37 0.13
C THR A 1006 -10.15 -2.68 -0.21
N GLN A 1007 -10.39 -2.39 -1.49
CA GLN A 1007 -11.65 -1.77 -1.88
C GLN A 1007 -12.85 -2.66 -1.55
N GLN A 1008 -12.71 -3.97 -1.84
CA GLN A 1008 -13.80 -4.89 -1.52
C GLN A 1008 -14.04 -4.95 -0.01
N LEU A 1009 -12.97 -4.97 0.79
CA LEU A 1009 -13.13 -4.97 2.23
C LEU A 1009 -13.85 -3.72 2.71
N ILE A 1010 -13.53 -2.57 2.13
CA ILE A 1010 -14.21 -1.34 2.52
C ILE A 1010 -15.69 -1.39 2.17
N ARG A 1011 -16.02 -1.89 0.98
CA ARG A 1011 -17.44 -1.96 0.60
C ARG A 1011 -18.21 -2.96 1.46
N ALA A 1012 -17.55 -4.01 1.92
CA ALA A 1012 -18.24 -5.03 2.71
C ALA A 1012 -18.82 -4.45 3.99
N ALA A 1013 -18.12 -3.50 4.62
CA ALA A 1013 -18.62 -2.90 5.85
C ALA A 1013 -19.92 -2.14 5.61
N GLU A 1014 -19.97 -1.36 4.53
CA GLU A 1014 -21.20 -0.63 4.22
C GLU A 1014 -22.34 -1.59 3.92
N ILE A 1015 -22.06 -2.66 3.17
CA ILE A 1015 -23.11 -3.64 2.87
C ILE A 1015 -23.62 -4.28 4.16
N ARG A 1016 -22.71 -4.61 5.08
CA ARG A 1016 -23.11 -5.23 6.34
C ARG A 1016 -23.95 -4.29 7.18
N ALA A 1017 -23.58 -2.99 7.21
CA ALA A 1017 -24.36 -2.02 7.96
C ALA A 1017 -25.77 -1.91 7.37
N SER A 1018 -25.88 -1.88 6.04
CA SER A 1018 -27.19 -1.83 5.41
C SER A 1018 -28.00 -3.08 5.74
N ALA A 1019 -27.36 -4.24 5.75
CA ALA A 1019 -28.06 -5.48 6.08
C ALA A 1019 -28.56 -5.46 7.52
N ASN A 1020 -27.75 -4.96 8.44
CA ASN A 1020 -28.18 -4.87 9.84
C ASN A 1020 -29.36 -3.92 9.99
N LEU A 1021 -29.33 -2.78 9.28
CA LEU A 1021 -30.46 -1.86 9.33
C LEU A 1021 -31.72 -2.51 8.76
N ALA A 1022 -31.58 -3.26 7.67
CA ALA A 1022 -32.72 -3.94 7.08
C ALA A 1022 -33.30 -4.98 8.04
N ALA A 1023 -32.44 -5.73 8.72
CA ALA A 1023 -32.91 -6.73 9.68
C ALA A 1023 -33.65 -6.07 10.84
N THR A 1024 -33.11 -4.96 11.35
CA THR A 1024 -33.78 -4.25 12.44
C THR A 1024 -35.14 -3.72 11.98
N LYS A 1025 -35.20 -3.15 10.78
CA LYS A 1025 -36.47 -2.66 10.25
C LYS A 1025 -37.47 -3.79 10.10
N MET A 1026 -37.02 -4.95 9.59
CA MET A 1026 -37.90 -6.11 9.49
C MET A 1026 -38.48 -6.47 10.86
N SER A 1027 -37.60 -6.65 11.85
CA SER A 1027 -38.04 -7.12 13.16
C SER A 1027 -38.96 -6.11 13.83
N GLU A 1028 -38.75 -4.81 13.61
CA GLU A 1028 -39.51 -3.81 14.35
C GLU A 1028 -40.75 -3.30 13.62
N CYS A 1029 -40.84 -3.45 12.30
CA CYS A 1029 -42.02 -3.00 11.57
C CYS A 1029 -42.90 -4.12 11.07
N VAL A 1030 -42.33 -5.27 10.69
CA VAL A 1030 -43.15 -6.35 10.16
C VAL A 1030 -43.74 -7.18 11.28
N LEU A 1031 -42.94 -7.50 12.30
CA LEU A 1031 -43.38 -8.36 13.39
C LEU A 1031 -44.15 -7.62 14.47
N GLY A 1032 -44.30 -6.31 14.36
CA GLY A 1032 -45.03 -5.57 15.37
C GLY A 1032 -45.34 -4.17 14.89
N GLN A 1033 -45.77 -3.33 15.84
CA GLN A 1033 -46.10 -1.94 15.57
C GLN A 1033 -45.08 -1.06 16.26
N SER A 1034 -44.57 -0.05 15.54
CA SER A 1034 -43.47 0.78 16.01
C SER A 1034 -43.99 2.15 16.38
N LYS A 1035 -43.58 2.64 17.56
CA LYS A 1035 -43.90 3.98 18.01
C LYS A 1035 -42.86 5.02 17.60
N ARG A 1036 -41.73 4.59 17.04
CA ARG A 1036 -40.69 5.53 16.65
C ARG A 1036 -41.14 6.37 15.46
N VAL A 1037 -40.78 7.64 15.47
CA VAL A 1037 -41.24 8.58 14.46
C VAL A 1037 -40.37 8.45 13.21
N ASP A 1038 -41.04 8.33 12.06
CA ASP A 1038 -40.37 8.28 10.75
C ASP A 1038 -39.39 7.13 10.63
N PHE A 1039 -39.68 6.01 11.31
CA PHE A 1039 -38.87 4.81 11.20
C PHE A 1039 -39.46 3.81 10.21
N CYS A 1040 -40.74 3.46 10.38
CA CYS A 1040 -41.45 2.59 9.45
C CYS A 1040 -42.45 3.47 8.72
N GLY A 1041 -42.00 4.09 7.64
CA GLY A 1041 -42.84 4.99 6.86
C GLY A 1041 -42.94 6.37 7.49
N LYS A 1042 -43.75 7.22 6.86
CA LYS A 1042 -43.98 8.58 7.32
C LYS A 1042 -45.42 8.73 7.78
N GLY A 1043 -45.59 9.19 9.02
CA GLY A 1043 -46.89 9.31 9.63
C GLY A 1043 -47.02 8.42 10.85
N TYR A 1044 -48.23 7.92 11.08
CA TYR A 1044 -48.51 6.99 12.17
C TYR A 1044 -48.50 5.57 11.60
N HIS A 1045 -47.52 4.78 11.99
CA HIS A 1045 -47.33 3.46 11.42
C HIS A 1045 -48.46 2.51 11.84
N LEU A 1046 -48.91 1.68 10.89
CA LEU A 1046 -49.90 0.65 11.17
C LEU A 1046 -49.32 -0.75 10.97
N MET A 1047 -48.80 -1.07 9.79
CA MET A 1047 -48.21 -2.37 9.53
C MET A 1047 -47.35 -2.28 8.28
N SER A 1048 -46.57 -3.33 8.03
CA SER A 1048 -45.65 -3.36 6.91
C SER A 1048 -45.73 -4.70 6.21
N PHE A 1049 -45.34 -4.71 4.94
CA PHE A 1049 -45.33 -5.92 4.12
C PHE A 1049 -43.97 -6.07 3.45
N PRO A 1050 -43.32 -7.23 3.54
CA PRO A 1050 -42.03 -7.42 2.88
C PRO A 1050 -42.15 -7.95 1.47
N GLN A 1051 -41.25 -7.49 0.60
CA GLN A 1051 -41.14 -8.00 -0.76
C GLN A 1051 -39.67 -8.18 -1.10
N SER A 1052 -39.37 -9.19 -1.92
CA SER A 1052 -37.99 -9.54 -2.25
C SER A 1052 -37.54 -8.81 -3.51
N ALA A 1053 -36.28 -8.37 -3.49
CA ALA A 1053 -35.64 -7.67 -4.60
C ALA A 1053 -34.27 -8.26 -4.83
N PRO A 1054 -33.73 -8.12 -6.03
CA PRO A 1054 -32.40 -8.68 -6.32
C PRO A 1054 -31.33 -8.04 -5.44
N HIS A 1055 -30.71 -8.86 -4.59
CA HIS A 1055 -29.68 -8.40 -3.65
C HIS A 1055 -30.22 -7.29 -2.75
N GLY A 1056 -31.46 -7.44 -2.31
CA GLY A 1056 -32.06 -6.41 -1.48
C GLY A 1056 -33.46 -6.82 -1.05
N VAL A 1057 -34.14 -5.88 -0.41
CA VAL A 1057 -35.49 -6.11 0.11
C VAL A 1057 -36.27 -4.81 0.01
N VAL A 1058 -37.58 -4.93 -0.15
CA VAL A 1058 -38.48 -3.79 -0.30
C VAL A 1058 -39.59 -3.89 0.72
N PHE A 1059 -39.86 -2.79 1.42
CA PHE A 1059 -40.91 -2.71 2.43
C PHE A 1059 -42.03 -1.81 1.94
N LEU A 1060 -43.27 -2.19 2.25
CA LEU A 1060 -44.45 -1.37 1.97
C LEU A 1060 -45.05 -0.94 3.30
N HIS A 1061 -44.95 0.35 3.61
CA HIS A 1061 -45.40 0.88 4.89
C HIS A 1061 -46.79 1.48 4.75
N VAL A 1062 -47.71 1.04 5.59
CA VAL A 1062 -49.06 1.59 5.65
C VAL A 1062 -49.15 2.53 6.84
N THR A 1063 -49.60 3.76 6.60
CA THR A 1063 -49.59 4.80 7.60
C THR A 1063 -50.95 5.48 7.67
N TYR A 1064 -51.14 6.25 8.74
CA TYR A 1064 -52.38 6.98 9.00
C TYR A 1064 -52.07 8.47 8.98
N VAL A 1065 -52.76 9.21 8.11
CA VAL A 1065 -52.52 10.63 7.92
C VAL A 1065 -53.82 11.39 8.15
N PRO A 1066 -53.87 12.31 9.11
CA PRO A 1066 -55.08 13.11 9.30
C PRO A 1066 -55.25 14.14 8.19
N ALA A 1067 -56.49 14.62 8.05
CA ALA A 1067 -56.80 15.61 7.03
C ALA A 1067 -58.07 16.35 7.42
N GLN A 1068 -58.30 17.48 6.75
CA GLN A 1068 -59.50 18.30 6.90
C GLN A 1068 -59.67 18.77 8.35
N GLU A 1069 -58.72 19.60 8.79
CA GLU A 1069 -58.77 20.16 10.13
C GLU A 1069 -59.76 21.33 10.19
N LYS A 1070 -60.08 21.74 11.42
CA LYS A 1070 -61.04 22.81 11.65
C LYS A 1070 -60.58 23.64 12.84
N ASN A 1071 -61.11 24.85 12.93
CA ASN A 1071 -60.76 25.78 14.00
C ASN A 1071 -61.73 25.64 15.17
N PHE A 1072 -61.17 25.66 16.38
CA PHE A 1072 -61.98 25.56 17.60
C PHE A 1072 -61.35 26.40 18.69
N THR A 1073 -62.16 26.74 19.69
CA THR A 1073 -61.71 27.42 20.89
C THR A 1073 -61.52 26.41 22.01
N THR A 1074 -60.42 26.54 22.74
CA THR A 1074 -60.06 25.55 23.75
C THR A 1074 -59.78 26.24 25.09
N ALA A 1075 -59.90 25.46 26.16
CA ALA A 1075 -59.64 25.90 27.52
C ALA A 1075 -58.91 24.79 28.26
N PRO A 1076 -58.08 25.14 29.25
CA PRO A 1076 -57.35 24.09 29.98
C PRO A 1076 -58.18 23.37 31.02
N ALA A 1077 -59.11 24.08 31.66
CA ALA A 1077 -59.91 23.49 32.72
C ALA A 1077 -61.28 24.18 32.77
N ILE A 1078 -62.21 23.55 33.47
CA ILE A 1078 -63.57 24.05 33.60
C ILE A 1078 -63.95 24.05 35.08
N CYS A 1079 -64.51 25.17 35.54
CA CYS A 1079 -64.90 25.35 36.93
C CYS A 1079 -66.42 25.24 37.05
N HIS A 1080 -66.89 24.39 37.95
CA HIS A 1080 -68.32 24.15 38.12
C HIS A 1080 -68.85 24.63 39.46
N ASP A 1081 -68.30 24.15 40.56
CA ASP A 1081 -68.78 24.48 41.90
C ASP A 1081 -67.60 24.82 42.82
N GLY A 1082 -66.72 25.68 42.34
CA GLY A 1082 -65.50 25.95 43.08
C GLY A 1082 -64.45 24.88 42.96
N LYS A 1083 -64.56 24.01 41.97
CA LYS A 1083 -63.61 22.92 41.75
C LYS A 1083 -63.18 22.91 40.29
N ALA A 1084 -61.94 22.49 40.07
CA ALA A 1084 -61.37 22.45 38.73
C ALA A 1084 -61.50 21.04 38.16
N HIS A 1085 -61.99 20.95 36.92
CA HIS A 1085 -62.18 19.67 36.25
C HIS A 1085 -61.25 19.60 35.05
N PHE A 1086 -60.50 18.51 34.96
CA PHE A 1086 -59.57 18.29 33.85
C PHE A 1086 -60.02 17.10 33.02
N PRO A 1087 -59.77 17.11 31.72
CA PRO A 1087 -60.15 15.96 30.89
C PRO A 1087 -59.31 14.74 31.20
N ARG A 1088 -59.88 13.57 30.94
CA ARG A 1088 -59.19 12.31 31.16
C ARG A 1088 -58.32 11.92 29.97
N GLU A 1089 -58.94 11.76 28.81
CA GLU A 1089 -58.24 11.38 27.58
C GLU A 1089 -58.76 12.19 26.40
N GLY A 1090 -58.91 13.49 26.59
CA GLY A 1090 -59.46 14.32 25.54
C GLY A 1090 -59.09 15.77 25.72
N VAL A 1091 -59.75 16.62 24.93
CA VAL A 1091 -59.55 18.06 24.94
C VAL A 1091 -60.91 18.73 25.10
N PHE A 1092 -60.88 19.99 25.54
CA PHE A 1092 -62.06 20.81 25.65
C PHE A 1092 -62.14 21.73 24.44
N VAL A 1093 -63.26 21.66 23.71
CA VAL A 1093 -63.45 22.46 22.50
C VAL A 1093 -64.83 23.10 22.56
N SER A 1094 -64.97 24.18 21.78
CA SER A 1094 -66.23 24.91 21.69
C SER A 1094 -66.49 25.30 20.25
N ASN A 1095 -67.75 25.18 19.83
CA ASN A 1095 -68.14 25.59 18.49
C ASN A 1095 -68.69 27.01 18.45
N GLY A 1096 -68.63 27.73 19.56
CA GLY A 1096 -69.08 29.10 19.61
C GLY A 1096 -70.01 29.40 20.77
N THR A 1097 -70.88 28.43 21.09
CA THR A 1097 -71.83 28.60 22.18
C THR A 1097 -71.66 27.56 23.29
N HIS A 1098 -71.52 26.29 22.93
CA HIS A 1098 -71.47 25.21 23.90
C HIS A 1098 -70.04 24.68 24.03
N TRP A 1099 -69.83 23.84 25.04
CA TRP A 1099 -68.54 23.23 25.31
C TRP A 1099 -68.68 21.71 25.25
N PHE A 1100 -67.69 21.06 24.64
CA PHE A 1100 -67.68 19.61 24.49
C PHE A 1100 -66.30 19.07 24.82
N VAL A 1101 -66.21 17.76 24.92
CA VAL A 1101 -64.94 17.06 25.10
C VAL A 1101 -64.81 16.02 24.00
N THR A 1102 -63.63 15.93 23.40
CA THR A 1102 -63.42 15.04 22.26
C THR A 1102 -62.00 14.53 22.28
N GLN A 1103 -61.77 13.41 21.59
CA GLN A 1103 -60.44 12.86 21.46
C GLN A 1103 -59.57 13.78 20.60
N ARG A 1104 -58.26 13.68 20.77
CA ARG A 1104 -57.32 14.63 20.21
C ARG A 1104 -56.99 14.37 18.74
N ASN A 1105 -57.36 13.21 18.19
CA ASN A 1105 -56.98 12.86 16.83
C ASN A 1105 -58.17 12.70 15.89
N PHE A 1106 -59.39 12.99 16.35
CA PHE A 1106 -60.58 12.85 15.52
C PHE A 1106 -61.70 13.63 16.17
N TYR A 1107 -62.38 14.46 15.38
CA TYR A 1107 -63.43 15.31 15.94
C TYR A 1107 -64.66 14.46 16.26
N GLU A 1108 -64.96 14.33 17.55
CA GLU A 1108 -66.13 13.59 18.02
C GLU A 1108 -66.61 14.20 19.32
N PRO A 1109 -67.39 15.27 19.25
CA PRO A 1109 -67.79 15.99 20.47
C PRO A 1109 -68.70 15.14 21.34
N GLN A 1110 -68.61 15.37 22.65
CA GLN A 1110 -69.43 14.67 23.62
C GLN A 1110 -69.72 15.60 24.79
N ILE A 1111 -70.80 15.28 25.51
CA ILE A 1111 -71.21 16.11 26.64
C ILE A 1111 -70.24 15.91 27.80
N ILE A 1112 -69.90 17.01 28.47
CA ILE A 1112 -69.00 16.94 29.62
C ILE A 1112 -69.73 16.30 30.79
N THR A 1113 -69.19 15.19 31.29
CA THR A 1113 -69.84 14.41 32.34
C THR A 1113 -68.78 14.03 33.36
N THR A 1114 -69.24 13.76 34.60
CA THR A 1114 -68.33 13.49 35.70
C THR A 1114 -67.45 12.27 35.46
N ASP A 1115 -67.85 11.35 34.58
CA ASP A 1115 -67.00 10.22 34.26
C ASP A 1115 -65.95 10.55 33.21
N ASN A 1116 -66.07 11.70 32.54
CA ASN A 1116 -65.06 12.14 31.58
C ASN A 1116 -63.98 13.01 32.21
N THR A 1117 -64.22 13.55 33.39
CA THR A 1117 -63.30 14.49 34.03
C THR A 1117 -63.00 14.04 35.45
N PHE A 1118 -61.88 14.52 35.98
CA PHE A 1118 -61.50 14.28 37.36
C PHE A 1118 -61.22 15.61 38.04
N VAL A 1119 -61.46 15.66 39.34
CA VAL A 1119 -61.40 16.89 40.12
C VAL A 1119 -60.06 16.98 40.82
N SER A 1120 -59.42 18.14 40.74
CA SER A 1120 -58.13 18.34 41.40
C SER A 1120 -57.95 19.84 41.65
N GLY A 1121 -58.16 20.26 42.89
CA GLY A 1121 -57.92 21.63 43.29
C GLY A 1121 -59.16 22.50 43.22
N ASN A 1122 -58.92 23.81 43.24
CA ASN A 1122 -59.96 24.82 43.20
C ASN A 1122 -59.79 25.67 41.94
N CYS A 1123 -60.59 26.73 41.83
CA CYS A 1123 -60.68 27.54 40.62
C CYS A 1123 -59.88 28.84 40.71
N ASP A 1124 -58.75 28.82 41.39
CA ASP A 1124 -57.93 30.02 41.48
C ASP A 1124 -56.44 29.70 41.40
N VAL A 1125 -56.09 28.62 40.70
CA VAL A 1125 -54.68 28.23 40.55
C VAL A 1125 -54.38 27.96 39.08
N VAL A 1126 -55.42 27.94 38.25
CA VAL A 1126 -55.28 27.63 36.83
C VAL A 1126 -55.42 28.92 36.03
N ILE A 1127 -54.49 29.15 35.11
CA ILE A 1127 -54.49 30.36 34.28
C ILE A 1127 -55.29 30.04 33.01
N GLY A 1128 -56.51 30.53 32.95
CA GLY A 1128 -57.32 30.36 31.76
C GLY A 1128 -58.56 29.50 31.97
N ILE A 1129 -58.96 29.30 33.23
CA ILE A 1129 -60.12 28.48 33.52
C ILE A 1129 -61.38 29.17 32.98
N VAL A 1130 -62.38 28.36 32.63
CA VAL A 1130 -63.60 28.84 32.00
C VAL A 1130 -64.80 28.29 32.77
N ASN A 1131 -65.75 29.17 33.08
CA ASN A 1131 -66.97 28.76 33.77
C ASN A 1131 -67.86 27.94 32.84
N ASN A 1132 -68.38 26.84 33.36
CA ASN A 1132 -69.32 26.00 32.63
C ASN A 1132 -70.03 25.10 33.64
N THR A 1133 -70.77 24.11 33.13
CA THR A 1133 -71.50 23.17 33.94
C THR A 1133 -71.11 21.74 33.58
N VAL A 1134 -71.13 20.86 34.58
CA VAL A 1134 -70.76 19.46 34.40
C VAL A 1134 -72.00 18.62 34.71
N TYR A 1135 -72.40 17.79 33.74
CA TYR A 1135 -73.61 17.00 33.89
C TYR A 1135 -73.37 15.85 34.87
N ASP A 1136 -74.41 15.54 35.65
CA ASP A 1136 -74.37 14.43 36.59
C ASP A 1136 -75.22 13.29 36.04
N PRO A 1137 -74.64 12.14 35.70
CA PRO A 1137 -75.41 11.05 35.08
C PRO A 1137 -76.17 10.17 36.04
N LEU A 1138 -76.31 10.57 37.30
CA LEU A 1138 -76.95 9.69 38.27
C LEU A 1138 -78.10 10.37 39.02
N GLN A 1139 -78.00 11.68 39.27
CA GLN A 1139 -78.97 12.32 40.16
C GLN A 1139 -80.33 12.51 39.51
N PRO A 1140 -80.47 13.20 38.37
CA PRO A 1140 -81.82 13.57 37.92
C PRO A 1140 -82.68 12.41 37.43
N GLU A 1141 -82.12 11.52 36.61
CA GLU A 1141 -82.95 10.46 36.05
C GLU A 1141 -83.04 9.24 36.98
N LEU A 1142 -81.94 8.86 37.62
CA LEU A 1142 -81.98 7.81 38.65
C LEU A 1142 -82.13 8.42 40.05
N ASP A 1143 -83.25 9.10 40.24
CA ASP A 1143 -83.60 9.69 41.52
C ASP A 1143 -84.50 8.80 42.38
N SER A 1144 -84.82 7.59 41.92
CA SER A 1144 -85.66 6.68 42.69
C SER A 1144 -84.89 6.10 43.87
N THR B 19 28.22 -68.67 -11.65
CA THR B 19 27.71 -69.78 -12.45
C THR B 19 26.71 -69.30 -13.49
N THR B 20 26.40 -70.15 -14.45
CA THR B 20 25.44 -69.83 -15.51
C THR B 20 24.03 -70.17 -15.01
N ARG B 21 23.61 -69.43 -13.98
CA ARG B 21 22.30 -69.63 -13.38
C ARG B 21 21.21 -68.94 -14.21
N THR B 22 19.97 -69.28 -13.88
CA THR B 22 18.82 -68.72 -14.57
C THR B 22 18.42 -67.38 -13.91
N GLN B 23 17.38 -66.76 -14.45
CA GLN B 23 16.91 -65.49 -13.95
C GLN B 23 15.85 -65.68 -12.87
N LEU B 24 15.56 -64.61 -12.14
CA LEU B 24 14.56 -64.61 -11.09
C LEU B 24 13.63 -63.43 -11.30
N PRO B 25 12.32 -63.62 -11.20
CA PRO B 25 11.39 -62.50 -11.40
C PRO B 25 11.23 -61.68 -10.14
N PRO B 26 11.61 -60.40 -10.18
CA PRO B 26 11.47 -59.55 -8.98
C PRO B 26 10.03 -59.08 -8.81
N ALA B 27 9.49 -59.30 -7.62
CA ALA B 27 8.16 -58.84 -7.27
C ALA B 27 8.27 -57.51 -6.52
N TYR B 28 7.15 -57.05 -5.96
CA TYR B 28 7.10 -55.76 -5.30
C TYR B 28 6.36 -55.88 -3.96
N THR B 29 6.66 -54.95 -3.07
CA THR B 29 6.01 -54.86 -1.77
C THR B 29 5.77 -53.41 -1.42
N ASN B 30 4.83 -53.18 -0.51
CA ASN B 30 4.44 -51.82 -0.14
C ASN B 30 5.43 -51.24 0.85
N SER B 31 5.84 -49.99 0.62
CA SER B 31 6.83 -49.34 1.47
C SER B 31 6.23 -48.88 2.80
N PHE B 32 4.92 -48.62 2.84
CA PHE B 32 4.23 -48.15 4.04
C PHE B 32 4.82 -46.79 4.43
N THR B 33 4.80 -46.46 5.72
CA THR B 33 5.28 -45.17 6.21
C THR B 33 6.69 -45.34 6.74
N ARG B 34 7.65 -45.41 5.82
CA ARG B 34 9.06 -45.56 6.16
C ARG B 34 9.89 -44.63 5.30
N GLY B 35 11.07 -44.30 5.80
CA GLY B 35 12.01 -43.46 5.07
C GLY B 35 11.93 -42.00 5.40
N VAL B 36 11.97 -41.66 6.69
CA VAL B 36 11.92 -40.29 7.15
C VAL B 36 13.24 -39.97 7.85
N TYR B 37 13.87 -38.87 7.42
CA TYR B 37 15.15 -38.44 7.97
C TYR B 37 15.09 -36.95 8.26
N TYR B 38 16.01 -36.50 9.10
CA TYR B 38 16.04 -35.08 9.47
C TYR B 38 16.49 -34.26 8.27
N PRO B 39 15.66 -33.34 7.78
CA PRO B 39 16.01 -32.61 6.55
C PRO B 39 16.97 -31.46 6.78
N ASP B 40 16.86 -30.79 7.93
CA ASP B 40 17.65 -29.60 8.21
C ASP B 40 18.52 -29.85 9.43
N LYS B 41 19.59 -29.08 9.52
CA LYS B 41 20.62 -29.31 10.53
C LYS B 41 20.23 -28.75 11.89
N VAL B 42 19.27 -27.82 11.93
CA VAL B 42 18.92 -27.12 13.16
C VAL B 42 18.06 -28.01 14.06
N PHE B 43 17.83 -27.53 15.28
CA PHE B 43 17.00 -28.20 16.27
C PHE B 43 15.70 -27.42 16.45
N ARG B 44 14.58 -28.12 16.44
CA ARG B 44 13.27 -27.52 16.66
C ARG B 44 12.45 -28.40 17.60
N SER B 45 11.65 -27.74 18.44
CA SER B 45 10.85 -28.45 19.44
C SER B 45 9.42 -27.93 19.42
N SER B 46 8.46 -28.85 19.48
CA SER B 46 7.02 -28.62 19.59
C SER B 46 6.42 -27.91 18.38
N VAL B 47 7.21 -27.61 17.35
CA VAL B 47 6.70 -26.95 16.17
C VAL B 47 6.28 -27.99 15.14
N LEU B 48 5.47 -27.56 14.18
CA LEU B 48 5.03 -28.38 13.06
C LEU B 48 5.60 -27.75 11.79
N HIS B 49 6.83 -28.12 11.44
CA HIS B 49 7.51 -27.54 10.30
C HIS B 49 7.21 -28.34 9.03
N SER B 50 7.16 -27.62 7.91
CA SER B 50 6.94 -28.23 6.60
C SER B 50 8.11 -27.89 5.70
N THR B 51 8.68 -28.92 5.06
CA THR B 51 9.82 -28.76 4.18
C THR B 51 9.58 -29.52 2.88
N GLN B 52 10.28 -29.09 1.83
CA GLN B 52 10.15 -29.68 0.50
C GLN B 52 11.53 -30.18 0.06
N ASP B 53 11.87 -31.40 0.47
CA ASP B 53 13.13 -32.03 0.09
C ASP B 53 12.87 -33.37 -0.58
N LEU B 54 13.92 -34.15 -0.81
CA LEU B 54 13.76 -35.49 -1.35
C LEU B 54 13.27 -36.44 -0.28
N PHE B 55 12.22 -37.19 -0.59
CA PHE B 55 11.61 -38.10 0.39
C PHE B 55 11.04 -39.30 -0.35
N LEU B 56 10.80 -40.36 0.41
CA LEU B 56 10.13 -41.56 -0.12
C LEU B 56 8.63 -41.42 0.08
N PRO B 57 7.83 -41.36 -0.98
CA PRO B 57 6.38 -41.24 -0.80
C PRO B 57 5.80 -42.44 -0.07
N PHE B 58 4.78 -42.17 0.74
CA PHE B 58 4.12 -43.23 1.48
C PHE B 58 3.34 -44.15 0.54
N PHE B 59 3.31 -45.43 0.89
CA PHE B 59 2.59 -46.45 0.14
C PHE B 59 3.06 -46.51 -1.31
N SER B 60 4.34 -46.87 -1.48
CA SER B 60 4.97 -46.98 -2.78
C SER B 60 5.55 -48.38 -2.97
N ASN B 61 5.78 -48.72 -4.23
CA ASN B 61 6.31 -50.04 -4.56
C ASN B 61 7.83 -50.06 -4.41
N VAL B 62 8.35 -51.08 -3.74
CA VAL B 62 9.78 -51.27 -3.57
C VAL B 62 10.12 -52.72 -3.84
N THR B 63 11.21 -52.95 -4.57
CA THR B 63 11.66 -54.30 -4.86
C THR B 63 12.20 -54.95 -3.59
N TRP B 64 12.07 -56.28 -3.52
CA TRP B 64 12.48 -57.05 -2.35
C TRP B 64 13.39 -58.20 -2.76
N PHE B 65 14.43 -57.87 -3.53
CA PHE B 65 15.46 -58.83 -3.93
C PHE B 65 15.87 -59.72 -2.77
N HIS B 66 15.71 -61.03 -2.96
CA HIS B 66 15.86 -61.99 -1.88
C HIS B 66 17.26 -62.60 -1.90
N VAL B 67 17.91 -62.64 -0.76
CA VAL B 67 19.22 -63.26 -0.60
C VAL B 67 18.97 -64.65 -0.01
N ILE B 68 18.84 -65.64 -0.89
CA ILE B 68 18.54 -67.00 -0.49
C ILE B 68 19.52 -67.94 -1.19
N SER B 69 19.70 -69.11 -0.59
CA SER B 69 20.54 -70.16 -1.17
C SER B 69 19.77 -70.80 -2.32
N GLY B 70 19.97 -70.29 -3.53
CA GLY B 70 19.21 -70.78 -4.68
C GLY B 70 19.61 -72.21 -5.03
N THR B 71 18.60 -73.01 -5.41
CA THR B 71 18.80 -74.38 -5.88
C THR B 71 19.51 -75.22 -4.80
N ASN B 72 19.28 -74.86 -3.54
CA ASN B 72 19.78 -75.60 -2.38
C ASN B 72 21.30 -75.81 -2.46
N GLY B 73 22.03 -74.69 -2.44
CA GLY B 73 23.46 -74.72 -2.44
C GLY B 73 24.14 -74.18 -3.68
N THR B 74 23.40 -73.53 -4.59
CA THR B 74 23.97 -72.95 -5.79
C THR B 74 24.04 -71.44 -5.63
N LYS B 75 25.17 -70.86 -6.02
CA LYS B 75 25.39 -69.43 -5.82
C LYS B 75 24.41 -68.59 -6.64
N ARG B 76 23.99 -67.47 -6.06
CA ARG B 76 23.13 -66.50 -6.72
C ARG B 76 23.85 -65.17 -6.77
N PHE B 77 24.19 -64.71 -7.98
CA PHE B 77 24.83 -63.39 -8.14
C PHE B 77 23.77 -62.34 -8.45
N ASP B 78 22.78 -62.26 -7.56
CA ASP B 78 21.65 -61.34 -7.72
C ASP B 78 22.05 -59.91 -7.38
N ASN B 79 22.98 -59.38 -8.18
CA ASN B 79 23.51 -58.03 -8.01
C ASN B 79 23.37 -57.27 -9.31
N PRO B 80 22.15 -56.87 -9.68
CA PRO B 80 21.97 -56.10 -10.91
C PRO B 80 22.52 -54.70 -10.76
N VAL B 81 22.80 -54.08 -11.91
CA VAL B 81 23.31 -52.71 -11.94
C VAL B 81 22.09 -51.80 -11.95
N LEU B 82 21.56 -51.56 -10.75
CA LEU B 82 20.39 -50.72 -10.59
C LEU B 82 20.78 -49.25 -10.77
N PRO B 83 20.01 -48.47 -11.52
CA PRO B 83 20.31 -47.05 -11.66
C PRO B 83 20.21 -46.33 -10.32
N PHE B 84 21.11 -45.37 -10.11
CA PHE B 84 21.09 -44.61 -8.85
C PHE B 84 19.98 -43.57 -8.85
N ASN B 85 19.69 -42.97 -10.01
CA ASN B 85 18.69 -41.92 -10.14
C ASN B 85 18.99 -40.76 -9.19
N ASP B 86 18.15 -40.59 -8.17
CA ASP B 86 18.31 -39.49 -7.23
C ASP B 86 18.51 -39.93 -5.78
N GLY B 87 18.18 -41.17 -5.45
CA GLY B 87 18.34 -41.63 -4.08
C GLY B 87 18.01 -43.10 -3.98
N VAL B 88 18.42 -43.68 -2.85
CA VAL B 88 18.23 -45.10 -2.58
C VAL B 88 17.74 -45.27 -1.14
N TYR B 89 16.80 -46.20 -0.94
CA TYR B 89 16.32 -46.52 0.39
C TYR B 89 16.72 -47.95 0.75
N PHE B 90 17.99 -48.29 0.55
CA PHE B 90 18.47 -49.62 0.87
C PHE B 90 18.18 -49.96 2.33
N ALA B 91 17.52 -51.10 2.54
CA ALA B 91 17.27 -51.64 3.86
C ALA B 91 17.49 -53.16 3.79
N SER B 92 17.41 -53.82 4.93
CA SER B 92 17.61 -55.26 4.94
C SER B 92 17.01 -55.87 6.20
N ILE B 93 16.83 -57.20 6.16
CA ILE B 93 16.23 -57.95 7.26
C ILE B 93 17.26 -59.00 7.68
N GLU B 94 18.54 -58.64 7.62
CA GLU B 94 19.60 -59.60 7.90
C GLU B 94 19.51 -60.13 9.33
N LYS B 95 19.57 -61.45 9.46
CA LYS B 95 19.78 -62.08 10.75
C LYS B 95 21.24 -61.94 11.20
N SER B 96 22.17 -62.14 10.27
CA SER B 96 23.60 -61.97 10.52
C SER B 96 24.20 -61.05 9.47
N ASN B 97 25.53 -60.98 9.40
CA ASN B 97 26.21 -60.12 8.44
C ASN B 97 26.40 -60.88 7.14
N ILE B 98 25.68 -60.47 6.09
CA ILE B 98 25.79 -61.08 4.77
C ILE B 98 26.16 -60.06 3.69
N ILE B 99 25.46 -58.93 3.65
CA ILE B 99 25.63 -57.94 2.59
C ILE B 99 26.43 -56.78 3.16
N ARG B 100 27.63 -56.55 2.59
CA ARG B 100 28.49 -55.44 3.00
C ARG B 100 29.21 -54.95 1.75
N GLY B 101 28.98 -53.68 1.39
CA GLY B 101 29.60 -53.12 0.21
C GLY B 101 28.63 -52.38 -0.68
N TRP B 102 28.95 -51.13 -1.02
CA TRP B 102 28.07 -50.25 -1.77
C TRP B 102 28.84 -49.53 -2.88
N ILE B 103 29.56 -50.31 -3.69
CA ILE B 103 30.34 -49.72 -4.79
C ILE B 103 29.44 -48.92 -5.70
N PHE B 104 29.85 -47.69 -5.99
CA PHE B 104 29.14 -46.79 -6.89
C PHE B 104 30.07 -46.36 -8.01
N GLY B 105 29.52 -46.30 -9.23
CA GLY B 105 30.31 -45.88 -10.37
C GLY B 105 29.44 -45.66 -11.59
N THR B 106 29.95 -44.84 -12.51
CA THR B 106 29.21 -44.57 -13.73
C THR B 106 29.21 -45.76 -14.67
N THR B 107 30.39 -46.40 -14.85
CA THR B 107 30.50 -47.57 -15.70
C THR B 107 31.09 -48.79 -15.00
N LEU B 108 31.70 -48.61 -13.82
CA LEU B 108 32.25 -49.71 -13.03
C LEU B 108 33.31 -50.48 -13.81
N ASP B 109 34.37 -49.76 -14.19
CA ASP B 109 35.50 -50.36 -14.90
C ASP B 109 36.75 -49.57 -14.54
N SER B 110 37.81 -49.79 -15.30
CA SER B 110 39.08 -49.11 -15.08
C SER B 110 39.09 -47.67 -15.58
N LYS B 111 38.07 -47.26 -16.34
CA LYS B 111 38.02 -45.92 -16.91
C LYS B 111 37.07 -45.00 -16.16
N THR B 112 36.57 -45.41 -15.00
CA THR B 112 35.61 -44.62 -14.24
C THR B 112 36.02 -44.57 -12.77
N GLN B 113 35.94 -43.38 -12.19
CA GLN B 113 36.17 -43.22 -10.76
C GLN B 113 35.11 -43.97 -9.97
N SER B 114 35.52 -44.65 -8.91
CA SER B 114 34.64 -45.51 -8.13
C SER B 114 34.72 -45.15 -6.66
N LEU B 115 33.61 -45.40 -5.96
CA LEU B 115 33.51 -45.20 -4.51
C LEU B 115 33.24 -46.55 -3.87
N LEU B 116 34.01 -46.87 -2.83
CA LEU B 116 33.93 -48.16 -2.16
C LEU B 116 33.63 -47.96 -0.68
N ILE B 117 32.67 -48.73 -0.17
CA ILE B 117 32.33 -48.72 1.25
C ILE B 117 32.47 -50.15 1.75
N VAL B 118 33.66 -50.49 2.26
CA VAL B 118 33.95 -51.83 2.76
C VAL B 118 33.67 -51.85 4.25
N ASN B 119 33.49 -53.04 4.84
CA ASN B 119 33.32 -53.21 6.27
C ASN B 119 34.28 -54.26 6.80
N ASN B 120 35.55 -54.16 6.38
CA ASN B 120 36.56 -55.10 6.85
C ASN B 120 36.90 -54.85 8.31
N ALA B 121 36.95 -55.91 9.10
CA ALA B 121 37.30 -55.86 10.51
C ALA B 121 36.42 -54.86 11.27
N THR B 122 37.05 -53.82 11.83
CA THR B 122 36.31 -52.80 12.55
C THR B 122 36.69 -51.43 11.97
N ASN B 123 36.65 -51.32 10.65
CA ASN B 123 36.99 -50.09 9.96
C ASN B 123 36.22 -50.01 8.65
N VAL B 124 35.74 -48.81 8.33
CA VAL B 124 35.05 -48.60 7.06
C VAL B 124 36.03 -48.68 5.89
N VAL B 125 37.21 -48.07 6.05
CA VAL B 125 38.22 -47.99 4.98
C VAL B 125 37.54 -47.44 3.73
N ILE B 126 37.03 -46.21 3.82
CA ILE B 126 36.37 -45.60 2.67
C ILE B 126 37.42 -45.09 1.70
N LYS B 127 37.36 -45.57 0.46
CA LYS B 127 38.33 -45.20 -0.57
C LYS B 127 37.59 -44.78 -1.82
N VAL B 128 38.10 -43.74 -2.47
CA VAL B 128 37.60 -43.28 -3.76
C VAL B 128 38.78 -43.37 -4.72
N CYS B 129 38.92 -44.52 -5.37
CA CYS B 129 40.03 -44.76 -6.29
C CYS B 129 39.51 -45.53 -7.49
N GLU B 130 40.24 -45.43 -8.59
CA GLU B 130 39.85 -46.10 -9.84
C GLU B 130 40.32 -47.54 -9.79
N PHE B 131 39.38 -48.48 -9.72
CA PHE B 131 39.68 -49.90 -9.63
C PHE B 131 39.10 -50.64 -10.82
N GLN B 132 39.72 -51.78 -11.14
CA GLN B 132 39.19 -52.71 -12.13
C GLN B 132 38.29 -53.71 -11.40
N PHE B 133 37.02 -53.74 -11.77
CA PHE B 133 36.02 -54.55 -11.08
C PHE B 133 35.68 -55.77 -11.92
N CYS B 134 35.71 -56.95 -11.29
CA CYS B 134 35.34 -58.18 -11.97
C CYS B 134 33.82 -58.25 -12.15
N ASN B 135 33.40 -59.17 -13.02
CA ASN B 135 31.97 -59.32 -13.30
C ASN B 135 31.19 -59.73 -12.07
N ASP B 136 31.74 -60.64 -11.27
CA ASP B 136 31.08 -61.16 -10.07
C ASP B 136 31.95 -60.89 -8.86
N PRO B 137 31.78 -59.75 -8.20
CA PRO B 137 32.54 -59.48 -6.97
C PRO B 137 31.79 -59.94 -5.72
N PHE B 138 32.57 -60.34 -4.72
CA PHE B 138 32.01 -60.84 -3.48
C PHE B 138 33.07 -60.72 -2.39
N LEU B 139 32.67 -61.06 -1.16
CA LEU B 139 33.57 -61.02 -0.02
C LEU B 139 33.41 -62.30 0.79
N ASP B 140 34.42 -62.62 1.58
CA ASP B 140 34.45 -63.83 2.40
C ASP B 140 34.25 -63.43 3.85
N HIS B 141 33.09 -63.80 4.41
CA HIS B 141 32.83 -63.51 5.83
C HIS B 141 33.76 -64.32 6.72
N LYS B 142 34.01 -65.58 6.36
CA LYS B 142 34.94 -66.42 7.12
C LYS B 142 36.35 -66.12 6.63
N ASN B 143 37.14 -65.44 7.47
CA ASN B 143 38.48 -65.05 7.08
C ASN B 143 39.38 -66.27 6.90
N ASN B 144 40.35 -66.14 5.99
CA ASN B 144 41.29 -67.23 5.74
C ASN B 144 42.15 -67.47 6.98
N LYS B 145 42.44 -68.74 7.23
CA LYS B 145 43.24 -69.10 8.40
C LYS B 145 44.69 -68.66 8.22
N SER B 146 45.36 -68.44 9.35
CA SER B 146 46.75 -68.01 9.40
C SER B 146 46.97 -66.71 8.62
N MET B 148 47.63 -61.88 6.63
CA MET B 148 46.31 -61.38 6.25
C MET B 148 45.54 -62.40 5.43
N GLU B 149 44.49 -61.95 4.76
CA GLU B 149 43.65 -62.80 3.92
C GLU B 149 43.55 -62.22 2.51
N SER B 150 43.12 -63.07 1.58
CA SER B 150 42.97 -62.69 0.18
C SER B 150 41.53 -62.29 -0.16
N GLU B 151 40.83 -61.68 0.79
CA GLU B 151 39.42 -61.32 0.59
C GLU B 151 39.23 -60.21 -0.43
N PHE B 152 40.30 -59.52 -0.84
CA PHE B 152 40.21 -58.40 -1.78
C PHE B 152 40.14 -58.90 -3.23
N ARG B 153 39.13 -59.72 -3.50
CA ARG B 153 38.90 -60.24 -4.83
C ARG B 153 37.98 -59.36 -5.68
N VAL B 154 37.38 -58.33 -5.10
CA VAL B 154 36.47 -57.47 -5.85
C VAL B 154 37.25 -56.66 -6.88
N TYR B 155 38.46 -56.24 -6.55
CA TYR B 155 39.31 -55.47 -7.46
C TYR B 155 40.68 -56.12 -7.56
N SER B 156 41.33 -55.90 -8.70
CA SER B 156 42.65 -56.44 -8.95
C SER B 156 43.72 -55.37 -9.18
N SER B 157 43.35 -54.18 -9.63
CA SER B 157 44.31 -53.12 -9.92
C SER B 157 43.82 -51.81 -9.30
N ALA B 158 44.78 -50.97 -8.91
CA ALA B 158 44.50 -49.66 -8.36
C ALA B 158 45.18 -48.61 -9.23
N ASN B 159 44.44 -47.55 -9.57
CA ASN B 159 44.93 -46.48 -10.43
C ASN B 159 44.58 -45.15 -9.80
N ASN B 160 45.55 -44.54 -9.10
CA ASN B 160 45.42 -43.24 -8.46
C ASN B 160 44.43 -43.27 -7.29
N CYS B 161 44.64 -42.42 -6.29
CA CYS B 161 43.76 -42.33 -5.14
C CYS B 161 43.67 -40.88 -4.70
N THR B 162 42.46 -40.46 -4.33
CA THR B 162 42.20 -39.08 -3.95
C THR B 162 41.79 -38.93 -2.49
N PHE B 163 40.75 -39.63 -2.06
CA PHE B 163 40.18 -39.47 -0.72
C PHE B 163 40.20 -40.80 0.01
N GLU B 164 40.61 -40.78 1.28
CA GLU B 164 40.59 -41.95 2.14
C GLU B 164 40.00 -41.56 3.48
N TYR B 165 39.16 -42.42 4.05
CA TYR B 165 38.52 -42.16 5.34
C TYR B 165 38.36 -43.49 6.07
N VAL B 166 39.10 -43.67 7.16
CA VAL B 166 39.02 -44.86 7.99
C VAL B 166 38.48 -44.44 9.35
N SER B 167 37.40 -45.10 9.78
CA SER B 167 36.74 -44.77 11.04
C SER B 167 35.99 -45.99 11.54
N GLN B 168 35.13 -45.79 12.53
CA GLN B 168 34.33 -46.87 13.08
C GLN B 168 33.34 -47.39 12.03
N PRO B 169 33.15 -48.70 11.96
CA PRO B 169 32.25 -49.26 10.95
C PRO B 169 30.82 -48.75 11.11
N PHE B 170 30.13 -48.63 9.96
CA PHE B 170 28.76 -48.12 9.98
C PHE B 170 27.83 -49.05 10.74
N LEU B 171 27.96 -50.36 10.53
CA LEU B 171 27.06 -51.34 11.13
C LEU B 171 27.62 -51.75 12.49
N MET B 172 27.20 -51.04 13.54
CA MET B 172 27.61 -51.33 14.90
C MET B 172 26.72 -52.35 15.59
N ASP B 173 25.70 -52.85 14.92
CA ASP B 173 24.83 -53.87 15.50
C ASP B 173 25.61 -55.16 15.76
N LEU B 174 25.37 -55.77 16.91
CA LEU B 174 26.10 -56.95 17.34
C LEU B 174 25.15 -58.12 17.49
N GLU B 175 25.57 -59.29 17.01
CA GLU B 175 24.81 -60.53 17.11
C GLU B 175 25.38 -61.48 18.16
N GLY B 176 26.32 -61.01 18.98
CA GLY B 176 27.00 -61.90 19.91
C GLY B 176 26.11 -62.37 21.06
N LYS B 177 25.08 -61.60 21.40
CA LYS B 177 24.22 -61.95 22.53
C LYS B 177 23.50 -63.27 22.30
N GLN B 178 22.61 -63.32 21.33
CA GLN B 178 21.86 -64.52 20.99
C GLN B 178 21.08 -64.24 19.71
N GLY B 179 20.27 -65.21 19.31
CA GLY B 179 19.38 -65.08 18.17
C GLY B 179 17.99 -64.65 18.57
N ASN B 180 17.02 -64.97 17.72
CA ASN B 180 15.59 -64.71 17.86
C ASN B 180 15.23 -63.24 17.68
N PHE B 181 16.21 -62.35 17.50
CA PHE B 181 15.96 -60.97 17.13
C PHE B 181 16.82 -60.63 15.92
N LYS B 182 16.25 -59.92 14.96
CA LYS B 182 16.91 -59.66 13.69
C LYS B 182 17.07 -58.16 13.49
N ASN B 183 18.05 -57.80 12.68
CA ASN B 183 18.40 -56.41 12.44
C ASN B 183 17.57 -55.81 11.31
N LEU B 184 17.43 -54.49 11.34
CA LEU B 184 16.64 -53.73 10.37
C LEU B 184 17.43 -52.52 9.89
N ARG B 185 18.66 -52.76 9.44
CA ARG B 185 19.50 -51.68 8.94
C ARG B 185 18.82 -50.93 7.82
N GLU B 186 18.82 -49.60 7.92
CA GLU B 186 18.26 -48.73 6.90
C GLU B 186 19.31 -47.72 6.45
N PHE B 187 19.23 -47.31 5.18
CA PHE B 187 20.21 -46.40 4.63
C PHE B 187 19.55 -45.52 3.58
N VAL B 188 19.96 -44.26 3.54
CA VAL B 188 19.50 -43.31 2.53
C VAL B 188 20.74 -42.70 1.87
N PHE B 189 20.88 -42.89 0.56
CA PHE B 189 22.05 -42.43 -0.18
C PHE B 189 21.61 -41.27 -1.06
N LYS B 190 22.08 -40.07 -0.73
CA LYS B 190 21.76 -38.86 -1.47
C LYS B 190 23.04 -38.18 -1.90
N ASN B 191 23.12 -37.83 -3.19
CA ASN B 191 24.28 -37.15 -3.76
C ASN B 191 23.80 -35.86 -4.41
N ILE B 192 24.38 -34.73 -3.98
CA ILE B 192 24.02 -33.43 -4.52
C ILE B 192 25.19 -32.48 -4.27
N ASP B 193 25.32 -31.49 -5.15
CA ASP B 193 26.27 -30.37 -5.08
C ASP B 193 27.62 -30.75 -4.48
N GLY B 194 28.19 -31.86 -4.95
CA GLY B 194 29.49 -32.28 -4.47
C GLY B 194 29.51 -32.83 -3.07
N TYR B 195 28.38 -33.33 -2.57
CA TYR B 195 28.29 -33.86 -1.23
C TYR B 195 27.59 -35.22 -1.25
N PHE B 196 27.87 -36.01 -0.21
CA PHE B 196 27.35 -37.37 -0.10
C PHE B 196 26.91 -37.58 1.34
N LYS B 197 25.60 -37.66 1.55
CA LYS B 197 25.03 -37.81 2.88
C LYS B 197 24.57 -39.24 3.13
N ILE B 198 24.77 -39.72 4.35
CA ILE B 198 24.38 -41.06 4.76
C ILE B 198 23.54 -40.95 6.02
N TYR B 199 22.38 -41.59 6.02
CA TYR B 199 21.52 -41.68 7.20
C TYR B 199 21.24 -43.15 7.49
N SER B 200 21.19 -43.50 8.78
CA SER B 200 21.00 -44.90 9.14
C SER B 200 20.36 -44.99 10.51
N LYS B 201 19.70 -46.13 10.75
CA LYS B 201 19.13 -46.46 12.05
C LYS B 201 18.91 -47.96 12.09
N HIS B 202 18.82 -48.50 13.31
CA HIS B 202 18.62 -49.93 13.51
C HIS B 202 17.57 -50.16 14.59
N THR B 203 16.64 -51.05 14.31
CA THR B 203 15.60 -51.45 15.26
C THR B 203 15.42 -52.96 15.20
N PRO B 204 15.09 -53.59 16.32
CA PRO B 204 14.81 -55.02 16.30
C PRO B 204 13.40 -55.31 15.81
N ILE B 205 13.21 -56.55 15.35
CA ILE B 205 11.90 -56.98 14.84
C ILE B 205 11.51 -58.30 15.48
N ILE B 206 12.49 -58.98 16.09
CA ILE B 206 12.29 -60.26 16.76
C ILE B 206 11.78 -61.30 15.77
N VAL B 207 10.52 -61.17 15.37
CA VAL B 207 9.94 -62.10 14.41
C VAL B 207 10.41 -61.74 13.01
N ARG B 208 10.73 -62.76 12.21
CA ARG B 208 11.21 -62.52 10.86
C ARG B 208 10.09 -62.04 9.95
N GLU B 209 9.09 -62.90 9.73
CA GLU B 209 7.94 -62.64 8.85
C GLU B 209 8.40 -62.01 7.54
N PRO B 210 9.07 -62.76 6.67
CA PRO B 210 9.59 -62.16 5.43
C PRO B 210 8.49 -61.83 4.43
N GLU B 211 7.57 -60.95 4.83
CA GLU B 211 6.45 -60.55 3.98
C GLU B 211 6.50 -59.08 3.63
N ASP B 212 6.67 -58.20 4.60
CA ASP B 212 6.68 -56.76 4.36
C ASP B 212 7.43 -56.06 5.48
N LEU B 213 7.78 -54.81 5.23
CA LEU B 213 8.43 -53.99 6.24
C LEU B 213 7.45 -53.68 7.37
N PRO B 214 7.94 -53.60 8.60
CA PRO B 214 7.04 -53.34 9.74
C PRO B 214 6.40 -51.96 9.64
N GLN B 215 5.19 -51.86 10.17
CA GLN B 215 4.45 -50.59 10.23
C GLN B 215 4.88 -49.86 11.49
N GLY B 216 5.86 -48.96 11.34
CA GLY B 216 6.34 -48.18 12.46
C GLY B 216 7.15 -46.98 12.02
N PHE B 217 6.97 -45.85 12.72
CA PHE B 217 7.68 -44.63 12.36
C PHE B 217 9.10 -44.66 12.91
N SER B 218 10.03 -44.15 12.12
CA SER B 218 11.43 -44.09 12.51
C SER B 218 12.07 -42.85 11.89
N ALA B 219 13.01 -42.25 12.62
CA ALA B 219 13.74 -41.07 12.16
C ALA B 219 15.19 -41.46 11.89
N LEU B 220 15.68 -41.13 10.70
CA LEU B 220 17.01 -41.51 10.27
C LEU B 220 17.96 -40.34 10.51
N GLU B 221 18.81 -40.45 11.53
CA GLU B 221 19.77 -39.42 11.85
C GLU B 221 20.98 -39.50 10.93
N PRO B 222 21.63 -38.37 10.63
CA PRO B 222 22.84 -38.40 9.83
C PRO B 222 23.98 -39.09 10.57
N LEU B 223 24.90 -39.68 9.80
CA LEU B 223 26.03 -40.38 10.39
C LEU B 223 27.36 -39.85 9.86
N VAL B 224 27.41 -39.50 8.57
CA VAL B 224 28.65 -39.05 7.96
C VAL B 224 28.30 -38.21 6.74
N ASP B 225 29.17 -37.26 6.40
CA ASP B 225 29.06 -36.45 5.21
C ASP B 225 30.37 -36.51 4.45
N LEU B 226 30.27 -36.60 3.12
CA LEU B 226 31.45 -36.73 2.29
C LEU B 226 31.47 -35.63 1.23
N PRO B 227 32.64 -35.02 0.99
CA PRO B 227 32.74 -33.93 0.01
C PRO B 227 33.10 -34.36 -1.40
N ILE B 228 33.09 -35.66 -1.71
CA ILE B 228 33.44 -36.12 -3.04
C ILE B 228 32.35 -35.72 -4.02
N GLY B 229 32.75 -35.16 -5.16
CA GLY B 229 31.81 -34.68 -6.15
C GLY B 229 31.87 -35.41 -7.47
N ILE B 230 32.03 -36.73 -7.43
CA ILE B 230 32.09 -37.54 -8.65
C ILE B 230 30.67 -37.82 -9.14
N ASN B 231 30.55 -38.31 -10.36
CA ASN B 231 29.25 -38.61 -10.95
C ASN B 231 28.91 -40.08 -10.72
N ILE B 232 27.72 -40.32 -10.14
CA ILE B 232 27.24 -41.65 -9.83
C ILE B 232 25.92 -41.87 -10.55
N THR B 233 25.81 -42.98 -11.29
CA THR B 233 24.61 -43.29 -12.04
C THR B 233 24.07 -44.70 -11.80
N ARG B 234 24.85 -45.61 -11.21
CA ARG B 234 24.41 -46.99 -11.02
C ARG B 234 24.72 -47.43 -9.60
N PHE B 235 24.01 -48.47 -9.16
CA PHE B 235 24.07 -48.98 -7.80
C PHE B 235 24.41 -50.46 -7.85
N GLN B 236 25.40 -50.86 -7.06
CA GLN B 236 25.79 -52.26 -6.95
C GLN B 236 26.14 -52.57 -5.50
N THR B 237 25.98 -53.84 -5.12
CA THR B 237 26.22 -54.27 -3.75
C THR B 237 27.04 -55.56 -3.75
N LEU B 238 27.42 -55.99 -2.54
CA LEU B 238 28.22 -57.19 -2.36
C LEU B 238 27.53 -58.14 -1.39
N LEU B 239 28.09 -59.35 -1.30
CA LEU B 239 27.62 -60.36 -0.36
C LEU B 239 28.81 -61.04 0.28
N ALA B 240 28.61 -61.57 1.49
CA ALA B 240 29.66 -62.25 2.23
C ALA B 240 29.52 -63.75 2.00
N LEU B 241 30.35 -64.27 1.08
CA LEU B 241 30.35 -65.69 0.75
C LEU B 241 31.79 -66.16 0.63
N HIS B 242 32.20 -67.07 1.51
CA HIS B 242 33.57 -67.57 1.53
C HIS B 242 33.72 -68.92 0.83
N ARG B 243 32.83 -69.87 1.14
CA ARG B 243 32.88 -71.22 0.61
C ARG B 243 31.68 -71.97 1.16
N SER B 244 31.38 -73.12 0.55
CA SER B 244 30.33 -73.99 1.08
C SER B 244 30.71 -74.48 2.46
N TYR B 245 29.78 -74.37 3.40
CA TYR B 245 30.05 -74.74 4.79
C TYR B 245 28.76 -74.97 5.56
N SER B 253 30.66 -77.04 -2.82
CA SER B 253 30.58 -76.47 -4.16
C SER B 253 29.96 -75.07 -4.12
N GLY B 254 30.57 -74.14 -4.85
CA GLY B 254 30.05 -72.79 -4.90
C GLY B 254 30.31 -72.04 -3.61
N TRP B 255 29.59 -70.92 -3.45
CA TRP B 255 29.71 -70.06 -2.29
C TRP B 255 28.33 -69.87 -1.70
N THR B 256 28.12 -70.37 -0.48
CA THR B 256 26.83 -70.31 0.18
C THR B 256 26.99 -69.83 1.61
N ALA B 257 25.97 -69.13 2.10
CA ALA B 257 25.94 -68.61 3.46
C ALA B 257 24.48 -68.57 3.92
N GLY B 258 24.22 -67.82 4.99
CA GLY B 258 22.88 -67.71 5.52
C GLY B 258 21.92 -66.99 4.59
N ALA B 259 20.71 -66.79 5.09
CA ALA B 259 19.63 -66.18 4.32
C ALA B 259 19.33 -64.78 4.84
N ALA B 260 18.94 -63.92 3.92
CA ALA B 260 18.60 -62.53 4.23
C ALA B 260 17.72 -61.99 3.11
N ALA B 261 17.38 -60.70 3.21
CA ALA B 261 16.56 -60.05 2.20
C ALA B 261 16.76 -58.54 2.32
N TYR B 262 16.89 -57.87 1.18
CA TYR B 262 17.11 -56.43 1.14
C TYR B 262 16.15 -55.77 0.17
N TYR B 263 15.78 -54.53 0.46
CA TYR B 263 14.84 -53.77 -0.33
C TYR B 263 15.50 -52.53 -0.91
N VAL B 264 15.00 -52.09 -2.06
CA VAL B 264 15.52 -50.91 -2.74
C VAL B 264 14.35 -50.00 -3.10
N GLY B 265 14.54 -48.70 -2.92
CA GLY B 265 13.52 -47.74 -3.26
C GLY B 265 14.15 -46.48 -3.83
N TYR B 266 13.35 -45.70 -4.54
CA TYR B 266 13.80 -44.48 -5.19
C TYR B 266 13.12 -43.26 -4.58
N LEU B 267 13.75 -42.10 -4.79
CA LEU B 267 13.31 -40.85 -4.20
C LEU B 267 13.07 -39.81 -5.29
N GLN B 268 11.96 -39.08 -5.16
CA GLN B 268 11.66 -37.95 -6.02
C GLN B 268 11.16 -36.81 -5.14
N PRO B 269 11.32 -35.56 -5.59
CA PRO B 269 10.95 -34.42 -4.75
C PRO B 269 9.48 -34.44 -4.35
N ARG B 270 9.22 -34.07 -3.11
CA ARG B 270 7.87 -34.07 -2.56
C ARG B 270 7.80 -33.03 -1.45
N THR B 271 6.60 -32.83 -0.93
CA THR B 271 6.37 -31.92 0.19
C THR B 271 5.93 -32.73 1.40
N PHE B 272 6.63 -32.52 2.52
CA PHE B 272 6.37 -33.26 3.75
C PHE B 272 6.16 -32.28 4.89
N LEU B 273 5.35 -32.71 5.86
CA LEU B 273 5.11 -31.95 7.09
C LEU B 273 5.59 -32.79 8.27
N LEU B 274 6.44 -32.20 9.10
CA LEU B 274 7.08 -32.90 10.21
C LEU B 274 6.66 -32.30 11.54
N LYS B 275 6.41 -33.16 12.52
CA LYS B 275 5.95 -32.74 13.85
C LYS B 275 7.01 -33.14 14.87
N TYR B 276 7.81 -32.16 15.30
CA TYR B 276 8.83 -32.39 16.32
C TYR B 276 8.18 -32.52 17.69
N ASN B 277 8.87 -33.22 18.58
CA ASN B 277 8.42 -33.43 19.95
C ASN B 277 9.17 -32.48 20.89
N GLU B 278 8.97 -32.68 22.20
CA GLU B 278 9.65 -31.84 23.17
C GLU B 278 11.17 -31.98 23.09
N ASN B 279 11.66 -33.21 22.94
CA ASN B 279 13.10 -33.43 22.84
C ASN B 279 13.66 -32.99 21.49
N GLY B 280 12.82 -32.76 20.51
CA GLY B 280 13.28 -32.39 19.18
C GLY B 280 13.44 -33.54 18.21
N THR B 281 12.79 -34.67 18.44
CA THR B 281 12.86 -35.82 17.57
C THR B 281 11.55 -35.98 16.81
N ILE B 282 11.65 -36.27 15.51
CA ILE B 282 10.46 -36.41 14.68
C ILE B 282 9.68 -37.65 15.13
N THR B 283 8.39 -37.46 15.37
CA THR B 283 7.52 -38.54 15.79
C THR B 283 6.43 -38.89 14.80
N ASP B 284 6.11 -37.99 13.86
CA ASP B 284 5.08 -38.27 12.87
C ASP B 284 5.33 -37.39 11.65
N ALA B 285 4.75 -37.79 10.53
CA ALA B 285 4.86 -37.03 9.29
C ALA B 285 3.66 -37.32 8.41
N VAL B 286 3.28 -36.34 7.61
CA VAL B 286 2.13 -36.45 6.71
C VAL B 286 2.55 -35.96 5.33
N ASP B 287 2.40 -36.82 4.33
CA ASP B 287 2.66 -36.43 2.96
C ASP B 287 1.63 -35.38 2.52
N CYS B 288 2.04 -34.48 1.65
CA CYS B 288 1.21 -33.35 1.25
C CYS B 288 0.58 -33.54 -0.13
N ALA B 289 0.77 -34.70 -0.77
CA ALA B 289 0.23 -34.91 -2.11
C ALA B 289 -0.32 -36.32 -2.30
N LEU B 290 -0.84 -36.93 -1.24
CA LEU B 290 -1.34 -38.30 -1.36
C LEU B 290 -2.84 -38.34 -1.61
N ASP B 291 -3.64 -37.80 -0.69
CA ASP B 291 -5.09 -37.85 -0.75
C ASP B 291 -5.63 -36.52 -0.24
N PRO B 292 -6.91 -36.22 -0.54
CA PRO B 292 -7.44 -34.88 -0.17
C PRO B 292 -7.29 -34.53 1.29
N LEU B 293 -7.43 -35.51 2.19
CA LEU B 293 -7.26 -35.23 3.62
C LEU B 293 -5.83 -34.75 3.91
N SER B 294 -4.85 -35.36 3.25
CA SER B 294 -3.47 -34.93 3.43
C SER B 294 -3.27 -33.50 2.91
N GLU B 295 -3.87 -33.17 1.77
CA GLU B 295 -3.76 -31.82 1.24
C GLU B 295 -4.39 -30.81 2.20
N THR B 296 -5.55 -31.15 2.77
CA THR B 296 -6.18 -30.26 3.74
C THR B 296 -5.31 -30.07 4.97
N LYS B 297 -4.72 -31.16 5.46
CA LYS B 297 -3.83 -31.07 6.62
C LYS B 297 -2.62 -30.20 6.31
N CYS B 298 -2.04 -30.37 5.12
CA CYS B 298 -0.86 -29.60 4.74
C CYS B 298 -1.18 -28.12 4.60
N THR B 299 -2.30 -27.79 3.97
CA THR B 299 -2.66 -26.39 3.76
C THR B 299 -3.20 -25.73 5.02
N LEU B 300 -3.62 -26.52 6.02
CA LEU B 300 -4.10 -25.98 7.27
C LEU B 300 -3.05 -26.02 8.37
N LYS B 301 -1.97 -26.79 8.17
CA LYS B 301 -0.84 -26.86 9.11
C LYS B 301 -1.27 -27.41 10.46
N SER B 302 -1.94 -28.55 10.44
CA SER B 302 -2.31 -29.26 11.65
C SER B 302 -2.58 -30.71 11.31
N PHE B 303 -2.54 -31.56 12.33
CA PHE B 303 -2.81 -32.98 12.18
C PHE B 303 -4.28 -33.33 12.36
N THR B 304 -5.11 -32.37 12.75
CA THR B 304 -6.53 -32.59 12.94
C THR B 304 -7.31 -31.53 12.16
N VAL B 305 -8.46 -31.95 11.61
CA VAL B 305 -9.29 -31.08 10.78
C VAL B 305 -10.72 -31.15 11.30
N GLU B 306 -11.32 -29.99 11.57
CA GLU B 306 -12.71 -29.93 11.97
C GLU B 306 -13.63 -30.03 10.75
N LYS B 307 -14.88 -30.35 11.00
CA LYS B 307 -15.84 -30.52 9.92
C LYS B 307 -16.07 -29.19 9.20
N GLY B 308 -16.28 -29.27 7.90
CA GLY B 308 -16.48 -28.09 7.09
C GLY B 308 -15.99 -28.34 5.68
N ILE B 309 -15.96 -27.26 4.90
CA ILE B 309 -15.48 -27.28 3.53
C ILE B 309 -14.27 -26.34 3.42
N TYR B 310 -13.23 -26.81 2.75
CA TYR B 310 -12.00 -26.05 2.62
C TYR B 310 -11.55 -26.03 1.17
N GLN B 311 -10.80 -25.00 0.81
CA GLN B 311 -10.21 -24.87 -0.52
C GLN B 311 -8.72 -25.17 -0.44
N THR B 312 -8.25 -26.07 -1.30
CA THR B 312 -6.88 -26.55 -1.25
C THR B 312 -6.04 -26.05 -2.42
N SER B 313 -6.47 -26.31 -3.65
CA SER B 313 -5.67 -25.94 -4.82
C SER B 313 -6.59 -25.86 -6.02
N ASN B 314 -6.00 -25.79 -7.22
CA ASN B 314 -6.72 -25.70 -8.46
C ASN B 314 -6.26 -26.79 -9.41
N PHE B 315 -7.12 -27.19 -10.33
CA PHE B 315 -6.79 -28.19 -11.33
C PHE B 315 -6.72 -27.54 -12.70
N ARG B 316 -5.80 -28.05 -13.53
CA ARG B 316 -5.66 -27.56 -14.89
C ARG B 316 -5.22 -28.70 -15.78
N VAL B 317 -5.57 -28.60 -17.06
CA VAL B 317 -5.23 -29.63 -18.04
C VAL B 317 -3.92 -29.26 -18.71
N GLN B 318 -2.96 -30.19 -18.70
CA GLN B 318 -1.67 -29.90 -19.31
C GLN B 318 -1.69 -30.27 -20.79
N PRO B 319 -0.88 -29.60 -21.61
CA PRO B 319 -0.81 -29.94 -23.03
C PRO B 319 -0.21 -31.32 -23.24
N THR B 320 -0.59 -31.93 -24.37
CA THR B 320 -0.14 -33.27 -24.70
C THR B 320 0.91 -33.32 -25.82
N GLU B 321 1.03 -32.27 -26.63
CA GLU B 321 1.97 -32.26 -27.74
C GLU B 321 2.24 -30.81 -28.13
N SER B 322 3.06 -30.64 -29.15
CA SER B 322 3.43 -29.32 -29.65
C SER B 322 3.34 -29.29 -31.16
N ILE B 323 2.85 -28.19 -31.71
CA ILE B 323 2.74 -27.99 -33.15
C ILE B 323 3.40 -26.66 -33.50
N VAL B 324 4.08 -26.64 -34.66
CA VAL B 324 4.78 -25.45 -35.13
C VAL B 324 4.36 -25.19 -36.57
N ARG B 325 3.85 -23.99 -36.83
CA ARG B 325 3.44 -23.57 -38.17
C ARG B 325 4.25 -22.33 -38.54
N PHE B 326 5.13 -22.46 -39.53
CA PHE B 326 6.03 -21.40 -39.93
C PHE B 326 5.93 -21.17 -41.43
N PRO B 327 6.18 -19.94 -41.88
CA PRO B 327 6.20 -19.69 -43.33
C PRO B 327 7.35 -20.41 -44.01
N ASN B 328 7.14 -20.76 -45.28
CA ASN B 328 8.12 -21.51 -46.06
C ASN B 328 8.84 -20.57 -47.01
N ILE B 329 10.17 -20.56 -46.92
CA ILE B 329 11.02 -19.75 -47.80
C ILE B 329 12.11 -20.67 -48.36
N THR B 330 12.34 -20.55 -49.67
CA THR B 330 13.30 -21.40 -50.36
C THR B 330 14.71 -20.82 -50.36
N ASN B 331 14.87 -19.58 -50.81
CA ASN B 331 16.20 -19.00 -50.94
C ASN B 331 16.82 -18.72 -49.59
N LEU B 332 18.14 -18.87 -49.51
CA LEU B 332 18.89 -18.50 -48.32
C LEU B 332 19.23 -17.02 -48.36
N CYS B 333 19.15 -16.37 -47.21
CA CYS B 333 19.28 -14.92 -47.16
C CYS B 333 20.75 -14.52 -47.36
N PRO B 334 21.04 -13.57 -48.25
CA PRO B 334 22.42 -13.17 -48.50
C PRO B 334 22.97 -12.31 -47.36
N PHE B 335 24.03 -12.80 -46.72
CA PHE B 335 24.73 -12.05 -45.69
C PHE B 335 26.18 -11.76 -46.03
N ASP B 336 26.91 -12.73 -46.59
CA ASP B 336 28.30 -12.51 -46.92
C ASP B 336 28.45 -11.57 -48.11
N GLU B 337 27.64 -11.77 -49.15
CA GLU B 337 27.76 -10.97 -50.36
C GLU B 337 27.24 -9.56 -50.18
N VAL B 338 26.50 -9.26 -49.12
CA VAL B 338 25.99 -7.92 -48.92
C VAL B 338 26.90 -7.09 -48.01
N PHE B 339 27.66 -7.74 -47.13
CA PHE B 339 28.58 -7.04 -46.26
C PHE B 339 30.04 -7.40 -46.50
N ASN B 340 30.38 -8.69 -46.48
CA ASN B 340 31.75 -9.10 -46.73
C ASN B 340 32.08 -8.91 -48.21
N ALA B 341 32.66 -7.76 -48.55
CA ALA B 341 32.84 -7.36 -49.94
C ALA B 341 33.99 -6.35 -49.99
N THR B 342 34.06 -5.60 -51.08
CA THR B 342 35.10 -4.59 -51.27
C THR B 342 34.84 -3.41 -50.35
N ARG B 343 35.60 -2.33 -50.56
CA ARG B 343 35.54 -1.16 -49.68
C ARG B 343 34.11 -0.70 -49.46
N PHE B 344 33.79 -0.45 -48.19
CA PHE B 344 32.42 -0.18 -47.78
C PHE B 344 32.02 1.24 -48.17
N ALA B 345 30.84 1.67 -47.72
CA ALA B 345 30.36 3.01 -48.00
C ALA B 345 31.13 4.04 -47.17
N SER B 346 30.95 5.30 -47.54
CA SER B 346 31.64 6.39 -46.85
C SER B 346 31.12 6.54 -45.43
N VAL B 347 31.99 7.07 -44.56
CA VAL B 347 31.60 7.32 -43.17
C VAL B 347 30.51 8.39 -43.10
N TYR B 348 30.61 9.44 -43.92
CA TYR B 348 29.62 10.50 -43.87
C TYR B 348 28.31 10.05 -44.51
N ALA B 349 28.38 9.23 -45.56
CA ALA B 349 27.20 8.75 -46.28
C ALA B 349 27.22 7.22 -46.20
N TRP B 350 26.60 6.68 -45.14
CA TRP B 350 26.52 5.25 -44.96
C TRP B 350 25.37 4.67 -45.78
N ASN B 351 25.62 3.56 -46.47
CA ASN B 351 24.62 2.94 -47.31
C ASN B 351 23.73 2.01 -46.49
N ARG B 352 22.45 1.94 -46.89
CA ARG B 352 21.47 1.08 -46.25
C ARG B 352 21.01 0.03 -47.25
N LYS B 353 21.06 -1.24 -46.84
CA LYS B 353 20.62 -2.35 -47.68
C LYS B 353 19.41 -3.00 -47.01
N ARG B 354 18.34 -3.19 -47.78
CA ARG B 354 17.12 -3.78 -47.25
C ARG B 354 17.16 -5.30 -47.42
N ILE B 355 16.75 -6.01 -46.36
CA ILE B 355 16.70 -7.46 -46.34
C ILE B 355 15.26 -7.89 -46.05
N SER B 356 14.72 -8.74 -46.91
CA SER B 356 13.34 -9.17 -46.77
C SER B 356 13.12 -10.48 -47.50
N ASN B 357 12.16 -11.26 -47.01
CA ASN B 357 11.71 -12.50 -47.64
C ASN B 357 12.86 -13.49 -47.83
N CYS B 358 13.44 -13.91 -46.71
CA CYS B 358 14.55 -14.84 -46.74
C CYS B 358 14.66 -15.56 -45.41
N VAL B 359 15.39 -16.66 -45.42
CA VAL B 359 15.67 -17.44 -44.21
C VAL B 359 17.09 -17.10 -43.77
N ALA B 360 17.24 -16.66 -42.53
CA ALA B 360 18.51 -16.19 -42.00
C ALA B 360 19.02 -17.13 -40.92
N ASP B 361 20.27 -17.55 -41.05
CA ASP B 361 20.96 -18.34 -40.03
C ASP B 361 22.16 -17.54 -39.55
N TYR B 362 22.19 -17.25 -38.24
CA TYR B 362 23.21 -16.39 -37.67
C TYR B 362 24.37 -17.16 -37.03
N SER B 363 24.36 -18.49 -37.10
CA SER B 363 25.47 -19.27 -36.57
C SER B 363 26.71 -19.14 -37.44
N VAL B 364 26.53 -18.86 -38.73
CA VAL B 364 27.67 -18.73 -39.64
C VAL B 364 28.55 -17.55 -39.22
N LEU B 365 27.94 -16.42 -38.87
CA LEU B 365 28.73 -15.27 -38.41
C LEU B 365 29.36 -15.56 -37.06
N TYR B 366 28.68 -16.33 -36.21
CA TYR B 366 29.26 -16.71 -34.92
C TYR B 366 30.53 -17.53 -35.11
N ASN B 367 30.50 -18.47 -36.05
CA ASN B 367 31.65 -19.35 -36.28
C ASN B 367 32.70 -18.73 -37.20
N LEU B 368 32.40 -17.58 -37.81
CA LEU B 368 33.26 -17.02 -38.86
C LEU B 368 34.34 -16.15 -38.25
N ALA B 369 35.49 -16.76 -37.94
CA ALA B 369 36.76 -16.04 -37.85
C ALA B 369 36.79 -15.00 -36.74
N PRO B 370 37.80 -14.11 -36.69
CA PRO B 370 37.69 -12.88 -35.89
C PRO B 370 36.66 -11.92 -36.45
N PHE B 371 36.71 -10.66 -35.99
CA PHE B 371 35.58 -9.72 -35.97
C PHE B 371 34.59 -10.11 -34.87
N PHE B 372 35.09 -10.14 -33.64
CA PHE B 372 34.31 -10.46 -32.45
C PHE B 372 33.44 -9.28 -32.01
N THR B 373 32.96 -9.35 -30.76
CA THR B 373 32.11 -8.40 -30.03
C THR B 373 30.67 -8.89 -30.03
N PHE B 374 29.81 -8.30 -30.87
CA PHE B 374 28.41 -8.70 -30.99
C PHE B 374 27.70 -8.59 -29.64
N LYS B 375 27.58 -7.36 -29.16
CA LYS B 375 26.92 -7.07 -27.89
C LYS B 375 25.50 -6.57 -28.20
N CYS B 376 24.54 -7.49 -28.16
CA CYS B 376 23.15 -7.13 -28.36
C CYS B 376 22.62 -6.39 -27.13
N TYR B 377 21.94 -5.27 -27.36
CA TYR B 377 21.47 -4.45 -26.26
C TYR B 377 20.22 -5.02 -25.58
N GLY B 378 19.33 -5.64 -26.35
CA GLY B 378 18.09 -6.13 -25.78
C GLY B 378 17.62 -7.47 -26.31
N VAL B 379 18.51 -8.20 -26.98
CA VAL B 379 18.20 -9.50 -27.55
C VAL B 379 19.20 -10.52 -27.03
N SER B 380 18.72 -11.70 -26.67
CA SER B 380 19.61 -12.77 -26.26
C SER B 380 20.46 -13.22 -27.45
N PRO B 381 21.79 -13.26 -27.33
CA PRO B 381 22.62 -13.53 -28.50
C PRO B 381 22.42 -14.89 -29.13
N THR B 382 22.04 -15.90 -28.33
CA THR B 382 21.86 -17.25 -28.85
C THR B 382 20.44 -17.53 -29.30
N LYS B 383 19.52 -16.58 -29.19
CA LYS B 383 18.12 -16.79 -29.52
C LYS B 383 17.71 -16.10 -30.81
N LEU B 384 18.66 -15.56 -31.59
CA LEU B 384 18.30 -14.95 -32.86
C LEU B 384 17.77 -15.97 -33.86
N ASN B 385 18.28 -17.21 -33.81
CA ASN B 385 17.82 -18.24 -34.73
C ASN B 385 16.35 -18.57 -34.49
N ASP B 386 15.94 -18.65 -33.23
CA ASP B 386 14.56 -19.01 -32.91
C ASP B 386 13.58 -17.94 -33.37
N LEU B 387 13.90 -16.67 -33.14
CA LEU B 387 13.00 -15.59 -33.47
C LEU B 387 12.90 -15.40 -34.98
N CYS B 388 11.73 -14.92 -35.43
CA CYS B 388 11.51 -14.58 -36.83
C CYS B 388 11.30 -13.07 -36.93
N PHE B 389 12.04 -12.45 -37.84
CA PHE B 389 12.25 -11.01 -37.82
C PHE B 389 11.28 -10.31 -38.78
N THR B 390 11.31 -8.97 -38.76
CA THR B 390 10.50 -8.16 -39.64
C THR B 390 11.32 -6.96 -40.12
N ASN B 391 11.49 -6.87 -41.44
CA ASN B 391 12.10 -5.72 -42.11
C ASN B 391 13.48 -5.41 -41.53
N VAL B 392 14.39 -6.37 -41.72
CA VAL B 392 15.77 -6.19 -41.28
C VAL B 392 16.50 -5.26 -42.24
N TYR B 393 17.10 -4.20 -41.71
CA TYR B 393 17.81 -3.21 -42.50
C TYR B 393 19.29 -3.25 -42.12
N ALA B 394 20.16 -3.37 -43.13
CA ALA B 394 21.60 -3.47 -42.92
C ALA B 394 22.28 -2.17 -43.34
N ASP B 395 23.41 -1.88 -42.69
CA ASP B 395 24.17 -0.66 -42.95
C ASP B 395 25.66 -0.98 -42.98
N SER B 396 26.42 -0.09 -43.62
CA SER B 396 27.87 -0.22 -43.73
C SER B 396 28.53 0.99 -43.07
N PHE B 397 29.42 0.74 -42.12
CA PHE B 397 30.12 1.78 -41.39
C PHE B 397 31.62 1.61 -41.52
N VAL B 398 32.34 2.73 -41.55
CA VAL B 398 33.80 2.75 -41.52
C VAL B 398 34.24 3.84 -40.56
N ILE B 399 35.17 3.50 -39.67
CA ILE B 399 35.63 4.43 -38.64
C ILE B 399 37.13 4.21 -38.42
N ARG B 400 37.76 5.15 -37.71
CA ARG B 400 39.16 4.97 -37.31
C ARG B 400 39.33 3.72 -36.47
N GLY B 401 38.76 3.72 -35.27
CA GLY B 401 38.89 2.59 -34.37
C GLY B 401 39.42 2.96 -33.00
N ASP B 402 40.13 4.08 -32.92
CA ASP B 402 40.69 4.49 -31.63
C ASP B 402 39.60 4.98 -30.68
N GLU B 403 38.46 5.42 -31.20
CA GLU B 403 37.38 5.99 -30.40
C GLU B 403 36.07 5.21 -30.56
N VAL B 404 36.15 3.93 -30.95
CA VAL B 404 34.94 3.14 -31.13
C VAL B 404 34.19 2.97 -29.82
N ARG B 405 34.91 2.96 -28.69
CA ARG B 405 34.26 2.82 -27.40
C ARG B 405 33.34 3.99 -27.10
N GLN B 406 33.80 5.21 -27.39
CA GLN B 406 32.97 6.40 -27.13
C GLN B 406 31.83 6.53 -28.14
N ILE B 407 32.12 6.27 -29.42
CA ILE B 407 31.14 6.48 -30.48
C ILE B 407 30.25 5.25 -30.63
N ALA B 408 30.37 4.31 -29.70
CA ALA B 408 29.55 3.11 -29.73
C ALA B 408 28.07 3.48 -29.55
N PRO B 409 27.16 2.71 -30.15
CA PRO B 409 25.73 3.01 -30.00
C PRO B 409 25.30 2.98 -28.54
N GLY B 410 24.37 3.87 -28.20
CA GLY B 410 23.91 4.00 -26.83
C GLY B 410 24.77 4.90 -25.97
N GLN B 411 25.88 5.41 -26.48
CA GLN B 411 26.76 6.30 -25.75
C GLN B 411 27.22 7.41 -26.67
N THR B 412 27.56 8.56 -26.07
CA THR B 412 28.00 9.72 -26.83
C THR B 412 29.49 9.63 -27.13
N GLY B 413 29.86 10.06 -28.34
CA GLY B 413 31.24 10.03 -28.78
C GLY B 413 31.47 11.11 -29.81
N ASN B 414 32.71 11.17 -30.30
CA ASN B 414 33.08 12.19 -31.28
C ASN B 414 32.26 12.04 -32.56
N ILE B 415 32.43 10.93 -33.26
CA ILE B 415 31.65 10.68 -34.47
C ILE B 415 30.18 10.52 -34.13
N ALA B 416 29.88 9.93 -32.98
CA ALA B 416 28.49 9.78 -32.54
C ALA B 416 27.82 11.14 -32.40
N ASP B 417 28.52 12.12 -31.87
CA ASP B 417 27.99 13.48 -31.83
C ASP B 417 28.10 14.19 -33.16
N TYR B 418 28.90 13.66 -34.09
CA TYR B 418 29.09 14.33 -35.38
C TYR B 418 27.93 14.06 -36.33
N ASN B 419 27.75 12.81 -36.75
CA ASN B 419 26.83 12.50 -37.84
C ASN B 419 25.69 11.58 -37.43
N TYR B 420 26.00 10.43 -36.83
CA TYR B 420 25.01 9.37 -36.64
C TYR B 420 24.51 9.33 -35.21
N LYS B 421 23.20 9.22 -35.05
CA LYS B 421 22.57 9.10 -33.75
C LYS B 421 21.69 7.86 -33.74
N LEU B 422 21.62 7.20 -32.58
CA LEU B 422 20.82 6.01 -32.39
C LEU B 422 19.86 6.22 -31.23
N PRO B 423 18.71 5.52 -31.24
CA PRO B 423 17.74 5.69 -30.15
C PRO B 423 18.31 5.20 -28.81
N ASP B 424 17.51 5.40 -27.77
CA ASP B 424 17.95 5.04 -26.43
C ASP B 424 18.23 3.54 -26.32
N ASP B 425 17.34 2.71 -26.87
CA ASP B 425 17.53 1.25 -26.89
C ASP B 425 16.97 0.74 -28.22
N PHE B 426 17.85 0.63 -29.21
CA PHE B 426 17.45 0.09 -30.51
C PHE B 426 17.48 -1.43 -30.47
N THR B 427 16.52 -2.04 -31.16
CA THR B 427 16.34 -3.49 -31.06
C THR B 427 17.51 -4.25 -31.66
N GLY B 428 18.22 -3.65 -32.61
CA GLY B 428 19.27 -4.37 -33.30
C GLY B 428 20.52 -4.56 -32.45
N CYS B 429 21.47 -5.28 -33.01
CA CYS B 429 22.76 -5.52 -32.39
C CYS B 429 23.86 -4.83 -33.18
N VAL B 430 24.93 -4.49 -32.49
CA VAL B 430 26.10 -3.82 -33.08
C VAL B 430 27.23 -4.83 -33.19
N ILE B 431 27.85 -4.89 -34.36
CA ILE B 431 28.97 -5.79 -34.63
C ILE B 431 30.09 -4.97 -35.25
N ALA B 432 31.30 -5.09 -34.70
CA ALA B 432 32.46 -4.38 -35.19
C ALA B 432 33.42 -5.38 -35.83
N TRP B 433 33.82 -5.11 -37.07
CA TRP B 433 34.72 -6.00 -37.81
C TRP B 433 36.14 -5.47 -37.67
N ASN B 434 36.94 -6.13 -36.83
CA ASN B 434 38.31 -5.70 -36.54
C ASN B 434 39.22 -6.29 -37.61
N SER B 435 39.45 -5.53 -38.68
CA SER B 435 40.39 -5.94 -39.70
C SER B 435 41.81 -5.93 -39.14
N ASN B 436 42.53 -7.04 -39.31
CA ASN B 436 43.85 -7.18 -38.67
C ASN B 436 44.98 -6.77 -39.61
N LYS B 437 45.15 -7.51 -40.71
CA LYS B 437 46.26 -7.27 -41.62
C LYS B 437 45.82 -6.97 -43.05
N LEU B 438 45.02 -7.84 -43.66
CA LEU B 438 44.81 -7.78 -45.10
C LEU B 438 43.88 -6.64 -45.51
N ASP B 439 42.83 -6.39 -44.72
CA ASP B 439 41.86 -5.37 -45.10
C ASP B 439 42.35 -3.95 -44.83
N SER B 440 43.44 -3.80 -44.09
CA SER B 440 43.99 -2.47 -43.84
C SER B 440 44.82 -2.01 -45.02
N LYS B 441 44.50 -0.83 -45.54
CA LYS B 441 45.24 -0.29 -46.67
C LYS B 441 46.65 0.11 -46.23
N VAL B 442 47.65 -0.32 -47.00
CA VAL B 442 49.04 -0.03 -46.69
C VAL B 442 49.68 0.93 -47.68
N SER B 443 48.97 1.34 -48.73
CA SER B 443 49.51 2.23 -49.75
C SER B 443 48.79 3.56 -49.80
N GLY B 444 47.47 3.56 -49.92
CA GLY B 444 46.73 4.80 -50.03
C GLY B 444 46.56 5.47 -48.68
N ASN B 445 46.75 6.79 -48.64
CA ASN B 445 46.57 7.57 -47.42
C ASN B 445 45.17 8.13 -47.26
N TYR B 446 44.29 7.94 -48.24
CA TYR B 446 42.93 8.45 -48.19
C TYR B 446 41.90 7.32 -48.10
N ASN B 447 41.88 6.41 -49.07
CA ASN B 447 40.94 5.30 -49.12
C ASN B 447 39.51 5.78 -48.90
N TYR B 448 39.02 5.62 -47.67
CA TYR B 448 37.73 6.14 -47.26
C TYR B 448 37.95 7.22 -46.21
N LEU B 449 37.35 8.38 -46.41
CA LEU B 449 37.68 9.55 -45.60
C LEU B 449 37.21 9.39 -44.16
N TYR B 450 37.54 10.39 -43.35
CA TYR B 450 37.24 10.39 -41.92
C TYR B 450 36.37 11.59 -41.56
N ARG B 451 35.48 11.38 -40.59
CA ARG B 451 34.60 12.44 -40.09
C ARG B 451 35.40 13.39 -39.21
N LEU B 452 36.12 14.30 -39.86
CA LEU B 452 37.00 15.20 -39.13
C LEU B 452 36.20 16.24 -38.33
N PHE B 453 35.15 16.80 -38.92
CA PHE B 453 34.40 17.85 -38.26
C PHE B 453 32.96 17.84 -38.73
N ARG B 454 32.05 18.23 -37.83
CA ARG B 454 30.67 18.52 -38.18
C ARG B 454 30.12 19.47 -37.13
N LYS B 455 29.34 20.46 -37.56
CA LYS B 455 28.91 21.53 -36.67
C LYS B 455 28.07 20.99 -35.52
N SER B 456 27.17 20.05 -35.79
CA SER B 456 26.27 19.53 -34.77
C SER B 456 25.77 18.17 -35.20
N ASN B 457 25.18 17.45 -34.25
CA ASN B 457 24.60 16.14 -34.55
C ASN B 457 23.45 16.28 -35.52
N LEU B 458 23.39 15.37 -36.50
CA LEU B 458 22.38 15.43 -37.55
C LEU B 458 21.04 14.95 -37.03
N LYS B 459 20.03 14.99 -37.89
CA LYS B 459 18.72 14.49 -37.55
C LYS B 459 18.76 12.97 -37.43
N PRO B 460 17.80 12.38 -36.72
CA PRO B 460 17.83 10.91 -36.51
C PRO B 460 17.86 10.16 -37.82
N PHE B 461 18.80 9.21 -37.91
CA PHE B 461 18.95 8.33 -39.07
C PHE B 461 19.14 9.13 -40.36
N GLU B 462 20.23 9.91 -40.39
CA GLU B 462 20.62 10.66 -41.58
C GLU B 462 22.13 10.60 -41.75
N ARG B 463 22.57 10.82 -42.98
CA ARG B 463 23.99 10.79 -43.33
C ARG B 463 24.60 12.16 -43.09
N ASP B 464 25.83 12.35 -43.56
CA ASP B 464 26.60 13.58 -43.35
C ASP B 464 27.13 14.10 -44.68
N ILE B 465 26.24 14.24 -45.67
CA ILE B 465 26.60 14.69 -47.01
C ILE B 465 27.09 16.14 -46.95
N SER B 466 27.01 16.74 -45.77
CA SER B 466 27.45 18.12 -45.59
C SER B 466 28.90 18.30 -46.01
N THR B 467 29.17 19.40 -46.70
CA THR B 467 30.45 19.65 -47.34
C THR B 467 30.80 21.13 -47.16
N GLU B 468 31.72 21.61 -47.99
CA GLU B 468 32.18 23.00 -48.04
C GLU B 468 33.11 23.33 -46.87
N ILE B 469 33.23 24.62 -46.55
CA ILE B 469 34.29 25.11 -45.68
C ILE B 469 33.73 25.42 -44.30
N TYR B 470 34.64 25.49 -43.33
CA TYR B 470 34.30 25.83 -41.97
C TYR B 470 33.88 27.30 -41.87
N GLN B 471 32.97 27.58 -40.94
CA GLN B 471 32.48 28.93 -40.70
C GLN B 471 33.13 29.47 -39.42
N ALA B 472 33.88 30.56 -39.56
CA ALA B 472 34.55 31.15 -38.42
C ALA B 472 33.56 31.92 -37.55
N GLY B 473 34.04 32.34 -36.37
CA GLY B 473 33.18 33.09 -35.47
C GLY B 473 32.73 34.42 -36.05
N ASN B 474 33.66 35.16 -36.65
CA ASN B 474 33.35 36.44 -37.30
C ASN B 474 33.19 36.19 -38.80
N LYS B 475 32.01 35.66 -39.16
CA LYS B 475 31.61 35.31 -40.52
C LYS B 475 32.44 34.14 -41.05
N PRO B 476 31.89 33.34 -41.96
CA PRO B 476 32.66 32.23 -42.53
C PRO B 476 33.92 32.73 -43.25
N CYS B 477 34.99 31.96 -43.13
CA CYS B 477 36.25 32.31 -43.75
C CYS B 477 36.21 32.04 -45.25
N ASN B 478 37.23 32.52 -45.95
CA ASN B 478 37.33 32.38 -47.40
C ASN B 478 38.75 31.98 -47.77
N GLY B 479 38.88 30.84 -48.44
CA GLY B 479 40.18 30.41 -48.95
C GLY B 479 41.21 30.10 -47.89
N VAL B 480 40.78 29.47 -46.78
CA VAL B 480 41.67 29.00 -45.72
C VAL B 480 42.43 30.15 -45.07
N ALA B 481 43.17 30.92 -45.88
CA ALA B 481 44.00 31.98 -45.35
C ALA B 481 43.21 33.11 -44.70
N GLY B 482 41.90 33.18 -44.95
CA GLY B 482 41.09 34.24 -44.38
C GLY B 482 40.95 34.15 -42.87
N PHE B 483 40.24 33.14 -42.38
CA PHE B 483 40.06 32.94 -40.94
C PHE B 483 40.17 31.46 -40.60
N ASN B 484 41.18 30.79 -41.18
CA ASN B 484 41.53 29.42 -40.87
C ASN B 484 40.36 28.46 -41.16
N CYS B 485 40.03 28.38 -42.45
CA CYS B 485 39.07 27.37 -42.90
C CYS B 485 39.67 25.98 -42.76
N TYR B 486 38.89 25.07 -42.19
CA TYR B 486 39.28 23.66 -42.09
C TYR B 486 38.23 22.81 -42.79
N PHE B 487 38.68 21.92 -43.66
CA PHE B 487 37.76 21.03 -44.35
C PHE B 487 37.26 19.97 -43.37
N PRO B 488 35.95 19.76 -43.26
CA PRO B 488 35.41 18.88 -42.22
C PRO B 488 35.68 17.39 -42.43
N LEU B 489 36.46 17.02 -43.44
CA LEU B 489 36.68 15.61 -43.75
C LEU B 489 38.05 15.45 -44.39
N ARG B 490 38.30 14.27 -44.94
CA ARG B 490 39.49 13.86 -45.71
C ARG B 490 40.71 13.64 -44.82
N SER B 491 40.60 13.86 -43.51
CA SER B 491 41.73 13.70 -42.62
C SER B 491 41.69 12.32 -41.96
N TYR B 492 41.87 11.29 -42.79
CA TYR B 492 42.01 9.92 -42.29
C TYR B 492 43.48 9.57 -42.10
N SER B 493 44.25 9.59 -43.19
CA SER B 493 45.72 9.60 -43.17
C SER B 493 46.30 8.59 -42.18
N PHE B 494 46.07 7.31 -42.47
CA PHE B 494 46.67 6.24 -41.67
C PHE B 494 47.75 5.61 -42.57
N ARG B 495 49.00 5.97 -42.30
CA ARG B 495 50.13 5.44 -43.05
C ARG B 495 50.56 4.09 -42.49
N PRO B 496 51.28 3.29 -43.26
CA PRO B 496 51.83 2.04 -42.72
C PRO B 496 52.75 2.24 -41.53
N THR B 497 53.40 3.40 -41.43
CA THR B 497 54.21 3.70 -40.25
C THR B 497 53.36 3.87 -38.99
N TYR B 498 52.04 4.06 -39.15
CA TYR B 498 51.13 4.16 -38.00
C TYR B 498 50.79 2.75 -37.51
N GLY B 499 51.80 2.11 -36.92
CA GLY B 499 51.63 0.76 -36.41
C GLY B 499 50.92 0.66 -35.08
N VAL B 500 50.61 1.79 -34.45
CA VAL B 500 49.93 1.82 -33.16
C VAL B 500 48.57 2.49 -33.23
N GLY B 501 48.17 3.02 -34.39
CA GLY B 501 46.91 3.72 -34.49
C GLY B 501 45.77 2.88 -35.02
N HIS B 502 44.94 2.37 -34.11
CA HIS B 502 43.68 1.67 -34.37
C HIS B 502 43.76 0.61 -35.47
N GLN B 503 42.58 0.17 -35.92
CA GLN B 503 42.40 -0.81 -36.99
C GLN B 503 41.02 -0.57 -37.57
N PRO B 504 40.78 -0.95 -38.83
CA PRO B 504 39.43 -0.80 -39.40
C PRO B 504 38.40 -1.56 -38.56
N TYR B 505 37.30 -0.89 -38.25
CA TYR B 505 36.26 -1.36 -37.35
C TYR B 505 34.89 -1.27 -38.01
N ARG B 506 34.77 -1.83 -39.21
CA ARG B 506 33.51 -1.81 -39.95
C ARG B 506 32.36 -2.34 -39.11
N VAL B 507 31.26 -1.59 -39.11
CA VAL B 507 30.12 -1.86 -38.21
C VAL B 507 28.86 -2.08 -39.05
N VAL B 508 28.09 -3.09 -38.67
CA VAL B 508 26.79 -3.37 -39.26
C VAL B 508 25.74 -3.35 -38.15
N VAL B 509 24.60 -2.72 -38.44
CA VAL B 509 23.52 -2.56 -37.47
C VAL B 509 22.20 -2.93 -38.14
N LEU B 510 21.38 -3.71 -37.43
CA LEU B 510 20.09 -4.16 -37.94
C LEU B 510 18.95 -3.47 -37.18
N SER B 511 17.74 -3.62 -37.73
CA SER B 511 16.54 -3.06 -37.13
C SER B 511 15.38 -4.01 -37.38
N PHE B 512 14.66 -4.36 -36.33
CA PHE B 512 13.65 -5.43 -36.41
C PHE B 512 12.69 -5.29 -35.24
N GLU B 513 11.92 -6.36 -34.99
CA GLU B 513 10.97 -6.46 -33.87
C GLU B 513 9.82 -5.45 -34.00
N LEU B 514 9.03 -5.63 -35.06
CA LEU B 514 7.74 -4.96 -35.18
C LEU B 514 6.59 -5.93 -34.92
N LEU B 515 6.52 -7.02 -35.67
CA LEU B 515 5.61 -8.16 -35.49
C LEU B 515 4.15 -7.83 -35.74
N HIS B 516 3.80 -6.56 -35.96
CA HIS B 516 2.41 -6.24 -36.26
C HIS B 516 2.04 -6.63 -37.68
N ALA B 517 2.91 -6.34 -38.64
CA ALA B 517 2.74 -6.77 -40.02
C ALA B 517 3.18 -8.22 -40.18
N PRO B 518 2.72 -8.91 -41.21
CA PRO B 518 3.21 -10.27 -41.46
C PRO B 518 4.72 -10.29 -41.65
N ALA B 519 5.35 -11.30 -41.08
CA ALA B 519 6.81 -11.38 -41.09
C ALA B 519 7.32 -11.74 -42.47
N THR B 520 8.54 -11.29 -42.77
CA THR B 520 9.22 -11.59 -44.02
C THR B 520 10.46 -12.45 -43.82
N VAL B 521 11.37 -12.02 -42.94
CA VAL B 521 12.57 -12.80 -42.63
C VAL B 521 12.25 -13.65 -41.41
N CYS B 522 12.26 -14.97 -41.59
CA CYS B 522 11.86 -15.90 -40.55
C CYS B 522 12.95 -16.95 -40.37
N GLY B 523 13.09 -17.43 -39.14
CA GLY B 523 14.15 -18.33 -38.78
C GLY B 523 14.02 -19.71 -39.40
N PRO B 524 15.12 -20.46 -39.43
CA PRO B 524 15.13 -21.81 -40.03
C PRO B 524 14.72 -22.90 -39.04
N LYS B 525 13.42 -22.96 -38.76
CA LYS B 525 12.87 -23.96 -37.85
C LYS B 525 11.84 -24.81 -38.59
N LYS B 526 11.86 -26.11 -38.31
CA LYS B 526 11.00 -27.05 -39.02
C LYS B 526 9.52 -26.79 -38.70
N SER B 527 8.67 -27.11 -39.66
CA SER B 527 7.22 -26.95 -39.52
C SER B 527 6.55 -28.31 -39.46
N THR B 528 5.53 -28.42 -38.61
CA THR B 528 4.79 -29.67 -38.42
C THR B 528 3.31 -29.42 -38.66
N ASN B 529 2.56 -30.52 -38.76
CA ASN B 529 1.13 -30.44 -38.98
C ASN B 529 0.42 -29.90 -37.74
N LEU B 530 -0.73 -29.27 -37.97
CA LEU B 530 -1.53 -28.69 -36.89
C LEU B 530 -2.51 -29.72 -36.35
N VAL B 531 -2.83 -29.58 -35.06
CA VAL B 531 -3.77 -30.45 -34.37
C VAL B 531 -4.93 -29.59 -33.88
N LYS B 532 -6.15 -30.03 -34.17
CA LYS B 532 -7.35 -29.28 -33.85
C LYS B 532 -8.13 -29.97 -32.73
N ASN B 533 -8.83 -29.15 -31.94
CA ASN B 533 -9.69 -29.64 -30.86
C ASN B 533 -8.89 -30.37 -29.78
N LYS B 534 -7.79 -29.75 -29.35
CA LYS B 534 -6.97 -30.31 -28.29
C LYS B 534 -6.18 -29.18 -27.63
N CYS B 535 -5.98 -29.29 -26.32
CA CYS B 535 -5.20 -28.30 -25.57
C CYS B 535 -3.73 -28.54 -25.92
N VAL B 536 -3.30 -27.92 -27.02
CA VAL B 536 -1.98 -28.14 -27.58
C VAL B 536 -1.19 -26.84 -27.54
N ASN B 537 0.13 -26.97 -27.59
CA ASN B 537 1.04 -25.83 -27.60
C ASN B 537 1.24 -25.38 -29.05
N PHE B 538 0.74 -24.20 -29.37
CA PHE B 538 0.87 -23.64 -30.71
C PHE B 538 1.99 -22.61 -30.75
N ASN B 539 2.64 -22.49 -31.90
CA ASN B 539 3.74 -21.56 -32.10
C ASN B 539 3.56 -20.82 -33.42
N PHE B 540 2.37 -20.29 -33.65
CA PHE B 540 2.06 -19.61 -34.91
C PHE B 540 2.92 -18.38 -35.10
N ASN B 541 3.91 -18.48 -36.00
CA ASN B 541 4.78 -17.36 -36.39
C ASN B 541 5.46 -16.69 -35.21
N GLY B 542 5.69 -17.43 -34.12
CA GLY B 542 6.35 -16.92 -32.93
C GLY B 542 5.43 -16.64 -31.77
N LEU B 543 4.11 -16.63 -31.98
CA LEU B 543 3.15 -16.39 -30.90
C LEU B 543 2.91 -17.71 -30.16
N LYS B 544 3.91 -18.10 -29.36
CA LYS B 544 3.84 -19.35 -28.63
C LYS B 544 2.85 -19.26 -27.49
N GLY B 545 1.98 -20.26 -27.37
CA GLY B 545 0.99 -20.29 -26.31
C GLY B 545 0.25 -21.61 -26.32
N THR B 546 -0.54 -21.82 -25.27
CA THR B 546 -1.31 -23.04 -25.09
C THR B 546 -2.80 -22.74 -25.18
N GLY B 547 -3.52 -23.61 -25.87
CA GLY B 547 -4.96 -23.42 -26.01
C GLY B 547 -5.56 -24.53 -26.84
N VAL B 548 -6.87 -24.44 -27.03
CA VAL B 548 -7.63 -25.38 -27.84
C VAL B 548 -8.00 -24.68 -29.14
N LEU B 549 -7.38 -25.12 -30.24
CA LEU B 549 -7.64 -24.51 -31.54
C LEU B 549 -8.86 -25.13 -32.18
N THR B 550 -9.80 -24.29 -32.60
CA THR B 550 -11.04 -24.74 -33.22
C THR B 550 -11.37 -23.82 -34.39
N GLU B 551 -12.31 -24.27 -35.22
CA GLU B 551 -12.72 -23.48 -36.37
C GLU B 551 -13.36 -22.17 -35.92
N SER B 552 -13.17 -21.14 -36.73
CA SER B 552 -13.65 -19.80 -36.41
C SER B 552 -14.47 -19.25 -37.56
N ASN B 553 -15.44 -18.40 -37.22
CA ASN B 553 -16.27 -17.71 -38.21
C ASN B 553 -16.01 -16.21 -38.22
N LYS B 554 -14.82 -15.78 -37.78
CA LYS B 554 -14.48 -14.37 -37.80
C LYS B 554 -14.37 -13.88 -39.23
N LYS B 555 -14.95 -12.71 -39.51
CA LYS B 555 -14.94 -12.13 -40.85
C LYS B 555 -13.67 -11.28 -41.03
N PHE B 556 -12.54 -11.96 -41.02
CA PHE B 556 -11.26 -11.28 -41.20
C PHE B 556 -11.17 -10.63 -42.58
N LEU B 557 -10.72 -9.38 -42.60
CA LEU B 557 -10.40 -8.72 -43.85
C LEU B 557 -9.02 -9.17 -44.33
N PRO B 558 -8.75 -9.05 -45.64
CA PRO B 558 -7.48 -9.61 -46.16
C PRO B 558 -6.24 -9.05 -45.50
N PHE B 559 -6.25 -7.76 -45.12
CA PHE B 559 -5.07 -7.19 -44.48
C PHE B 559 -4.93 -7.61 -43.03
N GLN B 560 -6.04 -7.95 -42.37
CA GLN B 560 -5.99 -8.31 -40.96
C GLN B 560 -5.29 -9.65 -40.75
N GLN B 561 -4.44 -9.70 -39.74
CA GLN B 561 -3.68 -10.90 -39.42
C GLN B 561 -4.00 -11.46 -38.04
N PHE B 562 -3.95 -10.63 -37.00
CA PHE B 562 -4.10 -11.08 -35.63
C PHE B 562 -5.45 -10.65 -35.08
N GLY B 563 -6.19 -11.59 -34.50
CA GLY B 563 -7.40 -11.27 -33.81
C GLY B 563 -7.14 -10.79 -32.38
N ARG B 564 -8.19 -10.24 -31.77
CA ARG B 564 -8.08 -9.76 -30.39
C ARG B 564 -9.46 -9.73 -29.78
N ASP B 565 -9.51 -9.36 -28.50
CA ASP B 565 -10.75 -9.38 -27.73
C ASP B 565 -10.90 -8.11 -26.92
N ILE B 566 -11.80 -8.11 -25.94
CA ILE B 566 -12.07 -6.92 -25.14
C ILE B 566 -10.81 -6.48 -24.39
N ALA B 567 -10.11 -7.42 -23.78
CA ALA B 567 -8.93 -7.09 -22.95
C ALA B 567 -7.70 -7.80 -23.50
N ASP B 568 -7.13 -7.24 -24.57
CA ASP B 568 -5.80 -7.57 -25.08
C ASP B 568 -5.46 -9.05 -25.04
N THR B 569 -6.34 -9.91 -25.54
CA THR B 569 -6.06 -11.34 -25.61
C THR B 569 -6.34 -11.81 -27.03
N THR B 570 -5.36 -12.49 -27.63
CA THR B 570 -5.47 -12.95 -29.02
C THR B 570 -6.33 -14.20 -29.05
N ASP B 571 -7.60 -14.04 -29.43
CA ASP B 571 -8.53 -15.16 -29.56
C ASP B 571 -8.61 -15.70 -30.98
N ALA B 572 -7.83 -15.16 -31.91
CA ALA B 572 -7.82 -15.65 -33.27
C ALA B 572 -6.45 -15.39 -33.88
N VAL B 573 -6.11 -16.14 -34.93
CA VAL B 573 -4.82 -16.04 -35.58
C VAL B 573 -4.96 -16.54 -37.01
N ARG B 574 -4.11 -16.03 -37.89
CA ARG B 574 -4.08 -16.45 -39.29
C ARG B 574 -2.86 -17.32 -39.53
N ASP B 575 -3.07 -18.42 -40.24
CA ASP B 575 -2.00 -19.39 -40.47
C ASP B 575 -0.91 -18.77 -41.36
N PRO B 576 0.38 -18.91 -41.01
CA PRO B 576 1.45 -18.49 -41.93
C PRO B 576 1.63 -19.47 -43.08
N GLN B 577 0.65 -20.35 -43.25
CA GLN B 577 0.57 -21.32 -44.34
C GLN B 577 -0.76 -21.09 -45.05
N THR B 578 -1.18 -22.04 -45.88
CA THR B 578 -2.45 -21.98 -46.58
C THR B 578 -3.54 -21.38 -45.69
N LEU B 579 -4.16 -20.30 -46.18
CA LEU B 579 -4.94 -19.42 -45.32
C LEU B 579 -6.09 -20.15 -44.66
N GLU B 580 -6.23 -19.94 -43.34
CA GLU B 580 -7.32 -20.52 -42.58
C GLU B 580 -7.43 -19.77 -41.26
N ILE B 581 -8.61 -19.23 -40.97
CA ILE B 581 -8.85 -18.51 -39.73
C ILE B 581 -9.09 -19.52 -38.61
N LEU B 582 -8.37 -19.34 -37.51
CA LEU B 582 -8.37 -20.33 -36.44
C LEU B 582 -8.53 -19.62 -35.10
N ASP B 583 -9.30 -20.22 -34.21
CA ASP B 583 -9.56 -19.66 -32.89
C ASP B 583 -8.56 -20.17 -31.86
N ILE B 584 -8.45 -19.43 -30.76
CA ILE B 584 -7.62 -19.82 -29.62
C ILE B 584 -8.46 -19.72 -28.36
N THR B 585 -8.51 -20.81 -27.60
CA THR B 585 -9.27 -20.86 -26.36
C THR B 585 -8.51 -21.76 -25.38
N PRO B 586 -8.21 -21.28 -24.18
CA PRO B 586 -7.51 -22.12 -23.21
C PRO B 586 -8.34 -23.31 -22.77
N CYS B 587 -7.66 -24.41 -22.48
CA CYS B 587 -8.35 -25.62 -22.05
C CYS B 587 -8.85 -25.46 -20.61
N SER B 588 -9.64 -26.44 -20.18
CA SER B 588 -10.46 -26.28 -18.98
C SER B 588 -9.60 -26.15 -17.72
N PHE B 589 -10.14 -25.43 -16.74
CA PHE B 589 -9.52 -25.25 -15.44
C PHE B 589 -10.59 -24.91 -14.42
N GLY B 590 -10.23 -24.98 -13.15
CA GLY B 590 -11.17 -24.65 -12.10
C GLY B 590 -10.54 -24.80 -10.73
N GLY B 591 -11.38 -24.68 -9.71
CA GLY B 591 -10.94 -24.81 -8.33
C GLY B 591 -11.36 -26.12 -7.69
N VAL B 592 -10.72 -26.47 -6.58
CA VAL B 592 -10.97 -27.73 -5.88
C VAL B 592 -11.33 -27.41 -4.44
N SER B 593 -12.41 -28.03 -3.95
CA SER B 593 -12.83 -27.91 -2.57
C SER B 593 -12.97 -29.30 -1.96
N VAL B 594 -12.57 -29.42 -0.69
CA VAL B 594 -12.58 -30.70 0.02
C VAL B 594 -13.62 -30.63 1.12
N ILE B 595 -14.50 -31.63 1.17
CA ILE B 595 -15.56 -31.72 2.17
C ILE B 595 -15.20 -32.85 3.12
N THR B 596 -15.11 -32.53 4.42
CA THR B 596 -14.78 -33.53 5.42
C THR B 596 -15.74 -33.44 6.60
N PRO B 597 -16.11 -34.56 7.20
CA PRO B 597 -16.98 -34.54 8.38
C PRO B 597 -16.25 -34.41 9.71
N GLY B 598 -14.93 -34.29 9.70
CA GLY B 598 -14.16 -34.23 10.92
C GLY B 598 -13.17 -35.37 11.01
N THR B 599 -11.93 -35.06 11.42
CA THR B 599 -10.90 -36.08 11.48
C THR B 599 -11.25 -37.18 12.48
N ASN B 600 -11.79 -36.79 13.64
CA ASN B 600 -12.12 -37.78 14.66
C ASN B 600 -13.24 -38.71 14.21
N THR B 601 -14.24 -38.17 13.51
CA THR B 601 -15.40 -38.97 13.13
C THR B 601 -15.03 -40.02 12.10
N SER B 602 -14.34 -39.63 11.04
CA SER B 602 -13.98 -40.56 9.96
C SER B 602 -12.94 -39.91 9.07
N ASN B 603 -12.29 -40.74 8.24
CA ASN B 603 -11.32 -40.27 7.27
C ASN B 603 -11.91 -40.10 5.87
N GLN B 604 -13.17 -40.49 5.66
CA GLN B 604 -13.78 -40.37 4.35
C GLN B 604 -14.04 -38.90 4.01
N VAL B 605 -13.75 -38.52 2.77
CA VAL B 605 -13.91 -37.15 2.31
C VAL B 605 -14.60 -37.15 0.96
N ALA B 606 -15.05 -35.96 0.56
CA ALA B 606 -15.66 -35.73 -0.74
C ALA B 606 -15.00 -34.53 -1.40
N VAL B 607 -14.96 -34.53 -2.73
CA VAL B 607 -14.27 -33.51 -3.51
C VAL B 607 -15.28 -32.84 -4.43
N LEU B 608 -15.28 -31.50 -4.41
CA LEU B 608 -16.13 -30.70 -5.27
C LEU B 608 -15.28 -29.90 -6.24
N TYR B 609 -15.54 -30.04 -7.53
CA TYR B 609 -14.84 -29.29 -8.57
C TYR B 609 -15.69 -28.08 -8.96
N GLN B 610 -15.10 -26.90 -8.86
CA GLN B 610 -15.87 -25.66 -8.96
C GLN B 610 -16.08 -25.25 -10.42
N GLY B 611 -17.34 -25.05 -10.80
CA GLY B 611 -17.67 -24.45 -12.08
C GLY B 611 -17.22 -25.23 -13.30
N VAL B 612 -17.38 -26.56 -13.27
CA VAL B 612 -17.05 -27.40 -14.40
C VAL B 612 -18.14 -28.44 -14.60
N ASN B 613 -18.43 -28.75 -15.86
CA ASN B 613 -19.38 -29.80 -16.18
C ASN B 613 -18.75 -31.17 -15.92
N CYS B 614 -19.57 -32.09 -15.42
CA CYS B 614 -19.05 -33.37 -14.94
C CYS B 614 -18.46 -34.20 -16.07
N THR B 615 -19.15 -34.25 -17.21
CA THR B 615 -18.79 -35.22 -18.25
C THR B 615 -17.42 -34.95 -18.85
N GLU B 616 -17.11 -33.68 -19.15
CA GLU B 616 -15.84 -33.37 -19.81
C GLU B 616 -14.65 -33.59 -18.89
N VAL B 617 -14.82 -33.42 -17.59
CA VAL B 617 -13.71 -33.61 -16.67
C VAL B 617 -14.11 -34.64 -15.61
N PRO B 618 -14.08 -35.93 -15.94
CA PRO B 618 -14.24 -36.96 -14.90
C PRO B 618 -12.91 -37.28 -14.24
N VAL B 619 -12.90 -38.30 -13.38
CA VAL B 619 -11.63 -38.75 -12.80
C VAL B 619 -10.88 -39.70 -13.72
N ALA B 620 -11.53 -40.20 -14.78
CA ALA B 620 -10.92 -41.17 -15.68
C ALA B 620 -10.12 -40.51 -16.80
N ILE B 621 -9.75 -39.24 -16.66
CA ILE B 621 -8.98 -38.55 -17.69
C ILE B 621 -7.63 -38.14 -17.12
N HIS B 622 -7.10 -38.96 -16.21
CA HIS B 622 -5.85 -38.62 -15.54
C HIS B 622 -4.64 -38.93 -16.41
N ALA B 623 -4.65 -38.42 -17.65
CA ALA B 623 -3.50 -38.55 -18.54
C ALA B 623 -2.68 -37.27 -18.63
N ASP B 624 -3.31 -36.12 -18.46
CA ASP B 624 -2.60 -34.85 -18.46
C ASP B 624 -3.09 -33.88 -17.40
N GLN B 625 -4.03 -34.28 -16.55
CA GLN B 625 -4.55 -33.38 -15.53
C GLN B 625 -3.54 -33.22 -14.40
N LEU B 626 -3.64 -32.10 -13.69
CA LEU B 626 -2.77 -31.82 -12.55
C LEU B 626 -3.03 -32.84 -11.44
N THR B 627 -2.07 -32.96 -10.53
CA THR B 627 -2.11 -33.90 -9.42
C THR B 627 -2.25 -35.33 -9.95
N PRO B 628 -1.20 -35.89 -10.56
CA PRO B 628 -1.32 -37.18 -11.27
C PRO B 628 -2.01 -38.29 -10.50
N THR B 629 -1.49 -38.63 -9.31
CA THR B 629 -2.01 -39.74 -8.53
C THR B 629 -3.29 -39.40 -7.78
N TRP B 630 -3.70 -38.13 -7.81
CA TRP B 630 -4.97 -37.70 -7.20
C TRP B 630 -6.10 -38.01 -8.16
N ARG B 631 -6.73 -39.17 -7.96
CA ARG B 631 -7.84 -39.61 -8.79
C ARG B 631 -9.09 -40.00 -8.02
N VAL B 632 -8.97 -40.27 -6.72
CA VAL B 632 -10.07 -40.75 -5.88
C VAL B 632 -10.63 -42.02 -6.50
N TYR B 633 -9.82 -43.08 -6.50
CA TYR B 633 -10.20 -44.41 -7.01
C TYR B 633 -10.60 -44.27 -8.49
N SER B 634 -11.52 -45.11 -8.94
CA SER B 634 -12.05 -45.04 -10.29
C SER B 634 -13.45 -44.43 -10.34
N THR B 635 -14.32 -44.80 -9.41
CA THR B 635 -15.63 -44.18 -9.28
C THR B 635 -16.05 -44.31 -7.82
N GLY B 636 -15.84 -43.25 -7.04
CA GLY B 636 -16.19 -43.30 -5.63
C GLY B 636 -17.68 -43.48 -5.41
N SER B 637 -18.50 -42.78 -6.19
CA SER B 637 -19.94 -42.88 -6.12
C SER B 637 -20.51 -42.30 -7.41
N ASN B 638 -21.84 -42.23 -7.49
CA ASN B 638 -22.49 -41.62 -8.64
C ASN B 638 -22.21 -40.12 -8.64
N VAL B 639 -21.53 -39.63 -9.66
CA VAL B 639 -21.17 -38.23 -9.72
C VAL B 639 -22.44 -37.38 -9.83
N PHE B 640 -22.51 -36.32 -9.03
CA PHE B 640 -23.65 -35.44 -8.99
C PHE B 640 -23.31 -34.11 -9.64
N GLN B 641 -24.20 -33.64 -10.51
CA GLN B 641 -24.04 -32.36 -11.18
C GLN B 641 -24.83 -31.31 -10.41
N THR B 642 -24.15 -30.26 -9.96
CA THR B 642 -24.77 -29.19 -9.20
C THR B 642 -24.51 -27.86 -9.88
N ARG B 643 -25.29 -26.85 -9.47
CA ARG B 643 -25.10 -25.51 -10.02
C ARG B 643 -23.75 -24.93 -9.66
N ALA B 644 -23.16 -25.38 -8.56
CA ALA B 644 -21.84 -24.91 -8.14
C ALA B 644 -20.69 -25.69 -8.76
N GLY B 645 -20.96 -26.80 -9.41
CA GLY B 645 -19.91 -27.58 -10.04
C GLY B 645 -20.23 -29.07 -9.99
N CYS B 646 -19.19 -29.86 -10.05
CA CYS B 646 -19.28 -31.32 -10.04
C CYS B 646 -18.88 -31.85 -8.68
N LEU B 647 -19.73 -32.69 -8.09
CA LEU B 647 -19.51 -33.26 -6.77
C LEU B 647 -19.21 -34.74 -6.91
N ILE B 648 -18.07 -35.18 -6.39
CA ILE B 648 -17.63 -36.57 -6.48
C ILE B 648 -17.37 -37.08 -5.07
N GLY B 649 -17.96 -38.23 -4.75
CA GLY B 649 -17.78 -38.85 -3.45
C GLY B 649 -18.99 -38.82 -2.55
N ALA B 650 -20.12 -38.30 -3.03
CA ALA B 650 -21.34 -38.25 -2.24
C ALA B 650 -22.52 -38.66 -3.11
N GLU B 651 -23.56 -39.19 -2.46
CA GLU B 651 -24.75 -39.64 -3.15
C GLU B 651 -25.92 -38.73 -2.80
N TYR B 652 -26.76 -38.45 -3.81
CA TYR B 652 -27.87 -37.55 -3.65
C TYR B 652 -29.11 -38.30 -3.15
N VAL B 653 -29.67 -37.82 -2.05
CA VAL B 653 -30.88 -38.41 -1.49
C VAL B 653 -32.05 -37.46 -1.74
N ASN B 654 -33.25 -37.93 -1.42
CA ASN B 654 -34.47 -37.16 -1.62
C ASN B 654 -35.15 -36.81 -0.31
N ASN B 655 -34.38 -36.63 0.76
CA ASN B 655 -34.89 -36.23 2.06
C ASN B 655 -34.38 -34.84 2.38
N SER B 656 -35.29 -33.95 2.74
CA SER B 656 -34.95 -32.55 3.02
C SER B 656 -34.68 -32.39 4.52
N TYR B 657 -33.42 -32.59 4.88
CA TYR B 657 -33.00 -32.42 6.26
C TYR B 657 -32.58 -30.98 6.52
N GLU B 658 -32.24 -30.69 7.77
CA GLU B 658 -31.68 -29.39 8.11
C GLU B 658 -30.31 -29.23 7.47
N CYS B 659 -29.93 -27.98 7.21
CA CYS B 659 -28.70 -27.74 6.48
C CYS B 659 -27.48 -28.03 7.34
N ASP B 660 -26.37 -28.30 6.65
CA ASP B 660 -25.11 -28.68 7.27
C ASP B 660 -24.02 -27.99 6.44
N ILE B 661 -22.80 -28.53 6.49
CA ILE B 661 -21.70 -28.05 5.67
C ILE B 661 -22.21 -27.72 4.27
N PRO B 662 -22.21 -26.45 3.87
CA PRO B 662 -23.02 -26.04 2.72
C PRO B 662 -22.30 -26.05 1.39
N ILE B 663 -23.08 -26.34 0.35
CA ILE B 663 -22.67 -26.20 -1.04
C ILE B 663 -23.58 -25.15 -1.66
N GLY B 664 -23.12 -24.56 -2.75
CA GLY B 664 -23.87 -23.49 -3.38
C GLY B 664 -25.21 -23.97 -3.93
N ALA B 665 -26.10 -22.99 -4.14
CA ALA B 665 -27.40 -23.21 -4.77
C ALA B 665 -28.30 -24.13 -3.95
N GLY B 666 -28.18 -24.06 -2.62
CA GLY B 666 -29.13 -24.70 -1.75
C GLY B 666 -28.89 -26.17 -1.47
N ILE B 667 -27.69 -26.68 -1.68
CA ILE B 667 -27.35 -28.06 -1.37
C ILE B 667 -26.46 -28.07 -0.14
N CYS B 668 -26.83 -28.86 0.87
CA CYS B 668 -26.03 -29.03 2.08
C CYS B 668 -25.66 -30.49 2.24
N ALA B 669 -24.37 -30.77 2.41
CA ALA B 669 -23.88 -32.13 2.56
C ALA B 669 -23.82 -32.50 4.04
N SER B 670 -24.03 -33.79 4.32
CA SER B 670 -24.10 -34.27 5.70
C SER B 670 -23.53 -35.67 5.78
N TYR B 671 -23.22 -36.08 7.00
CA TYR B 671 -22.74 -37.42 7.31
C TYR B 671 -23.86 -38.17 8.03
N GLN B 672 -24.38 -39.22 7.41
CA GLN B 672 -25.52 -39.94 7.94
C GLN B 672 -25.27 -41.44 7.77
N THR B 673 -26.30 -42.23 8.03
CA THR B 673 -26.22 -43.69 7.90
C THR B 673 -26.76 -44.14 6.54
N SER B 686 -22.07 -48.56 6.13
CA SER B 686 -23.15 -48.13 7.01
C SER B 686 -23.26 -46.60 7.02
N GLN B 687 -22.15 -45.93 7.33
CA GLN B 687 -22.10 -44.48 7.39
C GLN B 687 -21.45 -43.93 6.13
N SER B 688 -22.10 -42.93 5.52
CA SER B 688 -21.61 -42.37 4.26
C SER B 688 -21.99 -40.90 4.19
N ILE B 689 -21.31 -40.17 3.30
CA ILE B 689 -21.57 -38.77 3.08
C ILE B 689 -22.65 -38.63 2.01
N ILE B 690 -23.68 -37.84 2.31
CA ILE B 690 -24.82 -37.68 1.42
C ILE B 690 -25.03 -36.20 1.14
N ALA B 691 -25.70 -35.94 0.02
CA ALA B 691 -26.07 -34.59 -0.40
C ALA B 691 -27.57 -34.52 -0.61
N TYR B 692 -28.16 -33.37 -0.30
CA TYR B 692 -29.60 -33.19 -0.39
C TYR B 692 -29.90 -31.72 -0.60
N THR B 693 -31.18 -31.36 -0.48
CA THR B 693 -31.63 -29.98 -0.56
C THR B 693 -32.11 -29.55 0.82
N MET B 694 -31.60 -28.42 1.29
CA MET B 694 -31.94 -27.95 2.63
C MET B 694 -33.42 -27.60 2.74
N SER B 695 -33.97 -27.84 3.91
CA SER B 695 -35.38 -27.58 4.18
C SER B 695 -35.52 -26.31 5.00
N LEU B 696 -36.40 -25.41 4.54
CA LEU B 696 -36.58 -24.13 5.22
C LEU B 696 -37.18 -24.32 6.61
N GLY B 697 -38.15 -25.22 6.76
CA GLY B 697 -38.74 -25.46 8.05
C GLY B 697 -39.98 -26.33 7.92
N ALA B 698 -40.59 -26.59 9.06
CA ALA B 698 -41.80 -27.40 9.12
C ALA B 698 -42.99 -26.64 8.56
N GLU B 699 -43.80 -27.34 7.77
CA GLU B 699 -44.99 -26.72 7.20
C GLU B 699 -46.02 -26.44 8.28
N ASN B 700 -46.74 -25.33 8.13
CA ASN B 700 -47.76 -24.93 9.07
C ASN B 700 -48.91 -24.27 8.32
N SER B 701 -50.10 -24.32 8.94
CA SER B 701 -51.29 -23.74 8.34
C SER B 701 -52.22 -23.31 9.46
N VAL B 702 -52.33 -22.00 9.66
CA VAL B 702 -53.18 -21.47 10.73
C VAL B 702 -54.63 -21.55 10.29
N ALA B 703 -55.49 -22.09 11.17
CA ALA B 703 -56.90 -22.27 10.87
C ALA B 703 -57.63 -20.93 11.00
N TYR B 704 -57.37 -20.07 10.03
CA TYR B 704 -57.98 -18.75 10.03
C TYR B 704 -59.45 -18.82 9.63
N SER B 705 -60.27 -18.02 10.32
CA SER B 705 -61.69 -17.90 10.04
C SER B 705 -62.22 -16.73 10.84
N ASN B 706 -63.16 -16.00 10.28
CA ASN B 706 -63.74 -14.88 11.01
C ASN B 706 -64.55 -15.40 12.19
N ASN B 707 -64.81 -14.49 13.14
CA ASN B 707 -65.50 -14.79 14.41
C ASN B 707 -64.84 -15.94 15.18
N SER B 708 -63.55 -16.16 14.96
CA SER B 708 -62.79 -17.14 15.71
C SER B 708 -61.50 -16.51 16.22
N ILE B 709 -61.17 -16.80 17.49
CA ILE B 709 -59.99 -16.24 18.13
C ILE B 709 -59.41 -17.29 19.08
N ALA B 710 -58.12 -17.11 19.42
CA ALA B 710 -57.42 -17.97 20.34
C ALA B 710 -56.79 -17.12 21.43
N ILE B 711 -56.97 -17.53 22.68
CA ILE B 711 -56.49 -16.80 23.84
C ILE B 711 -55.63 -17.73 24.67
N PRO B 712 -54.40 -17.37 25.01
CA PRO B 712 -53.59 -18.23 25.87
C PRO B 712 -54.13 -18.29 27.29
N THR B 713 -53.88 -19.41 27.96
CA THR B 713 -54.33 -19.63 29.32
C THR B 713 -53.19 -19.88 30.30
N ASN B 714 -51.93 -19.81 29.85
CA ASN B 714 -50.79 -20.05 30.73
C ASN B 714 -49.58 -19.36 30.11
N PHE B 715 -48.54 -19.21 30.92
CA PHE B 715 -47.34 -18.49 30.49
C PHE B 715 -46.10 -19.30 30.85
N THR B 716 -44.97 -18.83 30.33
CA THR B 716 -43.67 -19.43 30.61
C THR B 716 -42.62 -18.33 30.66
N ILE B 717 -41.68 -18.46 31.59
CA ILE B 717 -40.58 -17.50 31.75
C ILE B 717 -39.34 -18.10 31.10
N SER B 718 -38.73 -17.35 30.19
CA SER B 718 -37.58 -17.81 29.44
C SER B 718 -36.41 -16.86 29.65
N VAL B 719 -35.21 -17.43 29.80
CA VAL B 719 -33.98 -16.68 29.97
C VAL B 719 -33.02 -17.08 28.86
N THR B 720 -32.52 -16.09 28.12
CA THR B 720 -31.61 -16.32 27.01
C THR B 720 -30.39 -15.43 27.16
N THR B 721 -29.29 -15.87 26.56
CA THR B 721 -28.02 -15.16 26.64
C THR B 721 -27.69 -14.49 25.31
N GLU B 722 -26.72 -13.58 25.37
CA GLU B 722 -26.30 -12.85 24.18
C GLU B 722 -24.90 -12.30 24.43
N ILE B 723 -24.01 -12.47 23.45
CA ILE B 723 -22.60 -12.12 23.59
C ILE B 723 -22.26 -11.07 22.53
N LEU B 724 -21.61 -9.99 22.96
CA LEU B 724 -21.22 -8.91 22.07
C LEU B 724 -19.78 -8.50 22.36
N PRO B 725 -18.92 -8.42 21.35
CA PRO B 725 -17.57 -7.91 21.57
C PRO B 725 -17.58 -6.44 21.91
N VAL B 726 -16.57 -6.00 22.66
CA VAL B 726 -16.48 -4.61 23.11
C VAL B 726 -15.19 -3.97 22.60
N SER B 727 -14.05 -4.59 22.92
CA SER B 727 -12.76 -4.04 22.56
C SER B 727 -11.84 -5.17 22.11
N MET B 728 -10.68 -4.79 21.58
CA MET B 728 -9.68 -5.74 21.12
C MET B 728 -8.32 -5.37 21.71
N THR B 729 -7.30 -6.12 21.29
CA THR B 729 -5.97 -5.95 21.86
C THR B 729 -5.32 -4.65 21.38
N LYS B 730 -4.69 -3.94 22.30
CA LYS B 730 -3.93 -2.75 21.98
C LYS B 730 -2.49 -3.13 21.67
N THR B 731 -2.01 -2.75 20.49
CA THR B 731 -0.69 -3.13 20.03
C THR B 731 0.13 -1.89 19.66
N SER B 732 1.44 -2.07 19.64
CA SER B 732 2.38 -1.03 19.25
C SER B 732 3.48 -1.64 18.41
N VAL B 733 4.12 -0.82 17.58
CA VAL B 733 5.17 -1.28 16.69
C VAL B 733 6.37 -0.35 16.81
N ASP B 734 7.56 -0.90 16.55
CA ASP B 734 8.79 -0.13 16.47
C ASP B 734 9.22 -0.11 15.01
N CYS B 735 9.17 1.08 14.40
CA CYS B 735 9.43 1.20 12.97
C CYS B 735 10.86 0.83 12.63
N THR B 736 11.83 1.29 13.44
CA THR B 736 13.23 1.08 13.11
C THR B 736 13.69 -0.34 13.39
N MET B 737 13.18 -0.97 14.45
CA MET B 737 13.66 -2.30 14.81
C MET B 737 13.08 -3.38 13.90
N TYR B 738 11.81 -3.25 13.52
CA TYR B 738 11.20 -4.26 12.66
C TYR B 738 11.84 -4.29 11.28
N ILE B 739 12.13 -3.12 10.72
CA ILE B 739 12.69 -3.06 9.37
C ILE B 739 14.19 -3.31 9.39
N CYS B 740 14.91 -2.60 10.26
CA CYS B 740 16.36 -2.67 10.34
C CYS B 740 16.75 -3.21 11.71
N GLY B 741 16.85 -4.53 11.82
CA GLY B 741 17.20 -5.16 13.07
C GLY B 741 18.70 -5.12 13.36
N ASP B 742 19.10 -4.30 14.33
CA ASP B 742 20.49 -4.21 14.78
C ASP B 742 21.41 -3.83 13.62
N SER B 743 21.08 -2.72 12.95
CA SER B 743 21.87 -2.22 11.83
C SER B 743 21.67 -0.72 11.73
N THR B 744 22.69 0.05 12.11
CA THR B 744 22.59 1.51 12.00
C THR B 744 22.71 1.96 10.56
N GLU B 745 23.49 1.24 9.74
CA GLU B 745 23.57 1.57 8.32
C GLU B 745 22.22 1.39 7.63
N CYS B 746 21.45 0.37 8.02
CA CYS B 746 20.11 0.22 7.49
C CYS B 746 19.23 1.41 7.88
N SER B 747 19.40 1.93 9.11
CA SER B 747 18.67 3.14 9.49
C SER B 747 19.10 4.33 8.64
N ASN B 748 20.39 4.42 8.31
CA ASN B 748 20.85 5.50 7.46
C ASN B 748 20.24 5.42 6.07
N LEU B 749 20.21 4.22 5.49
CA LEU B 749 19.57 4.05 4.18
C LEU B 749 18.04 4.09 4.26
N LEU B 750 17.48 4.06 5.46
CA LEU B 750 16.04 4.26 5.61
C LEU B 750 15.70 5.74 5.77
N LEU B 751 16.62 6.54 6.31
CA LEU B 751 16.32 7.92 6.68
C LEU B 751 15.86 8.78 5.52
N GLN B 752 16.26 8.46 4.28
CA GLN B 752 15.87 9.29 3.14
C GLN B 752 14.47 8.99 2.64
N TYR B 753 13.75 8.06 3.26
CA TYR B 753 12.37 7.76 2.88
C TYR B 753 11.36 8.66 3.58
N GLY B 754 11.78 9.85 4.02
CA GLY B 754 10.88 10.73 4.73
C GLY B 754 10.53 10.18 6.11
N SER B 755 9.33 10.51 6.57
CA SER B 755 8.84 10.06 7.87
C SER B 755 7.64 9.14 7.62
N PHE B 756 7.93 7.86 7.40
CA PHE B 756 6.90 6.84 7.27
C PHE B 756 6.62 6.14 8.59
N CYS B 757 7.29 6.51 9.67
CA CYS B 757 7.14 5.88 10.97
C CYS B 757 6.24 6.67 11.92
N THR B 758 6.30 8.00 11.86
CA THR B 758 5.45 8.82 12.72
C THR B 758 3.98 8.62 12.39
N GLN B 759 3.66 8.54 11.10
CA GLN B 759 2.27 8.36 10.69
C GLN B 759 1.71 7.03 11.19
N LEU B 760 2.50 5.96 11.07
CA LEU B 760 2.06 4.65 11.55
C LEU B 760 1.90 4.66 13.07
N LYS B 761 2.83 5.30 13.78
CA LYS B 761 2.73 5.38 15.23
C LYS B 761 1.46 6.13 15.65
N ARG B 762 1.16 7.24 14.97
CA ARG B 762 -0.05 7.99 15.29
C ARG B 762 -1.30 7.17 14.98
N ALA B 763 -1.29 6.45 13.85
CA ALA B 763 -2.45 5.64 13.48
C ALA B 763 -2.72 4.55 14.51
N LEU B 764 -1.66 3.91 15.01
CA LEU B 764 -1.84 2.88 16.02
C LEU B 764 -2.21 3.46 17.38
N THR B 765 -1.65 4.61 17.74
CA THR B 765 -2.00 5.25 19.00
C THR B 765 -3.47 5.69 19.01
N GLY B 766 -4.00 6.06 17.85
CA GLY B 766 -5.42 6.38 17.78
C GLY B 766 -6.30 5.20 18.19
N ILE B 767 -6.01 4.01 17.65
CA ILE B 767 -6.77 2.82 18.02
C ILE B 767 -6.55 2.49 19.49
N ALA B 768 -5.31 2.61 19.97
CA ALA B 768 -5.03 2.31 21.37
C ALA B 768 -5.84 3.21 22.30
N VAL B 769 -5.95 4.49 21.96
CA VAL B 769 -6.76 5.41 22.76
C VAL B 769 -8.23 5.07 22.64
N GLU B 770 -8.68 4.71 21.43
CA GLU B 770 -10.10 4.47 21.21
C GLU B 770 -10.60 3.23 21.95
N GLN B 771 -9.72 2.25 22.19
CA GLN B 771 -10.16 1.04 22.90
C GLN B 771 -10.65 1.37 24.31
N ASP B 772 -9.92 2.22 25.03
CA ASP B 772 -10.31 2.58 26.38
C ASP B 772 -11.65 3.32 26.39
N LYS B 773 -11.86 4.21 25.43
CA LYS B 773 -13.14 4.90 25.31
C LYS B 773 -14.26 3.92 25.01
N ASN B 774 -13.98 2.91 24.17
CA ASN B 774 -14.99 1.90 23.88
C ASN B 774 -15.39 1.15 25.14
N THR B 775 -14.43 0.79 25.98
CA THR B 775 -14.76 0.11 27.23
C THR B 775 -15.54 1.03 28.18
N GLN B 776 -15.10 2.29 28.29
CA GLN B 776 -15.72 3.20 29.26
C GLN B 776 -17.14 3.57 28.87
N GLU B 777 -17.40 3.70 27.57
CA GLU B 777 -18.76 4.05 27.13
C GLU B 777 -19.75 2.95 27.51
N VAL B 778 -19.32 1.70 27.45
CA VAL B 778 -20.22 0.59 27.74
C VAL B 778 -20.37 0.40 29.24
N PHE B 779 -19.25 0.32 29.97
CA PHE B 779 -19.34 -0.11 31.36
C PHE B 779 -19.57 1.03 32.35
N ALA B 780 -19.00 2.21 32.10
CA ALA B 780 -19.12 3.33 33.02
C ALA B 780 -20.40 4.10 32.71
N GLN B 781 -21.51 3.58 33.22
CA GLN B 781 -22.82 4.19 33.01
C GLN B 781 -23.51 4.62 34.29
N VAL B 782 -22.86 4.48 35.45
CA VAL B 782 -23.46 4.84 36.73
C VAL B 782 -22.51 5.79 37.46
N LYS B 783 -23.09 6.61 38.34
CA LYS B 783 -22.31 7.60 39.07
C LYS B 783 -21.84 7.09 40.43
N GLN B 784 -22.58 6.17 41.04
CA GLN B 784 -22.25 5.66 42.37
C GLN B 784 -22.18 4.14 42.34
N ILE B 785 -21.42 3.59 43.27
CA ILE B 785 -21.23 2.14 43.39
C ILE B 785 -22.22 1.65 44.45
N TYR B 786 -23.36 1.13 43.99
CA TYR B 786 -24.37 0.63 44.90
C TYR B 786 -23.95 -0.72 45.48
N LYS B 787 -24.53 -1.05 46.63
CA LYS B 787 -24.28 -2.33 47.29
C LYS B 787 -25.61 -2.95 47.68
N THR B 788 -25.61 -4.27 47.80
CA THR B 788 -26.82 -5.00 48.16
C THR B 788 -26.86 -5.24 49.66
N PRO B 789 -28.07 -5.29 50.24
CA PRO B 789 -28.17 -5.56 51.68
C PRO B 789 -27.69 -6.96 52.00
N PRO B 790 -27.23 -7.20 53.24
CA PRO B 790 -26.76 -8.54 53.60
C PRO B 790 -27.80 -9.63 53.44
N ILE B 791 -29.08 -9.31 53.70
CA ILE B 791 -30.14 -10.29 53.50
C ILE B 791 -30.38 -10.46 52.01
N LYS B 792 -30.47 -11.72 51.57
CA LYS B 792 -30.56 -12.06 50.15
C LYS B 792 -31.91 -12.72 49.83
N TYR B 793 -32.99 -12.17 50.38
CA TYR B 793 -34.35 -12.63 50.07
C TYR B 793 -35.03 -11.55 49.25
N PHE B 794 -35.33 -11.87 47.99
CA PHE B 794 -35.99 -10.94 47.07
C PHE B 794 -37.23 -11.63 46.50
N GLY B 795 -38.33 -11.57 47.26
CA GLY B 795 -39.59 -12.11 46.78
C GLY B 795 -39.58 -13.57 46.44
N GLY B 796 -38.61 -14.33 46.98
CA GLY B 796 -38.45 -15.72 46.64
C GLY B 796 -37.55 -15.99 45.45
N PHE B 797 -37.14 -14.96 44.72
CA PHE B 797 -36.25 -15.13 43.59
C PHE B 797 -34.83 -15.38 44.08
N ASN B 798 -34.09 -16.20 43.34
CA ASN B 798 -32.74 -16.61 43.69
C ASN B 798 -31.75 -15.94 42.75
N PHE B 799 -30.86 -15.13 43.31
CA PHE B 799 -29.83 -14.42 42.54
C PHE B 799 -28.43 -14.80 42.98
N SER B 800 -28.27 -15.91 43.70
CA SER B 800 -26.97 -16.27 44.26
C SER B 800 -25.95 -16.64 43.18
N GLN B 801 -26.40 -16.97 41.97
CA GLN B 801 -25.49 -17.39 40.92
C GLN B 801 -24.99 -16.24 40.05
N ILE B 802 -25.47 -15.02 40.27
CA ILE B 802 -24.99 -13.86 39.55
C ILE B 802 -24.45 -12.77 40.46
N LEU B 803 -24.79 -12.77 41.74
CA LEU B 803 -24.24 -11.79 42.67
C LEU B 803 -22.81 -12.17 43.04
N PRO B 804 -21.95 -11.18 43.28
CA PRO B 804 -20.56 -11.49 43.66
C PRO B 804 -20.50 -12.10 45.05
N ASP B 805 -19.47 -12.93 45.24
CA ASP B 805 -19.22 -13.57 46.52
C ASP B 805 -17.86 -13.16 47.04
N PRO B 806 -17.77 -12.67 48.29
CA PRO B 806 -16.49 -12.20 48.82
C PRO B 806 -15.55 -13.30 49.30
N SER B 807 -15.85 -14.57 49.03
CA SER B 807 -15.02 -15.69 49.46
C SER B 807 -13.98 -16.07 48.41
N LYS B 808 -13.62 -15.15 47.52
CA LYS B 808 -12.64 -15.40 46.47
C LYS B 808 -11.72 -14.20 46.35
N PRO B 809 -10.49 -14.40 45.88
CA PRO B 809 -9.61 -13.25 45.63
C PRO B 809 -10.17 -12.29 44.60
N SER B 810 -10.90 -12.79 43.61
CA SER B 810 -11.55 -11.95 42.60
C SER B 810 -13.04 -11.93 42.87
N LYS B 811 -13.61 -10.72 42.94
CA LYS B 811 -15.03 -10.55 43.22
C LYS B 811 -15.83 -10.76 41.93
N ARG B 812 -15.93 -12.02 41.53
CA ARG B 812 -16.65 -12.42 40.34
C ARG B 812 -17.69 -13.48 40.69
N SER B 813 -18.79 -13.47 39.96
CA SER B 813 -19.87 -14.41 40.19
C SER B 813 -19.52 -15.77 39.58
N PHE B 814 -20.43 -16.74 39.76
CA PHE B 814 -20.19 -18.08 39.23
C PHE B 814 -20.17 -18.09 37.72
N ILE B 815 -21.15 -17.44 37.08
CA ILE B 815 -21.22 -17.42 35.63
C ILE B 815 -20.03 -16.66 35.05
N GLU B 816 -19.63 -15.56 35.69
CA GLU B 816 -18.45 -14.83 35.23
C GLU B 816 -17.20 -15.70 35.31
N ASP B 817 -17.07 -16.48 36.38
CA ASP B 817 -15.93 -17.39 36.50
C ASP B 817 -15.96 -18.45 35.40
N LEU B 818 -17.15 -18.99 35.11
CA LEU B 818 -17.24 -19.98 34.03
C LEU B 818 -16.82 -19.37 32.70
N LEU B 819 -17.30 -18.16 32.40
CA LEU B 819 -16.92 -17.50 31.14
C LEU B 819 -15.43 -17.24 31.08
N PHE B 820 -14.85 -16.75 32.18
CA PHE B 820 -13.42 -16.46 32.19
C PHE B 820 -12.59 -17.72 32.01
N ASN B 821 -12.98 -18.81 32.68
CA ASN B 821 -12.25 -20.07 32.50
C ASN B 821 -12.39 -20.59 31.08
N LYS B 822 -13.58 -20.43 30.47
CA LYS B 822 -13.78 -20.89 29.11
C LYS B 822 -12.91 -20.11 28.13
N VAL B 823 -12.81 -18.80 28.29
CA VAL B 823 -12.08 -17.98 27.33
C VAL B 823 -10.59 -17.90 27.60
N THR B 824 -10.14 -18.16 28.84
CA THR B 824 -8.73 -18.06 29.17
C THR B 824 -7.88 -19.15 28.52
N LEU B 825 -8.51 -20.16 27.90
CA LEU B 825 -7.74 -21.18 27.20
C LEU B 825 -6.94 -20.59 26.06
N ALA B 826 -7.42 -19.49 25.48
CA ALA B 826 -6.71 -18.78 24.41
C ALA B 826 -6.74 -17.28 24.74
N ASP B 827 -5.71 -16.82 25.44
CA ASP B 827 -5.61 -15.43 25.84
C ASP B 827 -4.17 -14.96 25.63
N ALA B 828 -3.97 -13.66 25.77
CA ALA B 828 -2.66 -13.05 25.63
C ALA B 828 -2.38 -12.14 26.82
N GLY B 829 -1.10 -12.05 27.18
CA GLY B 829 -0.68 -11.20 28.28
C GLY B 829 -0.67 -11.87 29.64
N PHE B 830 -1.86 -12.15 30.18
CA PHE B 830 -2.01 -12.72 31.51
C PHE B 830 -1.28 -11.85 32.54
N ILE B 831 -0.05 -12.24 32.88
CA ILE B 831 0.79 -11.41 33.75
C ILE B 831 1.37 -10.23 33.00
N LYS B 832 1.18 -10.16 31.69
CA LYS B 832 1.62 -9.12 30.76
C LYS B 832 3.11 -9.19 30.46
N GLN B 833 3.85 -10.11 31.08
CA GLN B 833 5.27 -10.30 30.83
C GLN B 833 6.05 -8.99 30.98
N TYR B 834 5.73 -8.25 32.04
CA TYR B 834 6.39 -6.97 32.34
C TYR B 834 7.82 -7.15 32.86
N GLY B 835 8.35 -8.36 32.84
CA GLY B 835 9.73 -8.60 33.22
C GLY B 835 10.40 -9.60 32.28
N ASP B 836 11.26 -10.44 32.83
CA ASP B 836 11.90 -11.48 32.03
C ASP B 836 10.88 -12.54 31.64
N CYS B 837 11.14 -13.19 30.50
CA CYS B 837 10.26 -14.23 29.99
C CYS B 837 10.28 -15.46 30.90
N CYS B 848 9.16 -14.89 24.66
CA CYS B 848 7.83 -15.15 25.20
C CYS B 848 6.77 -14.30 24.50
N ALA B 849 5.69 -14.95 24.09
CA ALA B 849 4.60 -14.30 23.36
C ALA B 849 5.13 -13.54 22.16
N GLN B 850 5.85 -14.27 21.30
CA GLN B 850 6.53 -13.73 20.13
C GLN B 850 7.62 -12.75 20.55
N LYS B 851 7.22 -11.56 20.99
CA LYS B 851 8.14 -10.51 21.43
C LYS B 851 9.12 -10.14 20.34
N PHE B 852 10.10 -9.29 20.67
CA PHE B 852 11.16 -8.85 19.76
C PHE B 852 10.59 -8.18 18.51
N LYS B 853 11.47 -7.77 17.61
CA LYS B 853 11.07 -7.12 16.35
C LYS B 853 10.16 -5.92 16.56
N GLY B 854 10.17 -5.36 17.77
CA GLY B 854 9.36 -4.20 18.07
C GLY B 854 7.87 -4.43 17.99
N LEU B 855 7.37 -5.52 18.56
CA LEU B 855 5.95 -5.83 18.60
C LEU B 855 5.55 -6.09 20.04
N THR B 856 4.85 -5.14 20.64
CA THR B 856 4.46 -5.21 22.05
C THR B 856 2.95 -5.05 22.18
N VAL B 857 2.46 -5.30 23.39
CA VAL B 857 1.03 -5.18 23.71
C VAL B 857 0.89 -4.29 24.93
N LEU B 858 0.05 -3.26 24.81
CA LEU B 858 -0.15 -2.33 25.93
C LEU B 858 -1.29 -2.80 26.81
N PRO B 859 -1.13 -2.72 28.14
CA PRO B 859 -2.18 -3.19 29.03
C PRO B 859 -3.39 -2.28 28.98
N PRO B 860 -4.58 -2.81 29.24
CA PRO B 860 -5.77 -1.96 29.25
C PRO B 860 -5.77 -1.02 30.45
N LEU B 861 -6.48 0.10 30.28
CA LEU B 861 -6.57 1.08 31.36
C LEU B 861 -7.37 0.54 32.54
N LEU B 862 -8.48 -0.12 32.27
CA LEU B 862 -9.35 -0.66 33.31
C LEU B 862 -9.03 -2.13 33.52
N THR B 863 -8.70 -2.49 34.75
CA THR B 863 -8.39 -3.87 35.07
C THR B 863 -9.67 -4.71 35.11
N ASP B 864 -9.50 -6.02 35.32
CA ASP B 864 -10.63 -6.94 35.34
C ASP B 864 -11.45 -6.84 36.61
N GLU B 865 -10.98 -6.13 37.63
CA GLU B 865 -11.71 -5.99 38.88
C GLU B 865 -12.66 -4.80 38.86
N MET B 866 -12.26 -3.70 38.24
CA MET B 866 -13.13 -2.54 38.15
C MET B 866 -14.35 -2.83 37.29
N ILE B 867 -14.18 -3.62 36.22
CA ILE B 867 -15.32 -4.02 35.41
C ILE B 867 -16.29 -4.86 36.22
N ALA B 868 -15.77 -5.78 37.03
CA ALA B 868 -16.62 -6.59 37.89
C ALA B 868 -17.35 -5.73 38.90
N GLN B 869 -16.66 -4.72 39.44
CA GLN B 869 -17.32 -3.80 40.38
C GLN B 869 -18.44 -3.04 39.70
N TYR B 870 -18.22 -2.58 38.46
CA TYR B 870 -19.26 -1.89 37.72
C TYR B 870 -20.48 -2.78 37.49
N THR B 871 -20.23 -4.04 37.09
CA THR B 871 -21.34 -4.96 36.85
C THR B 871 -22.10 -5.25 38.14
N SER B 872 -21.38 -5.43 39.25
CA SER B 872 -22.04 -5.68 40.53
C SER B 872 -22.88 -4.47 40.95
N ALA B 873 -22.37 -3.26 40.75
CA ALA B 873 -23.13 -2.06 41.06
C ALA B 873 -24.39 -1.97 40.22
N LEU B 874 -24.28 -2.29 38.92
CA LEU B 874 -25.46 -2.26 38.06
C LEU B 874 -26.49 -3.29 38.51
N LEU B 875 -26.04 -4.50 38.85
CA LEU B 875 -26.97 -5.53 39.32
C LEU B 875 -27.67 -5.10 40.61
N ALA B 876 -26.90 -4.56 41.56
CA ALA B 876 -27.49 -4.13 42.82
C ALA B 876 -28.51 -3.02 42.61
N GLY B 877 -28.17 -2.05 41.75
CA GLY B 877 -29.12 -0.98 41.47
C GLY B 877 -30.39 -1.48 40.82
N THR B 878 -30.25 -2.39 39.84
CA THR B 878 -31.43 -2.93 39.18
C THR B 878 -32.29 -3.72 40.16
N ILE B 879 -31.67 -4.48 41.06
CA ILE B 879 -32.44 -5.31 41.98
C ILE B 879 -33.17 -4.44 43.00
N THR B 880 -32.48 -3.46 43.58
CA THR B 880 -33.02 -2.71 44.71
C THR B 880 -33.73 -1.43 44.33
N SER B 881 -33.72 -1.03 43.05
CA SER B 881 -34.33 0.24 42.68
C SER B 881 -35.28 0.09 41.50
N GLY B 882 -35.01 -0.86 40.62
CA GLY B 882 -35.80 -1.00 39.41
C GLY B 882 -35.19 -0.23 38.24
N TRP B 883 -35.91 0.78 37.77
CA TRP B 883 -35.39 1.66 36.73
C TRP B 883 -35.24 3.11 37.19
N THR B 884 -35.54 3.40 38.46
CA THR B 884 -35.45 4.77 38.94
C THR B 884 -34.01 5.23 39.12
N PHE B 885 -33.06 4.31 39.23
CA PHE B 885 -31.66 4.69 39.40
C PHE B 885 -31.00 5.11 38.10
N GLY B 886 -31.66 4.92 36.97
CA GLY B 886 -31.16 5.36 35.69
C GLY B 886 -31.62 6.73 35.25
N ALA B 887 -32.47 7.38 36.04
CA ALA B 887 -32.96 8.72 35.71
C ALA B 887 -32.74 9.73 36.83
N GLY B 888 -32.11 9.33 37.93
CA GLY B 888 -31.88 10.24 39.04
C GLY B 888 -31.39 9.52 40.28
N ALA B 889 -31.99 9.83 41.42
CA ALA B 889 -31.64 9.16 42.66
C ALA B 889 -32.29 7.78 42.73
N ALA B 890 -31.62 6.87 43.43
CA ALA B 890 -32.13 5.51 43.58
C ALA B 890 -33.25 5.49 44.61
N LEU B 891 -34.38 4.89 44.23
CA LEU B 891 -35.55 4.78 45.09
C LEU B 891 -35.85 3.31 45.33
N GLN B 892 -35.88 2.91 46.60
CA GLN B 892 -36.08 1.51 46.93
C GLN B 892 -37.53 1.10 46.68
N ILE B 893 -37.72 -0.19 46.39
CA ILE B 893 -39.04 -0.76 46.15
C ILE B 893 -38.92 -2.28 46.27
N PRO B 894 -39.91 -2.96 46.87
CA PRO B 894 -39.86 -4.43 46.93
C PRO B 894 -39.88 -5.05 45.54
N PHE B 895 -39.22 -6.19 45.42
CA PHE B 895 -39.06 -6.83 44.11
C PHE B 895 -40.40 -7.28 43.55
N ALA B 896 -41.32 -7.72 44.42
CA ALA B 896 -42.60 -8.24 43.95
C ALA B 896 -43.40 -7.18 43.20
N MET B 897 -43.49 -5.97 43.76
CA MET B 897 -44.26 -4.94 43.08
C MET B 897 -43.52 -4.41 41.85
N GLN B 898 -42.19 -4.46 41.85
CA GLN B 898 -41.44 -4.13 40.64
C GLN B 898 -41.80 -5.08 39.50
N MET B 899 -41.84 -6.38 39.80
CA MET B 899 -42.25 -7.34 38.79
C MET B 899 -43.71 -7.15 38.39
N ALA B 900 -44.57 -6.76 39.34
CA ALA B 900 -45.97 -6.49 39.01
C ALA B 900 -46.08 -5.32 38.04
N TYR B 901 -45.31 -4.26 38.27
CA TYR B 901 -45.32 -3.12 37.36
C TYR B 901 -44.76 -3.51 35.99
N ARG B 902 -43.74 -4.38 35.98
CA ARG B 902 -43.20 -4.83 34.70
C ARG B 902 -44.23 -5.64 33.92
N PHE B 903 -45.01 -6.49 34.60
CA PHE B 903 -46.11 -7.17 33.92
C PHE B 903 -47.16 -6.18 33.44
N ASN B 904 -47.48 -5.19 34.27
CA ASN B 904 -48.47 -4.18 33.86
C ASN B 904 -47.99 -3.41 32.64
N GLY B 905 -46.68 -3.33 32.44
CA GLY B 905 -46.12 -2.63 31.30
C GLY B 905 -46.21 -3.36 29.98
N ILE B 906 -46.62 -4.63 29.97
CA ILE B 906 -46.74 -5.40 28.75
C ILE B 906 -48.18 -5.84 28.47
N GLY B 907 -49.14 -5.26 29.18
CA GLY B 907 -50.54 -5.52 28.90
C GLY B 907 -51.21 -6.59 29.75
N VAL B 908 -50.58 -7.02 30.84
CA VAL B 908 -51.14 -8.02 31.74
C VAL B 908 -51.41 -7.35 33.08
N THR B 909 -52.60 -7.59 33.63
CA THR B 909 -52.97 -7.00 34.92
C THR B 909 -52.07 -7.55 36.02
N GLN B 910 -51.90 -6.76 37.08
CA GLN B 910 -50.90 -7.06 38.10
C GLN B 910 -51.33 -8.18 39.05
N ASN B 911 -52.62 -8.50 39.12
CA ASN B 911 -53.06 -9.56 40.02
C ASN B 911 -52.54 -10.93 39.60
N VAL B 912 -52.17 -11.09 38.33
CA VAL B 912 -51.65 -12.37 37.86
C VAL B 912 -50.37 -12.73 38.61
N LEU B 913 -49.45 -11.77 38.76
CA LEU B 913 -48.23 -12.03 39.52
C LEU B 913 -48.54 -12.30 40.99
N TYR B 914 -49.40 -11.49 41.59
CA TYR B 914 -49.71 -11.69 43.01
C TYR B 914 -50.40 -13.02 43.26
N GLU B 915 -50.99 -13.63 42.23
CA GLU B 915 -51.61 -14.94 42.38
C GLU B 915 -50.71 -16.10 41.95
N ASN B 916 -49.69 -15.85 41.13
CA ASN B 916 -48.82 -16.93 40.64
C ASN B 916 -47.35 -16.65 40.95
N GLN B 917 -47.08 -15.92 42.03
CA GLN B 917 -45.72 -15.58 42.40
C GLN B 917 -44.85 -16.82 42.62
N LYS B 918 -45.37 -17.82 43.33
CA LYS B 918 -44.56 -19.00 43.62
C LYS B 918 -44.17 -19.72 42.33
N LEU B 919 -45.13 -19.92 41.42
CA LEU B 919 -44.85 -20.58 40.16
C LEU B 919 -43.87 -19.78 39.33
N ILE B 920 -44.03 -18.46 39.29
CA ILE B 920 -43.13 -17.63 38.49
C ILE B 920 -41.72 -17.68 39.05
N ALA B 921 -41.57 -17.62 40.37
CA ALA B 921 -40.25 -17.71 40.99
C ALA B 921 -39.61 -19.06 40.71
N ASN B 922 -40.38 -20.14 40.80
CA ASN B 922 -39.83 -21.46 40.51
C ASN B 922 -39.35 -21.54 39.06
N GLN B 923 -40.16 -21.03 38.12
CA GLN B 923 -39.77 -21.07 36.72
C GLN B 923 -38.50 -20.25 36.47
N PHE B 924 -38.41 -19.07 37.09
CA PHE B 924 -37.21 -18.25 36.93
C PHE B 924 -35.98 -18.95 37.49
N ASN B 925 -36.13 -19.58 38.67
CA ASN B 925 -35.00 -20.28 39.26
C ASN B 925 -34.54 -21.44 38.38
N SER B 926 -35.48 -22.21 37.83
CA SER B 926 -35.10 -23.31 36.94
C SER B 926 -34.43 -22.80 35.68
N ALA B 927 -34.95 -21.71 35.11
CA ALA B 927 -34.35 -21.15 33.90
C ALA B 927 -32.94 -20.66 34.15
N ILE B 928 -32.71 -20.01 35.31
CA ILE B 928 -31.36 -19.58 35.66
C ILE B 928 -30.45 -20.78 35.86
N GLY B 929 -30.94 -21.82 36.53
CA GLY B 929 -30.11 -22.98 36.78
C GLY B 929 -29.70 -23.69 35.51
N LYS B 930 -30.58 -23.72 34.51
CA LYS B 930 -30.23 -24.39 33.26
C LYS B 930 -29.10 -23.69 32.50
N ILE B 931 -28.89 -22.39 32.75
CA ILE B 931 -27.85 -21.66 32.03
C ILE B 931 -26.47 -22.19 32.39
N GLN B 932 -26.25 -22.53 33.65
CA GLN B 932 -24.95 -23.06 34.07
C GLN B 932 -24.64 -24.35 33.34
N ASP B 933 -25.62 -25.26 33.25
CA ASP B 933 -25.41 -26.51 32.55
C ASP B 933 -25.21 -26.29 31.05
N SER B 934 -25.95 -25.35 30.47
CA SER B 934 -25.80 -25.06 29.05
C SER B 934 -24.40 -24.52 28.74
N LEU B 935 -23.89 -23.62 29.59
CA LEU B 935 -22.59 -23.02 29.33
C LEU B 935 -21.44 -23.98 29.65
N SER B 936 -21.57 -24.76 30.73
CA SER B 936 -20.49 -25.63 31.16
C SER B 936 -20.23 -26.77 30.19
N SER B 937 -21.16 -27.03 29.27
CA SER B 937 -20.95 -28.07 28.27
C SER B 937 -19.88 -27.66 27.27
N THR B 938 -19.34 -28.65 26.57
CA THR B 938 -18.30 -28.40 25.57
C THR B 938 -18.81 -27.53 24.43
N ALA B 939 -20.12 -27.55 24.16
CA ALA B 939 -20.70 -26.75 23.08
C ALA B 939 -20.71 -25.28 23.51
N SER B 940 -19.55 -24.65 23.37
CA SER B 940 -19.37 -23.27 23.76
C SER B 940 -19.91 -22.33 22.68
N ALA B 941 -20.78 -21.40 23.09
CA ALA B 941 -21.35 -20.43 22.17
C ALA B 941 -20.54 -19.14 22.10
N LEU B 942 -19.41 -19.07 22.79
CA LEU B 942 -18.58 -17.86 22.82
C LEU B 942 -17.62 -17.82 21.64
N GLY B 943 -18.15 -17.96 20.43
CA GLY B 943 -17.32 -17.90 19.25
C GLY B 943 -17.02 -16.49 18.80
N LYS B 944 -17.90 -15.54 19.12
CA LYS B 944 -17.68 -14.15 18.70
C LYS B 944 -16.45 -13.56 19.37
N LEU B 945 -16.25 -13.83 20.65
CA LEU B 945 -15.07 -13.33 21.33
C LEU B 945 -13.81 -14.04 20.87
N GLN B 946 -13.91 -15.33 20.52
CA GLN B 946 -12.75 -16.07 20.06
C GLN B 946 -12.32 -15.65 18.65
N ASP B 947 -13.28 -15.21 17.82
CA ASP B 947 -12.96 -14.82 16.46
C ASP B 947 -12.00 -13.64 16.42
N VAL B 948 -12.24 -12.64 17.27
CA VAL B 948 -11.37 -11.46 17.30
C VAL B 948 -9.95 -11.85 17.71
N VAL B 949 -9.83 -12.69 18.74
CA VAL B 949 -8.51 -13.13 19.20
C VAL B 949 -7.80 -13.90 18.10
N ASN B 950 -8.51 -14.80 17.44
CA ASN B 950 -7.90 -15.58 16.37
C ASN B 950 -7.44 -14.69 15.21
N HIS B 951 -8.27 -13.71 14.84
CA HIS B 951 -7.90 -12.82 13.74
C HIS B 951 -6.67 -11.99 14.09
N ASN B 952 -6.62 -11.44 15.31
CA ASN B 952 -5.45 -10.67 15.71
C ASN B 952 -4.21 -11.54 15.77
N ALA B 953 -4.33 -12.75 16.31
CA ALA B 953 -3.18 -13.64 16.39
C ALA B 953 -2.66 -14.01 15.02
N GLN B 954 -3.55 -14.32 14.07
CA GLN B 954 -3.08 -14.70 12.74
C GLN B 954 -2.51 -13.50 11.99
N ALA B 955 -3.05 -12.30 12.20
CA ALA B 955 -2.46 -11.12 11.60
C ALA B 955 -1.04 -10.88 12.12
N LEU B 956 -0.86 -11.00 13.43
CA LEU B 956 0.48 -10.83 13.99
C LEU B 956 1.43 -11.92 13.49
N ASN B 957 0.93 -13.15 13.38
CA ASN B 957 1.77 -14.24 12.88
C ASN B 957 2.18 -14.00 11.43
N THR B 958 1.25 -13.52 10.59
CA THR B 958 1.59 -13.20 9.22
C THR B 958 2.63 -12.08 9.16
N LEU B 959 2.46 -11.04 9.98
CA LEU B 959 3.41 -9.95 9.97
C LEU B 959 4.81 -10.40 10.40
N VAL B 960 4.88 -11.24 11.43
CA VAL B 960 6.19 -11.69 11.91
C VAL B 960 6.82 -12.66 10.93
N LYS B 961 6.01 -13.47 10.25
CA LYS B 961 6.54 -14.41 9.26
C LYS B 961 6.95 -13.72 7.97
N GLN B 962 6.41 -12.53 7.69
CA GLN B 962 6.75 -11.81 6.46
C GLN B 962 8.23 -11.43 6.40
N LEU B 963 8.92 -11.44 7.54
CA LEU B 963 10.34 -11.06 7.55
C LEU B 963 11.22 -12.07 6.85
N SER B 964 10.77 -13.32 6.70
CA SER B 964 11.56 -14.34 6.03
C SER B 964 11.44 -14.29 4.51
N SER B 965 10.57 -13.44 3.97
CA SER B 965 10.41 -13.33 2.54
C SER B 965 11.66 -12.73 1.90
N LYS B 966 12.14 -13.35 0.82
CA LYS B 966 13.35 -12.89 0.17
C LYS B 966 13.15 -11.64 -0.67
N PHE B 967 11.96 -11.49 -1.27
CA PHE B 967 11.66 -10.40 -2.19
C PHE B 967 12.61 -10.40 -3.40
N GLY B 968 13.14 -11.57 -3.75
CA GLY B 968 14.03 -11.69 -4.86
C GLY B 968 15.46 -11.25 -4.62
N ALA B 969 15.82 -10.94 -3.37
CA ALA B 969 17.16 -10.47 -3.06
C ALA B 969 18.13 -11.64 -2.95
N ILE B 970 19.41 -11.31 -2.76
CA ILE B 970 20.43 -12.34 -2.59
C ILE B 970 20.20 -13.11 -1.30
N SER B 971 19.94 -12.40 -0.21
CA SER B 971 19.70 -13.03 1.07
C SER B 971 18.78 -12.15 1.90
N SER B 972 18.15 -12.77 2.90
CA SER B 972 17.24 -12.07 3.80
C SER B 972 17.92 -11.56 5.05
N VAL B 973 19.23 -11.71 5.17
CA VAL B 973 19.99 -11.25 6.33
C VAL B 973 20.79 -10.03 5.92
N LEU B 974 20.60 -8.91 6.63
CA LEU B 974 21.31 -7.68 6.29
C LEU B 974 22.80 -7.82 6.53
N ASN B 975 23.19 -8.49 7.61
CA ASN B 975 24.60 -8.60 7.96
C ASN B 975 25.38 -9.35 6.88
N ASP B 976 24.84 -10.47 6.39
CA ASP B 976 25.52 -11.24 5.35
C ASP B 976 25.63 -10.44 4.06
N ILE B 977 24.56 -9.72 3.70
CA ILE B 977 24.59 -8.90 2.48
C ILE B 977 25.66 -7.82 2.60
N PHE B 978 25.74 -7.15 3.75
CA PHE B 978 26.74 -6.11 3.92
C PHE B 978 28.15 -6.67 3.96
N SER B 979 28.31 -7.87 4.53
CA SER B 979 29.65 -8.44 4.67
C SER B 979 30.19 -8.96 3.34
N ARG B 980 29.34 -9.64 2.56
CA ARG B 980 29.79 -10.34 1.36
C ARG B 980 29.35 -9.62 0.09
N LEU B 981 29.36 -8.29 0.12
CA LEU B 981 28.95 -7.51 -1.05
C LEU B 981 29.35 -6.06 -0.84
N ASP B 982 29.80 -5.42 -1.91
CA ASP B 982 30.20 -4.01 -1.86
C ASP B 982 28.99 -3.09 -1.87
N PRO B 983 29.15 -1.86 -1.39
CA PRO B 983 28.01 -0.92 -1.29
C PRO B 983 27.30 -0.65 -2.60
N PRO B 984 28.00 -0.50 -3.74
CA PRO B 984 27.34 0.04 -4.95
C PRO B 984 25.96 -0.52 -5.29
N GLU B 985 25.71 -1.82 -5.10
CA GLU B 985 24.36 -2.34 -5.28
C GLU B 985 23.80 -3.02 -4.05
N ALA B 986 24.61 -3.21 -3.00
CA ALA B 986 24.04 -3.50 -1.70
C ALA B 986 23.07 -2.40 -1.28
N GLU B 987 23.35 -1.16 -1.68
CA GLU B 987 22.44 -0.07 -1.34
C GLU B 987 21.04 -0.32 -1.90
N VAL B 988 20.96 -0.76 -3.16
CA VAL B 988 19.65 -1.01 -3.74
C VAL B 988 19.06 -2.31 -3.21
N GLN B 989 19.90 -3.26 -2.80
CA GLN B 989 19.37 -4.48 -2.18
C GLN B 989 18.62 -4.17 -0.88
N ILE B 990 19.29 -3.46 0.04
CA ILE B 990 18.60 -3.04 1.26
C ILE B 990 17.47 -2.06 0.95
N ASP B 991 17.59 -1.27 -0.12
CA ASP B 991 16.48 -0.39 -0.50
C ASP B 991 15.22 -1.19 -0.84
N ARG B 992 15.37 -2.24 -1.65
CA ARG B 992 14.24 -3.07 -2.02
C ARG B 992 13.69 -3.82 -0.81
N LEU B 993 14.58 -4.32 0.06
CA LEU B 993 14.11 -4.98 1.28
C LEU B 993 13.29 -4.02 2.14
N ILE B 994 13.77 -2.78 2.28
CA ILE B 994 13.06 -1.77 3.05
C ILE B 994 11.70 -1.48 2.44
N THR B 995 11.64 -1.36 1.11
CA THR B 995 10.35 -1.12 0.47
C THR B 995 9.37 -2.25 0.74
N GLY B 996 9.84 -3.50 0.64
CA GLY B 996 8.95 -4.63 0.91
C GLY B 996 8.45 -4.65 2.34
N ARG B 997 9.36 -4.44 3.31
CA ARG B 997 8.95 -4.44 4.71
C ARG B 997 8.00 -3.30 5.02
N LEU B 998 8.23 -2.13 4.42
CA LEU B 998 7.32 -1.01 4.60
C LEU B 998 5.95 -1.31 4.03
N GLN B 999 5.91 -1.97 2.87
CA GLN B 999 4.62 -2.36 2.29
C GLN B 999 3.87 -3.31 3.21
N SER B 1000 4.59 -4.29 3.77
CA SER B 1000 3.93 -5.22 4.70
C SER B 1000 3.40 -4.49 5.93
N LEU B 1001 4.20 -3.58 6.49
CA LEU B 1001 3.76 -2.84 7.66
C LEU B 1001 2.54 -1.98 7.36
N GLN B 1002 2.53 -1.32 6.20
CA GLN B 1002 1.38 -0.51 5.82
C GLN B 1002 0.13 -1.36 5.64
N THR B 1003 0.28 -2.54 5.03
CA THR B 1003 -0.87 -3.43 4.89
C THR B 1003 -1.43 -3.84 6.24
N TYR B 1004 -0.54 -4.19 7.19
CA TYR B 1004 -1.00 -4.56 8.51
C TYR B 1004 -1.74 -3.41 9.20
N VAL B 1005 -1.20 -2.19 9.08
CA VAL B 1005 -1.84 -1.03 9.69
C VAL B 1005 -3.22 -0.80 9.07
N THR B 1006 -3.33 -0.95 7.75
CA THR B 1006 -4.62 -0.75 7.10
C THR B 1006 -5.65 -1.78 7.56
N GLN B 1007 -5.23 -3.04 7.69
CA GLN B 1007 -6.16 -4.06 8.18
C GLN B 1007 -6.61 -3.76 9.61
N GLN B 1008 -5.68 -3.32 10.46
CA GLN B 1008 -6.06 -2.97 11.83
C GLN B 1008 -7.04 -1.81 11.85
N LEU B 1009 -6.80 -0.79 11.01
CA LEU B 1009 -7.72 0.34 10.94
C LEU B 1009 -9.11 -0.11 10.47
N ILE B 1010 -9.16 -1.02 9.52
CA ILE B 1010 -10.46 -1.51 9.04
C ILE B 1010 -11.20 -2.25 10.15
N ARG B 1011 -10.50 -3.10 10.90
CA ARG B 1011 -11.16 -3.87 11.96
C ARG B 1011 -11.60 -2.98 13.12
N ALA B 1012 -10.88 -1.88 13.35
CA ALA B 1012 -11.26 -0.98 14.44
C ALA B 1012 -12.66 -0.42 14.25
N ALA B 1013 -13.08 -0.17 13.01
CA ALA B 1013 -14.43 0.34 12.76
C ALA B 1013 -15.50 -0.68 13.16
N GLU B 1014 -15.28 -1.95 12.82
CA GLU B 1014 -16.21 -2.99 13.24
C GLU B 1014 -16.28 -3.09 14.75
N ILE B 1015 -15.13 -3.03 15.42
CA ILE B 1015 -15.14 -3.09 16.88
C ILE B 1015 -15.89 -1.89 17.45
N ARG B 1016 -15.71 -0.71 16.86
CA ARG B 1016 -16.42 0.49 17.31
C ARG B 1016 -17.92 0.32 17.17
N ALA B 1017 -18.37 -0.20 16.02
CA ALA B 1017 -19.81 -0.40 15.82
C ALA B 1017 -20.38 -1.39 16.83
N SER B 1018 -19.65 -2.49 17.08
CA SER B 1018 -20.11 -3.47 18.06
C SER B 1018 -20.19 -2.85 19.45
N ALA B 1019 -19.20 -2.04 19.82
CA ALA B 1019 -19.21 -1.40 21.14
C ALA B 1019 -20.38 -0.44 21.27
N ASN B 1020 -20.66 0.33 20.21
CA ASN B 1020 -21.80 1.24 20.26
C ASN B 1020 -23.11 0.48 20.40
N LEU B 1021 -23.26 -0.62 19.67
CA LEU B 1021 -24.48 -1.43 19.81
C LEU B 1021 -24.60 -1.99 21.22
N ALA B 1022 -23.49 -2.46 21.79
CA ALA B 1022 -23.53 -3.00 23.15
C ALA B 1022 -23.92 -1.92 24.16
N ALA B 1023 -23.38 -0.72 24.01
CA ALA B 1023 -23.73 0.38 24.92
C ALA B 1023 -25.21 0.72 24.80
N THR B 1024 -25.73 0.79 23.58
CA THR B 1024 -27.14 1.09 23.39
C THR B 1024 -28.02 0.02 24.01
N LYS B 1025 -27.67 -1.26 23.80
CA LYS B 1025 -28.46 -2.34 24.38
C LYS B 1025 -28.41 -2.31 25.90
N MET B 1026 -27.24 -2.01 26.48
CA MET B 1026 -27.16 -1.87 27.93
C MET B 1026 -28.09 -0.78 28.42
N SER B 1027 -28.01 0.41 27.82
CA SER B 1027 -28.80 1.54 28.29
C SER B 1027 -30.29 1.31 28.10
N GLU B 1028 -30.69 0.52 27.10
CA GLU B 1028 -32.11 0.35 26.81
C GLU B 1028 -32.72 -0.92 27.38
N CYS B 1029 -31.93 -1.90 27.81
CA CYS B 1029 -32.46 -3.10 28.43
C CYS B 1029 -32.18 -3.19 29.92
N VAL B 1030 -31.00 -2.78 30.37
CA VAL B 1030 -30.68 -2.94 31.79
C VAL B 1030 -31.29 -1.82 32.62
N LEU B 1031 -31.23 -0.59 32.13
CA LEU B 1031 -31.70 0.57 32.87
C LEU B 1031 -33.20 0.83 32.70
N GLY B 1032 -33.89 0.01 31.92
CA GLY B 1032 -35.30 0.22 31.72
C GLY B 1032 -35.93 -0.95 31.00
N GLN B 1033 -37.20 -0.78 30.65
CA GLN B 1033 -37.97 -1.79 29.94
C GLN B 1033 -38.19 -1.33 28.50
N SER B 1034 -37.89 -2.21 27.54
CA SER B 1034 -37.89 -1.85 26.13
C SER B 1034 -39.11 -2.45 25.44
N LYS B 1035 -39.79 -1.62 24.65
CA LYS B 1035 -40.95 -2.06 23.87
C LYS B 1035 -40.57 -2.47 22.45
N ARG B 1036 -39.30 -2.38 22.08
CA ARG B 1036 -38.88 -2.75 20.73
C ARG B 1036 -38.89 -4.25 20.56
N VAL B 1037 -39.46 -4.72 19.45
CA VAL B 1037 -39.62 -6.16 19.22
C VAL B 1037 -38.26 -6.76 18.87
N ASP B 1038 -37.93 -7.88 19.52
CA ASP B 1038 -36.73 -8.65 19.25
C ASP B 1038 -35.45 -7.84 19.44
N PHE B 1039 -35.48 -6.88 20.37
CA PHE B 1039 -34.29 -6.11 20.71
C PHE B 1039 -33.63 -6.62 21.99
N CYS B 1040 -34.37 -6.63 23.09
CA CYS B 1040 -33.87 -7.16 24.37
C CYS B 1040 -34.47 -8.56 24.52
N GLY B 1041 -33.85 -9.53 23.86
CA GLY B 1041 -34.33 -10.90 23.90
C GLY B 1041 -35.49 -11.14 22.95
N LYS B 1042 -36.04 -12.35 23.03
CA LYS B 1042 -37.16 -12.77 22.20
C LYS B 1042 -38.39 -12.99 23.07
N GLY B 1043 -39.48 -12.33 22.70
CA GLY B 1043 -40.71 -12.36 23.48
C GLY B 1043 -41.08 -10.98 23.99
N TYR B 1044 -41.68 -10.95 25.17
CA TYR B 1044 -42.03 -9.70 25.84
C TYR B 1044 -40.98 -9.44 26.92
N HIS B 1045 -40.20 -8.37 26.75
CA HIS B 1045 -39.08 -8.11 27.63
C HIS B 1045 -39.55 -7.73 29.03
N LEU B 1046 -38.87 -8.27 30.04
CA LEU B 1046 -39.13 -7.91 31.43
C LEU B 1046 -37.93 -7.21 32.07
N MET B 1047 -36.76 -7.83 32.05
CA MET B 1047 -35.55 -7.24 32.64
C MET B 1047 -34.34 -7.95 32.08
N SER B 1048 -33.17 -7.33 32.28
CA SER B 1048 -31.91 -7.88 31.81
C SER B 1048 -30.86 -7.74 32.89
N PHE B 1049 -29.87 -8.64 32.87
CA PHE B 1049 -28.77 -8.62 33.82
C PHE B 1049 -27.46 -8.71 33.06
N PRO B 1050 -26.52 -7.79 33.29
CA PRO B 1050 -25.24 -7.83 32.58
C PRO B 1050 -24.20 -8.67 33.31
N GLN B 1051 -23.33 -9.30 32.52
CA GLN B 1051 -22.20 -10.05 33.03
C GLN B 1051 -20.97 -9.71 32.21
N SER B 1052 -19.82 -9.67 32.88
CA SER B 1052 -18.57 -9.30 32.24
C SER B 1052 -17.89 -10.52 31.64
N ALA B 1053 -17.35 -10.37 30.45
CA ALA B 1053 -16.63 -11.40 29.73
C ALA B 1053 -15.33 -10.84 29.19
N PRO B 1054 -14.33 -11.67 28.94
CA PRO B 1054 -13.07 -11.17 28.39
C PRO B 1054 -13.27 -10.49 27.04
N HIS B 1055 -13.01 -9.18 27.01
CA HIS B 1055 -13.18 -8.38 25.81
C HIS B 1055 -14.60 -8.45 25.27
N GLY B 1056 -15.58 -8.43 26.17
CA GLY B 1056 -16.96 -8.51 25.76
C GLY B 1056 -17.90 -8.36 26.93
N VAL B 1057 -19.19 -8.59 26.66
CA VAL B 1057 -20.22 -8.49 27.68
C VAL B 1057 -21.32 -9.49 27.34
N VAL B 1058 -21.96 -10.03 28.37
CA VAL B 1058 -22.99 -11.04 28.22
C VAL B 1058 -24.27 -10.52 28.88
N PHE B 1059 -25.37 -10.58 28.13
CA PHE B 1059 -26.68 -10.15 28.62
C PHE B 1059 -27.58 -11.35 28.83
N LEU B 1060 -28.30 -11.35 29.95
CA LEU B 1060 -29.31 -12.37 30.24
C LEU B 1060 -30.67 -11.70 30.21
N HIS B 1061 -31.47 -12.05 29.21
CA HIS B 1061 -32.77 -11.41 28.99
C HIS B 1061 -33.89 -12.30 29.52
N VAL B 1062 -34.72 -11.73 30.38
CA VAL B 1062 -35.89 -12.41 30.93
C VAL B 1062 -37.12 -11.96 30.15
N THR B 1063 -37.86 -12.92 29.61
CA THR B 1063 -38.98 -12.63 28.72
C THR B 1063 -40.23 -13.39 29.17
N TYR B 1064 -41.35 -13.02 28.55
CA TYR B 1064 -42.66 -13.59 28.85
C TYR B 1064 -43.18 -14.26 27.58
N VAL B 1065 -43.49 -15.55 27.67
CA VAL B 1065 -43.93 -16.34 26.53
C VAL B 1065 -45.28 -16.98 26.85
N PRO B 1066 -46.34 -16.69 26.10
CA PRO B 1066 -47.62 -17.34 26.35
C PRO B 1066 -47.61 -18.79 25.90
N ALA B 1067 -48.57 -19.55 26.43
CA ALA B 1067 -48.68 -20.97 26.09
C ALA B 1067 -50.09 -21.44 26.41
N GLN B 1068 -50.43 -22.62 25.86
CA GLN B 1068 -51.69 -23.31 26.14
C GLN B 1068 -52.90 -22.44 25.76
N GLU B 1069 -53.02 -22.17 24.46
CA GLU B 1069 -54.14 -21.41 23.94
C GLU B 1069 -55.36 -22.30 23.76
N LYS B 1070 -56.50 -21.65 23.51
CA LYS B 1070 -57.77 -22.35 23.33
C LYS B 1070 -58.64 -21.58 22.36
N ASN B 1071 -59.42 -22.31 21.57
CA ASN B 1071 -60.30 -21.71 20.59
C ASN B 1071 -61.49 -21.03 21.25
N PHE B 1072 -61.98 -19.97 20.62
CA PHE B 1072 -63.14 -19.24 21.12
C PHE B 1072 -63.86 -18.58 19.96
N THR B 1073 -65.08 -18.14 20.22
CA THR B 1073 -65.89 -17.39 19.26
C THR B 1073 -65.96 -15.94 19.70
N THR B 1074 -65.73 -15.02 18.77
CA THR B 1074 -65.61 -13.61 19.08
C THR B 1074 -66.55 -12.78 18.23
N ALA B 1075 -66.88 -11.59 18.73
CA ALA B 1075 -67.71 -10.62 18.04
C ALA B 1075 -67.12 -9.24 18.22
N PRO B 1076 -67.33 -8.34 17.26
CA PRO B 1076 -66.73 -6.99 17.37
C PRO B 1076 -67.46 -6.09 18.36
N ALA B 1077 -68.78 -6.22 18.44
CA ALA B 1077 -69.58 -5.35 19.30
C ALA B 1077 -70.87 -6.07 19.68
N ILE B 1078 -71.56 -5.51 20.67
CA ILE B 1078 -72.79 -6.07 21.20
C ILE B 1078 -73.86 -4.98 21.23
N CYS B 1079 -75.02 -5.27 20.64
CA CYS B 1079 -76.16 -4.36 20.68
C CYS B 1079 -77.13 -4.82 21.77
N HIS B 1080 -77.52 -3.90 22.64
CA HIS B 1080 -78.39 -4.21 23.77
C HIS B 1080 -79.77 -3.57 23.64
N ASP B 1081 -79.84 -2.26 23.48
CA ASP B 1081 -81.10 -1.52 23.39
C ASP B 1081 -81.07 -0.59 22.19
N GLY B 1082 -80.66 -1.11 21.04
CA GLY B 1082 -80.53 -0.31 19.85
C GLY B 1082 -79.25 0.50 19.78
N LYS B 1083 -78.32 0.28 20.71
CA LYS B 1083 -77.05 0.98 20.73
C LYS B 1083 -75.93 -0.03 20.91
N ALA B 1084 -74.79 0.22 20.27
CA ALA B 1084 -73.68 -0.71 20.26
C ALA B 1084 -72.76 -0.47 21.46
N HIS B 1085 -72.20 -1.56 21.97
CA HIS B 1085 -71.26 -1.52 23.08
C HIS B 1085 -69.92 -2.09 22.63
N PHE B 1086 -68.84 -1.36 22.89
CA PHE B 1086 -67.50 -1.79 22.51
C PHE B 1086 -66.65 -2.02 23.74
N PRO B 1087 -65.72 -2.98 23.70
CA PRO B 1087 -64.88 -3.23 24.87
C PRO B 1087 -63.94 -2.08 25.14
N ARG B 1088 -63.53 -1.96 26.41
CA ARG B 1088 -62.62 -0.89 26.82
C ARG B 1088 -61.16 -1.28 26.62
N GLU B 1089 -60.70 -2.33 27.30
CA GLU B 1089 -59.36 -2.87 27.11
C GLU B 1089 -59.42 -4.39 27.02
N GLY B 1090 -60.38 -4.92 26.29
CA GLY B 1090 -60.52 -6.35 26.18
C GLY B 1090 -61.15 -6.83 24.88
N VAL B 1091 -61.50 -8.11 24.84
CA VAL B 1091 -62.16 -8.72 23.69
C VAL B 1091 -63.39 -9.46 24.18
N PHE B 1092 -64.32 -9.70 23.25
CA PHE B 1092 -65.55 -10.42 23.54
C PHE B 1092 -65.38 -11.88 23.14
N VAL B 1093 -65.59 -12.79 24.08
CA VAL B 1093 -65.43 -14.22 23.83
C VAL B 1093 -66.67 -14.95 24.31
N SER B 1094 -66.84 -16.17 23.82
CA SER B 1094 -67.99 -16.99 24.17
C SER B 1094 -67.56 -18.45 24.25
N ASN B 1095 -67.96 -19.12 25.33
CA ASN B 1095 -67.68 -20.54 25.49
C ASN B 1095 -68.71 -21.42 24.80
N GLY B 1096 -69.73 -20.84 24.19
CA GLY B 1096 -70.73 -21.60 23.48
C GLY B 1096 -72.15 -21.13 23.77
N THR B 1097 -72.40 -20.68 25.00
CA THR B 1097 -73.70 -20.19 25.41
C THR B 1097 -73.68 -18.75 25.87
N HIS B 1098 -72.73 -18.39 26.73
CA HIS B 1098 -72.66 -17.06 27.33
C HIS B 1098 -71.54 -16.25 26.70
N TRP B 1099 -71.57 -14.94 26.96
CA TRP B 1099 -70.59 -14.00 26.43
C TRP B 1099 -69.84 -13.35 27.58
N PHE B 1100 -68.52 -13.26 27.45
CA PHE B 1100 -67.67 -12.66 28.47
C PHE B 1100 -66.69 -11.70 27.82
N VAL B 1101 -66.08 -10.86 28.66
CA VAL B 1101 -65.04 -9.94 28.25
C VAL B 1101 -63.78 -10.25 29.06
N THR B 1102 -62.65 -10.30 28.38
CA THR B 1102 -61.41 -10.71 29.03
C THR B 1102 -60.24 -9.98 28.39
N GLN B 1103 -59.13 -9.92 29.14
CA GLN B 1103 -57.91 -9.36 28.61
C GLN B 1103 -57.34 -10.29 27.53
N ARG B 1104 -56.45 -9.72 26.71
CA ARG B 1104 -55.93 -10.40 25.54
C ARG B 1104 -54.84 -11.42 25.84
N ASN B 1105 -54.02 -11.18 26.85
CA ASN B 1105 -52.81 -11.98 27.07
C ASN B 1105 -53.00 -13.06 28.13
N PHE B 1106 -54.20 -13.20 28.67
CA PHE B 1106 -54.46 -14.22 29.69
C PHE B 1106 -55.97 -14.43 29.76
N TYR B 1107 -56.40 -15.68 29.78
CA TYR B 1107 -57.83 -15.97 29.84
C TYR B 1107 -58.36 -15.67 31.23
N GLU B 1108 -59.28 -14.71 31.32
CA GLU B 1108 -59.88 -14.31 32.59
C GLU B 1108 -61.26 -13.74 32.29
N PRO B 1109 -62.26 -14.60 32.09
CA PRO B 1109 -63.58 -14.12 31.72
C PRO B 1109 -64.25 -13.33 32.84
N GLN B 1110 -65.07 -12.36 32.46
CA GLN B 1110 -65.78 -11.52 33.40
C GLN B 1110 -67.13 -11.15 32.81
N ILE B 1111 -68.06 -10.78 33.69
CA ILE B 1111 -69.40 -10.39 33.25
C ILE B 1111 -69.33 -9.05 32.54
N ILE B 1112 -70.22 -8.87 31.56
CA ILE B 1112 -70.28 -7.63 30.78
C ILE B 1112 -71.19 -6.66 31.52
N THR B 1113 -70.62 -5.55 31.98
CA THR B 1113 -71.34 -4.51 32.68
C THR B 1113 -71.14 -3.17 31.99
N THR B 1114 -71.67 -2.11 32.59
CA THR B 1114 -71.59 -0.78 31.99
C THR B 1114 -70.26 -0.10 32.22
N ASP B 1115 -69.45 -0.58 33.16
CA ASP B 1115 -68.12 -0.03 33.37
C ASP B 1115 -67.04 -0.80 32.62
N ASN B 1116 -67.41 -1.84 31.89
CA ASN B 1116 -66.47 -2.55 31.01
C ASN B 1116 -66.55 -2.11 29.56
N THR B 1117 -67.65 -1.49 29.15
CA THR B 1117 -67.89 -1.12 27.78
C THR B 1117 -68.35 0.34 27.70
N PHE B 1118 -68.24 0.91 26.50
CA PHE B 1118 -68.74 2.25 26.23
C PHE B 1118 -69.63 2.21 25.00
N VAL B 1119 -70.61 3.11 24.97
CA VAL B 1119 -71.60 3.17 23.91
C VAL B 1119 -71.17 4.17 22.86
N SER B 1120 -71.37 3.82 21.58
CA SER B 1120 -71.02 4.70 20.48
C SER B 1120 -72.01 4.44 19.34
N GLY B 1121 -73.06 5.26 19.27
CA GLY B 1121 -74.00 5.18 18.18
C GLY B 1121 -74.95 4.00 18.29
N ASN B 1122 -75.65 3.75 17.19
CA ASN B 1122 -76.61 2.66 17.09
C ASN B 1122 -75.93 1.40 16.55
N CYS B 1123 -76.71 0.33 16.42
CA CYS B 1123 -76.17 -1.00 16.14
C CYS B 1123 -76.65 -1.55 14.80
N ASP B 1124 -76.65 -0.71 13.75
CA ASP B 1124 -76.94 -1.18 12.41
C ASP B 1124 -75.88 -0.73 11.41
N VAL B 1125 -74.71 -0.31 11.88
CA VAL B 1125 -73.61 0.06 11.00
C VAL B 1125 -72.39 -0.82 11.18
N VAL B 1126 -72.28 -1.56 12.27
CA VAL B 1126 -71.15 -2.46 12.51
C VAL B 1126 -71.47 -3.82 11.92
N ILE B 1127 -70.50 -4.40 11.21
CA ILE B 1127 -70.67 -5.69 10.56
C ILE B 1127 -70.27 -6.78 11.54
N GLY B 1128 -71.16 -7.74 11.78
CA GLY B 1128 -70.89 -8.84 12.66
C GLY B 1128 -71.34 -8.66 14.10
N ILE B 1129 -72.17 -7.66 14.38
CA ILE B 1129 -72.62 -7.42 15.75
C ILE B 1129 -73.52 -8.56 16.21
N VAL B 1130 -73.50 -8.82 17.51
CA VAL B 1130 -74.21 -9.96 18.10
C VAL B 1130 -75.15 -9.46 19.18
N ASN B 1131 -76.40 -9.90 19.14
CA ASN B 1131 -77.37 -9.55 20.16
C ASN B 1131 -77.01 -10.19 21.49
N ASN B 1132 -77.08 -9.40 22.56
CA ASN B 1132 -76.84 -9.90 23.92
C ASN B 1132 -77.42 -8.88 24.90
N THR B 1133 -77.10 -9.07 26.19
CA THR B 1133 -77.57 -8.18 27.23
C THR B 1133 -76.38 -7.71 28.06
N VAL B 1134 -76.49 -6.49 28.59
CA VAL B 1134 -75.45 -5.87 29.40
C VAL B 1134 -76.01 -5.64 30.79
N TYR B 1135 -75.34 -6.19 31.79
CA TYR B 1135 -75.80 -6.08 33.17
C TYR B 1135 -75.51 -4.69 33.72
N ASP B 1136 -76.45 -4.17 34.50
CA ASP B 1136 -76.28 -2.88 35.16
C ASP B 1136 -75.94 -3.12 36.62
N PRO B 1137 -74.76 -2.69 37.09
CA PRO B 1137 -74.38 -2.99 38.48
C PRO B 1137 -74.92 -1.99 39.49
N LEU B 1138 -75.89 -1.18 39.10
CA LEU B 1138 -76.38 -0.11 39.95
C LEU B 1138 -77.84 -0.25 40.32
N GLN B 1139 -78.71 -0.49 39.36
CA GLN B 1139 -80.15 -0.47 39.61
C GLN B 1139 -80.70 -1.68 40.37
N PRO B 1140 -80.23 -2.92 40.15
CA PRO B 1140 -80.92 -4.05 40.81
C PRO B 1140 -80.67 -4.14 42.30
N GLU B 1141 -79.48 -3.74 42.76
CA GLU B 1141 -79.13 -3.82 44.17
C GLU B 1141 -79.28 -2.48 44.89
N LEU B 1142 -78.79 -1.40 44.29
CA LEU B 1142 -78.86 -0.07 44.91
C LEU B 1142 -80.10 0.68 44.43
N ASP B 1143 -81.26 0.05 44.66
CA ASP B 1143 -82.54 0.60 44.26
C ASP B 1143 -83.28 1.27 45.40
N SER B 1144 -82.65 1.39 46.56
CA SER B 1144 -83.28 2.01 47.72
C SER B 1144 -83.39 3.53 47.54
N THR C 19 59.06 35.56 30.30
CA THR C 19 59.45 35.68 31.71
C THR C 19 59.25 34.36 32.45
N THR C 20 59.70 34.32 33.70
CA THR C 20 59.55 33.12 34.52
C THR C 20 58.18 33.10 35.21
N ARG C 21 57.13 33.28 34.43
CA ARG C 21 55.78 33.27 34.96
C ARG C 21 55.35 31.86 35.35
N THR C 22 54.34 31.78 36.20
CA THR C 22 53.81 30.52 36.70
C THR C 22 52.49 30.19 36.04
N GLN C 23 52.05 28.95 36.23
CA GLN C 23 50.80 28.47 35.64
C GLN C 23 49.59 29.05 36.36
N LEU C 24 48.45 29.01 35.69
CA LEU C 24 47.19 29.47 36.23
C LEU C 24 46.13 28.40 36.07
N PRO C 25 45.21 28.28 37.02
CA PRO C 25 44.18 27.23 36.93
C PRO C 25 43.00 27.69 36.10
N PRO C 26 42.71 27.00 35.00
CA PRO C 26 41.54 27.36 34.18
C PRO C 26 40.24 26.94 34.87
N ALA C 27 39.27 27.84 34.87
CA ALA C 27 37.97 27.59 35.48
C ALA C 27 36.90 27.49 34.40
N TYR C 28 35.65 27.33 34.82
CA TYR C 28 34.53 27.15 33.90
C TYR C 28 33.36 28.00 34.37
N THR C 29 32.45 28.28 33.43
CA THR C 29 31.24 29.02 33.72
C THR C 29 30.13 28.53 32.81
N ASN C 30 28.89 28.85 33.20
CA ASN C 30 27.72 28.41 32.45
C ASN C 30 27.51 29.29 31.23
N SER C 31 27.36 28.66 30.06
CA SER C 31 27.22 29.40 28.82
C SER C 31 25.80 29.88 28.56
N PHE C 32 24.81 29.34 29.28
CA PHE C 32 23.39 29.68 29.10
C PHE C 32 23.02 29.36 27.65
N THR C 33 22.16 30.16 27.02
CA THR C 33 21.75 29.95 25.63
C THR C 33 22.62 30.81 24.74
N ARG C 34 23.67 30.21 24.18
CA ARG C 34 24.61 30.94 23.33
C ARG C 34 25.11 30.00 22.23
N GLY C 35 25.57 30.61 21.14
CA GLY C 35 26.16 29.86 20.05
C GLY C 35 25.18 29.42 18.99
N VAL C 36 24.39 30.36 18.48
CA VAL C 36 23.40 30.07 17.44
C VAL C 36 23.73 30.93 16.22
N TYR C 37 23.82 30.30 15.06
CA TYR C 37 24.14 30.97 13.81
C TYR C 37 23.19 30.50 12.72
N TYR C 38 23.04 31.33 11.70
CA TYR C 38 22.18 30.99 10.58
C TYR C 38 22.78 29.82 9.81
N PRO C 39 22.08 28.69 9.71
CA PRO C 39 22.68 27.52 9.05
C PRO C 39 22.62 27.57 7.53
N ASP C 40 21.56 28.17 6.99
CA ASP C 40 21.31 28.12 5.55
C ASP C 40 21.08 29.53 5.02
N LYS C 41 21.34 29.68 3.72
CA LYS C 41 21.22 30.99 3.07
C LYS C 41 19.78 31.37 2.82
N VAL C 42 18.89 30.39 2.67
CA VAL C 42 17.51 30.67 2.29
C VAL C 42 16.80 31.46 3.38
N PHE C 43 16.07 32.49 2.97
CA PHE C 43 15.29 33.31 3.88
C PHE C 43 13.90 32.71 4.07
N ARG C 44 13.51 32.50 5.33
CA ARG C 44 12.19 32.01 5.65
C ARG C 44 11.65 32.78 6.85
N SER C 45 10.32 32.96 6.89
CA SER C 45 9.67 33.71 7.94
C SER C 45 8.47 32.95 8.48
N SER C 46 8.22 33.11 9.78
CA SER C 46 7.06 32.56 10.48
C SER C 46 7.01 31.04 10.44
N VAL C 47 8.09 30.37 10.08
CA VAL C 47 8.15 28.92 10.02
C VAL C 47 9.06 28.41 11.13
N LEU C 48 8.78 27.20 11.60
CA LEU C 48 9.57 26.55 12.65
C LEU C 48 10.34 25.40 12.00
N HIS C 49 11.53 25.71 11.50
CA HIS C 49 12.36 24.73 10.82
C HIS C 49 13.31 24.06 11.80
N SER C 50 13.58 22.78 11.56
CA SER C 50 14.51 22.00 12.36
C SER C 50 15.71 21.63 11.51
N THR C 51 16.90 21.95 12.01
CA THR C 51 18.15 21.72 11.28
C THR C 51 19.07 20.82 12.09
N GLN C 52 19.81 19.98 11.39
CA GLN C 52 20.81 19.10 11.98
C GLN C 52 22.19 19.60 11.58
N ASP C 53 22.90 20.18 12.54
CA ASP C 53 24.23 20.72 12.29
C ASP C 53 24.96 20.88 13.62
N LEU C 54 26.23 21.24 13.54
CA LEU C 54 27.02 21.44 14.75
C LEU C 54 26.58 22.72 15.45
N PHE C 55 26.36 22.62 16.76
CA PHE C 55 25.93 23.76 17.55
C PHE C 55 26.48 23.61 18.96
N LEU C 56 26.55 24.73 19.66
CA LEU C 56 26.99 24.71 21.06
C LEU C 56 25.84 24.21 21.93
N PRO C 57 26.01 23.12 22.67
CA PRO C 57 24.92 22.63 23.52
C PRO C 57 24.55 23.65 24.59
N PHE C 58 23.26 23.73 24.89
CA PHE C 58 22.78 24.64 25.90
C PHE C 58 23.29 24.22 27.28
N PHE C 59 23.68 25.21 28.07
CA PHE C 59 24.16 25.00 29.44
C PHE C 59 25.35 24.03 29.45
N SER C 60 26.42 24.45 28.79
CA SER C 60 27.65 23.68 28.69
C SER C 60 28.81 24.46 29.29
N ASN C 61 29.82 23.75 29.75
CA ASN C 61 30.98 24.38 30.34
C ASN C 61 31.77 25.13 29.28
N VAL C 62 32.10 26.39 29.57
CA VAL C 62 32.92 27.22 28.70
C VAL C 62 34.00 27.87 29.54
N THR C 63 35.24 27.78 29.07
CA THR C 63 36.38 28.27 29.83
C THR C 63 36.52 29.78 29.64
N TRP C 64 36.96 30.46 30.70
CA TRP C 64 36.91 31.92 30.76
C TRP C 64 38.22 32.52 31.26
N PHE C 65 39.34 32.17 30.61
CA PHE C 65 40.61 32.86 30.82
C PHE C 65 40.41 34.36 31.01
N HIS C 66 41.02 34.90 32.06
CA HIS C 66 40.95 36.32 32.39
C HIS C 66 42.26 36.97 31.98
N VAL C 67 42.20 37.85 30.98
CA VAL C 67 43.41 38.56 30.51
C VAL C 67 43.49 39.84 31.33
N ILE C 68 44.08 39.72 32.51
CA ILE C 68 44.33 40.85 33.38
C ILE C 68 45.83 41.11 33.40
N SER C 69 46.22 42.25 33.98
CA SER C 69 47.64 42.53 34.17
C SER C 69 48.26 41.43 35.03
N GLY C 70 49.13 40.62 34.41
CA GLY C 70 49.67 39.46 35.10
C GLY C 70 50.64 39.86 36.18
N THR C 71 50.39 39.43 37.42
CA THR C 71 51.27 39.67 38.56
C THR C 71 51.62 41.16 38.66
N ASN C 72 50.61 42.00 38.42
CA ASN C 72 50.75 43.45 38.47
C ASN C 72 51.87 43.95 37.56
N GLY C 73 51.96 43.35 36.37
CA GLY C 73 52.92 43.83 35.37
C GLY C 73 53.86 42.80 34.79
N THR C 74 53.60 41.52 35.03
CA THR C 74 54.42 40.44 34.50
C THR C 74 53.65 39.70 33.41
N LYS C 75 54.29 39.52 32.26
CA LYS C 75 53.62 38.88 31.13
C LYS C 75 53.29 37.42 31.45
N ARG C 76 52.06 37.02 31.16
CA ARG C 76 51.59 35.66 31.35
C ARG C 76 51.49 34.95 30.00
N PHE C 77 51.45 33.62 30.08
CA PHE C 77 51.34 32.80 28.87
C PHE C 77 49.88 32.50 28.51
N ASP C 78 49.04 33.54 28.52
CA ASP C 78 47.62 33.33 28.25
C ASP C 78 47.38 33.21 26.75
N ASN C 79 48.17 32.36 26.08
CA ASN C 79 47.95 31.99 24.69
C ASN C 79 48.13 30.48 24.59
N PRO C 80 47.25 29.70 25.22
CA PRO C 80 47.43 28.25 25.25
C PRO C 80 47.27 27.64 23.86
N VAL C 81 47.95 26.51 23.67
CA VAL C 81 47.86 25.77 22.39
C VAL C 81 46.65 24.84 22.53
N LEU C 82 45.47 25.41 22.27
CA LEU C 82 44.21 24.68 22.41
C LEU C 82 43.88 23.94 21.11
N PRO C 83 43.56 22.65 21.19
CA PRO C 83 43.19 21.92 19.96
C PRO C 83 41.93 22.51 19.34
N PHE C 84 41.90 22.52 18.01
CA PHE C 84 40.75 23.08 17.29
C PHE C 84 39.56 22.13 17.31
N ASN C 85 39.82 20.83 17.22
CA ASN C 85 38.77 19.82 17.12
C ASN C 85 37.83 20.11 15.94
N ASP C 86 36.63 20.59 16.22
CA ASP C 86 35.63 20.82 15.18
C ASP C 86 35.02 22.22 15.21
N GLY C 87 35.45 23.08 16.11
CA GLY C 87 34.91 24.42 16.17
C GLY C 87 35.22 25.09 17.49
N VAL C 88 35.02 26.41 17.50
CA VAL C 88 35.29 27.24 18.68
C VAL C 88 34.19 28.28 18.81
N TYR C 89 33.98 28.73 20.05
CA TYR C 89 33.02 29.79 20.35
C TYR C 89 33.73 30.97 20.99
N PHE C 90 34.81 31.42 20.36
CA PHE C 90 35.56 32.56 20.90
C PHE C 90 34.66 33.77 21.09
N ALA C 91 34.74 34.37 22.27
CA ALA C 91 33.94 35.52 22.63
C ALA C 91 34.84 36.57 23.30
N SER C 92 34.23 37.67 23.72
CA SER C 92 35.00 38.76 24.32
C SER C 92 34.05 39.68 25.09
N ILE C 93 34.49 40.12 26.27
CA ILE C 93 33.75 41.10 27.06
C ILE C 93 34.72 42.25 27.34
N GLU C 94 35.63 42.49 26.40
CA GLU C 94 36.64 43.52 26.59
C GLU C 94 36.03 44.91 26.66
N LYS C 95 36.63 45.77 27.48
CA LYS C 95 36.25 47.18 27.48
C LYS C 95 36.83 47.89 26.27
N SER C 96 38.06 47.56 25.90
CA SER C 96 38.71 48.15 24.72
C SER C 96 39.21 47.06 23.79
N ASN C 97 40.00 47.43 22.80
CA ASN C 97 40.52 46.47 21.81
C ASN C 97 41.90 46.02 22.25
N ILE C 98 42.01 44.76 22.67
CA ILE C 98 43.27 44.21 23.15
C ILE C 98 43.63 42.95 22.38
N ILE C 99 42.63 42.23 21.88
CA ILE C 99 42.82 40.92 21.29
C ILE C 99 42.64 41.02 19.78
N ARG C 100 43.72 40.72 19.05
CA ARG C 100 43.65 40.46 17.62
C ARG C 100 44.58 39.29 17.30
N GLY C 101 44.10 38.36 16.49
CA GLY C 101 44.96 37.23 16.14
C GLY C 101 44.32 35.91 16.51
N TRP C 102 44.15 35.06 15.50
CA TRP C 102 43.56 33.74 15.64
C TRP C 102 44.38 32.72 14.87
N ILE C 103 45.69 32.69 15.12
CA ILE C 103 46.59 31.82 14.38
C ILE C 103 46.21 30.36 14.59
N PHE C 104 46.03 29.64 13.48
CA PHE C 104 45.81 28.20 13.50
C PHE C 104 47.03 27.48 12.95
N GLY C 105 47.23 26.24 13.39
CA GLY C 105 48.35 25.45 12.89
C GLY C 105 48.36 24.03 13.40
N THR C 106 48.88 23.11 12.59
CA THR C 106 48.99 21.71 13.02
C THR C 106 50.01 21.57 14.14
N THR C 107 51.17 22.22 14.00
CA THR C 107 52.19 22.19 15.05
C THR C 107 52.84 23.55 15.29
N LEU C 108 52.39 24.61 14.62
CA LEU C 108 52.86 25.97 14.86
C LEU C 108 54.37 26.11 14.65
N ASP C 109 54.79 25.88 13.40
CA ASP C 109 56.18 26.02 13.03
C ASP C 109 56.25 26.52 11.59
N SER C 110 57.47 26.61 11.05
CA SER C 110 57.66 27.08 9.68
C SER C 110 57.33 26.02 8.64
N LYS C 111 57.24 24.75 9.03
CA LYS C 111 56.97 23.67 8.12
C LYS C 111 55.48 23.41 7.90
N THR C 112 54.61 24.16 8.58
CA THR C 112 53.17 23.94 8.51
C THR C 112 52.48 25.22 8.04
N GLN C 113 51.57 25.08 7.08
CA GLN C 113 50.76 26.20 6.64
C GLN C 113 49.92 26.71 7.80
N SER C 114 49.90 28.03 7.99
CA SER C 114 49.24 28.64 9.13
C SER C 114 48.45 29.87 8.69
N LEU C 115 47.42 30.20 9.47
CA LEU C 115 46.58 31.35 9.23
C LEU C 115 46.80 32.38 10.32
N LEU C 116 46.29 33.60 10.08
CA LEU C 116 46.34 34.66 11.07
C LEU C 116 45.38 35.76 10.65
N ILE C 117 44.56 36.23 11.58
CA ILE C 117 43.61 37.30 11.32
C ILE C 117 44.09 38.52 12.11
N VAL C 118 44.91 39.34 11.47
CA VAL C 118 45.42 40.55 12.09
C VAL C 118 44.49 41.70 11.79
N ASN C 119 44.63 42.79 12.54
CA ASN C 119 43.85 44.00 12.34
C ASN C 119 44.77 45.21 12.22
N ASN C 120 45.82 45.07 11.42
CA ASN C 120 46.71 46.20 11.15
C ASN C 120 45.99 47.24 10.31
N ALA C 121 46.03 48.49 10.75
CA ALA C 121 45.32 49.59 10.10
C ALA C 121 43.84 49.27 9.96
N THR C 122 43.35 49.21 8.73
CA THR C 122 41.95 48.89 8.44
C THR C 122 41.87 47.76 7.43
N ASN C 123 42.63 46.68 7.65
CA ASN C 123 42.63 45.54 6.76
C ASN C 123 42.73 44.26 7.58
N VAL C 124 41.96 43.24 7.18
CA VAL C 124 42.06 41.94 7.83
C VAL C 124 43.39 41.27 7.50
N VAL C 125 43.86 41.43 6.27
CA VAL C 125 45.12 40.84 5.80
C VAL C 125 45.06 39.34 6.03
N ILE C 126 44.29 38.63 5.22
CA ILE C 126 44.22 37.18 5.28
C ILE C 126 45.44 36.64 4.53
N LYS C 127 46.43 36.18 5.28
CA LYS C 127 47.73 35.80 4.73
C LYS C 127 47.89 34.30 4.91
N VAL C 128 47.87 33.56 3.80
CA VAL C 128 47.92 32.09 3.86
C VAL C 128 49.28 31.61 3.38
N CYS C 129 50.23 31.47 4.31
CA CYS C 129 51.58 31.06 3.97
C CYS C 129 52.18 30.32 5.17
N GLU C 130 53.42 29.89 5.01
CA GLU C 130 54.17 29.25 6.08
C GLU C 130 55.06 30.27 6.77
N PHE C 131 54.99 30.34 8.11
CA PHE C 131 55.75 31.30 8.89
C PHE C 131 56.42 30.61 10.06
N GLN C 132 57.56 31.14 10.45
CA GLN C 132 58.24 30.72 11.68
C GLN C 132 57.72 31.58 12.82
N PHE C 133 57.16 30.93 13.84
CA PHE C 133 56.48 31.62 14.92
C PHE C 133 57.33 31.64 16.18
N CYS C 134 57.38 32.80 16.84
CA CYS C 134 58.13 32.93 18.07
C CYS C 134 57.42 32.21 19.21
N ASN C 135 58.13 32.05 20.33
CA ASN C 135 57.57 31.33 21.47
C ASN C 135 56.35 32.07 22.03
N ASP C 136 56.42 33.39 22.14
CA ASP C 136 55.34 34.20 22.70
C ASP C 136 55.02 35.33 21.72
N PRO C 137 54.18 35.06 20.72
CA PRO C 137 53.80 36.12 19.78
C PRO C 137 52.86 37.12 20.43
N PHE C 138 53.11 38.41 20.17
CA PHE C 138 52.28 39.49 20.70
C PHE C 138 52.48 40.73 19.85
N LEU C 139 51.55 41.68 20.00
CA LEU C 139 51.53 42.88 19.18
C LEU C 139 51.47 44.12 20.07
N ASP C 140 51.49 45.28 19.43
CA ASP C 140 51.39 46.57 20.10
C ASP C 140 50.09 47.25 19.69
N HIS C 141 49.27 47.63 20.68
CA HIS C 141 48.02 48.31 20.36
C HIS C 141 48.28 49.71 19.81
N LYS C 142 49.26 50.42 20.36
CA LYS C 142 49.66 51.72 19.84
C LYS C 142 50.74 51.54 18.78
N ASN C 143 50.60 52.26 17.67
CA ASN C 143 51.57 52.18 16.59
C ASN C 143 52.91 52.78 17.01
N ASN C 144 53.99 52.16 16.54
CA ASN C 144 55.33 52.64 16.85
C ASN C 144 55.59 53.99 16.19
N LYS C 145 56.43 54.79 16.84
CA LYS C 145 56.75 56.12 16.35
C LYS C 145 57.62 56.04 15.10
N SER C 146 57.56 57.11 14.30
CA SER C 146 58.31 57.22 13.05
C SER C 146 58.01 56.06 12.11
N MET C 148 56.95 52.86 9.35
CA MET C 148 56.35 51.54 9.54
C MET C 148 56.71 50.99 10.92
N GLU C 149 55.69 50.54 11.66
CA GLU C 149 55.90 49.99 12.98
C GLU C 149 56.56 48.62 12.90
N SER C 150 57.22 48.24 14.00
CA SER C 150 57.86 46.94 14.13
C SER C 150 56.95 45.91 14.77
N GLU C 151 55.63 46.06 14.61
CA GLU C 151 54.69 45.14 15.24
C GLU C 151 54.76 43.73 14.67
N PHE C 152 55.26 43.57 13.44
CA PHE C 152 55.30 42.27 12.77
C PHE C 152 56.47 41.44 13.28
N ARG C 153 56.52 41.25 14.60
CA ARG C 153 57.50 40.40 15.24
C ARG C 153 56.97 39.01 15.57
N VAL C 154 55.71 38.74 15.24
CA VAL C 154 55.15 37.41 15.45
C VAL C 154 55.83 36.40 14.53
N TYR C 155 56.19 36.82 13.31
CA TYR C 155 56.93 35.99 12.38
C TYR C 155 58.05 36.81 11.77
N SER C 156 59.08 36.10 11.30
CA SER C 156 60.23 36.74 10.68
C SER C 156 60.47 36.31 9.24
N SER C 157 60.11 35.08 8.88
CA SER C 157 60.33 34.57 7.53
C SER C 157 59.06 33.95 6.99
N ALA C 158 58.79 34.17 5.71
CA ALA C 158 57.66 33.59 5.01
C ALA C 158 58.15 32.86 3.79
N ASN C 159 57.81 31.58 3.67
CA ASN C 159 58.25 30.74 2.56
C ASN C 159 57.03 30.21 1.83
N ASN C 160 56.89 30.61 0.55
CA ASN C 160 55.80 30.20 -0.33
C ASN C 160 54.47 30.81 0.11
N CYS C 161 53.63 31.16 -0.85
CA CYS C 161 52.33 31.76 -0.54
C CYS C 161 51.34 31.36 -1.62
N THR C 162 50.10 31.10 -1.20
CA THR C 162 49.06 30.61 -2.10
C THR C 162 47.90 31.57 -2.26
N PHE C 163 47.30 32.03 -1.16
CA PHE C 163 46.10 32.84 -1.21
C PHE C 163 46.26 34.09 -0.36
N GLU C 164 45.66 35.19 -0.82
CA GLU C 164 45.64 36.45 -0.10
C GLU C 164 44.26 37.06 -0.19
N TYR C 165 43.83 37.71 0.88
CA TYR C 165 42.52 38.35 0.92
C TYR C 165 42.61 39.60 1.79
N VAL C 166 42.45 40.77 1.19
CA VAL C 166 42.49 42.05 1.90
C VAL C 166 41.15 42.73 1.71
N SER C 167 40.56 43.20 2.81
CA SER C 167 39.26 43.85 2.78
C SER C 167 39.13 44.70 4.04
N GLN C 168 37.91 45.15 4.31
CA GLN C 168 37.65 45.93 5.52
C GLN C 168 37.84 45.04 6.75
N PRO C 169 38.21 45.64 7.89
CA PRO C 169 38.40 44.83 9.11
C PRO C 169 37.12 44.14 9.54
N PHE C 170 37.28 42.95 10.09
CA PHE C 170 36.12 42.19 10.57
C PHE C 170 35.44 42.91 11.74
N LEU C 171 36.18 43.75 12.45
CA LEU C 171 35.67 44.41 13.64
C LEU C 171 35.22 45.82 13.29
N MET C 172 33.91 46.05 13.28
CA MET C 172 33.33 47.36 13.05
C MET C 172 33.04 48.11 14.34
N ASP C 173 33.29 47.50 15.48
CA ASP C 173 33.03 48.16 16.76
C ASP C 173 34.04 49.28 17.00
N LEU C 174 33.58 50.37 17.58
CA LEU C 174 34.41 51.54 17.85
C LEU C 174 34.23 51.97 19.30
N GLU C 175 35.33 52.44 19.89
CA GLU C 175 35.34 52.92 21.26
C GLU C 175 35.47 54.44 21.35
N GLY C 176 35.35 55.14 20.22
CA GLY C 176 35.55 56.58 20.21
C GLY C 176 34.43 57.36 20.84
N LYS C 177 33.24 56.77 20.96
CA LYS C 177 32.08 57.48 21.52
C LYS C 177 32.33 57.88 22.97
N GLN C 178 32.45 56.88 23.86
CA GLN C 178 32.66 57.11 25.28
C GLN C 178 32.99 55.77 25.93
N GLY C 179 33.20 55.81 27.24
CA GLY C 179 33.45 54.62 28.04
C GLY C 179 32.19 54.08 28.67
N ASN C 180 32.37 53.41 29.80
CA ASN C 180 31.31 52.82 30.63
C ASN C 180 30.56 51.69 29.92
N PHE C 181 30.94 51.33 28.70
CA PHE C 181 30.30 50.25 27.96
C PHE C 181 31.38 49.38 27.33
N LYS C 182 31.24 48.07 27.48
CA LYS C 182 32.20 47.11 26.97
C LYS C 182 31.64 46.39 25.75
N ASN C 183 32.50 45.65 25.08
CA ASN C 183 32.11 44.91 23.89
C ASN C 183 31.61 43.52 24.27
N LEU C 184 30.88 42.92 23.34
CA LEU C 184 30.39 41.55 23.47
C LEU C 184 30.65 40.78 22.18
N ARG C 185 31.87 40.89 21.67
CA ARG C 185 32.25 40.24 20.42
C ARG C 185 32.08 38.73 20.52
N GLU C 186 31.46 38.14 19.50
CA GLU C 186 31.24 36.70 19.43
C GLU C 186 31.66 36.19 18.06
N PHE C 187 32.32 35.03 18.03
CA PHE C 187 32.81 34.46 16.80
C PHE C 187 32.71 32.95 16.83
N VAL C 188 32.46 32.36 15.67
CA VAL C 188 32.45 30.91 15.49
C VAL C 188 33.31 30.58 14.29
N PHE C 189 34.32 29.74 14.48
CA PHE C 189 35.25 29.36 13.42
C PHE C 189 34.97 27.89 13.06
N LYS C 190 34.33 27.68 11.93
CA LYS C 190 33.97 26.35 11.47
C LYS C 190 34.72 26.03 10.19
N ASN C 191 35.46 24.93 10.19
CA ASN C 191 36.19 24.46 9.02
C ASN C 191 35.73 23.07 8.68
N ILE C 192 35.32 22.86 7.42
CA ILE C 192 34.81 21.57 6.98
C ILE C 192 34.96 21.49 5.47
N ASP C 193 35.25 20.29 4.98
CA ASP C 193 35.30 19.94 3.55
C ASP C 193 35.91 21.06 2.70
N GLY C 194 37.06 21.55 3.15
CA GLY C 194 37.79 22.55 2.38
C GLY C 194 37.19 23.93 2.37
N TYR C 195 36.43 24.29 3.39
CA TYR C 195 35.85 25.62 3.49
C TYR C 195 36.04 26.17 4.90
N PHE C 196 36.08 27.49 5.01
CA PHE C 196 36.29 28.18 6.27
C PHE C 196 35.27 29.32 6.37
N LYS C 197 34.28 29.14 7.24
CA LYS C 197 33.22 30.13 7.43
C LYS C 197 33.43 30.90 8.72
N ILE C 198 33.08 32.18 8.70
CA ILE C 198 33.23 33.07 9.84
C ILE C 198 31.88 33.71 10.14
N TYR C 199 31.46 33.66 11.41
CA TYR C 199 30.23 34.29 11.86
C TYR C 199 30.53 35.22 13.03
N SER C 200 29.81 36.33 13.10
CA SER C 200 30.07 37.32 14.13
C SER C 200 28.81 38.12 14.42
N LYS C 201 28.82 38.77 15.58
CA LYS C 201 27.73 39.64 16.04
C LYS C 201 28.21 40.40 17.25
N HIS C 202 27.76 41.65 17.37
CA HIS C 202 28.12 42.51 18.49
C HIS C 202 26.87 43.08 19.14
N THR C 203 26.85 43.09 20.47
CA THR C 203 25.76 43.62 21.26
C THR C 203 26.33 44.42 22.42
N PRO C 204 25.59 45.41 22.93
CA PRO C 204 26.05 46.17 24.09
C PRO C 204 25.80 45.42 25.39
N ILE C 205 26.58 45.79 26.40
CA ILE C 205 26.50 45.18 27.73
C ILE C 205 26.15 46.27 28.74
N ILE C 206 25.30 45.92 29.69
CA ILE C 206 24.84 46.86 30.72
C ILE C 206 25.60 46.66 32.03
N VAL C 207 25.68 45.43 32.51
CA VAL C 207 26.33 45.13 33.78
C VAL C 207 27.83 45.03 33.56
N ARG C 208 28.61 45.60 34.49
CA ARG C 208 30.06 45.57 34.39
C ARG C 208 30.66 44.26 34.85
N GLU C 209 29.86 43.35 35.40
CA GLU C 209 30.39 42.08 35.90
C GLU C 209 30.74 41.17 34.73
N PRO C 210 31.99 40.74 34.60
CA PRO C 210 32.37 39.80 33.53
C PRO C 210 32.31 38.33 33.92
N GLU C 211 31.72 38.00 35.07
CA GLU C 211 31.72 36.62 35.54
C GLU C 211 30.93 35.71 34.60
N ASP C 212 29.77 36.16 34.14
CA ASP C 212 28.92 35.34 33.30
C ASP C 212 28.33 36.19 32.19
N LEU C 213 28.05 35.52 31.06
CA LEU C 213 27.41 36.20 29.94
C LEU C 213 25.94 36.47 30.26
N PRO C 214 25.39 37.61 29.85
CA PRO C 214 23.96 37.85 30.07
C PRO C 214 23.11 36.85 29.32
N GLN C 215 21.98 36.50 29.92
CA GLN C 215 21.07 35.52 29.33
C GLN C 215 20.20 36.21 28.28
N GLY C 216 20.49 35.97 27.01
CA GLY C 216 19.74 36.57 25.92
C GLY C 216 20.11 35.98 24.57
N PHE C 217 19.12 35.77 23.72
CA PHE C 217 19.37 35.16 22.43
C PHE C 217 20.07 36.13 21.49
N SER C 218 21.02 35.60 20.71
CA SER C 218 21.75 36.40 19.72
C SER C 218 21.93 35.56 18.46
N ALA C 219 21.86 36.22 17.31
CA ALA C 219 22.02 35.57 16.01
C ALA C 219 23.39 35.91 15.44
N LEU C 220 24.11 34.88 15.00
CA LEU C 220 25.46 35.04 14.45
C LEU C 220 25.36 35.07 12.93
N GLU C 221 25.21 36.27 12.37
CA GLU C 221 25.10 36.41 10.93
C GLU C 221 26.45 36.13 10.27
N PRO C 222 26.47 35.38 9.18
CA PRO C 222 27.75 35.10 8.50
C PRO C 222 28.36 36.36 7.91
N LEU C 223 29.69 36.38 7.87
CA LEU C 223 30.43 37.53 7.37
C LEU C 223 31.26 37.22 6.14
N VAL C 224 32.00 36.12 6.13
CA VAL C 224 32.90 35.82 5.02
C VAL C 224 33.09 34.31 4.93
N ASP C 225 33.35 33.84 3.72
CA ASP C 225 33.64 32.43 3.45
C ASP C 225 34.99 32.31 2.77
N LEU C 226 35.75 31.28 3.15
CA LEU C 226 37.07 31.08 2.59
C LEU C 226 37.16 29.72 1.90
N PRO C 227 37.78 29.65 0.72
CA PRO C 227 37.87 28.38 -0.02
C PRO C 227 39.13 27.56 0.25
N ILE C 228 39.93 27.93 1.26
CA ILE C 228 41.16 27.19 1.51
C ILE C 228 40.84 25.81 2.10
N GLY C 229 41.76 24.89 1.90
CA GLY C 229 41.58 23.52 2.39
C GLY C 229 42.69 23.08 3.32
N ILE C 230 43.13 23.99 4.19
CA ILE C 230 44.24 23.70 5.08
C ILE C 230 43.78 22.77 6.20
N ASN C 231 44.71 21.95 6.69
CA ASN C 231 44.45 21.05 7.81
C ASN C 231 44.82 21.77 9.11
N ILE C 232 43.84 21.93 9.99
CA ILE C 232 44.04 22.60 11.27
C ILE C 232 43.74 21.62 12.39
N THR C 233 44.67 21.51 13.34
CA THR C 233 44.47 20.67 14.52
C THR C 233 44.69 21.41 15.83
N ARG C 234 44.95 22.71 15.79
CA ARG C 234 45.20 23.47 17.01
C ARG C 234 44.77 24.91 16.80
N PHE C 235 44.55 25.61 17.93
CA PHE C 235 44.10 26.99 17.93
C PHE C 235 45.00 27.82 18.84
N GLN C 236 45.38 29.00 18.37
CA GLN C 236 46.22 29.91 19.14
C GLN C 236 45.69 31.32 18.98
N THR C 237 45.79 32.12 20.05
CA THR C 237 45.34 33.49 20.07
C THR C 237 46.51 34.43 20.36
N LEU C 238 46.35 35.69 19.97
CA LEU C 238 47.40 36.69 20.13
C LEU C 238 46.85 37.89 20.89
N LEU C 239 47.77 38.66 21.47
CA LEU C 239 47.43 39.81 22.28
C LEU C 239 48.22 41.03 21.82
N ALA C 240 47.69 42.21 22.14
CA ALA C 240 48.30 43.50 21.79
C ALA C 240 48.73 44.22 23.07
N LEU C 241 50.03 44.25 23.31
CA LEU C 241 50.61 44.93 24.45
C LEU C 241 51.67 45.89 23.92
N HIS C 242 51.36 47.19 23.93
CA HIS C 242 52.28 48.18 23.37
C HIS C 242 53.38 48.54 24.37
N ARG C 243 53.02 48.97 25.57
CA ARG C 243 54.02 49.29 26.58
C ARG C 243 53.33 49.41 27.93
N SER C 244 54.11 49.18 29.00
CA SER C 244 53.66 49.45 30.36
C SER C 244 53.57 50.95 30.57
N TYR C 245 52.36 51.49 30.54
CA TYR C 245 52.18 52.94 30.64
C TYR C 245 50.91 53.29 31.40
N SER C 253 58.56 47.83 32.84
CA SER C 253 59.06 46.46 32.88
C SER C 253 58.08 45.52 32.18
N GLY C 254 58.59 44.72 31.25
CA GLY C 254 57.72 43.84 30.50
C GLY C 254 56.89 44.58 29.49
N TRP C 255 55.87 43.89 28.99
CA TRP C 255 54.96 44.42 27.98
C TRP C 255 53.54 44.18 28.49
N THR C 256 52.77 45.26 28.68
CA THR C 256 51.47 45.07 29.33
C THR C 256 50.48 46.14 28.90
N ALA C 257 49.21 45.85 29.17
CA ALA C 257 48.09 46.74 28.87
C ALA C 257 47.01 46.48 29.94
N GLY C 258 45.78 46.89 29.64
CA GLY C 258 44.68 46.79 30.58
C GLY C 258 44.10 45.39 30.79
N ALA C 259 42.82 45.34 31.15
CA ALA C 259 42.14 44.08 31.46
C ALA C 259 41.34 43.60 30.26
N ALA C 260 41.19 42.28 30.17
CA ALA C 260 40.46 41.65 29.08
C ALA C 260 40.02 40.26 29.51
N ALA C 261 39.20 39.63 28.68
CA ALA C 261 38.71 38.28 28.95
C ALA C 261 38.10 37.71 27.68
N TYR C 262 38.40 36.44 27.39
CA TYR C 262 37.83 35.75 26.25
C TYR C 262 37.42 34.34 26.66
N TYR C 263 36.46 33.78 25.93
CA TYR C 263 35.88 32.49 26.24
C TYR C 263 36.15 31.52 25.10
N VAL C 264 36.39 30.26 25.44
CA VAL C 264 36.64 29.21 24.46
C VAL C 264 35.67 28.06 24.71
N GLY C 265 34.90 27.70 23.69
CA GLY C 265 33.95 26.61 23.80
C GLY C 265 33.93 25.74 22.56
N TYR C 266 33.84 24.43 22.75
CA TYR C 266 33.90 23.49 21.63
C TYR C 266 32.50 23.17 21.12
N LEU C 267 32.45 22.49 19.97
CA LEU C 267 31.20 22.19 19.30
C LEU C 267 31.15 20.70 18.94
N GLN C 268 29.94 20.15 18.99
CA GLN C 268 29.67 18.78 18.56
C GLN C 268 28.33 18.76 17.84
N PRO C 269 28.13 17.80 16.93
CA PRO C 269 26.88 17.76 16.16
C PRO C 269 25.67 17.55 17.07
N ARG C 270 24.58 18.23 16.73
CA ARG C 270 23.34 18.16 17.49
C ARG C 270 22.17 18.39 16.53
N THR C 271 20.96 18.30 17.07
CA THR C 271 19.74 18.59 16.33
C THR C 271 19.03 19.75 17.00
N PHE C 272 18.69 20.78 16.24
CA PHE C 272 18.12 22.00 16.77
C PHE C 272 16.84 22.34 16.04
N LEU C 273 15.98 23.11 16.71
CA LEU C 273 14.76 23.65 16.13
C LEU C 273 14.80 25.16 16.26
N LEU C 274 14.56 25.86 15.15
CA LEU C 274 14.65 27.31 15.10
C LEU C 274 13.29 27.90 14.78
N LYS C 275 12.96 29.00 15.44
CA LYS C 275 11.68 29.68 15.28
C LYS C 275 11.93 31.06 14.68
N TYR C 276 11.70 31.19 13.37
CA TYR C 276 11.86 32.46 12.69
C TYR C 276 10.67 33.38 13.00
N ASN C 277 10.91 34.68 12.94
CA ASN C 277 9.90 35.68 13.21
C ASN C 277 9.37 36.24 11.88
N GLU C 278 8.51 37.26 11.97
CA GLU C 278 7.99 37.90 10.77
C GLU C 278 9.09 38.63 10.02
N ASN C 279 10.02 39.26 10.74
CA ASN C 279 11.17 39.89 10.10
C ASN C 279 12.00 38.87 9.33
N GLY C 280 12.00 37.62 9.77
CA GLY C 280 12.87 36.61 9.21
C GLY C 280 14.10 36.31 10.02
N THR C 281 14.23 36.84 11.23
CA THR C 281 15.38 36.62 12.08
C THR C 281 15.05 35.60 13.16
N ILE C 282 16.05 34.80 13.52
CA ILE C 282 15.87 33.79 14.56
C ILE C 282 15.80 34.47 15.92
N THR C 283 14.68 34.29 16.61
CA THR C 283 14.47 34.90 17.92
C THR C 283 14.62 33.92 19.08
N ASP C 284 14.37 32.62 18.84
CA ASP C 284 14.53 31.63 19.89
C ASP C 284 14.80 30.28 19.23
N ALA C 285 15.47 29.40 19.98
CA ALA C 285 15.78 28.07 19.49
C ALA C 285 15.68 27.07 20.63
N VAL C 286 15.21 25.87 20.30
CA VAL C 286 15.07 24.78 21.25
C VAL C 286 15.75 23.55 20.67
N ASP C 287 16.66 22.95 21.43
CA ASP C 287 17.37 21.77 21.00
C ASP C 287 16.45 20.55 21.15
N CYS C 288 17.00 19.35 20.91
CA CYS C 288 16.22 18.12 21.00
C CYS C 288 16.94 17.02 21.75
N ALA C 289 17.90 17.38 22.61
CA ALA C 289 18.61 16.38 23.40
C ALA C 289 18.88 16.81 24.84
N LEU C 290 18.48 18.02 25.25
CA LEU C 290 18.86 18.52 26.57
C LEU C 290 18.08 17.83 27.68
N ASP C 291 16.77 17.66 27.50
CA ASP C 291 15.91 17.14 28.56
C ASP C 291 14.66 16.57 27.91
N PRO C 292 13.89 15.73 28.64
CA PRO C 292 12.69 15.14 28.04
C PRO C 292 11.69 16.16 27.52
N LEU C 293 11.55 17.31 28.19
CA LEU C 293 10.65 18.34 27.68
C LEU C 293 11.12 18.85 26.33
N SER C 294 12.45 18.97 26.15
CA SER C 294 12.99 19.41 24.87
C SER C 294 12.64 18.43 23.76
N GLU C 295 12.75 17.12 24.02
CA GLU C 295 12.41 16.14 23.00
C GLU C 295 10.91 16.12 22.73
N THR C 296 10.10 16.34 23.78
CA THR C 296 8.65 16.44 23.56
C THR C 296 8.32 17.60 22.65
N LYS C 297 8.95 18.76 22.89
CA LYS C 297 8.73 19.91 22.02
C LYS C 297 9.22 19.63 20.61
N CYS C 298 10.36 18.96 20.48
CA CYS C 298 10.92 18.65 19.16
C CYS C 298 9.99 17.73 18.37
N THR C 299 9.44 16.70 19.03
CA THR C 299 8.54 15.79 18.33
C THR C 299 7.20 16.46 18.02
N LEU C 300 6.69 17.29 18.93
CA LEU C 300 5.44 17.99 18.69
C LEU C 300 5.59 19.16 17.74
N LYS C 301 6.81 19.59 17.44
CA LYS C 301 7.08 20.73 16.56
C LYS C 301 6.35 21.99 17.03
N SER C 302 6.37 22.21 18.35
CA SER C 302 5.72 23.37 18.93
C SER C 302 6.47 23.77 20.20
N PHE C 303 6.29 25.03 20.59
CA PHE C 303 6.90 25.56 21.80
C PHE C 303 5.99 25.43 23.02
N THR C 304 4.76 24.97 22.84
CA THR C 304 3.81 24.80 23.94
C THR C 304 3.24 23.40 23.91
N VAL C 305 3.11 22.78 25.08
CA VAL C 305 2.60 21.43 25.23
C VAL C 305 1.48 21.45 26.25
N GLU C 306 0.36 20.80 25.92
CA GLU C 306 -0.77 20.70 26.83
C GLU C 306 -0.64 19.47 27.71
N LYS C 307 -1.57 19.32 28.65
CA LYS C 307 -1.56 18.18 29.56
C LYS C 307 -1.80 16.88 28.80
N GLY C 308 -1.01 15.87 29.12
CA GLY C 308 -1.18 14.57 28.49
C GLY C 308 0.10 13.77 28.57
N ILE C 309 0.06 12.60 27.93
CA ILE C 309 1.19 11.69 27.84
C ILE C 309 1.56 11.53 26.38
N TYR C 310 2.86 11.60 26.09
CA TYR C 310 3.36 11.54 24.73
C TYR C 310 4.51 10.56 24.64
N GLN C 311 4.65 9.94 23.47
CA GLN C 311 5.75 9.03 23.18
C GLN C 311 6.77 9.74 22.31
N THR C 312 8.03 9.72 22.74
CA THR C 312 9.08 10.47 22.09
C THR C 312 10.08 9.59 21.35
N SER C 313 10.69 8.63 22.03
CA SER C 313 11.74 7.81 21.41
C SER C 313 11.75 6.44 22.09
N ASN C 314 12.79 5.67 21.81
CA ASN C 314 12.98 4.35 22.38
C ASN C 314 14.36 4.27 23.03
N PHE C 315 14.56 3.24 23.84
CA PHE C 315 15.84 3.00 24.48
C PHE C 315 16.29 1.57 24.20
N ARG C 316 17.59 1.39 24.02
CA ARG C 316 18.16 0.06 23.77
C ARG C 316 19.49 -0.04 24.49
N VAL C 317 19.71 -1.18 25.16
CA VAL C 317 20.96 -1.39 25.87
C VAL C 317 22.05 -1.72 24.87
N GLN C 318 23.14 -0.96 24.92
CA GLN C 318 24.24 -1.13 23.97
C GLN C 318 25.16 -2.27 24.40
N PRO C 319 25.81 -2.94 23.46
CA PRO C 319 26.79 -3.96 23.81
C PRO C 319 27.99 -3.35 24.53
N THR C 320 28.62 -4.15 25.39
CA THR C 320 29.74 -3.67 26.19
C THR C 320 31.09 -3.99 25.56
N GLU C 321 31.27 -5.22 25.10
CA GLU C 321 32.56 -5.66 24.55
C GLU C 321 32.28 -6.61 23.39
N SER C 322 33.34 -7.27 22.91
CA SER C 322 33.25 -8.27 21.86
C SER C 322 33.78 -9.59 22.37
N ILE C 323 33.10 -10.68 22.00
CA ILE C 323 33.43 -12.01 22.50
C ILE C 323 33.32 -13.00 21.35
N VAL C 324 34.10 -14.08 21.43
CA VAL C 324 33.99 -15.20 20.50
C VAL C 324 34.77 -16.37 21.08
N ARG C 325 34.34 -17.58 20.76
CA ARG C 325 34.86 -18.80 21.38
C ARG C 325 35.75 -19.54 20.40
N PHE C 326 36.97 -19.86 20.84
CA PHE C 326 37.95 -20.54 20.00
C PHE C 326 37.49 -21.96 19.68
N PRO C 327 37.54 -22.38 18.41
CA PRO C 327 37.12 -23.76 18.09
C PRO C 327 38.07 -24.82 18.62
N ASN C 328 39.21 -24.44 19.20
CA ASN C 328 40.19 -25.37 19.74
C ASN C 328 40.69 -26.33 18.67
N ILE C 329 40.97 -25.81 17.48
CA ILE C 329 41.50 -26.65 16.41
C ILE C 329 42.92 -27.08 16.75
N THR C 330 43.19 -28.37 16.56
CA THR C 330 44.50 -28.94 16.84
C THR C 330 45.13 -29.67 15.67
N ASN C 331 44.37 -29.94 14.61
CA ASN C 331 44.90 -30.69 13.46
C ASN C 331 45.56 -29.72 12.48
N LEU C 332 46.74 -29.26 12.87
CA LEU C 332 47.56 -28.45 11.98
C LEU C 332 48.01 -29.29 10.79
N CYS C 333 47.92 -28.69 9.60
CA CYS C 333 48.22 -29.44 8.39
C CYS C 333 49.70 -29.82 8.34
N PRO C 334 50.01 -31.07 8.00
CA PRO C 334 51.42 -31.46 7.80
C PRO C 334 51.93 -31.04 6.44
N PHE C 335 51.72 -29.77 6.09
CA PHE C 335 52.10 -29.25 4.78
C PHE C 335 53.57 -28.89 4.69
N ASP C 336 54.31 -28.90 5.79
CA ASP C 336 55.72 -28.52 5.77
C ASP C 336 56.62 -29.61 5.20
N GLU C 337 56.09 -30.83 4.98
CA GLU C 337 56.92 -31.90 4.43
C GLU C 337 57.37 -31.58 3.01
N VAL C 338 56.48 -31.06 2.17
CA VAL C 338 56.86 -30.74 0.80
C VAL C 338 57.79 -29.54 0.76
N PHE C 339 57.55 -28.54 1.60
CA PHE C 339 58.38 -27.34 1.58
C PHE C 339 59.78 -27.62 2.09
N ASN C 340 59.91 -28.40 3.17
CA ASN C 340 61.19 -28.75 3.74
C ASN C 340 61.30 -30.26 3.81
N ALA C 341 62.31 -30.82 3.14
CA ALA C 341 62.52 -32.26 3.09
C ALA C 341 64.00 -32.52 2.84
N THR C 342 64.33 -33.80 2.61
CA THR C 342 65.72 -34.17 2.36
C THR C 342 66.24 -33.56 1.06
N ARG C 343 65.41 -33.54 0.02
CA ARG C 343 65.81 -33.04 -1.28
C ARG C 343 64.84 -31.97 -1.76
N PHE C 344 65.32 -31.13 -2.66
CA PHE C 344 64.52 -30.09 -3.29
C PHE C 344 64.35 -30.41 -4.77
N ALA C 345 63.12 -30.31 -5.27
CA ALA C 345 62.84 -30.65 -6.65
C ALA C 345 63.59 -29.71 -7.60
N SER C 346 64.06 -30.26 -8.71
CA SER C 346 64.83 -29.49 -9.68
C SER C 346 63.92 -28.52 -10.42
N VAL C 347 64.54 -27.53 -11.07
CA VAL C 347 63.79 -26.53 -11.81
C VAL C 347 63.10 -27.15 -13.02
N TYR C 348 63.76 -28.10 -13.69
CA TYR C 348 63.18 -28.74 -14.86
C TYR C 348 62.15 -29.81 -14.52
N ALA C 349 62.08 -30.23 -13.26
CA ALA C 349 61.13 -31.26 -12.82
C ALA C 349 60.62 -30.87 -11.43
N TRP C 350 59.49 -30.17 -11.40
CA TRP C 350 58.88 -29.78 -10.14
C TRP C 350 58.14 -30.95 -9.52
N ASN C 351 58.15 -31.00 -8.19
CA ASN C 351 57.38 -32.00 -7.46
C ASN C 351 55.90 -31.64 -7.46
N ARG C 352 55.05 -32.67 -7.53
CA ARG C 352 53.60 -32.48 -7.57
C ARG C 352 53.04 -32.74 -6.17
N LYS C 353 52.59 -31.67 -5.52
CA LYS C 353 51.98 -31.77 -4.20
C LYS C 353 51.09 -30.56 -3.99
N ARG C 354 49.94 -30.78 -3.36
CA ARG C 354 48.97 -29.72 -3.13
C ARG C 354 48.46 -29.78 -1.69
N ILE C 355 48.00 -28.64 -1.20
CA ILE C 355 47.45 -28.53 0.15
C ILE C 355 45.93 -28.60 0.06
N SER C 356 45.36 -29.66 0.63
CA SER C 356 43.92 -29.87 0.62
C SER C 356 43.44 -30.24 2.01
N ASN C 357 42.19 -29.89 2.30
CA ASN C 357 41.52 -30.11 3.59
C ASN C 357 42.48 -29.84 4.76
N CYS C 358 43.00 -28.61 4.79
CA CYS C 358 43.95 -28.19 5.80
C CYS C 358 43.54 -26.83 6.35
N VAL C 359 44.09 -26.51 7.52
CA VAL C 359 43.89 -25.20 8.15
C VAL C 359 45.26 -24.60 8.45
N ALA C 360 46.25 -24.93 7.62
CA ALA C 360 47.63 -24.52 7.84
C ALA C 360 47.74 -23.00 7.95
N ASP C 361 48.29 -22.54 9.07
CA ASP C 361 48.46 -21.11 9.29
C ASP C 361 49.63 -20.58 8.48
N TYR C 362 49.42 -19.44 7.83
CA TYR C 362 50.46 -18.75 7.10
C TYR C 362 51.03 -17.55 7.85
N SER C 363 50.39 -17.13 8.94
CA SER C 363 50.91 -16.03 9.74
C SER C 363 52.17 -16.42 10.48
N VAL C 364 52.30 -17.69 10.87
CA VAL C 364 53.53 -18.15 11.50
C VAL C 364 54.69 -18.06 10.53
N LEU C 365 54.43 -18.32 9.24
CA LEU C 365 55.47 -18.14 8.22
C LEU C 365 55.85 -16.66 8.10
N TYR C 366 54.86 -15.77 8.14
CA TYR C 366 55.15 -14.34 8.08
C TYR C 366 55.99 -13.89 9.27
N ASN C 367 55.70 -14.41 10.45
CA ASN C 367 56.50 -14.09 11.63
C ASN C 367 57.92 -14.62 11.49
N LEU C 368 58.09 -15.76 10.83
CA LEU C 368 59.41 -16.35 10.66
C LEU C 368 60.31 -15.43 9.85
N ALA C 369 61.54 -15.25 10.34
CA ALA C 369 62.51 -14.41 9.63
C ALA C 369 62.85 -14.94 8.24
N PRO C 370 63.11 -16.24 8.03
CA PRO C 370 63.48 -16.68 6.67
C PRO C 370 62.44 -16.37 5.61
N PHE C 371 61.15 -16.49 5.93
CA PHE C 371 60.09 -16.22 4.97
C PHE C 371 59.98 -14.71 4.78
N PHE C 372 60.73 -14.18 3.82
CA PHE C 372 60.80 -12.74 3.63
C PHE C 372 59.85 -12.22 2.55
N THR C 373 59.41 -13.07 1.64
CA THR C 373 58.47 -12.68 0.60
C THR C 373 57.05 -13.06 1.02
N PHE C 374 56.22 -12.05 1.31
CA PHE C 374 54.82 -12.27 1.60
C PHE C 374 53.89 -11.29 0.88
N LYS C 375 54.43 -10.26 0.24
CA LYS C 375 53.62 -9.31 -0.50
C LYS C 375 52.92 -9.98 -1.67
N CYS C 376 51.70 -9.54 -1.94
CA CYS C 376 50.85 -10.15 -2.96
C CYS C 376 50.38 -9.07 -3.93
N TYR C 377 50.51 -9.35 -5.23
CA TYR C 377 50.13 -8.35 -6.24
C TYR C 377 48.63 -8.17 -6.32
N GLY C 378 47.86 -9.27 -6.36
CA GLY C 378 46.44 -9.17 -6.61
C GLY C 378 45.53 -9.53 -5.46
N VAL C 379 46.09 -10.07 -4.38
CA VAL C 379 45.33 -10.49 -3.22
C VAL C 379 45.95 -9.88 -1.96
N SER C 380 45.38 -10.22 -0.82
CA SER C 380 45.83 -9.65 0.45
C SER C 380 47.21 -10.19 0.81
N PRO C 381 48.19 -9.34 1.08
CA PRO C 381 49.53 -9.82 1.43
C PRO C 381 49.59 -10.54 2.76
N THR C 382 49.04 -9.92 3.81
CA THR C 382 49.13 -10.47 5.16
C THR C 382 47.93 -11.31 5.57
N LYS C 383 46.76 -11.06 4.99
CA LYS C 383 45.55 -11.82 5.33
C LYS C 383 45.22 -12.87 4.27
N LEU C 384 46.24 -13.39 3.58
CA LEU C 384 45.99 -14.43 2.59
C LEU C 384 45.42 -15.69 3.22
N ASN C 385 45.96 -16.08 4.37
CA ASN C 385 45.51 -17.31 5.02
C ASN C 385 44.07 -17.21 5.50
N ASP C 386 43.69 -16.05 6.06
CA ASP C 386 42.36 -15.92 6.65
C ASP C 386 41.27 -16.06 5.60
N LEU C 387 41.46 -15.45 4.42
CA LEU C 387 40.50 -15.63 3.34
C LEU C 387 40.53 -17.07 2.83
N CYS C 388 39.35 -17.57 2.48
CA CYS C 388 39.22 -18.96 2.06
C CYS C 388 39.67 -19.13 0.62
N PHE C 389 40.20 -20.32 0.32
CA PHE C 389 40.68 -20.65 -1.01
C PHE C 389 40.63 -22.16 -1.18
N THR C 390 40.76 -22.61 -2.43
CA THR C 390 40.71 -24.02 -2.75
C THR C 390 41.74 -24.34 -3.83
N ASN C 391 42.19 -25.60 -3.83
CA ASN C 391 43.10 -26.13 -4.84
C ASN C 391 44.40 -25.33 -4.90
N VAL C 392 45.14 -25.35 -3.79
CA VAL C 392 46.43 -24.68 -3.69
C VAL C 392 47.52 -25.68 -4.09
N TYR C 393 48.28 -25.34 -5.12
CA TYR C 393 49.34 -26.20 -5.64
C TYR C 393 50.70 -25.67 -5.21
N ALA C 394 51.62 -26.60 -4.98
CA ALA C 394 52.96 -26.27 -4.50
C ALA C 394 54.01 -26.66 -5.53
N ASP C 395 55.09 -25.88 -5.57
CA ASP C 395 56.19 -26.13 -6.49
C ASP C 395 57.51 -25.97 -5.73
N SER C 396 58.55 -26.61 -6.27
CA SER C 396 59.89 -26.53 -5.70
C SER C 396 60.89 -26.32 -6.82
N PHE C 397 61.66 -25.24 -6.73
CA PHE C 397 62.61 -24.89 -7.78
C PHE C 397 63.77 -24.11 -7.17
N VAL C 398 64.98 -24.43 -7.58
CA VAL C 398 66.18 -23.78 -7.06
C VAL C 398 66.35 -22.43 -7.75
N ILE C 399 66.57 -21.38 -6.95
CA ILE C 399 66.65 -20.01 -7.44
C ILE C 399 67.99 -19.43 -7.00
N ARG C 400 68.70 -18.79 -7.94
CA ARG C 400 69.96 -18.13 -7.60
C ARG C 400 69.75 -17.04 -6.56
N GLY C 401 68.72 -16.21 -6.73
CA GLY C 401 68.42 -15.16 -5.78
C GLY C 401 68.09 -13.84 -6.42
N ASP C 402 68.72 -13.54 -7.55
CA ASP C 402 68.50 -12.28 -8.26
C ASP C 402 67.45 -12.36 -9.35
N GLU C 403 66.93 -13.55 -9.65
CA GLU C 403 65.92 -13.72 -10.68
C GLU C 403 64.51 -13.76 -10.12
N VAL C 404 64.33 -13.55 -8.81
CA VAL C 404 63.00 -13.52 -8.22
C VAL C 404 62.18 -12.37 -8.79
N ARG C 405 62.84 -11.24 -9.04
CA ARG C 405 62.16 -10.09 -9.64
C ARG C 405 61.74 -10.37 -11.08
N GLN C 406 62.34 -11.36 -11.73
CA GLN C 406 62.06 -11.64 -13.13
C GLN C 406 61.21 -12.88 -13.37
N ILE C 407 61.07 -13.77 -12.39
CA ILE C 407 60.18 -14.92 -12.56
C ILE C 407 58.74 -14.46 -12.72
N ALA C 408 58.41 -13.28 -12.21
CA ALA C 408 57.08 -12.73 -12.42
C ALA C 408 56.89 -12.35 -13.89
N PRO C 409 55.66 -12.36 -14.38
CA PRO C 409 55.43 -11.99 -15.79
C PRO C 409 55.87 -10.56 -16.08
N GLY C 410 56.40 -10.36 -17.28
CA GLY C 410 56.91 -9.07 -17.71
C GLY C 410 58.42 -9.03 -17.87
N GLN C 411 59.14 -10.03 -17.38
CA GLN C 411 60.59 -10.08 -17.49
C GLN C 411 61.05 -11.53 -17.58
N THR C 412 62.26 -11.71 -18.08
CA THR C 412 62.88 -13.02 -18.21
C THR C 412 64.13 -13.08 -17.33
N GLY C 413 64.19 -14.09 -16.46
CA GLY C 413 65.32 -14.24 -15.57
C GLY C 413 66.40 -15.14 -16.14
N ASN C 414 67.50 -15.25 -15.40
CA ASN C 414 68.59 -16.13 -15.80
C ASN C 414 68.15 -17.59 -15.83
N ILE C 415 67.40 -18.01 -14.81
CA ILE C 415 66.87 -19.36 -14.76
C ILE C 415 65.39 -19.42 -15.16
N ALA C 416 64.70 -18.28 -15.19
CA ALA C 416 63.30 -18.23 -15.61
C ALA C 416 63.14 -18.08 -17.12
N ASP C 417 64.24 -17.94 -17.87
CA ASP C 417 64.14 -17.84 -19.31
C ASP C 417 63.84 -19.20 -19.94
N TYR C 418 64.35 -20.27 -19.35
CA TYR C 418 64.28 -21.59 -19.96
C TYR C 418 63.66 -22.66 -19.06
N ASN C 419 63.62 -22.47 -17.74
CA ASN C 419 63.13 -23.52 -16.85
C ASN C 419 61.85 -23.11 -16.11
N TYR C 420 61.86 -21.99 -15.39
CA TYR C 420 60.71 -21.60 -14.60
C TYR C 420 59.92 -20.51 -15.32
N LYS C 421 58.64 -20.42 -14.96
CA LYS C 421 57.74 -19.49 -15.61
C LYS C 421 56.57 -19.17 -14.69
N LEU C 422 55.86 -18.10 -15.04
CA LEU C 422 54.59 -17.74 -14.44
C LEU C 422 53.63 -17.30 -15.53
N PRO C 423 52.32 -17.48 -15.34
CA PRO C 423 51.35 -17.07 -16.37
C PRO C 423 51.31 -15.57 -16.56
N ASP C 424 50.48 -15.11 -17.51
CA ASP C 424 50.40 -13.67 -17.79
C ASP C 424 49.95 -12.90 -16.56
N ASP C 425 48.95 -13.41 -15.85
CA ASP C 425 48.49 -12.84 -14.59
C ASP C 425 48.61 -13.93 -13.54
N PHE C 426 49.78 -14.03 -12.92
CA PHE C 426 50.05 -15.12 -11.99
C PHE C 426 49.18 -15.01 -10.74
N THR C 427 48.73 -16.17 -10.26
CA THR C 427 47.91 -16.25 -9.06
C THR C 427 48.79 -16.58 -7.86
N GLY C 428 48.18 -16.52 -6.68
CA GLY C 428 48.89 -16.80 -5.46
C GLY C 428 49.84 -15.67 -5.09
N CYS C 429 50.85 -16.02 -4.30
CA CYS C 429 51.81 -15.05 -3.81
C CYS C 429 53.22 -15.64 -3.86
N VAL C 430 54.21 -14.76 -3.87
CA VAL C 430 55.60 -15.18 -3.92
C VAL C 430 56.08 -15.53 -2.52
N ILE C 431 56.63 -16.73 -2.37
CA ILE C 431 57.15 -17.21 -1.10
C ILE C 431 58.60 -17.63 -1.28
N ALA C 432 59.46 -17.21 -0.35
CA ALA C 432 60.88 -17.53 -0.46
C ALA C 432 61.51 -17.48 0.92
N TRP C 433 62.65 -18.15 1.05
CA TRP C 433 63.44 -18.12 2.26
C TRP C 433 64.88 -18.46 1.90
N ASN C 434 65.74 -18.58 2.92
CA ASN C 434 67.16 -18.78 2.73
C ASN C 434 67.53 -20.24 2.95
N SER C 435 68.17 -20.85 1.96
CA SER C 435 68.64 -22.23 2.06
C SER C 435 70.09 -22.36 1.61
N ASN C 436 70.81 -21.26 1.43
CA ASN C 436 72.19 -21.33 0.97
C ASN C 436 73.10 -21.97 2.00
N LYS C 437 72.81 -21.77 3.29
CA LYS C 437 73.68 -22.28 4.34
C LYS C 437 73.64 -23.81 4.43
N LEU C 438 72.50 -24.42 4.13
CA LEU C 438 72.34 -25.87 4.30
C LEU C 438 72.38 -26.64 2.99
N ASP C 439 71.88 -26.06 1.89
CA ASP C 439 71.86 -26.79 0.63
C ASP C 439 73.26 -26.88 0.02
N SER C 440 74.00 -25.79 0.03
CA SER C 440 75.33 -25.78 -0.56
C SER C 440 76.32 -26.55 0.31
N LYS C 441 77.28 -27.19 -0.34
CA LYS C 441 78.31 -27.94 0.37
C LYS C 441 79.70 -27.44 -0.01
N GLY C 444 79.41 -27.48 -7.18
CA GLY C 444 79.19 -28.44 -6.12
C GLY C 444 78.31 -29.60 -6.53
N ASN C 445 77.07 -29.60 -6.04
CA ASN C 445 76.11 -30.65 -6.35
C ASN C 445 75.36 -30.25 -7.62
N TYR C 446 75.76 -30.82 -8.75
CA TYR C 446 75.15 -30.53 -10.03
C TYR C 446 73.94 -31.43 -10.33
N ASN C 447 73.35 -32.02 -9.29
CA ASN C 447 72.16 -32.85 -9.49
C ASN C 447 70.98 -32.03 -10.00
N TYR C 448 70.77 -30.84 -9.44
CA TYR C 448 69.68 -29.97 -9.85
C TYR C 448 70.11 -29.05 -10.99
N LEU C 449 70.59 -29.66 -12.07
CA LEU C 449 71.11 -28.89 -13.19
C LEU C 449 69.98 -28.20 -13.93
N TYR C 450 70.27 -26.98 -14.42
CA TYR C 450 69.29 -26.17 -15.12
C TYR C 450 69.54 -26.21 -16.62
N ARG C 451 68.44 -26.32 -17.38
CA ARG C 451 68.54 -26.40 -18.83
C ARG C 451 68.94 -25.06 -19.42
N LEU C 452 69.92 -25.07 -20.32
CA LEU C 452 70.38 -23.87 -21.00
C LEU C 452 70.16 -23.92 -22.50
N PHE C 453 70.20 -25.10 -23.11
CA PHE C 453 69.98 -25.28 -24.53
C PHE C 453 68.65 -26.00 -24.74
N ARG C 454 67.76 -25.41 -25.53
CA ARG C 454 66.46 -26.00 -25.80
C ARG C 454 65.86 -25.33 -27.02
N LYS C 455 64.71 -25.85 -27.46
CA LYS C 455 64.14 -25.47 -28.75
C LYS C 455 63.73 -24.00 -28.78
N SER C 456 62.94 -23.57 -27.82
CA SER C 456 62.37 -22.22 -27.87
C SER C 456 62.02 -21.78 -26.44
N ASN C 457 61.25 -20.70 -26.35
CA ASN C 457 60.88 -20.12 -25.07
C ASN C 457 59.72 -20.90 -24.44
N LEU C 458 59.37 -20.49 -23.21
CA LEU C 458 58.34 -21.18 -22.45
C LEU C 458 56.95 -20.70 -22.82
N LYS C 459 56.01 -21.64 -22.83
CA LYS C 459 54.58 -21.39 -22.95
C LYS C 459 53.89 -21.73 -21.63
N PRO C 460 52.76 -21.08 -21.32
CA PRO C 460 52.10 -21.32 -20.03
C PRO C 460 51.71 -22.79 -19.86
N PHE C 461 51.91 -23.29 -18.64
CA PHE C 461 51.54 -24.65 -18.25
C PHE C 461 52.22 -25.69 -19.15
N GLU C 462 53.54 -25.71 -19.08
CA GLU C 462 54.35 -26.69 -19.81
C GLU C 462 55.46 -27.19 -18.90
N ARG C 463 55.93 -28.40 -19.19
CA ARG C 463 57.01 -29.03 -18.43
C ARG C 463 58.24 -29.20 -19.33
N ASP C 464 59.41 -28.86 -18.80
CA ASP C 464 60.67 -28.96 -19.52
C ASP C 464 61.40 -30.20 -19.02
N ILE C 465 61.08 -31.35 -19.62
CA ILE C 465 61.70 -32.62 -19.26
C ILE C 465 62.46 -33.25 -20.41
N SER C 466 62.30 -32.77 -21.64
CA SER C 466 62.96 -33.34 -22.81
C SER C 466 64.44 -32.95 -22.76
N THR C 467 65.30 -33.91 -22.39
CA THR C 467 66.75 -33.68 -22.37
C THR C 467 67.29 -33.95 -23.77
N GLU C 468 66.92 -33.05 -24.69
CA GLU C 468 67.31 -33.15 -26.09
C GLU C 468 68.26 -32.02 -26.43
N ILE C 469 69.33 -32.34 -27.15
CA ILE C 469 70.35 -31.34 -27.48
C ILE C 469 69.81 -30.42 -28.56
N TYR C 470 70.02 -29.12 -28.39
CA TYR C 470 69.51 -28.14 -29.34
C TYR C 470 70.11 -28.34 -30.72
N GLN C 471 69.26 -28.31 -31.74
CA GLN C 471 69.67 -28.47 -33.13
C GLN C 471 69.74 -27.09 -33.77
N ALA C 472 70.95 -26.55 -33.90
CA ALA C 472 71.17 -25.25 -34.50
C ALA C 472 71.75 -25.32 -35.91
N GLY C 473 71.84 -26.52 -36.48
CA GLY C 473 72.41 -26.68 -37.80
C GLY C 473 71.69 -27.76 -38.59
N ASN C 474 71.99 -27.82 -39.88
CA ASN C 474 71.39 -28.82 -40.75
C ASN C 474 71.86 -30.22 -40.38
N LYS C 475 73.12 -30.37 -39.99
CA LYS C 475 73.64 -31.67 -39.61
C LYS C 475 72.96 -32.14 -38.32
N PRO C 476 72.44 -33.37 -38.28
CA PRO C 476 71.81 -33.86 -37.04
C PRO C 476 72.82 -33.93 -35.90
N CYS C 477 72.33 -33.70 -34.69
CA CYS C 477 73.17 -33.69 -33.50
C CYS C 477 73.38 -35.05 -32.88
N ASN C 478 72.85 -36.12 -33.47
CA ASN C 478 73.15 -37.46 -32.99
C ASN C 478 74.65 -37.74 -33.14
N GLY C 479 75.23 -38.35 -32.12
CA GLY C 479 76.67 -38.51 -32.10
C GLY C 479 77.35 -37.54 -31.14
N VAL C 480 76.78 -37.42 -29.95
CA VAL C 480 77.27 -36.59 -28.83
C VAL C 480 77.64 -35.19 -29.34
N ALA C 481 78.71 -34.60 -28.80
CA ALA C 481 79.01 -33.19 -29.05
C ALA C 481 79.38 -32.94 -30.51
N GLY C 482 79.11 -31.72 -30.96
CA GLY C 482 79.44 -31.29 -32.31
C GLY C 482 79.48 -29.78 -32.37
N PHE C 483 79.95 -29.28 -33.51
CA PHE C 483 80.07 -27.84 -33.70
C PHE C 483 78.69 -27.20 -33.78
N ASN C 484 78.55 -26.04 -33.14
CA ASN C 484 77.31 -25.27 -33.10
C ASN C 484 76.15 -26.06 -32.50
N CYS C 485 76.45 -27.09 -31.71
CA CYS C 485 75.44 -27.96 -31.10
C CYS C 485 76.04 -28.52 -29.81
N TYR C 486 75.68 -27.92 -28.68
CA TYR C 486 76.25 -28.26 -27.38
C TYR C 486 75.18 -28.83 -26.46
N PHE C 487 75.60 -29.74 -25.59
CA PHE C 487 74.70 -30.31 -24.61
C PHE C 487 74.25 -29.23 -23.63
N PRO C 488 72.98 -29.23 -23.21
CA PRO C 488 72.52 -28.19 -22.28
C PRO C 488 73.18 -28.22 -20.92
N LEU C 489 73.83 -29.32 -20.52
CA LEU C 489 74.41 -29.38 -19.19
C LEU C 489 75.59 -28.43 -19.06
N ARG C 490 75.57 -27.60 -18.01
CA ARG C 490 76.67 -26.71 -17.67
C ARG C 490 76.61 -26.45 -16.18
N SER C 491 77.78 -26.19 -15.58
CA SER C 491 77.86 -25.93 -14.15
C SER C 491 77.10 -24.64 -13.81
N TYR C 492 76.37 -24.68 -12.69
CA TYR C 492 75.57 -23.54 -12.24
C TYR C 492 76.02 -23.04 -10.87
N SER C 493 77.31 -23.20 -10.56
CA SER C 493 77.99 -22.50 -9.47
C SER C 493 77.38 -22.83 -8.10
N PHE C 494 77.53 -24.09 -7.71
CA PHE C 494 77.44 -24.47 -6.30
C PHE C 494 78.81 -24.64 -5.65
N ARG C 495 79.87 -24.15 -6.30
CA ARG C 495 81.20 -24.26 -5.73
C ARG C 495 81.31 -23.40 -4.47
N PRO C 496 82.11 -23.83 -3.49
CA PRO C 496 82.24 -23.04 -2.26
C PRO C 496 82.85 -21.66 -2.48
N THR C 497 83.55 -21.44 -3.59
CA THR C 497 84.12 -20.13 -3.86
C THR C 497 83.04 -19.06 -4.00
N TYR C 498 81.95 -19.38 -4.68
CA TYR C 498 80.83 -18.46 -4.86
C TYR C 498 79.91 -18.56 -3.64
N GLY C 499 80.36 -17.93 -2.55
CA GLY C 499 79.61 -17.97 -1.30
C GLY C 499 78.44 -17.01 -1.26
N VAL C 500 78.72 -15.71 -1.34
CA VAL C 500 77.66 -14.71 -1.25
C VAL C 500 76.77 -14.77 -2.48
N GLY C 501 77.35 -15.01 -3.66
CA GLY C 501 76.62 -15.04 -4.91
C GLY C 501 76.51 -16.45 -5.46
N HIS C 502 75.48 -16.68 -6.26
CA HIS C 502 75.17 -17.93 -6.96
C HIS C 502 74.82 -19.08 -6.02
N GLN C 503 74.79 -18.85 -4.71
CA GLN C 503 74.37 -19.90 -3.80
C GLN C 503 72.84 -20.04 -3.83
N PRO C 504 72.33 -21.25 -3.60
CA PRO C 504 70.89 -21.49 -3.83
C PRO C 504 70.02 -20.79 -2.80
N TYR C 505 69.00 -20.09 -3.30
CA TYR C 505 67.98 -19.47 -2.46
C TYR C 505 66.65 -20.18 -2.72
N ARG C 506 66.02 -20.66 -1.66
CA ARG C 506 64.81 -21.47 -1.80
C ARG C 506 63.60 -20.56 -2.02
N VAL C 507 62.97 -20.70 -3.20
CA VAL C 507 61.80 -19.93 -3.57
C VAL C 507 60.72 -20.89 -4.03
N VAL C 508 59.50 -20.73 -3.51
CA VAL C 508 58.35 -21.54 -3.91
C VAL C 508 57.17 -20.62 -4.18
N VAL C 509 56.38 -20.96 -5.19
CA VAL C 509 55.19 -20.19 -5.55
C VAL C 509 53.98 -21.10 -5.46
N LEU C 510 52.96 -20.66 -4.72
CA LEU C 510 51.75 -21.43 -4.52
C LEU C 510 50.62 -20.79 -5.31
N SER C 511 49.97 -21.58 -6.17
CA SER C 511 48.84 -21.10 -6.94
C SER C 511 47.58 -21.09 -6.08
N PHE C 512 46.79 -20.03 -6.21
CA PHE C 512 45.60 -19.84 -5.39
C PHE C 512 44.40 -19.58 -6.29
N GLU C 513 43.30 -20.29 -6.03
CA GLU C 513 42.05 -20.11 -6.73
C GLU C 513 41.00 -19.64 -5.74
N LEU C 514 40.31 -18.56 -6.08
CA LEU C 514 39.36 -17.92 -5.17
C LEU C 514 37.95 -18.00 -5.75
N LEU C 515 37.03 -18.54 -4.96
CA LEU C 515 35.59 -18.55 -5.29
C LEU C 515 35.32 -19.23 -6.64
N HIS C 516 35.74 -20.49 -6.72
CA HIS C 516 35.47 -21.31 -7.89
C HIS C 516 34.84 -22.65 -7.54
N ALA C 517 35.23 -23.24 -6.42
CA ALA C 517 34.73 -24.52 -5.95
C ALA C 517 34.48 -24.43 -4.46
N PRO C 518 33.67 -25.33 -3.89
CA PRO C 518 33.51 -25.38 -2.44
C PRO C 518 34.84 -25.43 -1.71
N ALA C 519 35.13 -24.39 -0.93
CA ALA C 519 36.44 -24.25 -0.31
C ALA C 519 36.71 -25.40 0.65
N THR C 520 37.92 -25.96 0.55
CA THR C 520 38.35 -27.04 1.43
C THR C 520 39.48 -26.62 2.37
N VAL C 521 40.17 -25.52 2.09
CA VAL C 521 41.25 -25.03 2.93
C VAL C 521 40.89 -23.60 3.33
N CYS C 522 40.39 -23.44 4.56
CA CYS C 522 40.00 -22.13 5.07
C CYS C 522 40.87 -21.76 6.27
N GLY C 523 40.98 -20.46 6.51
CA GLY C 523 41.86 -19.94 7.52
C GLY C 523 41.29 -20.02 8.93
N PRO C 524 42.11 -19.68 9.92
CA PRO C 524 41.65 -19.72 11.32
C PRO C 524 40.54 -18.71 11.55
N LYS C 525 39.63 -19.06 12.46
CA LYS C 525 38.48 -18.22 12.77
C LYS C 525 38.07 -18.44 14.23
N LYS C 526 37.83 -17.33 14.92
CA LYS C 526 37.59 -17.23 16.37
C LYS C 526 38.88 -17.49 17.14
N SER C 527 39.12 -16.73 18.22
CA SER C 527 40.29 -16.97 19.05
C SER C 527 40.06 -16.75 20.55
N THR C 528 39.08 -15.92 20.90
CA THR C 528 39.10 -15.26 22.20
C THR C 528 38.40 -16.08 23.28
N ASN C 529 38.20 -15.44 24.43
CA ASN C 529 37.57 -16.06 25.59
C ASN C 529 36.04 -15.98 25.46
N LEU C 530 35.36 -16.32 26.55
CA LEU C 530 33.90 -16.33 26.60
C LEU C 530 33.42 -15.59 27.84
N VAL C 531 32.34 -14.81 27.69
CA VAL C 531 31.72 -14.08 28.77
C VAL C 531 30.22 -14.33 28.73
N LYS C 532 29.54 -14.11 29.84
CA LYS C 532 28.13 -14.42 29.96
C LYS C 532 27.42 -13.28 30.68
N ASN C 533 26.08 -13.30 30.58
CA ASN C 533 25.14 -12.41 31.27
C ASN C 533 25.17 -10.97 30.77
N LYS C 534 25.99 -10.65 29.77
CA LYS C 534 26.03 -9.31 29.19
C LYS C 534 25.83 -9.43 27.69
N CYS C 535 24.89 -8.65 27.14
CA CYS C 535 24.62 -8.73 25.71
C CYS C 535 25.76 -8.09 24.94
N VAL C 536 26.47 -8.90 24.15
CA VAL C 536 27.61 -8.45 23.37
C VAL C 536 27.56 -9.08 22.00
N ASN C 537 28.23 -8.45 21.04
CA ASN C 537 28.35 -9.01 19.70
C ASN C 537 29.38 -10.13 19.68
N PHE C 538 29.21 -11.06 18.74
CA PHE C 538 30.08 -12.22 18.62
C PHE C 538 30.32 -12.53 17.15
N ASN C 539 31.09 -13.58 16.91
CA ASN C 539 31.37 -14.08 15.56
C ASN C 539 31.24 -15.59 15.49
N PHE C 540 30.24 -16.15 16.15
CA PHE C 540 30.05 -17.60 16.18
C PHE C 540 29.70 -18.12 14.79
N ASN C 541 30.64 -18.83 14.17
CA ASN C 541 30.42 -19.45 12.85
C ASN C 541 30.02 -18.41 11.81
N GLY C 542 30.57 -17.20 11.94
CA GLY C 542 30.28 -16.14 10.99
C GLY C 542 29.08 -15.31 11.37
N LEU C 543 28.28 -15.77 12.33
CA LEU C 543 27.09 -15.05 12.76
C LEU C 543 27.47 -13.81 13.54
N LYS C 544 26.97 -12.65 13.11
CA LYS C 544 27.21 -11.38 13.78
C LYS C 544 25.91 -10.93 14.42
N GLY C 545 25.78 -11.14 15.73
CA GLY C 545 24.57 -10.78 16.44
C GLY C 545 24.89 -10.42 17.87
N THR C 546 23.93 -9.75 18.52
CA THR C 546 24.07 -9.29 19.89
C THR C 546 22.99 -9.93 20.75
N GLY C 547 23.39 -10.51 21.87
CA GLY C 547 22.44 -11.14 22.77
C GLY C 547 23.11 -11.51 24.07
N VAL C 548 22.27 -11.82 25.06
CA VAL C 548 22.73 -12.20 26.40
C VAL C 548 23.01 -13.69 26.39
N LEU C 549 24.27 -14.07 26.23
CA LEU C 549 24.64 -15.48 26.29
C LEU C 549 24.53 -15.97 27.73
N THR C 550 23.82 -17.07 27.92
CA THR C 550 23.59 -17.62 29.25
C THR C 550 23.46 -19.14 29.14
N GLU C 551 23.25 -19.78 30.28
CA GLU C 551 23.10 -21.24 30.29
C GLU C 551 21.79 -21.64 29.62
N SER C 552 21.79 -22.83 29.04
CA SER C 552 20.67 -23.33 28.24
C SER C 552 20.28 -24.72 28.72
N ASN C 553 18.99 -25.04 28.59
CA ASN C 553 18.46 -26.34 28.96
C ASN C 553 18.06 -27.19 27.76
N LYS C 554 18.34 -26.75 26.54
CA LYS C 554 17.96 -27.50 25.36
C LYS C 554 18.85 -28.74 25.21
N LYS C 555 18.23 -29.84 24.80
CA LYS C 555 18.94 -31.10 24.60
C LYS C 555 19.22 -31.33 23.11
N PHE C 556 20.27 -30.66 22.63
CA PHE C 556 20.69 -30.88 21.25
C PHE C 556 21.21 -32.29 21.07
N LEU C 557 20.90 -32.87 19.91
CA LEU C 557 21.47 -34.15 19.54
C LEU C 557 22.98 -33.97 19.28
N PRO C 558 23.75 -35.05 19.39
CA PRO C 558 25.22 -34.91 19.29
C PRO C 558 25.69 -34.25 18.00
N PHE C 559 24.95 -34.41 16.90
CA PHE C 559 25.33 -33.78 15.64
C PHE C 559 24.78 -32.38 15.48
N GLN C 560 23.68 -32.05 16.14
CA GLN C 560 23.01 -30.77 15.92
C GLN C 560 23.91 -29.61 16.30
N GLN C 561 23.84 -28.54 15.51
CA GLN C 561 24.67 -27.35 15.70
C GLN C 561 23.89 -26.12 16.12
N PHE C 562 22.84 -25.77 15.37
CA PHE C 562 22.12 -24.52 15.55
C PHE C 562 20.75 -24.78 16.19
N GLY C 563 20.18 -23.71 16.75
CA GLY C 563 18.83 -23.76 17.28
C GLY C 563 17.91 -22.74 16.62
N ARG C 564 16.61 -23.04 16.58
CA ARG C 564 15.63 -22.15 15.98
C ARG C 564 14.39 -22.11 16.87
N ASP C 565 13.44 -21.26 16.50
CA ASP C 565 12.20 -21.11 17.23
C ASP C 565 11.04 -21.04 16.24
N ILE C 566 9.86 -20.69 16.74
CA ILE C 566 8.68 -20.60 15.87
C ILE C 566 8.85 -19.48 14.85
N ALA C 567 9.37 -18.33 15.26
CA ALA C 567 9.54 -17.18 14.39
C ALA C 567 10.74 -17.31 13.45
N ASP C 568 11.42 -18.46 13.47
CA ASP C 568 12.59 -18.72 12.61
C ASP C 568 13.70 -17.71 12.89
N THR C 569 14.17 -17.72 14.13
CA THR C 569 15.28 -16.88 14.56
C THR C 569 16.23 -17.72 15.40
N THR C 570 17.50 -17.31 15.43
CA THR C 570 18.51 -18.04 16.18
C THR C 570 18.17 -18.02 17.67
N ASP C 571 18.21 -19.21 18.28
CA ASP C 571 17.85 -19.37 19.68
C ASP C 571 18.94 -19.99 20.53
N ALA C 572 19.76 -20.87 19.96
CA ALA C 572 20.85 -21.49 20.70
C ALA C 572 21.97 -21.84 19.74
N VAL C 573 23.17 -22.03 20.29
CA VAL C 573 24.36 -22.29 19.49
C VAL C 573 25.19 -23.38 20.16
N ARG C 574 25.99 -24.08 19.36
CA ARG C 574 26.91 -25.09 19.87
C ARG C 574 28.18 -24.44 20.37
N ASP C 575 28.66 -24.89 21.51
CA ASP C 575 29.92 -24.40 22.06
C ASP C 575 31.07 -25.00 21.27
N PRO C 576 31.99 -24.20 20.74
CA PRO C 576 33.17 -24.77 20.05
C PRO C 576 34.11 -25.49 21.01
N GLN C 577 34.42 -24.86 22.15
CA GLN C 577 35.38 -25.45 23.09
C GLN C 577 34.78 -26.67 23.79
N THR C 578 33.58 -26.54 24.33
CA THR C 578 32.98 -27.57 25.15
C THR C 578 31.76 -28.15 24.44
N LEU C 579 31.04 -29.04 25.13
CA LEU C 579 29.86 -29.69 24.58
C LEU C 579 28.57 -29.16 25.21
N GLU C 580 28.64 -28.06 25.94
CA GLU C 580 27.48 -27.47 26.57
C GLU C 580 27.02 -26.27 25.75
N ILE C 581 25.79 -26.33 25.25
CA ILE C 581 25.25 -25.29 24.38
C ILE C 581 24.79 -24.10 25.22
N LEU C 582 24.54 -22.97 24.56
CA LEU C 582 24.19 -21.73 25.24
C LEU C 582 22.95 -21.13 24.59
N ASP C 583 22.22 -20.33 25.36
CA ASP C 583 21.03 -19.64 24.89
C ASP C 583 21.39 -18.22 24.48
N ILE C 584 20.70 -17.71 23.46
CA ILE C 584 20.84 -16.33 23.02
C ILE C 584 19.51 -15.63 23.24
N THR C 585 19.54 -14.58 24.06
CA THR C 585 18.39 -13.72 24.29
C THR C 585 18.82 -12.27 24.13
N PRO C 586 18.17 -11.49 23.27
CA PRO C 586 18.52 -10.07 23.15
C PRO C 586 18.29 -9.35 24.48
N CYS C 587 19.16 -8.38 24.77
CA CYS C 587 19.04 -7.64 26.02
C CYS C 587 17.91 -6.62 25.93
N SER C 588 17.68 -5.93 27.04
CA SER C 588 16.44 -5.17 27.23
C SER C 588 16.31 -4.05 26.22
N PHE C 589 15.07 -3.82 25.77
CA PHE C 589 14.74 -2.71 24.88
C PHE C 589 13.29 -2.33 25.13
N GLY C 590 12.96 -1.10 24.75
CA GLY C 590 11.60 -0.62 24.92
C GLY C 590 11.48 0.83 24.52
N GLY C 591 10.28 1.37 24.73
CA GLY C 591 10.00 2.76 24.40
C GLY C 591 9.79 3.61 25.63
N VAL C 592 9.91 4.93 25.47
CA VAL C 592 9.76 5.87 26.58
C VAL C 592 8.53 6.73 26.35
N SER C 593 8.03 7.30 27.46
CA SER C 593 6.90 8.21 27.41
C SER C 593 7.14 9.33 28.40
N VAL C 594 6.62 10.52 28.08
CA VAL C 594 6.81 11.71 28.90
C VAL C 594 5.45 12.20 29.37
N ILE C 595 5.30 12.37 30.68
CA ILE C 595 4.06 12.84 31.29
C ILE C 595 4.30 14.26 31.80
N THR C 596 3.54 15.22 31.28
CA THR C 596 3.71 16.60 31.68
C THR C 596 2.36 17.24 31.99
N PRO C 597 2.30 18.11 33.01
CA PRO C 597 1.05 18.82 33.29
C PRO C 597 0.70 19.86 32.23
N GLY C 598 1.65 20.26 31.40
CA GLY C 598 1.44 21.32 30.45
C GLY C 598 2.47 22.41 30.58
N THR C 599 2.98 22.90 29.45
CA THR C 599 4.02 23.93 29.48
C THR C 599 3.52 25.25 30.06
N ASN C 600 2.20 25.45 30.11
CA ASN C 600 1.67 26.71 30.63
C ASN C 600 2.00 26.87 32.11
N THR C 601 1.83 25.81 32.90
CA THR C 601 2.12 25.84 34.33
C THR C 601 3.10 24.73 34.66
N SER C 602 4.21 25.09 35.32
CA SER C 602 5.25 24.17 35.74
C SER C 602 5.99 23.55 34.56
N ASN C 603 7.25 23.16 34.79
CA ASN C 603 8.04 22.49 33.77
C ASN C 603 8.48 21.09 34.20
N GLN C 604 7.97 20.59 35.32
CA GLN C 604 8.32 19.26 35.78
C GLN C 604 7.71 18.21 34.88
N VAL C 605 8.46 17.12 34.65
CA VAL C 605 8.03 16.03 33.80
C VAL C 605 8.36 14.71 34.48
N ALA C 606 7.68 13.65 34.04
CA ALA C 606 7.93 12.30 34.50
C ALA C 606 8.21 11.41 33.30
N VAL C 607 9.05 10.39 33.51
CA VAL C 607 9.49 9.50 32.45
C VAL C 607 8.99 8.09 32.77
N LEU C 608 8.30 7.49 31.81
CA LEU C 608 7.79 6.12 31.94
C LEU C 608 8.52 5.22 30.97
N TYR C 609 9.14 4.17 31.49
CA TYR C 609 9.82 3.17 30.67
C TYR C 609 8.89 1.95 30.56
N GLN C 610 8.47 1.64 29.33
CA GLN C 610 7.41 0.67 29.12
C GLN C 610 7.96 -0.76 29.18
N GLY C 611 7.40 -1.57 30.07
CA GLY C 611 7.67 -2.99 30.12
C GLY C 611 9.10 -3.39 30.43
N VAL C 612 9.71 -2.76 31.43
CA VAL C 612 11.07 -3.10 31.84
C VAL C 612 11.15 -3.11 33.36
N ASN C 613 11.96 -4.02 33.88
CA ASN C 613 12.21 -4.09 35.31
C ASN C 613 12.86 -2.80 35.81
N CYS C 614 12.39 -2.30 36.95
CA CYS C 614 12.96 -1.08 37.52
C CYS C 614 14.42 -1.31 37.93
N THR C 615 14.72 -2.49 38.47
CA THR C 615 16.10 -2.79 38.85
C THR C 615 17.02 -2.83 37.65
N GLU C 616 16.51 -3.22 36.48
CA GLU C 616 17.32 -3.28 35.28
C GLU C 616 17.64 -1.91 34.70
N VAL C 617 16.83 -0.91 35.01
CA VAL C 617 17.07 0.46 34.54
C VAL C 617 17.00 1.47 35.69
N PRO C 618 17.98 1.45 36.61
CA PRO C 618 18.00 2.49 37.65
C PRO C 618 18.41 3.84 37.08
N VAL C 619 18.59 4.84 37.95
CA VAL C 619 18.94 6.19 37.51
C VAL C 619 20.41 6.25 37.14
N ALA C 620 21.13 5.14 37.30
CA ALA C 620 22.56 5.08 37.05
C ALA C 620 22.90 4.42 35.72
N ILE C 621 21.91 4.22 34.84
CA ILE C 621 22.16 3.58 33.56
C ILE C 621 22.68 4.53 32.50
N HIS C 622 22.80 5.83 32.82
CA HIS C 622 23.21 6.82 31.83
C HIS C 622 24.61 6.57 31.29
N ALA C 623 25.44 5.78 31.98
CA ALA C 623 26.77 5.46 31.46
C ALA C 623 26.67 4.67 30.15
N ASP C 624 25.77 3.69 30.09
CA ASP C 624 25.58 2.86 28.89
C ASP C 624 24.08 2.65 28.69
N GLN C 625 23.47 3.55 27.91
CA GLN C 625 22.05 3.49 27.61
C GLN C 625 21.76 4.44 26.47
N LEU C 626 20.69 4.16 25.72
CA LEU C 626 20.24 5.08 24.70
C LEU C 626 19.73 6.38 25.34
N THR C 627 19.85 7.47 24.60
CA THR C 627 19.62 8.83 25.10
C THR C 627 20.43 9.04 26.38
N PRO C 628 21.76 9.14 26.26
CA PRO C 628 22.59 9.23 27.48
C PRO C 628 22.28 10.44 28.34
N THR C 629 21.82 11.55 27.74
CA THR C 629 21.53 12.75 28.51
C THR C 629 20.38 12.53 29.50
N TRP C 630 19.48 11.57 29.21
CA TRP C 630 18.35 11.27 30.09
C TRP C 630 18.85 10.53 31.34
N ARG C 631 19.59 11.27 32.17
CA ARG C 631 19.98 10.71 33.47
C ARG C 631 18.81 10.71 34.44
N VAL C 632 17.86 11.63 34.27
CA VAL C 632 16.70 11.79 35.14
C VAL C 632 17.21 11.92 36.58
N TYR C 633 18.11 12.89 36.80
CA TYR C 633 18.76 13.14 38.09
C TYR C 633 19.09 11.86 38.84
N SER C 634 18.69 11.79 40.11
CA SER C 634 18.96 10.65 40.97
C SER C 634 17.65 10.10 41.54
N THR C 635 17.77 9.22 42.52
CA THR C 635 16.57 8.64 43.14
C THR C 635 16.00 9.59 44.20
N GLY C 636 15.79 10.85 43.82
CA GLY C 636 15.15 11.78 44.75
C GLY C 636 13.70 11.41 45.00
N SER C 637 12.97 11.04 43.95
CA SER C 637 11.61 10.53 44.06
C SER C 637 11.64 9.03 43.86
N ASN C 638 10.99 8.30 44.75
CA ASN C 638 11.04 6.84 44.72
C ASN C 638 10.53 6.29 43.39
N VAL C 639 11.25 5.31 42.86
CA VAL C 639 10.84 4.68 41.61
C VAL C 639 9.67 3.74 41.88
N PHE C 640 8.60 3.91 41.12
CA PHE C 640 7.39 3.12 41.28
C PHE C 640 7.28 2.14 40.12
N GLN C 641 7.13 0.86 40.45
CA GLN C 641 7.04 -0.20 39.45
C GLN C 641 5.57 -0.56 39.24
N THR C 642 5.12 -0.47 37.99
CA THR C 642 3.75 -0.80 37.61
C THR C 642 3.77 -1.91 36.58
N ARG C 643 2.58 -2.45 36.31
CA ARG C 643 2.46 -3.47 35.26
C ARG C 643 2.76 -2.88 33.89
N ALA C 644 2.42 -1.61 33.67
CA ALA C 644 2.76 -0.96 32.40
C ALA C 644 4.27 -0.83 32.23
N GLY C 645 4.98 -0.50 33.30
CA GLY C 645 6.42 -0.36 33.22
C GLY C 645 6.97 0.29 34.47
N CYS C 646 8.15 0.88 34.32
CA CYS C 646 8.83 1.56 35.42
C CYS C 646 8.63 3.06 35.28
N LEU C 647 8.12 3.69 36.33
CA LEU C 647 7.82 5.11 36.35
C LEU C 647 8.81 5.82 37.26
N ILE C 648 9.50 6.83 36.72
CA ILE C 648 10.49 7.59 37.45
C ILE C 648 10.09 9.06 37.43
N GLY C 649 10.08 9.68 38.61
CA GLY C 649 9.72 11.08 38.73
C GLY C 649 8.39 11.37 39.38
N ALA C 650 7.68 10.35 39.86
CA ALA C 650 6.39 10.52 40.50
C ALA C 650 6.36 9.79 41.83
N GLU C 651 5.62 10.35 42.78
CA GLU C 651 5.50 9.78 44.12
C GLU C 651 4.12 9.17 44.29
N TYR C 652 4.09 7.91 44.74
CA TYR C 652 2.84 7.19 44.93
C TYR C 652 2.12 7.68 46.19
N VAL C 653 0.80 7.74 46.11
CA VAL C 653 -0.04 8.11 47.25
C VAL C 653 -1.17 7.11 47.37
N ASN C 654 -1.65 6.92 48.61
CA ASN C 654 -2.72 5.95 48.85
C ASN C 654 -4.11 6.53 48.64
N ASN C 655 -4.23 7.86 48.54
CA ASN C 655 -5.53 8.47 48.29
C ASN C 655 -6.01 8.16 46.89
N SER C 656 -7.31 7.96 46.74
CA SER C 656 -7.93 7.64 45.46
C SER C 656 -8.66 8.87 44.93
N TYR C 657 -8.28 9.31 43.74
CA TYR C 657 -8.88 10.46 43.08
C TYR C 657 -9.39 10.06 41.71
N GLU C 658 -10.13 10.96 41.07
CA GLU C 658 -10.57 10.74 39.70
C GLU C 658 -9.38 10.78 38.75
N CYS C 659 -9.43 9.95 37.73
CA CYS C 659 -8.30 9.84 36.80
C CYS C 659 -8.13 11.12 36.00
N ASP C 660 -6.89 11.57 35.85
CA ASP C 660 -6.55 12.74 35.07
C ASP C 660 -5.70 12.40 33.85
N ILE C 661 -4.57 11.75 34.06
CA ILE C 661 -3.70 11.31 32.96
C ILE C 661 -3.54 9.79 33.08
N PRO C 662 -4.07 9.02 32.14
CA PRO C 662 -4.07 7.56 32.28
C PRO C 662 -2.70 6.96 31.99
N ILE C 663 -2.00 6.54 33.04
CA ILE C 663 -0.73 5.83 32.85
C ILE C 663 -0.98 4.43 32.31
N GLY C 664 -1.96 3.73 32.88
CA GLY C 664 -2.28 2.38 32.45
C GLY C 664 -2.44 1.41 33.60
N ALA C 665 -3.20 0.34 33.37
CA ALA C 665 -3.44 -0.71 34.38
C ALA C 665 -4.05 -0.14 35.65
N GLY C 666 -4.95 0.84 35.49
CA GLY C 666 -5.67 1.40 36.62
C GLY C 666 -4.93 2.46 37.40
N ILE C 667 -3.77 2.89 36.95
CA ILE C 667 -2.96 3.90 37.64
C ILE C 667 -2.99 5.18 36.81
N CYS C 668 -3.24 6.31 37.46
CA CYS C 668 -3.28 7.60 36.81
C CYS C 668 -2.37 8.57 37.57
N ALA C 669 -1.94 9.62 36.86
CA ALA C 669 -1.04 10.62 37.42
C ALA C 669 -1.63 12.00 37.22
N SER C 670 -1.34 12.90 38.15
CA SER C 670 -1.86 14.26 38.10
C SER C 670 -0.95 15.18 38.88
N TYR C 671 -1.10 16.48 38.63
CA TYR C 671 -0.30 17.51 39.28
C TYR C 671 -1.15 18.15 40.39
N GLN C 672 -0.72 17.97 41.63
CA GLN C 672 -1.44 18.50 42.78
C GLN C 672 -0.42 18.83 43.87
N THR C 673 -0.94 19.10 45.07
CA THR C 673 -0.09 19.42 46.21
C THR C 673 0.38 18.15 46.91
N SER C 686 6.11 21.36 47.77
CA SER C 686 4.73 21.85 47.80
C SER C 686 3.90 21.19 46.71
N GLN C 687 4.23 21.49 45.45
CA GLN C 687 3.53 20.96 44.30
C GLN C 687 4.43 19.95 43.58
N SER C 688 3.89 18.78 43.28
CA SER C 688 4.64 17.73 42.61
C SER C 688 3.67 16.81 41.89
N ILE C 689 4.22 15.96 41.04
CA ILE C 689 3.43 15.01 40.27
C ILE C 689 3.31 13.72 41.06
N ILE C 690 2.08 13.25 41.26
CA ILE C 690 1.80 12.08 42.06
C ILE C 690 1.06 11.05 41.22
N ALA C 691 1.21 9.78 41.59
CA ALA C 691 0.54 8.67 40.94
C ALA C 691 -0.30 7.93 41.97
N TYR C 692 -1.48 7.47 41.56
CA TYR C 692 -2.42 6.84 42.47
C TYR C 692 -3.26 5.83 41.70
N THR C 693 -4.21 5.23 42.39
CA THR C 693 -5.18 4.33 41.79
C THR C 693 -6.52 5.03 41.67
N MET C 694 -7.08 5.03 40.46
CA MET C 694 -8.31 5.77 40.21
C MET C 694 -9.48 5.17 40.98
N SER C 695 -10.41 6.03 41.37
CA SER C 695 -11.58 5.64 42.13
C SER C 695 -12.80 5.60 41.22
N LEU C 696 -13.57 4.51 41.29
CA LEU C 696 -14.73 4.37 40.43
C LEU C 696 -15.82 5.36 40.78
N GLY C 697 -16.03 5.63 42.06
CA GLY C 697 -17.05 6.57 42.47
C GLY C 697 -17.33 6.45 43.95
N ALA C 698 -18.32 7.22 44.39
CA ALA C 698 -18.70 7.24 45.79
C ALA C 698 -19.55 6.02 46.14
N GLU C 699 -19.28 5.44 47.31
CA GLU C 699 -20.03 4.28 47.76
C GLU C 699 -21.45 4.66 48.14
N ASN C 700 -22.36 3.70 47.97
CA ASN C 700 -23.77 3.92 48.31
C ASN C 700 -24.39 2.60 48.72
N SER C 701 -25.49 2.68 49.46
CA SER C 701 -26.20 1.50 49.92
C SER C 701 -27.67 1.84 50.03
N VAL C 702 -28.49 1.16 49.23
CA VAL C 702 -29.93 1.41 49.21
C VAL C 702 -30.57 0.71 50.41
N ALA C 703 -31.38 1.44 51.16
CA ALA C 703 -32.06 0.89 52.33
C ALA C 703 -33.26 0.06 51.86
N TYR C 704 -32.97 -1.16 51.45
CA TYR C 704 -33.99 -2.06 50.94
C TYR C 704 -34.69 -2.78 52.07
N SER C 705 -36.00 -2.94 51.93
CA SER C 705 -36.81 -3.66 52.91
C SER C 705 -38.02 -4.26 52.19
N ASN C 706 -38.68 -5.20 52.85
CA ASN C 706 -39.78 -5.91 52.22
C ASN C 706 -41.12 -5.22 52.40
N ASN C 707 -41.17 -4.07 53.08
CA ASN C 707 -42.32 -3.18 53.02
C ASN C 707 -41.79 -1.76 53.21
N SER C 708 -41.48 -1.10 52.09
CA SER C 708 -40.92 0.24 52.10
C SER C 708 -40.88 0.76 50.67
N ILE C 709 -41.15 2.05 50.51
CA ILE C 709 -41.13 2.68 49.19
C ILE C 709 -40.76 4.15 49.36
N ALA C 710 -40.17 4.72 48.32
CA ALA C 710 -39.77 6.12 48.30
C ALA C 710 -40.45 6.81 47.13
N ILE C 711 -41.11 7.93 47.40
CA ILE C 711 -41.87 8.68 46.41
C ILE C 711 -41.32 10.11 46.39
N PRO C 712 -40.92 10.64 45.23
CA PRO C 712 -40.46 12.02 45.18
C PRO C 712 -41.58 13.00 45.43
N THR C 713 -41.22 14.17 45.96
CA THR C 713 -42.18 15.23 46.25
C THR C 713 -41.91 16.52 45.48
N ASN C 714 -40.90 16.55 44.62
CA ASN C 714 -40.57 17.74 43.86
C ASN C 714 -39.84 17.30 42.60
N PHE C 715 -39.60 18.27 41.71
CA PHE C 715 -38.98 17.98 40.42
C PHE C 715 -38.04 19.10 40.03
N THR C 716 -37.16 18.79 39.07
CA THR C 716 -36.22 19.76 38.52
C THR C 716 -36.20 19.61 37.01
N ILE C 717 -36.13 20.74 36.31
CA ILE C 717 -36.05 20.76 34.85
C ILE C 717 -34.60 20.99 34.46
N SER C 718 -34.06 20.07 33.66
CA SER C 718 -32.65 20.10 33.28
C SER C 718 -32.52 20.21 31.77
N VAL C 719 -31.55 21.02 31.33
CA VAL C 719 -31.25 21.22 29.93
C VAL C 719 -29.79 20.86 29.69
N THR C 720 -29.55 19.96 28.74
CA THR C 720 -28.20 19.49 28.42
C THR C 720 -27.97 19.58 26.92
N THR C 721 -26.70 19.67 26.55
CA THR C 721 -26.28 19.82 25.16
C THR C 721 -25.69 18.53 24.63
N GLU C 722 -25.56 18.45 23.31
CA GLU C 722 -25.01 17.28 22.65
C GLU C 722 -24.53 17.68 21.27
N ILE C 723 -23.29 17.33 20.93
CA ILE C 723 -22.66 17.73 19.69
C ILE C 723 -22.36 16.49 18.86
N LEU C 724 -22.75 16.51 17.59
CA LEU C 724 -22.53 15.40 16.67
C LEU C 724 -21.95 15.92 15.36
N PRO C 725 -20.83 15.38 14.90
CA PRO C 725 -20.33 15.74 13.57
C PRO C 725 -21.27 15.24 12.48
N VAL C 726 -21.30 15.97 11.37
CA VAL C 726 -22.19 15.68 10.25
C VAL C 726 -21.42 15.42 8.96
N SER C 727 -20.58 16.37 8.56
CA SER C 727 -19.85 16.26 7.30
C SER C 727 -18.45 16.82 7.47
N MET C 728 -17.59 16.53 6.50
CA MET C 728 -16.22 17.01 6.48
C MET C 728 -15.97 17.75 5.17
N THR C 729 -14.73 18.20 4.99
CA THR C 729 -14.37 19.02 3.84
C THR C 729 -14.25 18.17 2.58
N LYS C 730 -14.77 18.69 1.47
CA LYS C 730 -14.65 18.06 0.17
C LYS C 730 -13.37 18.54 -0.50
N THR C 731 -12.53 17.60 -0.92
CA THR C 731 -11.24 17.93 -1.50
C THR C 731 -11.08 17.26 -2.85
N SER C 732 -10.27 17.88 -3.71
CA SER C 732 -9.96 17.34 -5.03
C SER C 732 -8.45 17.42 -5.25
N VAL C 733 -7.92 16.44 -5.97
CA VAL C 733 -6.48 16.32 -6.20
C VAL C 733 -6.23 16.23 -7.70
N ASP C 734 -5.31 17.05 -8.19
CA ASP C 734 -4.86 16.97 -9.58
C ASP C 734 -3.61 16.10 -9.61
N CYS C 735 -3.79 14.83 -10.01
CA CYS C 735 -2.69 13.88 -9.96
C CYS C 735 -1.56 14.28 -10.92
N THR C 736 -1.91 14.71 -12.12
CA THR C 736 -0.90 15.02 -13.13
C THR C 736 0.02 16.14 -12.67
N MET C 737 -0.53 17.19 -12.07
CA MET C 737 0.28 18.30 -11.61
C MET C 737 1.02 17.95 -10.32
N TYR C 738 0.37 17.19 -9.43
CA TYR C 738 0.98 16.87 -8.14
C TYR C 738 2.20 15.96 -8.31
N ILE C 739 2.06 14.93 -9.15
CA ILE C 739 3.16 13.97 -9.33
C ILE C 739 4.38 14.65 -9.91
N CYS C 740 4.19 15.44 -10.96
CA CYS C 740 5.31 16.14 -11.59
C CYS C 740 4.75 17.34 -12.35
N GLY C 741 5.03 18.54 -11.85
CA GLY C 741 4.60 19.77 -12.48
C GLY C 741 5.70 20.37 -13.32
N ASP C 742 5.30 20.96 -14.45
CA ASP C 742 6.22 21.59 -15.40
C ASP C 742 7.27 20.59 -15.90
N SER C 743 6.78 19.48 -16.44
CA SER C 743 7.65 18.44 -16.98
C SER C 743 6.88 17.73 -18.09
N THR C 744 7.18 18.08 -19.34
CA THR C 744 6.47 17.49 -20.47
C THR C 744 6.83 16.02 -20.67
N GLU C 745 8.06 15.64 -20.34
CA GLU C 745 8.44 14.23 -20.48
C GLU C 745 7.72 13.35 -19.46
N CYS C 746 7.61 13.83 -18.22
CA CYS C 746 6.97 13.03 -17.17
C CYS C 746 5.53 12.71 -17.53
N SER C 747 4.85 13.60 -18.26
CA SER C 747 3.50 13.31 -18.71
C SER C 747 3.47 12.09 -19.64
N ASN C 748 4.48 11.94 -20.48
CA ASN C 748 4.55 10.77 -21.36
C ASN C 748 4.95 9.52 -20.58
N LEU C 749 5.89 9.65 -19.64
CA LEU C 749 6.30 8.50 -18.85
C LEU C 749 5.15 7.96 -17.99
N LEU C 750 4.36 8.85 -17.39
CA LEU C 750 3.26 8.38 -16.54
C LEU C 750 2.17 7.68 -17.33
N LEU C 751 2.08 7.93 -18.64
CA LEU C 751 1.08 7.26 -19.46
C LEU C 751 1.33 5.76 -19.57
N GLN C 752 2.54 5.30 -19.25
CA GLN C 752 2.87 3.88 -19.32
C GLN C 752 2.36 3.10 -18.12
N TYR C 753 1.78 3.76 -17.13
CA TYR C 753 1.30 3.10 -15.92
C TYR C 753 -0.21 2.85 -15.96
N GLY C 754 -0.84 2.99 -17.13
CA GLY C 754 -2.27 2.71 -17.22
C GLY C 754 -3.09 3.81 -16.59
N SER C 755 -4.21 3.40 -15.98
CA SER C 755 -5.17 4.34 -15.40
C SER C 755 -4.98 4.34 -13.88
N PHE C 756 -4.05 5.17 -13.41
CA PHE C 756 -3.85 5.41 -11.98
C PHE C 756 -4.42 6.73 -11.52
N CYS C 757 -5.24 7.39 -12.35
CA CYS C 757 -5.84 8.66 -11.99
C CYS C 757 -7.36 8.66 -12.06
N THR C 758 -7.98 7.74 -12.80
CA THR C 758 -9.43 7.75 -12.94
C THR C 758 -10.11 7.31 -11.65
N GLN C 759 -9.61 6.23 -11.04
CA GLN C 759 -10.26 5.72 -9.82
C GLN C 759 -10.11 6.70 -8.66
N LEU C 760 -8.96 7.37 -8.55
CA LEU C 760 -8.79 8.37 -7.50
C LEU C 760 -9.80 9.49 -7.64
N LYS C 761 -9.96 10.01 -8.86
CA LYS C 761 -10.94 11.07 -9.10
C LYS C 761 -12.35 10.60 -8.82
N ARG C 762 -12.68 9.37 -9.24
CA ARG C 762 -14.02 8.84 -9.00
C ARG C 762 -14.29 8.69 -7.51
N ALA C 763 -13.30 8.20 -6.75
CA ALA C 763 -13.47 8.05 -5.31
C ALA C 763 -13.66 9.39 -4.63
N LEU C 764 -12.86 10.39 -5.01
CA LEU C 764 -13.01 11.71 -4.41
C LEU C 764 -14.36 12.33 -4.74
N THR C 765 -14.81 12.16 -5.98
CA THR C 765 -16.13 12.68 -6.36
C THR C 765 -17.24 12.00 -5.57
N GLY C 766 -17.14 10.68 -5.39
CA GLY C 766 -18.12 9.97 -4.58
C GLY C 766 -18.12 10.45 -3.14
N ILE C 767 -16.94 10.72 -2.60
CA ILE C 767 -16.84 11.24 -1.23
C ILE C 767 -17.53 12.60 -1.13
N ALA C 768 -17.29 13.48 -2.09
CA ALA C 768 -17.93 14.79 -2.06
C ALA C 768 -19.45 14.68 -2.17
N VAL C 769 -19.93 13.81 -3.06
CA VAL C 769 -21.38 13.63 -3.21
C VAL C 769 -21.98 13.10 -1.91
N GLU C 770 -21.31 12.14 -1.27
CA GLU C 770 -21.78 11.63 0.00
C GLU C 770 -21.78 12.72 1.07
N GLN C 771 -20.79 13.60 1.05
CA GLN C 771 -20.76 14.69 2.01
C GLN C 771 -21.96 15.61 1.85
N ASP C 772 -22.33 15.92 0.61
CA ASP C 772 -23.53 16.71 0.38
C ASP C 772 -24.78 15.97 0.83
N LYS C 773 -24.85 14.66 0.52
CA LYS C 773 -26.04 13.87 0.86
C LYS C 773 -26.22 13.79 2.37
N ASN C 774 -25.13 13.77 3.13
CA ASN C 774 -25.24 13.72 4.59
C ASN C 774 -25.98 14.94 5.13
N THR C 775 -25.57 16.14 4.71
CA THR C 775 -26.23 17.35 5.16
C THR C 775 -27.68 17.40 4.68
N GLN C 776 -27.93 16.99 3.44
CA GLN C 776 -29.31 16.98 2.96
C GLN C 776 -30.18 16.05 3.78
N GLU C 777 -29.67 14.87 4.15
CA GLU C 777 -30.44 13.94 4.96
C GLU C 777 -30.68 14.49 6.36
N VAL C 778 -29.67 15.09 6.98
CA VAL C 778 -29.80 15.52 8.36
C VAL C 778 -30.73 16.72 8.48
N PHE C 779 -30.60 17.71 7.59
CA PHE C 779 -31.32 18.96 7.83
C PHE C 779 -32.61 19.08 7.04
N ALA C 780 -32.62 18.70 5.76
CA ALA C 780 -33.80 18.87 4.92
C ALA C 780 -34.83 17.81 5.30
N GLN C 781 -35.59 18.11 6.35
CA GLN C 781 -36.63 17.21 6.83
C GLN C 781 -38.03 17.80 6.76
N VAL C 782 -38.18 19.07 6.39
CA VAL C 782 -39.47 19.72 6.32
C VAL C 782 -39.64 20.35 4.94
N LYS C 783 -40.82 20.19 4.36
CA LYS C 783 -41.14 20.73 3.05
C LYS C 783 -41.75 22.13 3.12
N GLN C 784 -41.93 22.68 4.33
CA GLN C 784 -42.51 24.00 4.51
C GLN C 784 -41.59 24.82 5.39
N ILE C 785 -41.58 26.13 5.16
CA ILE C 785 -40.79 27.07 5.95
C ILE C 785 -41.76 27.84 6.83
N TYR C 786 -41.85 27.45 8.10
CA TYR C 786 -42.76 28.10 9.02
C TYR C 786 -42.13 29.37 9.60
N LYS C 787 -42.98 30.26 10.09
CA LYS C 787 -42.55 31.52 10.70
C LYS C 787 -43.14 31.65 12.09
N THR C 788 -42.33 32.10 13.03
CA THR C 788 -42.81 32.37 14.36
C THR C 788 -43.73 33.59 14.37
N PRO C 789 -44.74 33.61 15.21
CA PRO C 789 -45.65 34.75 15.27
C PRO C 789 -44.92 36.00 15.75
N PRO C 790 -45.41 37.19 15.38
CA PRO C 790 -44.76 38.42 15.85
C PRO C 790 -44.73 38.56 17.36
N ILE C 791 -45.76 38.08 18.06
CA ILE C 791 -45.76 38.10 19.51
C ILE C 791 -44.95 36.92 20.02
N LYS C 792 -44.03 37.20 20.95
CA LYS C 792 -43.08 36.20 21.45
C LYS C 792 -43.40 35.78 22.87
N TYR C 793 -44.69 35.64 23.20
CA TYR C 793 -45.14 35.16 24.49
C TYR C 793 -45.68 33.75 24.33
N PHE C 794 -44.99 32.77 24.92
CA PHE C 794 -45.40 31.36 24.85
C PHE C 794 -45.48 30.83 26.29
N GLY C 795 -46.62 31.05 26.92
CA GLY C 795 -46.86 30.51 28.25
C GLY C 795 -45.88 30.94 29.31
N GLY C 796 -45.17 32.05 29.11
CA GLY C 796 -44.18 32.51 30.04
C GLY C 796 -42.77 32.01 29.79
N PHE C 797 -42.60 31.08 28.85
CA PHE C 797 -41.27 30.59 28.50
C PHE C 797 -40.56 31.59 27.59
N ASN C 798 -39.27 31.75 27.80
CA ASN C 798 -38.46 32.72 27.07
C ASN C 798 -37.59 31.98 26.06
N PHE C 799 -37.86 32.20 24.78
CA PHE C 799 -37.13 31.57 23.69
C PHE C 799 -36.25 32.56 22.92
N SER C 800 -35.92 33.69 23.54
CA SER C 800 -35.16 34.72 22.84
C SER C 800 -33.73 34.31 22.52
N GLN C 801 -33.16 33.38 23.28
CA GLN C 801 -31.77 32.99 23.11
C GLN C 801 -31.58 31.91 22.04
N ILE C 802 -32.67 31.39 21.47
CA ILE C 802 -32.57 30.41 20.39
C ILE C 802 -33.32 30.80 19.14
N LEU C 803 -34.31 31.70 19.22
CA LEU C 803 -35.00 32.16 18.02
C LEU C 803 -34.12 33.13 17.23
N PRO C 804 -34.21 33.12 15.91
CA PRO C 804 -33.40 34.04 15.11
C PRO C 804 -33.85 35.48 15.29
N ASP C 805 -32.90 36.40 15.09
CA ASP C 805 -33.17 37.82 15.18
C ASP C 805 -32.78 38.52 13.88
N PRO C 806 -33.62 39.43 13.39
CA PRO C 806 -33.33 40.11 12.13
C PRO C 806 -32.34 41.27 12.23
N SER C 807 -31.70 41.45 13.38
CA SER C 807 -30.76 42.56 13.58
C SER C 807 -29.36 42.23 13.09
N LYS C 808 -29.21 41.22 12.24
CA LYS C 808 -27.92 40.80 11.70
C LYS C 808 -28.11 40.39 10.25
N PRO C 809 -27.07 40.54 9.42
CA PRO C 809 -27.19 40.06 8.03
C PRO C 809 -27.44 38.57 7.92
N SER C 810 -26.90 37.78 8.85
CA SER C 810 -27.16 36.35 8.92
C SER C 810 -28.17 36.09 10.05
N LYS C 811 -29.26 35.42 9.70
CA LYS C 811 -30.35 35.16 10.66
C LYS C 811 -29.96 33.99 11.56
N ARG C 812 -29.00 34.26 12.45
CA ARG C 812 -28.51 33.29 13.41
C ARG C 812 -28.81 33.75 14.82
N SER C 813 -29.08 32.80 15.70
CA SER C 813 -29.40 33.10 17.09
C SER C 813 -28.12 33.41 17.86
N PHE C 814 -28.29 33.76 19.14
CA PHE C 814 -27.15 34.08 19.98
C PHE C 814 -26.25 32.88 20.20
N ILE C 815 -26.86 31.73 20.51
CA ILE C 815 -26.08 30.52 20.76
C ILE C 815 -25.39 30.05 19.50
N GLU C 816 -26.06 30.17 18.35
CA GLU C 816 -25.42 29.81 17.09
C GLU C 816 -24.21 30.69 16.81
N ASP C 817 -24.32 32.00 17.11
CA ASP C 817 -23.17 32.88 16.95
C ASP C 817 -22.03 32.49 17.87
N LEU C 818 -22.35 32.14 19.12
CA LEU C 818 -21.31 31.70 20.05
C LEU C 818 -20.62 30.45 19.53
N LEU C 819 -21.38 29.49 19.03
CA LEU C 819 -20.78 28.26 18.51
C LEU C 819 -19.90 28.55 17.29
N PHE C 820 -20.38 29.43 16.39
CA PHE C 820 -19.60 29.76 15.21
C PHE C 820 -18.30 30.45 15.60
N ASN C 821 -18.35 31.36 16.56
CA ASN C 821 -17.12 32.02 17.02
C ASN C 821 -16.19 31.03 17.71
N LYS C 822 -16.74 30.04 18.42
CA LYS C 822 -15.90 29.03 19.05
C LYS C 822 -15.18 28.17 18.03
N VAL C 823 -15.88 27.77 16.95
CA VAL C 823 -15.28 26.86 15.97
C VAL C 823 -14.52 27.57 14.87
N THR C 824 -14.66 28.90 14.73
CA THR C 824 -13.99 29.60 13.63
C THR C 824 -12.46 29.62 13.75
N LEU C 825 -11.85 28.94 14.72
CA LEU C 825 -10.39 28.89 14.77
C LEU C 825 -9.81 28.25 13.52
N ALA C 826 -10.45 27.18 13.04
CA ALA C 826 -10.06 26.54 11.80
C ALA C 826 -11.32 26.25 10.98
N ASP C 827 -11.24 26.49 9.67
CA ASP C 827 -12.38 26.27 8.78
C ASP C 827 -11.85 26.09 7.37
N ALA C 828 -12.76 26.10 6.39
CA ALA C 828 -12.36 25.95 5.00
C ALA C 828 -11.53 27.13 4.52
N GLY C 829 -11.90 28.35 4.93
CA GLY C 829 -11.18 29.54 4.53
C GLY C 829 -12.08 30.72 4.24
N PHE C 830 -13.35 30.43 3.95
CA PHE C 830 -14.40 31.44 3.77
C PHE C 830 -14.23 32.22 2.47
N ILE C 831 -13.11 31.99 1.77
CA ILE C 831 -12.84 32.63 0.48
C ILE C 831 -12.21 31.60 -0.45
N LYS C 832 -12.70 31.54 -1.69
CA LYS C 832 -12.16 30.61 -2.67
C LYS C 832 -12.05 31.25 -4.06
N GLN C 833 -12.00 32.57 -4.15
CA GLN C 833 -12.01 33.27 -5.43
C GLN C 833 -10.61 33.52 -6.00
N TYR C 834 -9.55 33.13 -5.27
CA TYR C 834 -8.15 33.23 -5.69
C TYR C 834 -7.66 34.67 -5.78
N GLY C 835 -8.53 35.66 -5.57
CA GLY C 835 -8.11 37.05 -5.69
C GLY C 835 -7.09 37.45 -4.65
N ASP C 836 -7.28 37.00 -3.41
CA ASP C 836 -6.38 37.36 -2.32
C ASP C 836 -5.13 36.48 -2.29
N CYS C 837 -5.04 35.46 -3.14
CA CYS C 837 -3.88 34.56 -3.18
C CYS C 837 -2.76 35.21 -3.98
N LEU C 838 -2.15 36.22 -3.35
CA LEU C 838 -1.03 36.97 -3.93
C LEU C 838 -1.38 37.53 -5.31
N ASP C 845 -1.29 32.48 4.14
CA ASP C 845 -0.35 31.80 3.27
C ASP C 845 -0.31 30.31 3.56
N LEU C 846 -1.48 29.73 3.82
CA LEU C 846 -1.61 28.31 4.09
C LEU C 846 -2.45 27.58 3.05
N ILE C 847 -3.58 28.14 2.65
CA ILE C 847 -4.39 27.52 1.60
C ILE C 847 -3.68 27.59 0.25
N CYS C 848 -2.98 28.70 -0.02
CA CYS C 848 -2.26 28.83 -1.28
C CYS C 848 -1.11 27.83 -1.40
N ALA C 849 -0.44 27.52 -0.28
CA ALA C 849 0.67 26.58 -0.32
C ALA C 849 0.21 25.21 -0.79
N GLN C 850 -0.95 24.75 -0.32
CA GLN C 850 -1.50 23.49 -0.80
C GLN C 850 -2.12 23.62 -2.18
N LYS C 851 -2.70 24.78 -2.49
CA LYS C 851 -3.34 24.97 -3.79
C LYS C 851 -2.33 24.93 -4.92
N PHE C 852 -1.12 25.45 -4.67
CA PHE C 852 -0.08 25.45 -5.71
C PHE C 852 0.50 24.07 -5.96
N LYS C 853 0.00 23.02 -5.31
CA LYS C 853 0.43 21.64 -5.56
C LYS C 853 -0.74 20.78 -6.03
N GLY C 854 -1.75 21.40 -6.63
CA GLY C 854 -2.91 20.67 -7.11
C GLY C 854 -3.78 20.05 -6.04
N LEU C 855 -4.03 20.78 -4.96
CA LEU C 855 -4.90 20.32 -3.87
C LEU C 855 -5.92 21.41 -3.58
N THR C 856 -7.10 21.29 -4.17
CA THR C 856 -8.15 22.29 -4.04
C THR C 856 -9.22 21.83 -3.06
N VAL C 857 -10.12 22.76 -2.73
CA VAL C 857 -11.22 22.52 -1.81
C VAL C 857 -12.51 22.99 -2.48
N LEU C 858 -13.52 22.13 -2.50
CA LEU C 858 -14.77 22.56 -3.13
C LEU C 858 -15.76 23.06 -2.09
N PRO C 859 -16.55 24.07 -2.43
CA PRO C 859 -17.50 24.63 -1.45
C PRO C 859 -18.70 23.73 -1.29
N PRO C 860 -19.33 23.74 -0.11
CA PRO C 860 -20.54 22.93 0.09
C PRO C 860 -21.70 23.45 -0.73
N LEU C 861 -22.62 22.55 -1.05
CA LEU C 861 -23.80 22.92 -1.84
C LEU C 861 -24.71 23.86 -1.07
N LEU C 862 -24.91 23.61 0.22
CA LEU C 862 -25.79 24.41 1.05
C LEU C 862 -24.98 25.43 1.83
N THR C 863 -25.39 26.69 1.75
CA THR C 863 -24.72 27.76 2.48
C THR C 863 -25.18 27.77 3.93
N ASP C 864 -24.53 28.62 4.73
CA ASP C 864 -24.87 28.71 6.15
C ASP C 864 -26.27 29.29 6.34
N GLU C 865 -26.67 30.23 5.48
CA GLU C 865 -27.98 30.85 5.61
C GLU C 865 -29.10 29.83 5.42
N MET C 866 -28.93 28.90 4.49
CA MET C 866 -29.97 27.89 4.27
C MET C 866 -30.09 26.95 5.46
N ILE C 867 -28.97 26.56 6.07
CA ILE C 867 -29.01 25.73 7.25
C ILE C 867 -29.67 26.47 8.41
N ALA C 868 -29.36 27.77 8.55
CA ALA C 868 -30.02 28.57 9.57
C ALA C 868 -31.53 28.65 9.33
N GLN C 869 -31.94 28.78 8.06
CA GLN C 869 -33.36 28.80 7.75
C GLN C 869 -34.03 27.48 8.11
N TYR C 870 -33.36 26.36 7.81
CA TYR C 870 -33.91 25.06 8.20
C TYR C 870 -34.08 24.94 9.70
N THR C 871 -33.07 25.35 10.47
CA THR C 871 -33.17 25.27 11.92
C THR C 871 -34.26 26.17 12.45
N SER C 872 -34.38 27.39 11.91
CA SER C 872 -35.44 28.29 12.36
C SER C 872 -36.81 27.74 12.04
N ALA C 873 -36.98 27.14 10.86
CA ALA C 873 -38.26 26.55 10.50
C ALA C 873 -38.60 25.40 11.43
N LEU C 874 -37.63 24.54 11.75
CA LEU C 874 -37.88 23.45 12.67
C LEU C 874 -38.27 23.97 14.05
N LEU C 875 -37.58 24.98 14.54
CA LEU C 875 -37.93 25.56 15.84
C LEU C 875 -39.32 26.14 15.84
N ALA C 876 -39.68 26.90 14.80
CA ALA C 876 -41.00 27.50 14.73
C ALA C 876 -42.08 26.43 14.68
N GLY C 877 -41.87 25.39 13.88
CA GLY C 877 -42.85 24.31 13.83
C GLY C 877 -43.01 23.60 15.15
N THR C 878 -41.89 23.32 15.83
CA THR C 878 -41.96 22.66 17.13
C THR C 878 -42.69 23.52 18.15
N ILE C 879 -42.43 24.83 18.14
CA ILE C 879 -43.03 25.71 19.13
C ILE C 879 -44.53 25.85 18.89
N THR C 880 -44.92 26.08 17.64
CA THR C 880 -46.31 26.41 17.34
C THR C 880 -47.18 25.20 17.05
N SER C 881 -46.61 24.01 16.90
CA SER C 881 -47.45 22.86 16.57
C SER C 881 -47.25 21.67 17.50
N GLY C 882 -46.02 21.44 17.96
CA GLY C 882 -45.73 20.27 18.77
C GLY C 882 -45.13 19.14 17.94
N TRP C 883 -45.87 18.06 17.78
CA TRP C 883 -45.44 16.95 16.94
C TRP C 883 -46.35 16.69 15.75
N THR C 884 -47.39 17.50 15.58
CA THR C 884 -48.32 17.27 14.47
C THR C 884 -47.71 17.66 13.14
N PHE C 885 -46.80 18.64 13.13
CA PHE C 885 -46.19 19.06 11.87
C PHE C 885 -45.28 18.02 11.27
N GLY C 886 -44.81 17.06 12.07
CA GLY C 886 -43.96 15.99 11.59
C GLY C 886 -44.69 14.79 11.05
N ALA C 887 -46.02 14.83 11.01
CA ALA C 887 -46.82 13.71 10.53
C ALA C 887 -47.90 14.15 9.55
N GLY C 888 -47.78 15.34 9.00
CA GLY C 888 -48.76 15.86 8.07
C GLY C 888 -48.88 17.38 8.22
N ALA C 889 -50.12 17.86 8.15
CA ALA C 889 -50.36 19.29 8.28
C ALA C 889 -50.16 19.75 9.72
N ALA C 890 -49.61 20.95 9.87
CA ALA C 890 -49.36 21.50 11.20
C ALA C 890 -50.65 22.03 11.80
N LEU C 891 -50.90 21.66 13.05
CA LEU C 891 -52.08 22.09 13.79
C LEU C 891 -51.63 22.89 15.00
N GLN C 892 -52.13 24.11 15.13
CA GLN C 892 -51.72 24.98 16.23
C GLN C 892 -52.32 24.51 17.55
N ILE C 893 -51.62 24.83 18.63
CA ILE C 893 -52.04 24.45 19.99
C ILE C 893 -51.29 25.34 20.98
N PRO C 894 -51.95 25.81 22.04
CA PRO C 894 -51.24 26.63 23.03
C PRO C 894 -50.11 25.85 23.69
N PHE C 895 -49.05 26.58 24.03
CA PHE C 895 -47.84 25.94 24.54
C PHE C 895 -48.07 25.25 25.87
N ALA C 896 -48.85 25.87 26.76
CA ALA C 896 -49.10 25.26 28.06
C ALA C 896 -49.83 23.94 27.92
N MET C 897 -50.81 23.87 27.01
CA MET C 897 -51.55 22.64 26.78
C MET C 897 -50.63 21.55 26.22
N GLN C 898 -49.72 21.94 25.31
CA GLN C 898 -48.75 21.00 24.77
C GLN C 898 -47.82 20.46 25.86
N MET C 899 -47.37 21.35 26.76
CA MET C 899 -46.56 20.89 27.88
C MET C 899 -47.33 19.97 28.80
N ALA C 900 -48.61 20.24 29.01
CA ALA C 900 -49.43 19.36 29.82
C ALA C 900 -49.53 17.97 29.21
N TYR C 901 -49.71 17.91 27.89
CA TYR C 901 -49.75 16.61 27.21
C TYR C 901 -48.39 15.91 27.27
N ARG C 902 -47.31 16.66 27.16
CA ARG C 902 -45.98 16.06 27.27
C ARG C 902 -45.75 15.49 28.67
N PHE C 903 -46.20 16.19 29.71
CA PHE C 903 -46.15 15.60 31.05
C PHE C 903 -47.02 14.36 31.16
N ASN C 904 -48.22 14.40 30.58
CA ASN C 904 -49.08 13.23 30.61
C ASN C 904 -48.45 12.04 29.91
N GLY C 905 -47.57 12.31 28.95
CA GLY C 905 -46.92 11.23 28.21
C GLY C 905 -45.83 10.49 28.98
N ILE C 906 -45.43 10.99 30.15
CA ILE C 906 -44.40 10.35 30.95
C ILE C 906 -44.92 9.83 32.28
N GLY C 907 -46.23 9.86 32.49
CA GLY C 907 -46.84 9.31 33.67
C GLY C 907 -47.19 10.29 34.77
N VAL C 908 -47.09 11.59 34.51
CA VAL C 908 -47.45 12.62 35.47
C VAL C 908 -48.68 13.36 34.95
N THR C 909 -49.69 13.51 35.81
CA THR C 909 -50.93 14.14 35.39
C THR C 909 -50.71 15.63 35.08
N GLN C 910 -51.62 16.17 34.28
CA GLN C 910 -51.48 17.53 33.77
C GLN C 910 -51.79 18.60 34.81
N ASN C 911 -52.54 18.26 35.87
CA ASN C 911 -52.81 19.24 36.91
C ASN C 911 -51.53 19.70 37.60
N VAL C 912 -50.50 18.84 37.62
CA VAL C 912 -49.22 19.24 38.18
C VAL C 912 -48.65 20.43 37.43
N LEU C 913 -48.66 20.37 36.10
CA LEU C 913 -48.21 21.51 35.31
C LEU C 913 -49.15 22.70 35.49
N TYR C 914 -50.46 22.47 35.44
CA TYR C 914 -51.38 23.59 35.56
C TYR C 914 -51.30 24.27 36.92
N GLU C 915 -50.69 23.63 37.91
CA GLU C 915 -50.49 24.25 39.21
C GLU C 915 -49.08 24.76 39.45
N ASN C 916 -48.08 24.26 38.71
CA ASN C 916 -46.69 24.70 38.89
C ASN C 916 -46.12 25.30 37.61
N GLN C 917 -46.98 25.89 36.78
CA GLN C 917 -46.53 26.50 35.53
C GLN C 917 -45.49 27.59 35.76
N LYS C 918 -45.72 28.48 36.74
CA LYS C 918 -44.78 29.57 36.97
C LYS C 918 -43.42 29.05 37.39
N LEU C 919 -43.39 28.09 38.32
CA LEU C 919 -42.12 27.53 38.77
C LEU C 919 -41.41 26.81 37.64
N ILE C 920 -42.15 26.06 36.82
CA ILE C 920 -41.54 25.33 35.71
C ILE C 920 -40.95 26.30 34.69
N ALA C 921 -41.68 27.39 34.40
CA ALA C 921 -41.15 28.38 33.46
C ALA C 921 -39.89 29.04 34.02
N ASN C 922 -39.89 29.37 35.31
CA ASN C 922 -38.69 29.97 35.91
C ASN C 922 -37.51 29.01 35.84
N GLN C 923 -37.72 27.74 36.16
CA GLN C 923 -36.64 26.76 36.10
C GLN C 923 -36.11 26.61 34.68
N PHE C 924 -37.01 26.56 33.70
CA PHE C 924 -36.57 26.44 32.30
C PHE C 924 -35.77 27.66 31.88
N ASN C 925 -36.23 28.85 32.26
CA ASN C 925 -35.50 30.08 31.90
C ASN C 925 -34.11 30.08 32.51
N SER C 926 -33.98 29.70 33.79
CA SER C 926 -32.68 29.67 34.42
C SER C 926 -31.77 28.63 33.77
N ALA C 927 -32.32 27.46 33.44
CA ALA C 927 -31.53 26.42 32.81
C ALA C 927 -31.03 26.86 31.43
N ILE C 928 -31.87 27.52 30.66
CA ILE C 928 -31.45 28.03 29.36
C ILE C 928 -30.39 29.11 29.51
N GLY C 929 -30.58 30.01 30.49
CA GLY C 929 -29.59 31.06 30.70
C GLY C 929 -28.24 30.51 31.10
N LYS C 930 -28.21 29.42 31.87
CA LYS C 930 -26.94 28.83 32.27
C LYS C 930 -26.17 28.24 31.09
N ILE C 931 -26.85 27.86 30.02
CA ILE C 931 -26.18 27.29 28.86
C ILE C 931 -25.27 28.32 28.20
N GLN C 932 -25.72 29.58 28.14
CA GLN C 932 -24.88 30.63 27.57
C GLN C 932 -23.60 30.81 28.37
N ASP C 933 -23.70 30.80 29.69
CA ASP C 933 -22.51 30.92 30.53
C ASP C 933 -21.59 29.72 30.35
N SER C 934 -22.17 28.52 30.23
CA SER C 934 -21.36 27.33 30.01
C SER C 934 -20.61 27.39 28.69
N LEU C 935 -21.28 27.85 27.63
CA LEU C 935 -20.65 27.86 26.31
C LEU C 935 -19.63 28.98 26.18
N SER C 936 -19.93 30.15 26.74
CA SER C 936 -19.05 31.31 26.60
C SER C 936 -17.74 31.16 27.37
N SER C 937 -17.63 30.17 28.26
CA SER C 937 -16.41 29.98 29.01
C SER C 937 -15.29 29.46 28.10
N THR C 938 -14.05 29.63 28.59
CA THR C 938 -12.89 29.17 27.81
C THR C 938 -12.87 27.66 27.69
N ALA C 939 -13.50 26.95 28.63
CA ALA C 939 -13.53 25.49 28.59
C ALA C 939 -14.49 25.02 27.50
N SER C 940 -13.97 24.85 26.29
CA SER C 940 -14.80 24.45 25.16
C SER C 940 -14.99 22.95 25.14
N ALA C 941 -16.25 22.51 25.04
CA ALA C 941 -16.59 21.11 24.93
C ALA C 941 -16.76 20.66 23.49
N LEU C 942 -16.49 21.52 22.52
CA LEU C 942 -16.68 21.21 21.11
C LEU C 942 -15.41 20.59 20.50
N GLY C 943 -14.90 19.53 21.14
CA GLY C 943 -13.71 18.88 20.63
C GLY C 943 -13.99 17.92 19.49
N LYS C 944 -15.21 17.39 19.42
CA LYS C 944 -15.54 16.45 18.34
C LYS C 944 -15.48 17.13 16.99
N LEU C 945 -15.97 18.36 16.89
CA LEU C 945 -15.92 19.08 15.63
C LEU C 945 -14.49 19.49 15.29
N GLN C 946 -13.67 19.79 16.29
CA GLN C 946 -12.30 20.21 16.02
C GLN C 946 -11.42 19.03 15.61
N ASP C 947 -11.74 17.83 16.10
CA ASP C 947 -10.92 16.66 15.79
C ASP C 947 -10.92 16.36 14.30
N VAL C 948 -12.08 16.46 13.64
CA VAL C 948 -12.16 16.18 12.22
C VAL C 948 -11.31 17.16 11.43
N VAL C 949 -11.41 18.44 11.76
CA VAL C 949 -10.63 19.47 11.07
C VAL C 949 -9.14 19.23 11.28
N ASN C 950 -8.75 18.90 12.51
CA ASN C 950 -7.34 18.64 12.79
C ASN C 950 -6.83 17.45 12.00
N HIS C 951 -7.63 16.38 11.93
CA HIS C 951 -7.22 15.18 11.19
C HIS C 951 -7.05 15.49 9.71
N ASN C 952 -8.01 16.21 9.12
CA ASN C 952 -7.90 16.55 7.70
C ASN C 952 -6.69 17.44 7.43
N ALA C 953 -6.46 18.43 8.30
CA ALA C 953 -5.31 19.31 8.11
C ALA C 953 -4.01 18.55 8.23
N GLN C 954 -3.91 17.64 9.19
CA GLN C 954 -2.69 16.85 9.35
C GLN C 954 -2.45 15.95 8.16
N ALA C 955 -3.51 15.32 7.64
CA ALA C 955 -3.36 14.48 6.47
C ALA C 955 -2.89 15.27 5.26
N LEU C 956 -3.48 16.45 5.03
CA LEU C 956 -3.05 17.28 3.91
C LEU C 956 -1.60 17.74 4.10
N ASN C 957 -1.23 18.11 5.33
CA ASN C 957 0.13 18.56 5.58
C ASN C 957 1.15 17.46 5.32
N THR C 958 0.86 16.23 5.77
CA THR C 958 1.81 15.15 5.53
C THR C 958 1.84 14.76 4.06
N LEU C 959 0.72 14.87 3.35
CA LEU C 959 0.73 14.62 1.91
C LEU C 959 1.60 15.63 1.18
N VAL C 960 1.50 16.91 1.57
CA VAL C 960 2.35 17.93 0.96
C VAL C 960 3.82 17.70 1.30
N LYS C 961 4.11 17.39 2.56
CA LYS C 961 5.49 17.21 2.99
C LYS C 961 6.13 15.96 2.36
N GLN C 962 5.31 14.98 1.97
CA GLN C 962 5.84 13.76 1.36
C GLN C 962 6.50 14.01 0.00
N LEU C 963 6.29 15.18 -0.60
CA LEU C 963 6.87 15.46 -1.91
C LEU C 963 8.39 15.59 -1.85
N SER C 964 8.92 16.05 -0.72
CA SER C 964 10.36 16.30 -0.59
C SER C 964 11.17 15.03 -0.39
N SER C 965 10.52 13.89 -0.18
CA SER C 965 11.26 12.64 0.03
C SER C 965 11.98 12.23 -1.25
N LYS C 966 13.23 11.79 -1.10
CA LYS C 966 14.04 11.41 -2.26
C LYS C 966 13.63 10.06 -2.83
N PHE C 967 13.03 9.20 -2.01
CA PHE C 967 12.64 7.85 -2.41
C PHE C 967 13.83 7.04 -2.93
N GLY C 968 15.02 7.34 -2.44
CA GLY C 968 16.23 6.66 -2.86
C GLY C 968 16.81 7.14 -4.17
N ALA C 969 16.23 8.15 -4.79
CA ALA C 969 16.73 8.66 -6.06
C ALA C 969 17.92 9.58 -5.82
N ILE C 970 18.53 10.04 -6.91
CA ILE C 970 19.69 10.92 -6.80
C ILE C 970 19.28 12.29 -6.27
N SER C 971 18.20 12.84 -6.79
CA SER C 971 17.74 14.16 -6.37
C SER C 971 16.21 14.19 -6.38
N SER C 972 15.66 15.10 -5.58
CA SER C 972 14.22 15.26 -5.45
C SER C 972 13.63 16.31 -6.38
N VAL C 973 14.47 16.97 -7.19
CA VAL C 973 14.01 18.02 -8.09
C VAL C 973 14.01 17.48 -9.52
N LEU C 974 12.88 17.66 -10.21
CA LEU C 974 12.75 17.14 -11.57
C LEU C 974 13.74 17.79 -12.53
N ASN C 975 13.90 19.12 -12.44
CA ASN C 975 14.80 19.81 -13.36
C ASN C 975 16.24 19.37 -13.15
N ASP C 976 16.68 19.27 -11.90
CA ASP C 976 18.06 18.86 -11.63
C ASP C 976 18.31 17.41 -12.04
N ILE C 977 17.37 16.51 -11.76
CA ILE C 977 17.54 15.11 -12.13
C ILE C 977 17.49 14.95 -13.64
N PHE C 978 16.75 15.82 -14.33
CA PHE C 978 16.69 15.75 -15.79
C PHE C 978 17.98 16.28 -16.42
N SER C 979 18.50 17.39 -15.90
CA SER C 979 19.69 18.00 -16.48
C SER C 979 20.97 17.27 -16.11
N ARG C 980 20.99 16.58 -14.96
CA ARG C 980 22.21 15.99 -14.43
C ARG C 980 22.29 14.48 -14.68
N LEU C 981 21.46 13.95 -15.57
CA LEU C 981 21.45 12.52 -15.83
C LEU C 981 21.21 12.27 -17.32
N ASP C 982 21.71 11.13 -17.79
CA ASP C 982 21.50 10.70 -19.15
C ASP C 982 20.18 9.96 -19.29
N PRO C 983 19.63 9.88 -20.51
CA PRO C 983 18.35 9.20 -20.72
C PRO C 983 18.35 7.74 -20.26
N PRO C 984 19.45 6.98 -20.42
CA PRO C 984 19.39 5.56 -20.03
C PRO C 984 18.94 5.30 -18.60
N GLU C 985 19.37 6.11 -17.63
CA GLU C 985 18.98 5.91 -16.24
C GLU C 985 17.97 6.92 -15.72
N ALA C 986 17.79 8.04 -16.42
CA ALA C 986 16.78 9.01 -16.00
C ALA C 986 15.39 8.40 -15.99
N GLU C 987 15.13 7.44 -16.90
CA GLU C 987 13.82 6.80 -16.93
C GLU C 987 13.52 6.09 -15.61
N VAL C 988 14.44 5.23 -15.15
CA VAL C 988 14.20 4.52 -13.90
C VAL C 988 14.24 5.47 -12.71
N GLN C 989 15.08 6.51 -12.78
CA GLN C 989 15.12 7.49 -11.69
C GLN C 989 13.78 8.19 -11.54
N ILE C 990 13.15 8.58 -12.66
CA ILE C 990 11.82 9.19 -12.59
C ILE C 990 10.78 8.16 -12.18
N ASP C 991 10.94 6.90 -12.62
CA ASP C 991 9.96 5.87 -12.30
C ASP C 991 9.91 5.61 -10.80
N ARG C 992 11.05 5.65 -10.12
CA ARG C 992 11.05 5.45 -8.68
C ARG C 992 10.22 6.52 -7.97
N LEU C 993 10.43 7.79 -8.34
CA LEU C 993 9.66 8.88 -7.74
C LEU C 993 8.18 8.74 -8.09
N ILE C 994 7.87 8.34 -9.31
CA ILE C 994 6.48 8.17 -9.73
C ILE C 994 5.81 7.11 -8.87
N THR C 995 6.49 5.98 -8.67
CA THR C 995 5.93 4.91 -7.84
C THR C 995 5.71 5.38 -6.41
N GLY C 996 6.68 6.10 -5.85
CA GLY C 996 6.51 6.61 -4.49
C GLY C 996 5.32 7.54 -4.36
N ARG C 997 5.17 8.46 -5.32
CA ARG C 997 4.07 9.42 -5.24
C ARG C 997 2.72 8.74 -5.45
N LEU C 998 2.67 7.74 -6.34
CA LEU C 998 1.44 6.98 -6.51
C LEU C 998 1.08 6.23 -5.23
N GLN C 999 2.07 5.65 -4.55
CA GLN C 999 1.79 4.98 -3.28
C GLN C 999 1.26 5.97 -2.26
N SER C 1000 1.84 7.17 -2.20
CA SER C 1000 1.37 8.18 -1.26
C SER C 1000 -0.08 8.56 -1.55
N LEU C 1001 -0.41 8.77 -2.83
CA LEU C 1001 -1.77 9.14 -3.19
C LEU C 1001 -2.75 8.01 -2.86
N GLN C 1002 -2.36 6.75 -3.14
CA GLN C 1002 -3.22 5.63 -2.83
C GLN C 1002 -3.50 5.54 -1.34
N THR C 1003 -2.46 5.73 -0.52
CA THR C 1003 -2.66 5.72 0.92
C THR C 1003 -3.64 6.81 1.34
N TYR C 1004 -3.39 8.05 0.89
CA TYR C 1004 -4.25 9.18 1.25
C TYR C 1004 -5.70 8.89 0.91
N VAL C 1005 -5.95 8.33 -0.28
CA VAL C 1005 -7.31 7.98 -0.65
C VAL C 1005 -7.88 6.92 0.30
N THR C 1006 -7.05 5.97 0.71
CA THR C 1006 -7.53 4.91 1.60
C THR C 1006 -7.99 5.47 2.95
N GLN C 1007 -7.15 6.27 3.61
CA GLN C 1007 -7.62 6.85 4.88
C GLN C 1007 -8.75 7.84 4.68
N GLN C 1008 -8.83 8.53 3.54
CA GLN C 1008 -9.97 9.39 3.30
C GLN C 1008 -11.28 8.59 3.26
N LEU C 1009 -11.26 7.44 2.57
CA LEU C 1009 -12.45 6.59 2.54
C LEU C 1009 -12.79 6.06 3.93
N ILE C 1010 -11.77 5.65 4.69
CA ILE C 1010 -12.00 5.12 6.03
C ILE C 1010 -12.64 6.18 6.92
N ARG C 1011 -12.15 7.42 6.85
CA ARG C 1011 -12.75 8.49 7.64
C ARG C 1011 -14.17 8.82 7.17
N ALA C 1012 -14.40 8.76 5.86
CA ALA C 1012 -15.72 9.05 5.33
C ALA C 1012 -16.75 8.06 5.83
N ALA C 1013 -16.36 6.79 6.00
CA ALA C 1013 -17.29 5.80 6.52
C ALA C 1013 -17.79 6.19 7.91
N GLU C 1014 -16.87 6.57 8.81
CA GLU C 1014 -17.25 6.97 10.15
C GLU C 1014 -18.09 8.25 10.13
N ILE C 1015 -17.74 9.20 9.25
CA ILE C 1015 -18.52 10.42 9.17
C ILE C 1015 -19.95 10.12 8.73
N ARG C 1016 -20.10 9.20 7.77
CA ARG C 1016 -21.45 8.82 7.32
C ARG C 1016 -22.23 8.15 8.45
N ALA C 1017 -21.58 7.29 9.22
CA ALA C 1017 -22.26 6.66 10.35
C ALA C 1017 -22.73 7.70 11.37
N SER C 1018 -21.87 8.67 11.67
CA SER C 1018 -22.25 9.72 12.62
C SER C 1018 -23.39 10.56 12.07
N ALA C 1019 -23.38 10.84 10.75
CA ALA C 1019 -24.46 11.60 10.15
C ALA C 1019 -25.79 10.84 10.23
N ASN C 1020 -25.75 9.53 10.00
CA ASN C 1020 -26.97 8.73 10.12
C ASN C 1020 -27.50 8.75 11.54
N LEU C 1021 -26.60 8.63 12.53
CA LEU C 1021 -27.04 8.69 13.92
C LEU C 1021 -27.65 10.05 14.24
N ALA C 1022 -27.03 11.14 13.76
CA ALA C 1022 -27.57 12.46 14.01
C ALA C 1022 -28.93 12.65 13.38
N ALA C 1023 -29.12 12.14 12.16
CA ALA C 1023 -30.43 12.24 11.51
C ALA C 1023 -31.49 11.49 12.29
N THR C 1024 -31.16 10.28 12.76
CA THR C 1024 -32.11 9.51 13.56
C THR C 1024 -32.46 10.24 14.85
N LYS C 1025 -31.44 10.81 15.52
CA LYS C 1025 -31.69 11.53 16.75
C LYS C 1025 -32.58 12.75 16.52
N MET C 1026 -32.33 13.48 15.43
CA MET C 1026 -33.19 14.62 15.10
C MET C 1026 -34.62 14.16 14.89
N SER C 1027 -34.82 13.15 14.06
CA SER C 1027 -36.18 12.72 13.73
C SER C 1027 -36.91 12.14 14.92
N GLU C 1028 -36.18 11.57 15.90
CA GLU C 1028 -36.85 10.92 17.02
C GLU C 1028 -36.97 11.80 18.27
N CYS C 1029 -36.17 12.85 18.40
CA CYS C 1029 -36.27 13.73 19.56
C CYS C 1029 -36.96 15.05 19.23
N VAL C 1030 -36.74 15.62 18.05
CA VAL C 1030 -37.29 16.94 17.72
C VAL C 1030 -38.73 16.83 17.24
N LEU C 1031 -39.01 15.87 16.35
CA LEU C 1031 -40.33 15.73 15.77
C LEU C 1031 -41.29 14.95 16.65
N GLY C 1032 -40.84 14.45 17.79
CA GLY C 1032 -41.72 13.68 18.65
C GLY C 1032 -41.12 13.52 20.03
N GLN C 1033 -41.76 12.65 20.82
CA GLN C 1033 -41.32 12.34 22.17
C GLN C 1033 -40.84 10.90 22.20
N SER C 1034 -39.65 10.69 22.77
CA SER C 1034 -38.99 9.39 22.74
C SER C 1034 -39.07 8.73 24.11
N LYS C 1035 -39.45 7.45 24.13
CA LYS C 1035 -39.49 6.65 25.35
C LYS C 1035 -38.22 5.85 25.57
N ARG C 1036 -37.27 5.92 24.65
CA ARG C 1036 -36.02 5.17 24.81
C ARG C 1036 -35.15 5.83 25.87
N VAL C 1037 -34.61 5.02 26.77
CA VAL C 1037 -33.86 5.52 27.91
C VAL C 1037 -32.48 5.99 27.46
N ASP C 1038 -32.08 7.17 27.93
CA ASP C 1038 -30.75 7.73 27.68
C ASP C 1038 -30.49 7.92 26.18
N PHE C 1039 -31.53 8.16 25.41
CA PHE C 1039 -31.39 8.47 23.99
C PHE C 1039 -31.47 9.97 23.71
N CYS C 1040 -32.58 10.60 24.09
CA CYS C 1040 -32.75 12.04 23.96
C CYS C 1040 -32.54 12.64 25.34
N GLY C 1041 -31.28 12.86 25.71
CA GLY C 1041 -30.96 13.43 27.00
C GLY C 1041 -30.92 12.39 28.11
N LYS C 1042 -30.71 12.88 29.32
CA LYS C 1042 -30.63 12.05 30.53
C LYS C 1042 -31.84 12.35 31.39
N GLY C 1043 -32.64 11.31 31.67
CA GLY C 1043 -33.87 11.45 32.44
C GLY C 1043 -35.08 11.10 31.61
N TYR C 1044 -36.19 11.78 31.89
CA TYR C 1044 -37.44 11.61 31.16
C TYR C 1044 -37.54 12.70 30.10
N HIS C 1045 -37.53 12.30 28.84
CA HIS C 1045 -37.48 13.28 27.75
C HIS C 1045 -38.81 14.01 27.62
N LEU C 1046 -38.72 15.32 27.37
CA LEU C 1046 -39.88 16.15 27.11
C LEU C 1046 -39.87 16.72 25.69
N MET C 1047 -38.79 17.41 25.30
CA MET C 1047 -38.66 17.96 23.96
C MET C 1047 -37.22 18.39 23.76
N SER C 1048 -36.87 18.67 22.50
CA SER C 1048 -35.52 19.06 22.14
C SER C 1048 -35.56 20.17 21.11
N PHE C 1049 -34.46 20.93 21.04
CA PHE C 1049 -34.32 22.01 20.09
C PHE C 1049 -33.00 21.84 19.33
N PRO C 1050 -33.00 21.96 18.01
CA PRO C 1050 -31.75 21.85 17.25
C PRO C 1050 -31.08 23.20 17.02
N GLN C 1051 -29.75 23.16 16.94
CA GLN C 1051 -28.95 24.33 16.65
C GLN C 1051 -27.87 23.96 15.63
N SER C 1052 -27.53 24.90 14.77
CA SER C 1052 -26.57 24.68 13.71
C SER C 1052 -25.16 25.00 14.19
N ALA C 1053 -24.22 24.14 13.83
CA ALA C 1053 -22.81 24.27 14.16
C ALA C 1053 -21.97 23.99 12.93
N PRO C 1054 -20.75 24.53 12.87
CA PRO C 1054 -19.90 24.27 11.71
C PRO C 1054 -19.58 22.78 11.58
N HIS C 1055 -20.03 22.20 10.46
CA HIS C 1055 -19.84 20.78 10.19
C HIS C 1055 -20.43 19.90 11.30
N GLY C 1056 -21.58 20.30 11.82
CA GLY C 1056 -22.19 19.54 12.89
C GLY C 1056 -23.54 20.11 13.26
N VAL C 1057 -24.10 19.56 14.33
CA VAL C 1057 -25.41 19.98 14.84
C VAL C 1057 -25.39 19.82 16.36
N VAL C 1058 -26.12 20.72 17.03
CA VAL C 1058 -26.16 20.75 18.49
C VAL C 1058 -27.61 20.62 18.93
N PHE C 1059 -27.86 19.69 19.85
CA PHE C 1059 -29.18 19.43 20.39
C PHE C 1059 -29.26 19.92 21.83
N LEU C 1060 -30.39 20.54 22.19
CA LEU C 1060 -30.66 20.95 23.56
C LEU C 1060 -31.84 20.11 24.06
N HIS C 1061 -31.56 19.20 25.00
CA HIS C 1061 -32.56 18.26 25.49
C HIS C 1061 -33.16 18.78 26.79
N VAL C 1062 -34.49 18.73 26.89
CA VAL C 1062 -35.21 19.13 28.10
C VAL C 1062 -35.73 17.86 28.76
N THR C 1063 -35.39 17.68 30.03
CA THR C 1063 -35.70 16.45 30.74
C THR C 1063 -36.39 16.77 32.07
N TYR C 1064 -36.95 15.72 32.68
CA TYR C 1064 -37.67 15.81 33.94
C TYR C 1064 -36.96 14.92 34.95
N VAL C 1065 -36.45 15.53 36.02
CA VAL C 1065 -35.67 14.82 37.03
C VAL C 1065 -36.38 14.95 38.37
N PRO C 1066 -36.83 13.86 38.97
CA PRO C 1066 -37.45 13.94 40.31
C PRO C 1066 -36.42 14.26 41.37
N ALA C 1067 -36.92 14.81 42.48
CA ALA C 1067 -36.06 15.21 43.59
C ALA C 1067 -36.88 15.25 44.88
N GLN C 1068 -36.17 15.30 46.00
CA GLN C 1068 -36.77 15.41 47.33
C GLN C 1068 -37.71 14.24 47.62
N GLU C 1069 -37.13 13.05 47.66
CA GLU C 1069 -37.90 11.84 47.93
C GLU C 1069 -38.16 11.69 49.42
N LYS C 1070 -39.22 10.93 49.73
CA LYS C 1070 -39.59 10.62 51.11
C LYS C 1070 -39.93 9.15 51.22
N ASN C 1071 -39.56 8.55 52.34
CA ASN C 1071 -39.81 7.13 52.61
C ASN C 1071 -41.21 6.93 53.17
N PHE C 1072 -41.81 5.79 52.82
CA PHE C 1072 -43.17 5.47 53.22
C PHE C 1072 -43.29 3.98 53.51
N THR C 1073 -44.46 3.58 54.00
CA THR C 1073 -44.80 2.18 54.20
C THR C 1073 -45.85 1.78 53.18
N THR C 1074 -45.66 0.60 52.57
CA THR C 1074 -46.45 0.20 51.41
C THR C 1074 -46.91 -1.24 51.56
N ALA C 1075 -48.00 -1.55 50.88
CA ALA C 1075 -48.59 -2.88 50.84
C ALA C 1075 -49.05 -3.19 49.43
N PRO C 1076 -49.07 -4.47 49.04
CA PRO C 1076 -49.48 -4.82 47.67
C PRO C 1076 -50.97 -4.72 47.43
N ALA C 1077 -51.79 -5.08 48.43
CA ALA C 1077 -53.23 -5.10 48.25
C ALA C 1077 -53.90 -4.85 49.60
N ILE C 1078 -55.19 -4.54 49.55
CA ILE C 1078 -55.98 -4.22 50.73
C ILE C 1078 -57.23 -5.10 50.76
N CYS C 1079 -57.49 -5.72 51.91
CA CYS C 1079 -58.64 -6.58 52.10
C CYS C 1079 -59.72 -5.84 52.88
N HIS C 1080 -60.94 -5.80 52.34
CA HIS C 1080 -62.03 -5.06 52.94
C HIS C 1080 -63.16 -5.98 53.43
N ASP C 1081 -63.73 -6.79 52.55
CA ASP C 1081 -64.86 -7.66 52.87
C ASP C 1081 -64.59 -9.07 52.39
N GLY C 1082 -63.41 -9.60 52.70
CA GLY C 1082 -63.02 -10.87 52.12
C GLY C 1082 -62.66 -10.79 50.66
N LYS C 1083 -62.33 -9.59 50.18
CA LYS C 1083 -61.98 -9.37 48.78
C LYS C 1083 -60.68 -8.58 48.70
N ALA C 1084 -59.91 -8.83 47.66
CA ALA C 1084 -58.64 -8.16 47.46
C ALA C 1084 -58.82 -6.99 46.49
N HIS C 1085 -58.27 -5.84 46.84
CA HIS C 1085 -58.36 -4.63 46.03
C HIS C 1085 -56.98 -4.25 45.55
N PHE C 1086 -56.86 -3.93 44.26
CA PHE C 1086 -55.59 -3.53 43.67
C PHE C 1086 -55.70 -2.14 43.04
N PRO C 1087 -54.64 -1.35 43.08
CA PRO C 1087 -54.71 -0.01 42.51
C PRO C 1087 -54.86 -0.04 41.00
N ARG C 1088 -55.49 1.01 40.47
CA ARG C 1088 -55.67 1.12 39.03
C ARG C 1088 -54.37 1.53 38.34
N GLU C 1089 -53.88 2.73 38.65
CA GLU C 1089 -52.58 3.19 38.15
C GLU C 1089 -51.80 3.89 39.24
N GLY C 1090 -51.83 3.34 40.46
CA GLY C 1090 -51.14 3.97 41.57
C GLY C 1090 -50.48 3.00 42.52
N VAL C 1091 -50.04 3.50 43.68
CA VAL C 1091 -49.42 2.68 44.71
C VAL C 1091 -50.16 2.91 46.01
N PHE C 1092 -49.99 1.98 46.94
CA PHE C 1092 -50.56 2.10 48.28
C PHE C 1092 -49.47 2.57 49.23
N VAL C 1093 -49.71 3.69 49.92
CA VAL C 1093 -48.75 4.27 50.83
C VAL C 1093 -49.42 4.58 52.15
N SER C 1094 -48.60 4.73 53.19
CA SER C 1094 -49.10 5.00 54.53
C SER C 1094 -48.12 5.93 55.24
N ASN C 1095 -48.65 7.00 55.85
CA ASN C 1095 -47.83 7.92 56.61
C ASN C 1095 -47.61 7.46 58.05
N GLY C 1096 -48.19 6.33 58.44
CA GLY C 1096 -47.99 5.79 59.77
C GLY C 1096 -49.28 5.32 60.41
N THR C 1097 -50.38 6.03 60.14
CA THR C 1097 -51.69 5.67 60.67
C THR C 1097 -52.70 5.38 59.59
N HIS C 1098 -52.80 6.23 58.58
CA HIS C 1098 -53.79 6.10 57.52
C HIS C 1098 -53.16 5.54 56.25
N TRP C 1099 -54.02 5.11 55.33
CA TRP C 1099 -53.59 4.57 54.05
C TRP C 1099 -54.16 5.40 52.92
N PHE C 1100 -53.32 5.69 51.93
CA PHE C 1100 -53.71 6.48 50.77
C PHE C 1100 -53.22 5.81 49.50
N VAL C 1101 -53.70 6.30 48.37
CA VAL C 1101 -53.27 5.85 47.05
C VAL C 1101 -52.76 7.04 46.28
N THR C 1102 -51.59 6.89 45.64
CA THR C 1102 -50.96 8.00 44.95
C THR C 1102 -50.22 7.47 43.73
N GLN C 1103 -49.97 8.38 42.78
CA GLN C 1103 -49.19 8.03 41.61
C GLN C 1103 -47.73 7.81 42.00
N ARG C 1104 -47.04 6.99 41.21
CA ARG C 1104 -45.71 6.52 41.58
C ARG C 1104 -44.60 7.51 41.24
N ASN C 1105 -44.90 8.61 40.57
CA ASN C 1105 -43.88 9.58 40.19
C ASN C 1105 -44.05 10.93 40.87
N PHE C 1106 -45.08 11.10 41.69
CA PHE C 1106 -45.31 12.35 42.40
C PHE C 1106 -46.20 12.06 43.60
N TYR C 1107 -45.91 12.70 44.72
CA TYR C 1107 -46.66 12.45 45.94
C TYR C 1107 -47.97 13.23 45.90
N GLU C 1108 -49.09 12.51 45.85
CA GLU C 1108 -50.42 13.11 45.85
C GLU C 1108 -51.40 12.14 46.49
N PRO C 1109 -51.44 12.10 47.82
CA PRO C 1109 -52.30 11.12 48.50
C PRO C 1109 -53.77 11.38 48.25
N GLN C 1110 -54.54 10.29 48.23
CA GLN C 1110 -55.97 10.36 47.99
C GLN C 1110 -56.66 9.27 48.79
N ILE C 1111 -57.96 9.47 49.03
CA ILE C 1111 -58.73 8.49 49.77
C ILE C 1111 -59.03 7.28 48.88
N ILE C 1112 -58.87 6.09 49.44
CA ILE C 1112 -59.08 4.85 48.70
C ILE C 1112 -60.58 4.59 48.60
N THR C 1113 -61.13 4.73 47.41
CA THR C 1113 -62.54 4.50 47.15
C THR C 1113 -62.68 3.35 46.15
N THR C 1114 -63.93 3.07 45.77
CA THR C 1114 -64.18 2.01 44.79
C THR C 1114 -63.81 2.43 43.37
N ASP C 1115 -63.62 3.72 43.12
CA ASP C 1115 -63.21 4.20 41.82
C ASP C 1115 -61.70 4.21 41.64
N ASN C 1116 -60.94 3.93 42.70
CA ASN C 1116 -59.48 3.90 42.62
C ASN C 1116 -58.93 2.49 42.58
N THR C 1117 -59.74 1.47 42.85
CA THR C 1117 -59.28 0.09 42.92
C THR C 1117 -60.25 -0.80 42.14
N PHE C 1118 -59.78 -2.03 41.86
CA PHE C 1118 -60.62 -3.05 41.27
C PHE C 1118 -60.48 -4.34 42.08
N VAL C 1119 -61.55 -5.13 42.07
CA VAL C 1119 -61.66 -6.31 42.93
C VAL C 1119 -61.38 -7.55 42.10
N SER C 1120 -60.55 -8.44 42.65
CA SER C 1120 -60.25 -9.71 41.99
C SER C 1120 -59.74 -10.70 43.03
N GLY C 1121 -60.51 -11.74 43.30
CA GLY C 1121 -60.08 -12.80 44.18
C GLY C 1121 -60.52 -12.62 45.61
N ASN C 1122 -59.86 -13.36 46.50
CA ASN C 1122 -60.11 -13.32 47.93
C ASN C 1122 -58.83 -12.92 48.68
N CYS C 1123 -58.89 -12.99 50.00
CA CYS C 1123 -57.83 -12.48 50.87
C CYS C 1123 -56.96 -13.59 51.45
N ASP C 1124 -56.69 -14.65 50.70
CA ASP C 1124 -55.80 -15.70 51.21
C ASP C 1124 -54.84 -16.21 50.15
N VAL C 1125 -54.61 -15.46 49.08
CA VAL C 1125 -53.66 -15.85 48.04
C VAL C 1125 -52.55 -14.83 47.83
N VAL C 1126 -52.73 -13.58 48.27
CA VAL C 1126 -51.72 -12.55 48.10
C VAL C 1126 -50.88 -12.46 49.37
N ILE C 1127 -49.56 -12.46 49.22
CA ILE C 1127 -48.64 -12.40 50.34
C ILE C 1127 -48.41 -10.94 50.70
N GLY C 1128 -48.82 -10.55 51.90
CA GLY C 1128 -48.64 -9.22 52.39
C GLY C 1128 -49.87 -8.32 52.38
N ILE C 1129 -51.07 -8.88 52.20
CA ILE C 1129 -52.28 -8.07 52.15
C ILE C 1129 -52.55 -7.47 53.53
N VAL C 1130 -53.18 -6.29 53.54
CA VAL C 1130 -53.38 -5.52 54.77
C VAL C 1130 -54.86 -5.20 54.90
N ASN C 1131 -55.41 -5.42 56.09
CA ASN C 1131 -56.81 -5.09 56.35
C ASN C 1131 -57.01 -3.59 56.38
N ASN C 1132 -58.08 -3.12 55.74
CA ASN C 1132 -58.44 -1.71 55.76
C ASN C 1132 -59.90 -1.59 55.30
N THR C 1133 -60.34 -0.37 55.06
CA THR C 1133 -61.70 -0.09 54.61
C THR C 1133 -61.66 0.68 53.29
N VAL C 1134 -62.66 0.44 52.45
CA VAL C 1134 -62.81 1.10 51.17
C VAL C 1134 -64.10 1.88 51.18
N TYR C 1135 -64.02 3.19 50.96
CA TYR C 1135 -65.19 4.06 51.04
C TYR C 1135 -66.00 3.99 49.75
N ASP C 1136 -67.32 3.90 49.90
CA ASP C 1136 -68.23 3.89 48.77
C ASP C 1136 -68.74 5.30 48.52
N PRO C 1137 -68.45 5.92 47.38
CA PRO C 1137 -68.82 7.32 47.18
C PRO C 1137 -70.25 7.51 46.67
N LEU C 1138 -71.08 6.49 46.75
CA LEU C 1138 -72.43 6.56 46.21
C LEU C 1138 -73.52 6.39 47.26
N GLN C 1139 -73.41 5.40 48.13
CA GLN C 1139 -74.47 5.07 49.07
C GLN C 1139 -74.70 6.08 50.20
N PRO C 1140 -73.66 6.66 50.84
CA PRO C 1140 -73.94 7.40 52.08
C PRO C 1140 -74.64 8.73 51.86
N GLU C 1141 -74.23 9.49 50.84
CA GLU C 1141 -74.84 10.79 50.60
C GLU C 1141 -75.99 10.72 49.61
N LEU C 1142 -75.84 9.97 48.53
CA LEU C 1142 -76.87 9.86 47.50
C LEU C 1142 -77.77 8.65 47.79
N ASP C 1143 -78.39 8.68 48.96
CA ASP C 1143 -79.26 7.60 49.41
C ASP C 1143 -80.74 7.90 49.17
N SER C 1144 -81.05 8.96 48.44
CA SER C 1144 -82.44 9.33 48.17
C SER C 1144 -83.11 8.28 47.27
C1 NAG D . 1.75 0.68 -69.28
C2 NAG D . 1.70 -0.45 -70.29
C3 NAG D . 2.92 -0.38 -71.20
C4 NAG D . 4.21 -0.43 -70.40
C5 NAG D . 4.23 0.52 -69.20
C6 NAG D . 4.63 1.94 -69.56
C7 NAG D . 0.79 -2.71 -69.98
C8 NAG D . -0.11 -2.41 -71.13
N2 NAG D . 1.64 -1.74 -69.61
O3 NAG D . 2.87 0.81 -71.97
O4 NAG D . 4.47 -1.76 -69.96
O5 NAG D . 2.97 0.59 -68.50
O6 NAG D . 5.53 2.48 -68.60
O7 NAG D . 0.76 -3.79 -69.40
C1 NAG D . 5.77 -2.14 -70.47
C2 NAG D . 6.51 -2.93 -69.39
C3 NAG D . 5.84 -4.28 -69.17
C4 NAG D . 5.75 -5.08 -70.46
C5 NAG D . 5.17 -4.27 -71.62
C6 NAG D . 3.66 -4.17 -71.58
C7 NAG D . 8.82 -2.14 -69.53
C8 NAG D . 10.23 -2.48 -69.93
N2 NAG D . 7.91 -3.10 -69.72
O3 NAG D . 4.54 -4.10 -68.61
O4 NAG D . 7.05 -5.55 -70.83
O5 NAG D . 5.69 -2.93 -71.70
O6 NAG D . 3.08 -5.23 -70.84
O7 NAG D . 8.53 -1.04 -69.06
C1 BMA D . 7.00 -6.99 -70.91
C2 BMA D . 7.41 -7.42 -72.33
C3 BMA D . 8.88 -7.09 -72.59
C4 BMA D . 9.83 -7.62 -71.49
C5 BMA D . 9.30 -7.41 -70.03
C6 BMA D . 9.71 -6.08 -69.39
O2 BMA D . 6.66 -6.71 -73.30
O3 BMA D . 9.08 -5.68 -72.80
O4 BMA D . 10.12 -9.00 -71.71
O5 BMA D . 7.85 -7.61 -69.90
O6 BMA D . 11.11 -5.95 -69.52
C1 MAN D . 10.43 -5.46 -73.28
C2 MAN D . 10.67 -3.92 -73.30
C3 MAN D . 9.96 -3.27 -74.48
C4 MAN D . 10.30 -3.99 -75.78
C5 MAN D . 9.90 -5.46 -75.66
C6 MAN D . 10.24 -6.26 -76.90
O2 MAN D . 12.06 -3.61 -73.48
O3 MAN D . 10.26 -1.88 -74.59
O4 MAN D . 9.60 -3.40 -76.86
O5 MAN D . 10.63 -6.06 -74.56
O6 MAN D . 11.65 -6.41 -76.98
C1 NAG E . 23.86 10.10 -62.09
C2 NAG E . 24.76 11.34 -62.24
C3 NAG E . 26.19 11.00 -61.83
C4 NAG E . 26.23 10.38 -60.44
C5 NAG E . 25.26 9.20 -60.37
C6 NAG E . 25.15 8.60 -58.99
C7 NAG E . 25.08 11.19 -64.69
C8 NAG E . 24.95 11.93 -65.99
N2 NAG E . 24.71 11.88 -63.60
O3 NAG E . 26.97 12.20 -61.87
O4 NAG E . 27.52 9.91 -60.13
O5 NAG E . 23.93 9.62 -60.75
O6 NAG E . 25.29 7.19 -59.02
O7 NAG E . 25.49 10.04 -64.63
C1 NAG E . 28.32 10.90 -59.44
C2 NAG E . 28.52 10.50 -57.98
C3 NAG E . 29.46 11.49 -57.28
C4 NAG E . 30.75 11.66 -58.07
C5 NAG E . 30.44 12.04 -59.51
C6 NAG E . 31.67 12.12 -60.38
C7 NAG E . 26.41 11.40 -57.07
C8 NAG E . 25.16 11.07 -56.31
N2 NAG E . 27.27 10.39 -57.26
O3 NAG E . 29.74 11.03 -55.97
O4 NAG E . 31.56 12.67 -57.48
O5 NAG E . 29.59 11.05 -60.10
O6 NAG E . 32.66 11.17 -59.98
O7 NAG E . 26.62 12.54 -57.50
C1 NAG F . 7.21 24.38 -70.67
C2 NAG F . 7.26 23.01 -71.33
C3 NAG F . 6.47 23.03 -72.65
C4 NAG F . 6.49 24.41 -73.29
C5 NAG F . 5.97 25.49 -72.34
C6 NAG F . 4.55 25.90 -72.64
C7 NAG F . 8.98 21.35 -71.89
C8 NAG F . 10.45 21.10 -72.08
N2 NAG F . 8.63 22.59 -71.55
O3 NAG F . 5.14 22.61 -72.41
O4 NAG F . 7.81 24.71 -73.76
O5 NAG F . 5.99 25.02 -70.99
O6 NAG F . 3.64 24.82 -72.44
O7 NAG F . 8.15 20.46 -72.02
C1 NAG F . 8.16 26.11 -73.73
C2 NAG F . 9.68 26.23 -74.00
C3 NAG F . 10.13 27.70 -74.02
C4 NAG F . 9.23 28.52 -74.93
C5 NAG F . 7.75 28.28 -74.65
C6 NAG F . 6.83 28.96 -75.63
C7 NAG F . 10.68 25.51 -71.77
C8 NAG F . 9.93 26.61 -71.04
N2 NAG F . 10.50 25.41 -73.11
O3 NAG F . 11.47 27.78 -74.46
O4 NAG F . 9.53 29.93 -74.91
O5 NAG F . 7.45 26.88 -74.70
O6 NAG F . 7.32 28.84 -76.97
O7 NAG F . 11.41 24.73 -71.16
C1 BMA F . 10.01 30.69 -73.74
C2 BMA F . 8.94 30.78 -72.56
C3 BMA F . 9.49 31.68 -71.47
C4 BMA F . 10.87 31.18 -71.00
C5 BMA F . 11.85 31.10 -72.19
C6 BMA F . 13.22 30.56 -71.80
O2 BMA F . 8.70 29.54 -71.94
O3 BMA F . 8.60 31.76 -70.36
O4 BMA F . 11.40 32.08 -70.02
O5 BMA F . 11.29 30.22 -73.19
O6 BMA F . 13.06 29.21 -71.36
C1 NAG G . -22.51 -8.62 -41.08
C2 NAG G . -23.64 -7.76 -41.63
C3 NAG G . -24.92 -8.58 -41.75
C4 NAG G . -24.68 -9.86 -42.54
C5 NAG G . -23.47 -10.62 -41.98
C6 NAG G . -23.07 -11.81 -42.82
C7 NAG G . -24.20 -6.59 -39.52
C8 NAG G . -24.38 -5.25 -38.87
N2 NAG G . -23.85 -6.58 -40.82
O3 NAG G . -25.92 -7.80 -42.40
O4 NAG G . -25.82 -10.70 -42.46
O5 NAG G . -22.33 -9.76 -41.92
O6 NAG G . -22.79 -11.43 -44.16
O7 NAG G . -24.38 -7.64 -38.91
C1 NAG G . -26.46 -10.81 -43.75
C2 NAG G . -27.04 -12.21 -43.87
C3 NAG G . -27.78 -12.36 -45.19
C4 NAG G . -28.82 -11.26 -45.35
C5 NAG G . -28.16 -9.89 -45.17
C6 NAG G . -29.15 -8.76 -45.20
C7 NAG G . -25.94 -14.08 -42.71
C8 NAG G . -24.81 -15.06 -42.74
N2 NAG G . -26.01 -13.23 -43.73
O3 NAG G . -28.41 -13.64 -45.24
O4 NAG G . -29.41 -11.33 -46.65
O5 NAG G . -27.50 -9.84 -43.90
O6 NAG G . -29.90 -8.69 -43.99
O7 NAG G . -26.77 -14.07 -41.80
C1 BMA G . -30.75 -11.83 -46.54
C2 BMA G . -31.52 -11.48 -47.83
C3 BMA G . -32.89 -12.15 -47.83
C4 BMA G . -32.80 -13.65 -47.47
C5 BMA G . -32.05 -13.81 -46.14
C6 BMA G . -31.89 -15.26 -45.73
O2 BMA G . -30.83 -11.97 -48.97
O3 BMA G . -33.55 -11.99 -49.08
O4 BMA G . -34.10 -14.20 -47.35
O5 BMA G . -30.75 -13.24 -46.30
O6 BMA G . -31.31 -15.29 -44.43
C1 NAG H . -52.98 36.62 25.40
C2 NAG H . -52.34 36.31 26.77
C3 NAG H . -51.41 37.44 27.19
C4 NAG H . -50.38 37.72 26.10
C5 NAG H . -51.11 38.00 24.79
C6 NAG H . -50.17 38.22 23.62
C7 NAG H . -54.28 36.94 28.17
C8 NAG H . -55.23 36.48 29.24
N2 NAG H . -53.35 36.05 27.78
O3 NAG H . -50.73 37.07 28.40
O4 NAG H . -49.53 38.80 26.45
O5 NAG H . -51.95 36.90 24.44
O6 NAG H . -50.40 37.27 22.59
O7 NAG H . -54.35 38.07 27.68
C1 NAG H . -50.26 39.97 26.84
C2 NAG H . -49.59 40.55 28.09
C3 NAG H . -50.30 41.83 28.52
C4 NAG H . -50.38 42.82 27.36
C5 NAG H . -51.02 42.15 26.15
C6 NAG H . -51.02 43.03 24.91
C7 NAG H . -48.53 39.42 29.98
C8 NAG H . -48.68 38.39 31.05
N2 NAG H . -49.58 39.60 29.17
O3 NAG H . -49.59 42.42 29.60
O4 NAG H . -51.15 43.96 27.73
O5 NAG H . -50.29 40.96 25.80
O6 NAG H . -50.17 44.16 25.08
O7 NAG H . -47.50 40.08 29.86
C1 NAG I . -67.09 32.46 37.04
C2 NAG I . -66.63 33.88 36.67
C3 NAG I . -66.14 34.62 37.92
C4 NAG I . -67.21 34.59 39.01
C5 NAG I . -67.62 33.15 39.28
C6 NAG I . -68.74 33.02 40.28
C7 NAG I . -64.41 33.30 35.76
C8 NAG I . -63.51 33.41 34.56
N2 NAG I . -65.62 33.88 35.64
O3 NAG I . -65.82 35.96 37.56
O4 NAG I . -66.74 35.16 40.22
O5 NAG I . -68.08 32.53 38.07
O6 NAG I . -69.63 31.95 39.96
O7 NAG I . -64.06 32.72 36.79
C1 NAG I . -66.99 36.58 40.29
C2 NAG I . -68.23 36.88 41.13
C3 NAG I . -68.43 38.39 41.26
C4 NAG I . -67.16 39.06 41.78
C5 NAG I . -65.96 38.67 40.92
C6 NAG I . -64.66 39.19 41.45
C7 NAG I . -70.47 35.88 41.30
C8 NAG I . -71.60 35.25 40.55
N2 NAG I . -69.42 36.26 40.57
O3 NAG I . -69.53 38.65 42.12
O4 NAG I . -67.31 40.48 41.73
O5 NAG I . -65.85 37.24 40.86
O6 NAG I . -64.50 40.58 41.18
O7 NAG I . -70.49 36.02 42.53
C1 BMA I . -67.69 41.00 43.03
C2 BMA I . -66.42 41.22 43.88
C3 BMA I . -66.79 41.92 45.19
C4 BMA I . -67.66 43.16 44.94
C5 BMA I . -68.88 42.77 44.11
C6 BMA I . -69.78 43.95 43.78
O2 BMA I . -65.51 42.07 43.20
O3 BMA I . -65.64 42.28 45.94
O4 BMA I . -68.08 43.72 46.18
O5 BMA I . -68.43 42.21 42.87
O6 BMA I . -69.98 44.71 44.97
C1 NAG J . -72.90 24.30 18.53
C2 NAG J . -73.92 24.94 17.58
C3 NAG J . -75.30 24.93 18.21
C4 NAG J . -75.68 23.53 18.67
C5 NAG J . -74.59 22.96 19.58
C6 NAG J . -74.84 21.52 19.97
C7 NAG J . -72.96 26.57 16.03
C8 NAG J . -72.62 28.02 15.82
N2 NAG J . -73.53 26.28 17.21
O3 NAG J . -76.25 25.40 17.26
O4 NAG J . -76.91 23.57 19.39
O5 NAG J . -73.33 23.00 18.90
O6 NAG J . -75.92 21.42 20.89
O7 NAG J . -72.74 25.73 15.18
C1 NAG J . -77.91 22.84 18.65
C2 NAG J . -79.22 22.85 19.45
C3 NAG J . -80.31 22.11 18.69
C4 NAG J . -80.45 22.68 17.28
C5 NAG J . -79.10 22.69 16.57
C6 NAG J . -79.14 23.37 15.22
C7 NAG J . -78.98 22.99 21.89
C8 NAG J . -78.79 22.21 23.16
N2 NAG J . -79.02 22.26 20.77
O3 NAG J . -81.54 22.24 19.39
O4 NAG J . -81.37 21.91 16.53
O5 NAG J . -78.14 23.41 17.36
O6 NAG J . -79.97 24.52 15.24
O7 NAG J . -79.11 24.20 21.88
C1 BMA J . -82.57 22.67 16.31
C2 BMA J . -83.18 22.23 14.95
C3 BMA J . -84.54 22.90 14.74
C4 BMA J . -85.44 22.74 15.97
C5 BMA J . -84.72 23.23 17.23
C6 BMA J . -85.53 23.05 18.50
O2 BMA J . -83.40 20.83 14.93
O3 BMA J . -85.18 22.40 13.58
O4 BMA J . -86.64 23.48 15.80
O5 BMA J . -83.50 22.47 17.36
O6 BMA J . -85.55 21.67 18.82
C1 NAG K . -63.39 11.87 4.09
C2 NAG K . -64.83 12.31 3.84
C3 NAG K . -65.51 11.35 2.85
C4 NAG K . -64.68 11.22 1.58
C5 NAG K . -63.25 10.81 1.94
C6 NAG K . -62.33 10.75 0.74
C7 NAG K . -66.19 13.49 5.51
C8 NAG K . -66.92 13.38 6.81
N2 NAG K . -65.58 12.38 5.08
O3 NAG K . -66.80 11.84 2.53
O4 NAG K . -65.26 10.23 0.73
O5 NAG K . -62.69 11.77 2.85
O6 NAG K . -61.03 10.32 1.12
O7 NAG K . -66.14 14.54 4.87
C1 NAG K . -65.59 10.85 -0.54
C2 NAG K . -65.58 9.75 -1.61
C3 NAG K . -65.94 10.36 -2.96
C4 NAG K . -67.25 11.12 -2.89
C5 NAG K . -67.21 12.14 -1.75
C6 NAG K . -68.54 12.83 -1.52
C7 NAG K . -64.14 7.78 -1.43
C8 NAG K . -62.74 7.25 -1.53
N2 NAG K . -64.29 9.09 -1.67
O3 NAG K . -66.04 9.32 -3.93
O4 NAG K . -67.48 11.81 -4.11
O5 NAG K . -66.87 11.49 -0.51
O6 NAG K . -69.38 12.07 -0.65
O7 NAG K . -65.09 7.06 -1.12
C1 BMA K . -68.61 11.21 -4.80
C2 BMA K . -68.84 12.01 -6.10
C3 BMA K . -69.89 11.33 -6.97
C4 BMA K . -69.59 9.83 -7.14
C5 BMA K . -69.44 9.18 -5.76
C6 BMA K . -69.12 7.69 -5.84
O2 BMA K . -67.65 12.09 -6.87
O3 BMA K . -70.00 11.94 -8.25
O4 BMA K . -70.65 9.20 -7.84
O5 BMA K . -68.35 9.83 -5.08
O6 BMA K . -70.08 7.08 -6.68
C1 NAG L . -57.89 -7.38 -6.24
C2 NAG L . -59.26 -7.72 -6.84
C3 NAG L . -59.08 -8.45 -8.17
C4 NAG L . -58.17 -7.65 -9.10
C5 NAG L . -56.86 -7.31 -8.40
C6 NAG L . -55.96 -6.41 -9.21
C7 NAG L . -61.39 -8.48 -5.90
C8 NAG L . -62.04 -9.37 -4.89
N2 NAG L . -60.05 -8.51 -5.93
O3 NAG L . -60.35 -8.62 -8.78
O4 NAG L . -57.90 -8.42 -10.27
O5 NAG L . -57.12 -6.62 -7.17
O6 NAG L . -55.37 -5.40 -8.41
O7 NAG L . -62.03 -7.76 -6.64
C1 NAG L . -58.27 -7.68 -11.45
C2 NAG L . -57.40 -8.16 -12.62
C3 NAG L . -57.76 -7.42 -13.89
C4 NAG L . -59.25 -7.53 -14.17
C5 NAG L . -60.07 -7.10 -12.94
C6 NAG L . -61.55 -7.32 -13.10
C7 NAG L . -55.13 -9.02 -12.26
C8 NAG L . -53.71 -8.67 -11.94
N2 NAG L . -55.99 -8.00 -12.31
O3 NAG L . -57.02 -7.95 -14.98
O4 NAG L . -59.61 -6.71 -15.28
O5 NAG L . -59.66 -7.85 -11.79
O6 NAG L . -61.95 -8.55 -12.51
O7 NAG L . -55.48 -10.17 -12.47
C1 BMA L . -59.95 -7.55 -16.40
C2 BMA L . -60.52 -6.64 -17.51
C3 BMA L . -60.78 -7.47 -18.77
C4 BMA L . -59.55 -8.32 -19.15
C5 BMA L . -59.10 -9.16 -17.96
C6 BMA L . -57.86 -9.98 -18.23
O2 BMA L . -59.58 -5.64 -17.87
O3 BMA L . -61.16 -6.65 -19.88
O4 BMA L . -59.88 -9.18 -20.23
O5 BMA L . -58.81 -8.27 -16.86
O6 BMA L . -58.10 -10.77 -19.40
C1 NAG M . -58.25 29.39 11.71
C2 NAG M . -58.05 28.98 10.25
C3 NAG M . -56.80 29.64 9.69
C4 NAG M . -56.85 31.15 9.91
C5 NAG M . -57.09 31.46 11.38
C6 NAG M . -57.27 32.94 11.66
C7 NAG M . -58.39 26.88 9.04
C8 NAG M . -58.22 25.39 9.07
N2 NAG M . -57.97 27.54 10.12
O3 NAG M . -56.70 29.36 8.29
O4 NAG M . -55.62 31.74 9.49
O5 NAG M . -58.29 30.81 11.83
O6 NAG M . -58.64 33.31 11.59
O7 NAG M . -58.89 27.45 8.08
C1 NAG M . -55.87 32.62 8.37
C2 NAG M . -54.73 33.63 8.29
C3 NAG M . -54.93 34.55 7.09
C4 NAG M . -55.11 33.73 5.82
C5 NAG M . -56.23 32.72 6.00
C6 NAG M . -56.38 31.79 4.82
C7 NAG M . -53.59 34.30 10.35
C8 NAG M . -53.64 35.18 11.58
N2 NAG M . -54.62 34.41 9.52
O3 NAG M . -53.80 35.41 6.96
O4 NAG M . -55.42 34.60 4.72
O5 NAG M . -55.96 31.89 7.15
O6 NAG M . -57.18 32.39 3.79
O7 NAG M . -52.64 33.54 10.14
C1 NAG N . -30.02 -20.52 44.98
C2 NAG N . -30.32 -21.19 46.32
C3 NAG N . -29.02 -21.69 46.94
C4 NAG N . -28.26 -22.58 45.96
C5 NAG N . -28.11 -21.88 44.61
C6 NAG N . -27.52 -22.79 43.55
C7 NAG N . -32.08 -20.59 47.93
C8 NAG N . -32.64 -19.51 48.81
N2 NAG N . -30.99 -20.27 47.22
O3 NAG N . -29.33 -22.44 48.12
O4 NAG N . -26.95 -22.82 46.48
O5 NAG N . -29.39 -21.45 44.12
O6 NAG N . -27.97 -24.12 43.70
O7 NAG N . -32.59 -21.70 47.84
C1 NAG N . -26.75 -24.20 46.83
C2 NAG N . -25.77 -24.22 48.01
C3 NAG N . -25.53 -25.65 48.48
C4 NAG N . -26.85 -26.34 48.77
C5 NAG N . -27.77 -26.25 47.55
C6 NAG N . -29.14 -26.85 47.80
C7 NAG N . -23.71 -23.94 46.67
C8 NAG N . -22.47 -23.12 46.49
N2 NAG N . -24.52 -23.55 47.66
O3 NAG N . -24.74 -25.61 49.66
O4 NAG N . -26.65 -27.71 49.12
O5 NAG N . -27.97 -24.87 47.20
O6 NAG N . -29.68 -27.41 46.62
O7 NAG N . -23.95 -24.92 45.97
C1 BMA N . -25.62 -28.37 48.36
C2 BMA N . -24.62 -29.01 49.36
C3 BMA N . -23.60 -29.87 48.61
C4 BMA N . -24.27 -30.82 47.62
C5 BMA N . -25.18 -30.01 46.68
C6 BMA N . -25.91 -30.90 45.67
O2 BMA N . -25.30 -29.88 50.26
O3 BMA N . -22.77 -30.60 49.52
O4 BMA N . -23.29 -31.52 46.88
O5 BMA N . -26.16 -29.33 47.47
O6 BMA N . -24.95 -31.80 45.11
C1 NAG O . -49.19 -23.64 33.76
C2 NAG O . -50.19 -24.64 34.37
C3 NAG O . -49.63 -25.21 35.67
C4 NAG O . -48.23 -25.79 35.44
C5 NAG O . -47.33 -24.73 34.82
C6 NAG O . -45.95 -25.24 34.47
C7 NAG O . -52.63 -24.70 34.57
C8 NAG O . -53.86 -23.90 34.83
N2 NAG O . -51.48 -24.01 34.60
O3 NAG O . -50.50 -26.23 36.16
O4 NAG O . -47.68 -26.22 36.69
O5 NAG O . -47.92 -24.26 33.60
O6 NAG O . -45.46 -24.64 33.28
O7 NAG O . -52.67 -25.91 34.35
C1 NAG O . -47.40 -27.64 36.59
C2 NAG O . -46.19 -27.96 37.47
C3 NAG O . -45.88 -29.45 37.40
C4 NAG O . -47.11 -30.28 37.75
C5 NAG O . -48.31 -29.84 36.91
C6 NAG O . -49.60 -30.52 37.32
C7 NAG O . -44.34 -26.40 37.89
C8 NAG O . -43.18 -25.67 37.29
N2 NAG O . -45.03 -27.19 37.05
O3 NAG O . -44.82 -29.76 38.31
O4 NAG O . -46.86 -31.65 37.51
O5 NAG O . -48.53 -28.43 37.03
O6 NAG O . -49.64 -31.86 36.89
O7 NAG O . -44.65 -26.29 39.06
C1 BMA O . -46.77 -32.38 38.75
C2 BMA O . -46.37 -33.84 38.40
C3 BMA O . -46.10 -34.63 39.68
C4 BMA O . -45.16 -33.87 40.63
C5 BMA O . -45.72 -32.47 40.90
C6 BMA O . -44.84 -31.64 41.81
O2 BMA O . -45.18 -33.87 37.64
O3 BMA O . -45.55 -35.91 39.39
O4 BMA O . -45.04 -34.57 41.86
O5 BMA O . -45.84 -31.79 39.64
O6 BMA O . -43.61 -31.39 41.14
C1 NAG P . -66.97 -14.77 7.24
C2 NAG P . -67.66 -13.72 6.37
C3 NAG P . -68.66 -14.40 5.44
C4 NAG P . -68.00 -15.53 4.66
C5 NAG P . -67.25 -16.47 5.59
C6 NAG P . -66.44 -17.50 4.86
C7 NAG P . -68.55 -11.47 6.78
C8 NAG P . -69.24 -10.57 7.76
N2 NAG P . -68.33 -12.72 7.20
O3 NAG P . -69.20 -13.43 4.54
O4 NAG P . -69.00 -16.27 3.99
O5 NAG P . -66.34 -15.73 6.41
O6 NAG P . -66.04 -18.57 5.72
O7 NAG P . -68.22 -11.09 5.66
C1 NAG P . -68.91 -16.12 2.55
C2 NAG P . -69.85 -17.15 1.93
C3 NAG P . -69.82 -17.02 0.41
C4 NAG P . -70.13 -15.59 -0.01
C5 NAG P . -69.21 -14.61 0.70
C6 NAG P . -69.55 -13.16 0.44
C7 NAG P . -70.24 -19.20 3.19
C8 NAG P . -69.74 -20.58 3.50
N2 NAG P . -69.50 -18.49 2.34
O3 NAG P . -70.75 -17.92 -0.16
O4 NAG P . -69.97 -15.44 -1.43
O5 NAG P . -69.28 -14.80 2.12
O6 NAG P . -69.02 -12.30 1.44
O7 NAG P . -71.27 -18.77 3.68
C1 BMA P . -71.27 -15.51 -2.07
C2 BMA P . -71.62 -14.11 -2.61
C3 BMA P . -72.92 -14.20 -3.42
C4 BMA P . -72.87 -15.33 -4.46
C5 BMA P . -72.52 -16.65 -3.77
C6 BMA P . -72.39 -17.81 -4.74
O2 BMA P . -70.62 -13.65 -3.50
O3 BMA P . -73.21 -12.96 -4.07
O4 BMA P . -74.13 -15.46 -5.11
O5 BMA P . -71.25 -16.49 -3.11
O6 BMA P . -72.22 -19.01 -3.99
C1 NAG Q . -81.32 -8.59 17.34
C2 NAG Q . -81.61 -9.39 16.06
C3 NAG Q . -82.41 -8.54 15.07
C4 NAG Q . -83.67 -7.99 15.75
C5 NAG Q . -83.29 -7.25 17.02
C6 NAG Q . -84.50 -6.77 17.81
C7 NAG Q . -80.24 -11.08 14.93
C8 NAG Q . -78.90 -11.38 14.33
N2 NAG Q . -80.38 -9.85 15.44
O3 NAG Q . -82.77 -9.33 13.95
O4 NAG Q . -84.35 -7.11 14.87
O5 NAG Q . -82.55 -8.12 17.90
O6 NAG Q . -84.69 -7.55 18.98
O7 NAG Q . -81.15 -11.90 14.93
C1 NAG Q . -85.62 -7.70 14.53
C2 NAG Q . -86.60 -6.58 14.17
C3 NAG Q . -87.95 -7.18 13.77
C4 NAG Q . -87.78 -8.21 12.68
C5 NAG Q . -86.74 -9.26 13.08
C6 NAG Q . -86.43 -10.24 11.98
C7 NAG Q . -86.07 -4.51 15.38
C8 NAG Q . -86.36 -3.67 16.58
N2 NAG Q . -86.76 -5.66 15.29
O3 NAG Q . -88.81 -6.13 13.34
O4 NAG Q . -89.03 -8.86 12.42
O5 NAG Q . -85.51 -8.61 13.42
O6 NAG Q . -85.40 -9.76 11.13
O7 NAG Q . -85.27 -4.17 14.52
C1 BMA Q . -89.53 -8.43 11.14
C2 BMA Q . -89.75 -9.68 10.26
C3 BMA Q . -90.43 -9.29 8.94
C4 BMA Q . -91.67 -8.40 9.19
C5 BMA Q . -91.27 -7.18 10.06
C6 BMA Q . -92.44 -6.28 10.38
O2 BMA Q . -90.60 -10.60 10.90
O3 BMA Q . -90.80 -10.44 8.19
O4 BMA Q . -92.20 -7.94 7.96
O5 BMA Q . -90.73 -7.68 11.29
O6 BMA Q . -91.94 -5.11 11.01
C1 NAG R . -70.22 -21.29 29.67
C2 NAG R . -70.74 -22.68 30.03
C3 NAG R . -72.00 -22.57 30.88
C4 NAG R . -71.75 -21.68 32.09
C5 NAG R . -71.19 -20.33 31.64
C6 NAG R . -70.80 -19.43 32.80
C7 NAG R . -70.31 -24.56 28.51
C8 NAG R . -70.72 -25.25 27.24
N2 NAG R . -71.00 -23.46 28.83
O3 NAG R . -72.40 -23.86 31.31
O4 NAG R . -72.98 -21.47 32.79
O5 NAG R . -70.01 -20.53 30.86
O6 NAG R . -69.95 -20.10 33.71
O7 NAG R . -69.40 -24.98 29.21
C1 NAG R . -72.83 -21.94 34.15
C2 NAG R . -74.16 -21.74 34.89
C3 NAG R . -74.05 -22.23 36.33
C4 NAG R . -73.54 -23.67 36.36
C5 NAG R . -72.26 -23.81 35.55
C6 NAG R . -71.79 -25.24 35.42
C7 NAG R . -73.89 -19.33 35.40
C8 NAG R . -74.52 -17.97 35.25
N2 NAG R . -74.58 -20.35 34.85
O3 NAG R . -75.33 -22.15 36.95
O4 NAG R . -73.26 -24.05 37.70
O5 NAG R . -72.46 -23.32 34.21
O6 NAG R . -72.51 -25.94 34.41
O7 NAG R . -72.83 -19.49 35.98
C1 BMA R . -74.27 -24.96 38.21
C2 BMA R . -74.59 -24.53 39.66
C3 BMA R . -75.76 -25.36 40.21
C4 BMA R . -76.94 -25.40 39.23
C5 BMA R . -76.45 -25.88 37.85
C6 BMA R . -77.55 -25.93 36.81
O2 BMA R . -74.99 -23.17 39.71
O3 BMA R . -76.21 -24.87 41.47
O4 BMA R . -77.94 -26.27 39.70
O5 BMA R . -75.43 -24.97 37.39
O6 BMA R . -77.02 -26.53 35.63
C1 NAG S . 11.79 -36.55 26.05
C2 NAG S . 10.77 -35.64 26.71
C3 NAG S . 10.05 -36.36 27.86
C4 NAG S . 10.82 -37.57 28.37
C5 NAG S . 11.32 -38.50 27.26
C6 NAG S . 10.48 -39.75 27.13
C7 NAG S . 12.38 -34.28 28.03
C8 NAG S . 12.84 -32.89 28.36
N2 NAG S . 11.36 -34.38 27.17
O3 NAG S . 8.75 -36.74 27.44
O4 NAG S . 11.92 -37.17 29.17
O5 NAG S . 11.27 -37.84 25.98
O6 NAG S . 10.22 -40.05 25.77
O7 NAG S . 12.91 -35.27 28.53
C1 NAG S . 11.90 -37.95 30.39
C2 NAG S . 13.31 -38.00 30.96
C3 NAG S . 13.31 -38.79 32.27
C4 NAG S . 12.26 -38.25 33.23
C5 NAG S . 10.89 -38.14 32.55
C6 NAG S . 9.86 -37.45 33.40
C7 NAG S . 15.14 -37.89 29.33
C8 NAG S . 16.01 -38.66 28.39
N2 NAG S . 14.24 -38.60 30.01
O3 NAG S . 14.60 -38.69 32.86
O4 NAG S . 12.13 -39.08 34.39
O5 NAG S . 11.01 -37.37 31.34
O6 NAG S . 10.43 -36.40 34.17
O7 NAG S . 15.25 -36.67 29.47
C1 BMA S . 12.38 -40.49 34.16
C2 BMA S . 12.44 -41.18 35.55
C3 BMA S . 11.20 -42.06 35.80
C4 BMA S . 10.90 -43.04 34.62
C5 BMA S . 11.49 -42.53 33.31
C6 BMA S . 10.76 -43.04 32.08
O2 BMA S . 12.48 -40.21 36.59
O3 BMA S . 10.05 -41.27 36.09
O4 BMA S . 11.41 -44.33 34.92
O5 BMA S . 11.40 -41.10 33.33
O6 BMA S . 11.57 -42.77 30.94
C1 NAG T . -51.45 10.82 58.34
C2 NAG T . -51.25 11.60 59.64
C3 NAG T . -52.59 11.85 60.32
C4 NAG T . -53.56 12.52 59.35
C5 NAG T . -53.66 11.71 58.07
C6 NAG T . -54.52 12.38 57.01
C7 NAG T . -49.13 11.32 60.85
C8 NAG T . -48.34 10.47 61.78
N2 NAG T . -50.35 10.88 60.53
O3 NAG T . -52.39 12.67 61.46
O4 NAG T . -54.85 12.62 59.96
O5 NAG T . -52.37 11.52 57.49
O6 NAG T . -54.18 13.74 56.86
O7 NAG T . -48.68 12.37 60.38
C1 NAG T . -55.23 14.01 60.07
C2 NAG T . -56.50 14.11 60.88
C3 NAG T . -56.92 15.57 61.04
C4 NAG T . -55.77 16.39 61.61
C5 NAG T . -54.51 16.19 60.78
C6 NAG T . -53.29 16.87 61.37
C7 NAG T . -58.16 12.30 60.86
C8 NAG T . -59.25 11.62 60.08
N2 NAG T . -57.57 13.34 60.27
O3 NAG T . -58.05 15.64 61.91
O4 NAG T . -56.12 17.77 61.59
O5 NAG T . -54.19 14.79 60.69
O6 NAG T . -52.17 16.77 60.49
O7 NAG T . -57.84 11.92 61.98
C1 BMA T . -56.30 18.26 62.93
C2 BMA T . -56.20 19.80 62.89
C3 BMA T . -56.54 20.39 64.26
C4 BMA T . -57.85 19.81 64.81
C5 BMA T . -57.77 18.28 64.83
C6 BMA T . -59.05 17.63 65.33
O2 BMA T . -57.14 20.34 61.96
O3 BMA T . -56.63 21.82 64.20
O4 BMA T . -58.07 20.29 66.13
O5 BMA T . -57.54 17.83 63.48
O6 BMA T . -58.77 16.27 65.64
C1 NAG U . -57.81 -9.25 58.83
C2 NAG U . -56.86 -9.79 59.89
C3 NAG U . -56.93 -11.31 59.93
C4 NAG U . -58.37 -11.79 60.10
C5 NAG U . -59.26 -11.13 59.05
C6 NAG U . -60.73 -11.43 59.22
C7 NAG U . -54.90 -8.37 60.34
C8 NAG U . -53.50 -8.05 59.95
N2 NAG U . -55.50 -9.35 59.64
O3 NAG U . -56.12 -11.78 60.99
O4 NAG U . -58.41 -13.20 59.94
O5 NAG U . -59.12 -9.70 59.09
O6 NAG U . -61.36 -10.45 60.05
O7 NAG U . -55.48 -7.78 61.25
C1 NAG U . -58.97 -13.97 61.03
C2 NAG U . -58.09 -13.84 62.29
C3 NAG U . -58.72 -14.62 63.46
C4 NAG U . -60.18 -14.24 63.65
C5 NAG U . -60.95 -14.34 62.33
C6 NAG U . -62.38 -13.86 62.44
C7 NAG U . -55.70 -14.05 62.82
C8 NAG U . -54.39 -14.62 62.39
N2 NAG U . -56.74 -14.31 62.03
O3 NAG U . -57.99 -14.32 64.65
O4 NAG U . -60.80 -15.08 64.61
O5 NAG U . -60.31 -13.53 61.34
O6 NAG U . -62.56 -12.62 61.76
O7 NAG U . -55.81 -13.38 63.85
C1 BMA U . -60.31 -16.45 64.60
C2 BMA U . -60.53 -17.06 66.00
C3 BMA U . -60.11 -18.54 66.00
C4 BMA U . -60.74 -19.30 64.82
C5 BMA U . -60.44 -18.57 63.50
C6 BMA U . -61.05 -19.25 62.29
O2 BMA U . -61.90 -17.01 66.37
O3 BMA U . -60.46 -19.17 67.22
O4 BMA U . -60.23 -20.62 64.76
O5 BMA U . -60.96 -17.24 63.59
O6 BMA U . -60.43 -18.72 61.12
C1 NAG V . -38.90 -10.11 53.78
C2 NAG V . -38.53 -9.46 55.12
C3 NAG V . -39.11 -10.28 56.28
C4 NAG V . -39.38 -11.72 55.87
C5 NAG V . -40.28 -11.82 54.64
C6 NAG V . -41.74 -12.03 54.98
C7 NAG V . -36.50 -8.50 56.13
C8 NAG V . -35.00 -8.50 56.14
N2 NAG V . -37.09 -9.33 55.26
O3 NAG V . -40.31 -9.67 56.73
O4 NAG V . -38.14 -12.38 55.61
O5 NAG V . -40.22 -10.61 53.86
O6 NAG V . -42.13 -13.39 54.75
O7 NAG V . -37.16 -7.77 56.88
C1 NAG V . -38.07 -13.74 56.10
C2 NAG V . -37.22 -13.70 57.38
C3 NAG V . -37.10 -15.11 57.95
C4 NAG V . -38.47 -15.74 58.14
C5 NAG V . -39.28 -15.65 56.85
C6 NAG V . -40.70 -16.14 57.01
C7 NAG V . -35.31 -12.28 57.97
C8 NAG V . -33.96 -11.79 57.55
N2 NAG V . -35.92 -13.13 57.12
O3 NAG V . -36.41 -15.04 59.20
O4 NAG V . -38.32 -17.11 58.51
O5 NAG V . -39.36 -14.30 56.40
O6 NAG V . -41.23 -16.63 55.79
O7 NAG V . -35.84 -11.93 59.01
C1 BMA V . -38.63 -17.27 59.91
C2 BMA V . -39.43 -18.57 60.06
C3 BMA V . -38.58 -19.75 59.62
C4 BMA V . -37.21 -19.83 60.35
C5 BMA V . -36.51 -18.43 60.52
C6 BMA V . -35.46 -18.10 59.45
O2 BMA V . -40.58 -18.56 59.23
O3 BMA V . -38.39 -19.76 58.20
O4 BMA V . -37.37 -20.46 61.61
O5 BMA V . -37.43 -17.30 60.70
O6 BMA V . -36.07 -18.26 58.17
C1 NAG W . -39.58 22.48 44.92
C2 NAG W . -40.11 23.14 46.19
C3 NAG W . -40.26 24.64 45.98
C4 NAG W . -38.93 25.24 45.50
C5 NAG W . -38.46 24.51 44.26
C6 NAG W . -37.10 24.96 43.78
C7 NAG W . -41.67 22.19 47.83
C8 NAG W . -43.03 21.60 48.05
N2 NAG W . -41.39 22.55 46.58
O3 NAG W . -40.64 25.25 47.21
O4 NAG W . -39.10 26.63 45.21
O5 NAG W . -38.34 23.10 44.53
O6 NAG W . -36.18 23.89 43.72
O7 NAG W . -40.86 22.32 48.75
C1 NAG W . -38.26 27.40 46.09
C2 NAG W . -37.84 28.67 45.36
C3 NAG W . -36.98 29.54 46.28
C4 NAG W . -37.69 29.80 47.60
C5 NAG W . -38.14 28.48 48.23
C6 NAG W . -38.98 28.67 49.47
C7 NAG W . -37.48 28.82 42.94
C8 NAG W . -36.62 28.40 41.78
N2 NAG W . -37.11 28.35 44.15
O3 NAG W . -36.68 30.77 45.63
O4 NAG W . -36.81 30.48 48.50
O5 NAG W . -38.95 27.74 47.30
O6 NAG W . -39.97 29.66 49.28
O7 NAG W . -38.44 29.55 42.80
C1 BMA W . -37.37 31.78 48.82
C2 BMA W . -36.44 32.42 49.88
C3 BMA W . -36.90 33.85 50.17
C4 BMA W . -37.13 34.65 48.89
C5 BMA W . -38.06 33.88 47.94
C6 BMA W . -38.29 34.59 46.62
O2 BMA W . -35.10 32.52 49.38
O3 BMA W . -35.99 34.54 51.01
O4 BMA W . -37.70 35.92 49.19
O5 BMA W . -37.48 32.60 47.66
O6 BMA W . -37.04 34.76 45.97
C1 NAG X . -35.71 36.80 27.71
C2 NAG X . -36.24 38.03 28.46
C3 NAG X . -35.52 39.29 27.98
C4 NAG X . -34.01 39.11 28.07
C5 NAG X . -33.58 37.85 27.34
C6 NAG X . -32.10 37.54 27.49
C7 NAG X . -38.55 37.82 29.25
C8 NAG X . -39.99 38.03 28.90
N2 NAG X . -37.68 38.16 28.29
O3 NAG X . -35.93 40.40 28.77
O4 NAG X . -33.36 40.25 27.52
O5 NAG X . -34.29 36.72 27.85
O6 NAG X . -31.75 37.36 28.85
O7 NAG X . -38.20 37.36 30.33
C1 NAG X . -32.47 40.83 28.50
C2 NAG X . -31.39 41.61 27.75
C3 NAG X . -30.42 42.24 28.74
C4 NAG X . -31.18 43.09 29.77
C5 NAG X . -32.29 42.26 30.41
C6 NAG X . -33.17 43.07 31.33
C7 NAG X . -30.71 40.91 25.49
C8 NAG X . -29.91 39.93 24.69
N2 NAG X . -30.66 40.75 26.82
O3 NAG X . -29.48 43.06 28.04
O4 NAG X . -30.29 43.53 30.79
O5 NAG X . -33.15 41.71 29.40
O6 NAG X . -33.27 44.42 30.90
O7 NAG X . -31.37 41.80 24.97
C1 BMA X . -29.99 44.94 30.63
C2 BMA X . -28.46 45.10 30.74
C3 BMA X . -28.05 46.54 30.41
C4 BMA X . -28.71 47.04 29.12
C5 BMA X . -30.23 46.85 29.20
C6 BMA X . -30.95 47.30 27.95
O2 BMA X . -27.79 44.27 29.80
O3 BMA X . -26.64 46.68 30.32
O4 BMA X . -28.42 48.42 28.92
O5 BMA X . -30.49 45.44 29.40
O6 BMA X . -30.48 48.59 27.60
C1 NAG Y . -36.24 6.57 54.94
C2 NAG Y . -34.98 7.39 54.69
C3 NAG Y . -33.79 6.48 54.47
C4 NAG Y . -33.63 5.52 55.63
C5 NAG Y . -34.93 4.73 55.81
C6 NAG Y . -34.90 3.81 57.00
C7 NAG Y . -35.05 9.62 53.66
C8 NAG Y . -35.26 10.40 52.40
N2 NAG Y . -35.16 8.30 53.56
O3 NAG Y . -32.61 7.27 54.32
O4 NAG Y . -32.56 4.62 55.40
O5 NAG Y . -36.02 5.64 56.01
O6 NAG Y . -34.72 4.51 58.23
O7 NAG Y . -34.80 10.18 54.73
C1 NAG Y . -31.45 5.01 56.24
C2 NAG Y . -30.44 3.86 56.32
C3 NAG Y . -29.22 4.27 57.14
C4 NAG Y . -28.62 5.56 56.61
C5 NAG Y . -29.70 6.65 56.53
C6 NAG Y . -29.20 7.92 55.89
C7 NAG Y . -30.68 1.43 56.54
C8 NAG Y . -31.43 0.31 57.22
N2 NAG Y . -31.06 2.67 56.88
O3 NAG Y . -28.25 3.24 57.11
O4 NAG Y . -27.58 6.01 57.47
O5 NAG Y . -30.80 6.18 55.72
O6 NAG Y . -27.81 7.86 55.61
O7 NAG Y . -29.78 1.22 55.74
C1 FUC Y . -36.01 4.67 58.90
C2 FUC Y . -36.58 3.27 59.21
C3 FUC Y . -37.97 3.42 59.81
C4 FUC Y . -37.98 4.38 61.04
C5 FUC Y . -37.07 5.63 60.85
C6 FUC Y . -37.79 6.80 60.18
O2 FUC Y . -35.73 2.51 60.05
O3 FUC Y . -38.89 3.94 58.85
O4 FUC Y . -39.31 4.80 61.30
O5 FUC Y . -35.85 5.39 60.10
C1 NAG Z . 9.92 43.72 11.21
C2 NAG Z . 9.25 43.73 12.60
C3 NAG Z . 8.76 45.13 12.93
C4 NAG Z . 9.90 46.14 12.83
C5 NAG Z . 10.52 46.07 11.44
C6 NAG Z . 11.76 46.94 11.30
C7 NAG Z . 7.74 42.23 13.82
C8 NAG Z . 6.60 41.27 13.71
N2 NAG Z . 8.15 42.78 12.67
O3 NAG Z . 8.23 45.15 14.25
O4 NAG Z . 9.46 47.45 13.17
O5 NAG Z . 10.95 44.73 11.17
O6 NAG Z . 12.24 46.94 9.96
O7 NAG Z . 8.27 42.50 14.89
C1 NAG Z . 8.59 48.08 12.21
C2 NAG Z . 7.44 48.76 12.94
C3 NAG Z . 6.58 49.58 11.98
C4 NAG Z . 7.46 50.55 11.20
C5 NAG Z . 8.55 49.78 10.48
C6 NAG Z . 9.52 50.67 9.74
C7 NAG Z . 5.88 46.84 13.09
C8 NAG Z . 5.10 45.96 14.02
N2 NAG Z . 6.61 47.80 13.67
O3 NAG Z . 5.59 50.29 12.71
O4 NAG Z . 6.67 51.27 10.25
O5 NAG Z . 9.32 49.05 11.45
O6 NAG Z . 9.84 51.83 10.49
O7 NAG Z . 5.85 46.68 11.88
C1 BMA Z . 6.49 52.61 10.74
C2 BMA Z . 6.44 53.59 9.54
C3 BMA Z . 6.08 54.99 10.02
C4 BMA Z . 4.84 54.98 10.93
C5 BMA Z . 5.05 53.99 12.08
C6 BMA Z . 3.85 53.89 13.00
O2 BMA Z . 5.44 53.21 8.61
O3 BMA Z . 5.87 55.89 8.93
O4 BMA Z . 4.60 56.28 11.45
O5 BMA Z . 5.28 52.69 11.51
O6 BMA Z . 4.20 53.05 14.10
C1 NAG AA . 13.97 17.21 -46.09
C2 NAG AA . 15.03 17.43 -45.01
C3 NAG AA . 14.87 18.82 -44.39
C4 NAG AA . 14.87 19.89 -45.47
C5 NAG AA . 13.81 19.57 -46.52
C6 NAG AA . 13.82 20.53 -47.68
C7 NAG AA . 13.90 16.17 -43.20
C8 NAG AA . 14.04 15.06 -42.21
N2 NAG AA . 14.97 16.40 -43.98
O3 NAG AA . 15.95 19.05 -43.49
O4 NAG AA . 14.59 21.16 -44.90
O5 NAG AA . 14.04 18.26 -47.07
O6 NAG AA . 12.79 21.51 -47.56
O7 NAG AA . 12.87 16.84 -43.28
C1 NAG BA . -13.50 26.94 -43.16
C2 NAG BA . -13.31 27.44 -41.72
C3 NAG BA . -14.38 28.49 -41.39
C4 NAG BA . -14.38 29.60 -42.43
C5 NAG BA . -14.52 29.02 -43.83
C6 NAG BA . -14.40 30.06 -44.91
C7 NAG BA . -12.46 26.18 -39.81
C8 NAG BA . -11.38 27.20 -39.73
N2 NAG BA . -13.36 26.34 -40.78
O3 NAG BA . -14.13 29.02 -40.10
O4 NAG BA . -15.46 30.50 -42.18
O5 NAG BA . -13.48 28.06 -44.07
O6 NAG BA . -13.03 30.32 -45.25
O7 NAG BA . -12.53 25.23 -39.01
C1 NAG CA . 27.66 43.99 -13.00
C2 NAG CA . 26.80 45.25 -13.14
C3 NAG CA . 27.15 46.25 -12.04
C4 NAG CA . 27.06 45.60 -10.67
C5 NAG CA . 27.92 44.34 -10.64
C6 NAG CA . 27.80 43.57 -9.34
C7 NAG CA . 25.97 46.51 -15.07
C8 NAG CA . 26.30 47.06 -16.43
N2 NAG CA . 26.95 45.83 -14.46
O3 NAG CA . 26.25 47.35 -12.11
O4 NAG CA . 27.53 46.50 -9.68
O5 NAG CA . 27.52 43.44 -11.69
O6 NAG CA . 28.40 44.27 -8.27
O7 NAG CA . 24.87 46.67 -14.56
C1 NAG DA . -13.25 38.94 -9.41
C2 NAG DA . -13.56 38.90 -7.92
C3 NAG DA . -12.35 39.38 -7.12
C4 NAG DA . -11.93 40.77 -7.55
C5 NAG DA . -11.78 40.92 -9.07
C6 NAG DA . -10.47 40.39 -9.60
C7 NAG DA . -15.97 39.25 -7.72
C8 NAG DA . -17.06 40.23 -7.35
N2 NAG DA . -14.73 39.71 -7.62
O3 NAG DA . -11.27 38.46 -7.28
O4 NAG DA . -12.88 41.73 -7.09
O5 NAG DA . -12.84 40.29 -9.80
O6 NAG DA . -10.56 40.07 -10.98
O7 NAG DA . -16.22 38.11 -8.09
C1 NAG EA . -34.44 40.35 -10.47
C2 NAG EA . -33.37 40.82 -11.47
C3 NAG EA . -34.00 41.09 -12.84
C4 NAG EA . -35.34 41.81 -12.70
C5 NAG EA . -36.29 41.05 -11.77
C6 NAG EA . -37.49 40.47 -12.50
C7 NAG EA . -31.43 41.95 -10.48
C8 NAG EA . -30.78 40.60 -10.43
N2 NAG EA . -32.67 41.99 -10.99
O3 NAG EA . -34.17 39.86 -13.54
O4 NAG EA . -35.15 43.12 -12.20
O5 NAG EA . -35.61 39.95 -11.17
O6 NAG EA . -37.10 39.42 -13.38
O7 NAG EA . -30.86 42.96 -10.07
C1 NAG FA . -23.17 -29.93 -19.42
C2 NAG FA . -23.49 -31.42 -19.58
C3 NAG FA . -24.95 -31.63 -19.98
C4 NAG FA . -25.88 -30.88 -19.03
C5 NAG FA . -25.46 -29.41 -18.94
C6 NAG FA . -26.29 -28.63 -17.95
C7 NAG FA . -22.33 -31.94 -21.78
C8 NAG FA . -23.10 -30.86 -22.48
N2 NAG FA . -22.57 -32.13 -20.46
O3 NAG FA . -25.26 -33.03 -19.95
O4 NAG FA . -27.22 -30.95 -19.51
O5 NAG FA . -24.10 -29.32 -18.51
O6 NAG FA . -25.68 -27.38 -17.65
O7 NAG FA . -21.53 -32.64 -22.38
C1 NAG GA . 4.22 -22.89 -48.76
C2 NAG GA . 4.38 -22.83 -50.30
C3 NAG GA . 4.28 -24.22 -50.96
C4 NAG GA . 3.13 -25.08 -50.44
C5 NAG GA . 3.01 -25.05 -48.93
C6 NAG GA . 4.06 -25.88 -48.21
C7 NAG GA . 2.19 -21.74 -50.80
C8 NAG GA . 1.53 -20.65 -51.60
N2 NAG GA . 3.51 -21.86 -50.96
O3 NAG GA . 5.52 -24.91 -50.80
O4 NAG GA . 1.90 -24.65 -51.02
O5 NAG GA . 3.08 -23.72 -48.41
O6 NAG GA . 3.68 -27.25 -48.15
O7 NAG GA . 1.54 -22.48 -50.08
C1 NAG HA . -34.68 -39.55 -5.85
C2 NAG HA . -34.20 -41.00 -5.96
C3 NAG HA . -35.40 -41.94 -6.07
C4 NAG HA . -36.30 -41.57 -7.23
C5 NAG HA . -36.67 -40.08 -7.24
C6 NAG HA . -37.77 -39.73 -6.26
C7 NAG HA . -31.99 -41.02 -7.02
C8 NAG HA . -31.22 -41.22 -8.30
N2 NAG HA . -33.32 -41.17 -7.10
O3 NAG HA . -36.12 -41.93 -4.85
O4 NAG HA . -35.65 -41.88 -8.47
O5 NAG HA . -35.55 -39.23 -6.97
O6 NAG HA . -38.94 -40.50 -6.49
O7 NAG HA . -31.43 -40.72 -5.98
C1 NAG IA . -59.07 -24.60 16.78
C2 NAG IA . -57.97 -25.53 17.31
C3 NAG IA . -57.06 -25.97 16.17
C4 NAG IA . -57.89 -26.59 15.03
C5 NAG IA . -58.98 -25.62 14.60
C6 NAG IA . -59.91 -26.21 13.56
C7 NAG IA . -56.90 -25.46 19.51
C8 NAG IA . -56.09 -24.64 20.46
N2 NAG IA . -57.19 -24.87 18.34
O3 NAG IA . -56.13 -26.92 16.65
O4 NAG IA . -57.06 -26.88 13.92
O5 NAG IA . -59.79 -25.26 15.72
O6 NAG IA . -61.07 -26.76 14.17
O7 NAG IA . -57.27 -26.60 19.78
C1 NAG JA . 2.66 -51.78 -7.33
C2 NAG JA . 1.53 -50.82 -7.69
C3 NAG JA . 0.23 -51.61 -7.89
C4 NAG JA . 0.44 -52.73 -8.91
C5 NAG JA . 1.63 -53.59 -8.51
C6 NAG JA . 1.97 -54.64 -9.55
C7 NAG JA . 1.97 -48.62 -6.71
C8 NAG JA . 1.68 -47.69 -5.57
N2 NAG JA . 1.36 -49.81 -6.66
O3 NAG JA . -0.79 -50.73 -8.34
O4 NAG JA . -0.73 -53.53 -8.99
O5 NAG JA . 2.80 -52.78 -8.34
O6 NAG JA . 2.85 -54.12 -10.53
O7 NAG JA . 2.74 -48.31 -7.61
C1 NAG KA . -1.88 29.76 31.47
C2 NAG KA . -3.14 29.77 32.35
C3 NAG KA . -3.66 31.19 32.50
C4 NAG KA . -2.56 32.13 33.00
C5 NAG KA . -1.33 32.02 32.09
C6 NAG KA . -0.16 32.81 32.60
C7 NAG KA . -4.53 27.75 32.39
C8 NAG KA . -5.60 26.98 31.70
N2 NAG KA . -4.16 28.90 31.81
O3 NAG KA . -4.74 31.20 33.42
O4 NAG KA . -3.03 33.47 33.00
O5 NAG KA . -0.90 30.66 32.01
O6 NAG KA . 0.93 31.98 32.96
O7 NAG KA . -4.02 27.36 33.44
C1 NAG LA . 31.98 21.79 34.48
C2 NAG LA . 33.08 20.84 34.95
C3 NAG LA . 32.87 20.47 36.41
C4 NAG LA . 32.75 21.73 37.26
C5 NAG LA . 31.68 22.65 36.69
C6 NAG LA . 31.60 23.97 37.42
C7 NAG LA . 34.04 19.46 33.15
C8 NAG LA . 33.94 18.16 32.40
N2 NAG LA . 33.13 19.64 34.12
O3 NAG LA . 33.97 19.68 36.86
O4 NAG LA . 32.42 21.39 38.60
O5 NAG LA . 31.96 22.95 35.32
O6 NAG LA . 32.78 24.75 37.22
O7 NAG LA . 34.89 20.30 32.90
C1 NAG MA . 13.41 -7.53 38.68
C2 NAG MA . 12.04 -8.11 39.07
C3 NAG MA . 12.12 -8.78 40.45
C4 NAG MA . 13.25 -9.80 40.48
C5 NAG MA . 14.56 -9.15 40.05
C6 NAG MA . 15.69 -10.13 39.97
C7 NAG MA . 9.72 -7.32 38.86
C8 NAG MA . 8.81 -6.14 38.89
N2 NAG MA . 11.02 -7.08 39.06
O3 NAG MA . 10.88 -9.41 40.73
O4 NAG MA . 13.38 -10.32 41.79
O5 NAG MA . 14.40 -8.57 38.75
O6 NAG MA . 15.60 -11.13 40.97
O7 NAG MA . 9.30 -8.46 38.67
C1 NAG NA . -0.28 2.83 51.76
C2 NAG NA . 0.16 2.88 53.22
C3 NAG NA . 1.32 1.92 53.46
C4 NAG NA . 0.97 0.52 52.97
C5 NAG NA . 0.49 0.56 51.53
C6 NAG NA . 0.00 -0.77 51.02
C7 NAG NA . -0.23 5.00 54.41
C8 NAG NA . -1.50 4.39 54.90
N2 NAG NA . 0.53 4.23 53.61
O3 NAG NA . 1.64 1.88 54.85
O4 NAG NA . 2.10 -0.33 53.07
O5 NAG NA . -0.61 1.48 51.41
O6 NAG NA . -0.46 -0.68 49.68
O7 NAG NA . 0.11 6.14 54.71
#